data_7B2E
#
_entry.id   7B2E
#
_cell.length_a   161.094
_cell.length_b   180.337
_cell.length_c   202.008
_cell.angle_alpha   90.000
_cell.angle_beta   90.000
_cell.angle_gamma   90.000
#
_symmetry.space_group_name_H-M   'P 21 21 21'
#
loop_
_entity.id
_entity.type
_entity.pdbx_description
1 polymer 'Putative oxalyl-CoA decarboxylase (Oxc, yfdU)'
2 non-polymer 'THIAMINE DIPHOSPHATE'
3 non-polymer "ADENOSINE-5'-DIPHOSPHATE"
4 non-polymer 'MAGNESIUM ION'
5 water water
#
_entity_poly.entity_id   1
_entity_poly.type   'polypeptide(L)'
_entity_poly.pdbx_seq_one_letter_code
;MTVQAQNIDAITAGAMPHEEPELTDGFHLVIDALKLNGIETIYNVPGIPITDLGRLAQAEGLRVISFRHEQNAGNAAAIA
GFLTKKPGICLTVSAPGFLNGLTALANATTNCFPMILISGSSEREIVDLQQGDYGEMDQLAIAKPLCKAAFRVLHAADIG
IGVARAIRAAVSGRPGGVYLDLPAKLFSQVIDADLGARSLVKVIDAAPAQLPAPAAIARALDVLKSAERPLIILGKGAAY
AQADEAVRALVEESGIPYVPMSMAKGLLPDTHPLSAGAARSTALKDSDVVLLVGARLNWLLSHGKGKTWGEPGSKRFIQI
DIEPREMDSNVEIVAPVVGDIGSCVEALLDGIRKDWKGAPSNWLETLRGKREANIAKMAPKLMKNSSPMCFHSALGALRT
VIKERPDAILVNEGCNTLDLARGIIDMYQPRKRLDVGTWGVMGIGMGFAVAAAVETGKPVLAVEGDSAFGFSGMEVETIC
RYELPVCIVIFNNNGIFRGTDTDPTGRDPGTTVFVKNSRYDKMMEAFGGVGVNVTTPDELKRAVDEAMNSGKPTLINAEI
DPAAGSEGGNIGSLNPQSTLKKK
;
_entity_poly.pdbx_strand_id   A,B,C,D,E,F,G,H
#
loop_
_chem_comp.id
_chem_comp.type
_chem_comp.name
_chem_comp.formula
ADP non-polymer ADENOSINE-5'-DIPHOSPHATE 'C10 H15 N5 O10 P2'
MG non-polymer 'MAGNESIUM ION' 'Mg 2'
TPP non-polymer 'THIAMINE DIPHOSPHATE' 'C12 H19 N4 O7 P2 S 1'
#
# COMPACT_ATOMS: atom_id res chain seq x y z
N PRO A 21 10.79 24.27 -27.24
CA PRO A 21 11.43 25.59 -27.37
C PRO A 21 11.47 26.34 -26.04
N GLU A 22 11.31 27.66 -26.08
CA GLU A 22 11.36 28.47 -24.86
C GLU A 22 10.03 28.40 -24.13
N LEU A 23 10.09 28.42 -22.80
CA LEU A 23 8.92 28.34 -21.96
C LEU A 23 8.88 29.52 -21.00
N THR A 24 7.67 29.83 -20.55
CA THR A 24 7.45 30.83 -19.51
C THR A 24 6.44 30.25 -18.52
N ASP A 25 6.24 30.96 -17.41
CA ASP A 25 5.36 30.45 -16.36
C ASP A 25 4.46 31.58 -15.87
N GLY A 26 3.54 31.24 -14.96
CA GLY A 26 2.63 32.22 -14.42
C GLY A 26 3.33 33.31 -13.63
N PHE A 27 4.44 32.97 -12.97
CA PHE A 27 5.24 33.98 -12.28
C PHE A 27 5.64 35.09 -13.24
N HIS A 28 6.27 34.73 -14.36
CA HIS A 28 6.78 35.74 -15.28
C HIS A 28 5.66 36.44 -16.04
N LEU A 29 4.59 35.70 -16.38
CA LEU A 29 3.49 36.31 -17.12
C LEU A 29 2.82 37.41 -16.32
N VAL A 30 2.64 37.21 -15.01
CA VAL A 30 2.06 38.25 -14.17
C VAL A 30 2.97 39.48 -14.16
N ILE A 31 4.27 39.26 -13.96
CA ILE A 31 5.20 40.38 -13.92
C ILE A 31 5.30 41.06 -15.29
N ASP A 32 5.40 40.26 -16.35
CA ASP A 32 5.50 40.82 -17.69
C ASP A 32 4.27 41.65 -18.04
N ALA A 33 3.09 41.22 -17.59
CA ALA A 33 1.87 41.96 -17.88
C ALA A 33 1.82 43.28 -17.14
N LEU A 34 2.29 43.30 -15.89
CA LEU A 34 2.28 44.55 -15.12
C LEU A 34 3.27 45.55 -15.69
N LYS A 35 4.50 45.10 -16.01
CA LYS A 35 5.49 45.99 -16.60
C LYS A 35 5.00 46.54 -17.93
N LEU A 36 4.30 45.70 -18.72
CA LEU A 36 3.84 46.13 -20.03
C LEU A 36 2.88 47.29 -19.94
N ASN A 37 2.18 47.44 -18.82
CA ASN A 37 1.18 48.48 -18.63
C ASN A 37 1.68 49.62 -17.74
N GLY A 38 2.99 49.80 -17.66
CA GLY A 38 3.57 50.94 -16.98
C GLY A 38 3.77 50.78 -15.49
N ILE A 39 3.35 49.66 -14.89
CA ILE A 39 3.53 49.45 -13.47
C ILE A 39 5.02 49.37 -13.15
N GLU A 40 5.46 50.18 -12.17
CA GLU A 40 6.85 50.21 -11.74
C GLU A 40 7.05 49.83 -10.29
N THR A 41 6.00 49.87 -9.47
CA THR A 41 6.11 49.71 -8.03
C THR A 41 5.11 48.67 -7.54
N ILE A 42 5.52 47.88 -6.56
CA ILE A 42 4.66 46.88 -5.92
C ILE A 42 4.82 47.03 -4.41
N TYR A 43 3.75 47.45 -3.74
CA TYR A 43 3.70 47.45 -2.29
C TYR A 43 3.12 46.11 -1.85
N ASN A 44 3.77 45.46 -0.89
CA ASN A 44 3.39 44.08 -0.58
C ASN A 44 3.82 43.72 0.83
N VAL A 45 3.39 42.52 1.25
CA VAL A 45 3.94 41.83 2.40
C VAL A 45 4.21 40.40 1.97
N PRO A 46 5.44 39.90 2.09
CA PRO A 46 5.75 38.57 1.56
C PRO A 46 5.09 37.45 2.37
N GLY A 47 5.16 36.26 1.82
CA GLY A 47 4.59 35.08 2.45
C GLY A 47 4.07 34.12 1.40
N ILE A 48 3.47 33.04 1.90
CA ILE A 48 2.89 32.02 1.01
C ILE A 48 1.57 32.55 0.46
N PRO A 49 1.32 32.43 -0.86
CA PRO A 49 2.17 31.79 -1.86
C PRO A 49 2.90 32.78 -2.78
N ILE A 50 3.04 34.03 -2.35
CA ILE A 50 3.46 35.10 -3.24
C ILE A 50 4.87 35.60 -2.95
N THR A 51 5.65 34.87 -2.14
CA THR A 51 7.00 35.32 -1.82
C THR A 51 7.87 35.39 -3.07
N ASP A 52 7.95 34.28 -3.81
CA ASP A 52 8.77 34.25 -5.02
C ASP A 52 8.22 35.14 -6.13
N LEU A 53 6.94 35.49 -6.07
CA LEU A 53 6.40 36.46 -7.03
C LEU A 53 7.00 37.84 -6.81
N GLY A 54 7.10 38.27 -5.56
CA GLY A 54 7.71 39.56 -5.27
C GLY A 54 9.21 39.58 -5.53
N ARG A 55 9.89 38.46 -5.30
CA ARG A 55 11.31 38.37 -5.61
C ARG A 55 11.56 38.50 -7.11
N LEU A 56 10.81 37.74 -7.91
CA LEU A 56 10.94 37.87 -9.35
C LEU A 56 10.63 39.29 -9.82
N ALA A 57 9.63 39.93 -9.20
CA ALA A 57 9.32 41.31 -9.54
C ALA A 57 10.52 42.22 -9.31
N GLN A 58 11.21 42.04 -8.18
CA GLN A 58 12.38 42.87 -7.88
C GLN A 58 13.51 42.59 -8.86
N ALA A 59 13.69 41.32 -9.24
CA ALA A 59 14.76 40.97 -10.17
C ALA A 59 14.46 41.45 -11.58
N GLU A 60 13.18 41.64 -11.92
CA GLU A 60 12.79 42.13 -13.23
C GLU A 60 12.78 43.64 -13.33
N GLY A 61 13.19 44.35 -12.27
CA GLY A 61 13.31 45.79 -12.31
C GLY A 61 12.26 46.54 -11.54
N LEU A 62 11.17 45.89 -11.15
CA LEU A 62 10.13 46.56 -10.36
C LEU A 62 10.64 46.85 -8.96
N ARG A 63 10.28 48.02 -8.43
CA ARG A 63 10.59 48.33 -7.04
C ARG A 63 9.54 47.71 -6.14
N VAL A 64 10.00 46.96 -5.14
CA VAL A 64 9.13 46.25 -4.21
C VAL A 64 9.30 46.86 -2.84
N ILE A 65 8.22 47.40 -2.29
CA ILE A 65 8.20 48.00 -0.96
C ILE A 65 7.46 47.03 -0.05
N SER A 66 8.19 46.45 0.91
CA SER A 66 7.61 45.52 1.87
C SER A 66 7.25 46.23 3.16
N PHE A 67 6.07 45.95 3.69
CA PHE A 67 5.54 46.62 4.86
C PHE A 67 5.50 45.65 6.03
N ARG A 68 5.02 46.15 7.17
CA ARG A 68 4.79 45.33 8.36
C ARG A 68 3.34 44.87 8.48
N HIS A 69 2.45 45.40 7.65
CA HIS A 69 1.03 45.07 7.70
C HIS A 69 0.44 45.31 6.31
N GLU A 70 -0.37 44.36 5.84
CA GLU A 70 -0.92 44.47 4.49
C GLU A 70 -1.82 45.70 4.34
N GLN A 71 -2.50 46.11 5.41
CA GLN A 71 -3.35 47.28 5.32
C GLN A 71 -2.54 48.54 4.99
N ASN A 72 -1.34 48.64 5.55
CA ASN A 72 -0.48 49.78 5.22
C ASN A 72 0.05 49.68 3.80
N ALA A 73 0.35 48.46 3.34
CA ALA A 73 0.72 48.28 1.95
C ALA A 73 -0.43 48.66 1.03
N GLY A 74 -1.66 48.32 1.42
CA GLY A 74 -2.82 48.69 0.62
C GLY A 74 -3.07 50.19 0.62
N ASN A 75 -2.90 50.84 1.78
CA ASN A 75 -3.06 52.29 1.84
C ASN A 75 -2.06 52.98 0.93
N ALA A 76 -0.84 52.47 0.85
CA ALA A 76 0.15 53.05 -0.05
C ALA A 76 -0.29 52.94 -1.50
N ALA A 77 -0.74 51.75 -1.91
CA ALA A 77 -1.22 51.57 -3.27
C ALA A 77 -2.42 52.45 -3.57
N ALA A 78 -3.27 52.72 -2.57
CA ALA A 78 -4.45 53.54 -2.78
C ALA A 78 -4.07 54.97 -3.12
N ILE A 79 -3.30 55.61 -2.23
CA ILE A 79 -2.89 56.99 -2.48
C ILE A 79 -1.94 57.09 -3.66
N ALA A 80 -1.25 56.01 -4.02
CA ALA A 80 -0.43 56.02 -5.22
C ALA A 80 -1.28 56.18 -6.47
N GLY A 81 -2.46 55.56 -6.49
CA GLY A 81 -3.37 55.76 -7.60
C GLY A 81 -3.86 57.19 -7.69
N PHE A 82 -4.15 57.81 -6.54
CA PHE A 82 -4.59 59.20 -6.53
C PHE A 82 -3.51 60.12 -7.10
N LEU A 83 -2.24 59.83 -6.80
CA LEU A 83 -1.15 60.69 -7.22
C LEU A 83 -0.80 60.52 -8.69
N THR A 84 -1.07 59.35 -9.27
CA THR A 84 -0.56 59.00 -10.59
C THR A 84 -1.61 58.76 -11.65
N LYS A 85 -2.89 58.62 -11.28
CA LYS A 85 -3.95 58.21 -12.19
C LYS A 85 -3.67 56.85 -12.83
N LYS A 86 -2.79 56.06 -12.22
CA LYS A 86 -2.50 54.68 -12.56
C LYS A 86 -2.72 53.80 -11.35
N PRO A 87 -3.22 52.58 -11.53
CA PRO A 87 -3.61 51.76 -10.36
C PRO A 87 -2.40 51.39 -9.50
N GLY A 88 -2.48 51.75 -8.22
CA GLY A 88 -1.47 51.27 -7.28
C GLY A 88 -1.64 49.78 -7.04
N ILE A 89 -0.50 49.08 -6.96
CA ILE A 89 -0.49 47.63 -6.87
C ILE A 89 -0.13 47.22 -5.45
N CYS A 90 -1.02 46.45 -4.83
CA CYS A 90 -0.80 45.87 -3.51
C CYS A 90 -0.88 44.35 -3.66
N LEU A 91 0.18 43.65 -3.27
CA LEU A 91 0.26 42.20 -3.37
C LEU A 91 0.20 41.59 -1.98
N THR A 92 -0.70 40.63 -1.77
CA THR A 92 -0.85 40.04 -0.43
C THR A 92 -0.96 38.53 -0.48
N VAL A 93 -1.13 37.98 0.71
CA VAL A 93 -1.13 36.56 0.95
C VAL A 93 -2.57 36.11 1.09
N SER A 94 -2.79 34.80 1.11
CA SER A 94 -4.13 34.26 1.26
C SER A 94 -4.77 34.70 2.58
N ALA A 95 -6.08 34.45 2.67
CA ALA A 95 -7.11 34.88 3.63
C ALA A 95 -6.66 35.96 4.62
N PRO A 96 -5.88 35.67 5.70
CA PRO A 96 -5.59 36.75 6.67
C PRO A 96 -4.97 38.00 6.06
N GLY A 97 -3.95 37.84 5.21
CA GLY A 97 -3.35 39.00 4.57
C GLY A 97 -4.26 39.63 3.54
N PHE A 98 -5.03 38.81 2.83
CA PHE A 98 -6.03 39.34 1.90
C PHE A 98 -7.02 40.24 2.61
N LEU A 99 -7.48 39.83 3.80
CA LEU A 99 -8.45 40.63 4.54
C LEU A 99 -7.84 41.95 4.99
N ASN A 100 -6.58 41.94 5.43
CA ASN A 100 -5.92 43.19 5.81
C ASN A 100 -5.84 44.15 4.63
N GLY A 101 -5.56 43.62 3.43
CA GLY A 101 -5.51 44.47 2.25
C GLY A 101 -6.89 44.88 1.77
N LEU A 102 -7.89 44.03 1.97
CA LEU A 102 -9.24 44.35 1.51
C LEU A 102 -9.81 45.56 2.23
N THR A 103 -9.47 45.74 3.51
CA THR A 103 -9.92 46.92 4.25
C THR A 103 -9.39 48.20 3.60
N ALA A 104 -8.13 48.18 3.13
CA ALA A 104 -7.61 49.32 2.38
C ALA A 104 -8.24 49.40 1.00
N LEU A 105 -8.51 48.24 0.38
CA LEU A 105 -9.16 48.24 -0.92
C LEU A 105 -10.55 48.84 -0.83
N ALA A 106 -11.28 48.54 0.24
CA ALA A 106 -12.60 49.14 0.43
C ALA A 106 -12.50 50.65 0.61
N ASN A 107 -11.51 51.10 1.39
CA ASN A 107 -11.31 52.54 1.55
C ASN A 107 -10.92 53.20 0.25
N ALA A 108 -10.14 52.51 -0.59
CA ALA A 108 -9.80 53.05 -1.90
C ALA A 108 -11.03 53.21 -2.77
N THR A 109 -11.94 52.24 -2.72
CA THR A 109 -13.19 52.35 -3.47
C THR A 109 -14.06 53.49 -2.93
N THR A 110 -13.98 53.77 -1.63
CA THR A 110 -14.78 54.84 -1.05
C THR A 110 -14.29 56.21 -1.50
N ASN A 111 -12.98 56.38 -1.66
CA ASN A 111 -12.41 57.66 -2.04
C ASN A 111 -12.19 57.79 -3.54
N CYS A 112 -12.63 56.81 -4.33
CA CYS A 112 -12.48 56.82 -5.78
C CYS A 112 -11.01 56.78 -6.20
N PHE A 113 -10.17 56.07 -5.42
CA PHE A 113 -8.76 55.94 -5.76
C PHE A 113 -8.53 54.65 -6.54
N PRO A 114 -7.86 54.70 -7.69
CA PRO A 114 -7.59 53.47 -8.44
C PRO A 114 -6.54 52.62 -7.76
N MET A 115 -6.79 51.31 -7.72
CA MET A 115 -5.95 50.40 -6.97
C MET A 115 -6.32 48.97 -7.35
N ILE A 116 -5.31 48.11 -7.44
CA ILE A 116 -5.51 46.68 -7.66
C ILE A 116 -4.86 45.93 -6.49
N LEU A 117 -5.69 45.29 -5.68
CA LEU A 117 -5.21 44.37 -4.66
C LEU A 117 -5.00 43.01 -5.31
N ILE A 118 -3.75 42.59 -5.44
CA ILE A 118 -3.41 41.26 -5.92
C ILE A 118 -3.13 40.39 -4.70
N SER A 119 -3.74 39.21 -4.66
CA SER A 119 -3.63 38.36 -3.49
C SER A 119 -3.51 36.90 -3.90
N GLY A 120 -2.66 36.16 -3.19
CA GLY A 120 -2.59 34.74 -3.42
C GLY A 120 -3.83 34.02 -2.93
N SER A 121 -4.11 32.88 -3.57
CA SER A 121 -5.29 32.07 -3.27
C SER A 121 -4.88 30.62 -3.12
N SER A 122 -5.58 29.90 -2.25
CA SER A 122 -5.27 28.51 -1.98
C SER A 122 -5.88 27.61 -3.05
N GLU A 123 -5.83 26.29 -2.82
CA GLU A 123 -6.33 25.33 -3.77
C GLU A 123 -7.84 25.46 -3.94
N ARG A 124 -8.28 25.64 -5.19
CA ARG A 124 -9.67 25.97 -5.47
C ARG A 124 -10.60 24.82 -5.07
N GLU A 125 -10.16 23.57 -5.25
CA GLU A 125 -11.06 22.45 -5.01
C GLU A 125 -11.25 22.20 -3.52
N ILE A 126 -10.27 22.56 -2.69
CA ILE A 126 -10.45 22.41 -1.25
C ILE A 126 -11.33 23.54 -0.71
N VAL A 127 -11.13 24.76 -1.21
CA VAL A 127 -11.90 25.90 -0.71
C VAL A 127 -13.37 25.77 -1.12
N ASP A 128 -13.64 25.30 -2.34
CA ASP A 128 -15.02 25.16 -2.79
C ASP A 128 -15.76 24.06 -2.04
N LEU A 129 -15.05 23.11 -1.43
CA LEU A 129 -15.66 22.15 -0.53
C LEU A 129 -15.48 22.53 0.94
N GLN A 130 -14.82 23.65 1.21
CA GLN A 130 -14.64 24.18 2.56
C GLN A 130 -14.06 23.12 3.49
N GLN A 131 -13.02 22.45 3.01
CA GLN A 131 -12.39 21.35 3.72
C GLN A 131 -11.24 21.81 4.63
N GLY A 132 -11.01 23.11 4.75
CA GLY A 132 -10.00 23.62 5.64
C GLY A 132 -8.60 23.66 5.04
N ASP A 133 -8.46 24.33 3.90
CA ASP A 133 -7.17 24.51 3.28
C ASP A 133 -6.35 25.55 4.05
N TYR A 134 -5.06 25.63 3.73
CA TYR A 134 -4.23 26.68 4.30
C TYR A 134 -4.68 28.05 3.79
N GLY A 135 -4.94 28.97 4.70
CA GLY A 135 -5.42 30.29 4.31
C GLY A 135 -6.69 30.23 3.50
N GLU A 136 -7.63 29.37 3.88
CA GLU A 136 -8.79 29.09 3.07
C GLU A 136 -9.77 30.26 3.08
N MET A 137 -10.23 30.65 1.90
CA MET A 137 -11.27 31.66 1.72
C MET A 137 -11.61 31.80 0.24
N ASP A 138 -12.90 31.89 -0.08
CA ASP A 138 -13.30 32.29 -1.43
C ASP A 138 -13.13 33.80 -1.50
N GLN A 139 -11.87 34.21 -1.70
CA GLN A 139 -11.54 35.63 -1.67
C GLN A 139 -12.21 36.40 -2.79
N LEU A 140 -12.52 35.72 -3.90
CA LEU A 140 -13.31 36.34 -4.95
C LEU A 140 -14.72 36.66 -4.44
N ALA A 141 -15.36 35.70 -3.78
CA ALA A 141 -16.70 35.93 -3.27
C ALA A 141 -16.70 36.92 -2.10
N ILE A 142 -15.62 36.96 -1.33
CA ILE A 142 -15.55 37.85 -0.19
C ILE A 142 -15.26 39.29 -0.62
N ALA A 143 -14.47 39.47 -1.68
CA ALA A 143 -14.04 40.82 -2.07
C ALA A 143 -15.16 41.62 -2.71
N LYS A 144 -16.05 40.97 -3.47
CA LYS A 144 -16.99 41.71 -4.32
C LYS A 144 -17.87 42.71 -3.57
N PRO A 145 -18.40 42.42 -2.39
CA PRO A 145 -19.25 43.43 -1.71
C PRO A 145 -18.50 44.67 -1.26
N LEU A 146 -17.16 44.64 -1.23
CA LEU A 146 -16.38 45.71 -0.63
C LEU A 146 -15.51 46.47 -1.60
N CYS A 147 -15.54 46.16 -2.90
CA CYS A 147 -14.72 46.84 -3.88
C CYS A 147 -15.51 46.99 -5.18
N LYS A 148 -14.88 47.61 -6.17
CA LYS A 148 -15.57 47.94 -7.42
C LYS A 148 -15.63 46.74 -8.36
N ALA A 149 -14.56 45.95 -8.42
CA ALA A 149 -14.54 44.80 -9.32
C ALA A 149 -13.63 43.73 -8.74
N ALA A 150 -13.90 42.48 -9.11
CA ALA A 150 -13.12 41.35 -8.67
C ALA A 150 -13.05 40.32 -9.80
N PHE A 151 -11.86 39.79 -10.03
CA PHE A 151 -11.64 38.78 -11.05
C PHE A 151 -10.71 37.71 -10.50
N ARG A 152 -10.83 36.51 -11.04
CA ARG A 152 -9.93 35.41 -10.70
C ARG A 152 -9.38 34.80 -11.98
N VAL A 153 -8.08 34.49 -11.97
CA VAL A 153 -7.38 33.95 -13.13
C VAL A 153 -6.99 32.51 -12.81
N LEU A 154 -7.57 31.56 -13.54
CA LEU A 154 -7.26 30.15 -13.34
C LEU A 154 -6.26 29.59 -14.33
N HIS A 155 -6.10 30.21 -15.49
CA HIS A 155 -5.24 29.71 -16.55
C HIS A 155 -4.17 30.74 -16.89
N ALA A 156 -2.95 30.27 -17.13
CA ALA A 156 -1.83 31.16 -17.39
C ALA A 156 -2.01 31.96 -18.68
N ALA A 157 -2.71 31.39 -19.66
CA ALA A 157 -2.96 32.09 -20.91
C ALA A 157 -3.96 33.23 -20.76
N ASP A 158 -4.63 33.34 -19.61
CA ASP A 158 -5.59 34.41 -19.36
C ASP A 158 -5.05 35.48 -18.42
N ILE A 159 -3.77 35.39 -18.03
CA ILE A 159 -3.20 36.38 -17.14
C ILE A 159 -3.20 37.76 -17.80
N GLY A 160 -2.89 37.81 -19.10
CA GLY A 160 -2.86 39.09 -19.79
C GLY A 160 -4.22 39.77 -19.80
N ILE A 161 -5.27 39.01 -20.11
CA ILE A 161 -6.62 39.57 -20.09
C ILE A 161 -7.02 39.93 -18.66
N GLY A 162 -6.70 39.06 -17.70
CA GLY A 162 -7.08 39.33 -16.31
C GLY A 162 -6.49 40.61 -15.79
N VAL A 163 -5.20 40.84 -16.04
CA VAL A 163 -4.58 42.10 -15.65
C VAL A 163 -5.22 43.26 -16.40
N ALA A 164 -5.48 43.07 -17.70
CA ALA A 164 -6.09 44.13 -18.50
C ALA A 164 -7.48 44.49 -17.98
N ARG A 165 -8.27 43.49 -17.61
CA ARG A 165 -9.58 43.76 -17.02
C ARG A 165 -9.46 44.52 -15.71
N ALA A 166 -8.47 44.16 -14.89
CA ALA A 166 -8.31 44.81 -13.60
C ALA A 166 -7.91 46.27 -13.76
N ILE A 167 -7.04 46.55 -14.73
CA ILE A 167 -6.59 47.93 -14.95
C ILE A 167 -7.75 48.80 -15.43
N ARG A 168 -8.53 48.29 -16.39
CA ARG A 168 -9.66 49.06 -16.92
C ARG A 168 -10.66 49.37 -15.82
N ALA A 169 -11.03 48.37 -15.02
CA ALA A 169 -12.02 48.58 -13.98
C ALA A 169 -11.52 49.53 -12.90
N ALA A 170 -10.20 49.70 -12.76
CA ALA A 170 -9.66 50.53 -11.70
C ALA A 170 -9.63 52.00 -12.07
N VAL A 171 -9.40 52.34 -13.34
CA VAL A 171 -9.20 53.72 -13.75
C VAL A 171 -10.33 54.28 -14.61
N SER A 172 -11.21 53.44 -15.13
CA SER A 172 -12.30 53.93 -15.96
C SER A 172 -13.51 54.29 -15.10
N GLY A 173 -14.43 55.06 -15.68
CA GLY A 173 -15.60 55.52 -14.96
C GLY A 173 -15.20 56.25 -13.70
N ARG A 174 -15.90 55.94 -12.61
CA ARG A 174 -15.45 56.35 -11.29
C ARG A 174 -14.36 55.41 -10.82
N PRO A 175 -13.11 55.87 -10.66
CA PRO A 175 -12.03 54.97 -10.28
C PRO A 175 -12.31 54.32 -8.93
N GLY A 176 -11.71 53.15 -8.72
CA GLY A 176 -11.94 52.43 -7.48
C GLY A 176 -10.99 51.28 -7.33
N GLY A 177 -11.19 50.53 -6.24
CA GLY A 177 -10.34 49.39 -5.93
C GLY A 177 -10.85 48.13 -6.58
N VAL A 178 -9.92 47.37 -7.18
CA VAL A 178 -10.22 46.14 -7.88
C VAL A 178 -9.41 45.01 -7.25
N TYR A 179 -10.02 43.83 -7.16
CA TYR A 179 -9.36 42.67 -6.59
C TYR A 179 -9.01 41.67 -7.68
N LEU A 180 -7.74 41.25 -7.72
CA LEU A 180 -7.25 40.28 -8.69
C LEU A 180 -6.77 39.05 -7.93
N ASP A 181 -7.52 37.97 -8.02
CA ASP A 181 -7.21 36.74 -7.31
C ASP A 181 -6.34 35.84 -8.18
N LEU A 182 -5.19 35.42 -7.65
CA LEU A 182 -4.27 34.52 -8.34
C LEU A 182 -4.02 33.29 -7.49
N PRO A 183 -4.63 32.15 -7.82
CA PRO A 183 -4.36 30.92 -7.05
C PRO A 183 -2.92 30.48 -7.22
N ALA A 184 -2.40 29.81 -6.19
CA ALA A 184 -1.01 29.38 -6.19
C ALA A 184 -0.68 28.46 -7.36
N LYS A 185 -1.64 27.64 -7.78
CA LYS A 185 -1.43 26.75 -8.92
C LYS A 185 -1.22 27.52 -10.22
N LEU A 186 -1.67 28.78 -10.28
CA LEU A 186 -1.49 29.57 -11.49
C LEU A 186 -0.02 29.91 -11.74
N PHE A 187 0.72 30.21 -10.67
CA PHE A 187 2.09 30.69 -10.81
C PHE A 187 3.00 29.62 -11.40
N SER A 188 2.77 28.35 -11.09
CA SER A 188 3.64 27.28 -11.55
C SER A 188 3.24 26.71 -12.90
N GLN A 189 2.13 27.15 -13.47
CA GLN A 189 1.75 26.71 -14.81
C GLN A 189 2.82 27.12 -15.81
N VAL A 190 3.07 26.26 -16.79
CA VAL A 190 4.08 26.48 -17.81
C VAL A 190 3.42 26.40 -19.18
N ILE A 191 3.65 27.42 -20.01
CA ILE A 191 3.16 27.45 -21.39
C ILE A 191 4.28 27.94 -22.29
N ASP A 192 4.03 27.88 -23.60
CA ASP A 192 5.01 28.33 -24.58
C ASP A 192 5.27 29.83 -24.41
N ALA A 193 6.55 30.20 -24.47
CA ALA A 193 6.93 31.59 -24.23
C ALA A 193 6.36 32.51 -25.30
N ASP A 194 6.47 32.12 -26.57
CA ASP A 194 5.91 32.93 -27.65
C ASP A 194 4.39 33.02 -27.52
N LEU A 195 3.73 31.94 -27.12
CA LEU A 195 2.28 31.97 -26.94
C LEU A 195 1.90 32.92 -25.81
N GLY A 196 2.60 32.84 -24.68
CA GLY A 196 2.28 33.72 -23.57
C GLY A 196 2.56 35.18 -23.89
N ALA A 197 3.63 35.45 -24.63
CA ALA A 197 3.95 36.82 -24.99
C ALA A 197 2.84 37.44 -25.83
N ARG A 198 2.28 36.68 -26.77
CA ARG A 198 1.17 37.18 -27.58
C ARG A 198 -0.12 37.28 -26.79
N SER A 199 -0.22 36.60 -25.65
CA SER A 199 -1.42 36.67 -24.82
C SER A 199 -1.44 37.89 -23.92
N LEU A 200 -0.29 38.52 -23.69
CA LEU A 200 -0.26 39.74 -22.89
C LEU A 200 -0.97 40.88 -23.63
N VAL A 201 -1.59 41.76 -22.86
CA VAL A 201 -2.41 42.83 -23.39
C VAL A 201 -1.89 44.16 -22.84
N LYS A 202 -1.47 45.04 -23.75
CA LYS A 202 -1.16 46.42 -23.39
C LYS A 202 -2.42 47.25 -23.60
N VAL A 203 -2.93 47.83 -22.51
CA VAL A 203 -4.27 48.40 -22.52
C VAL A 203 -4.30 49.69 -23.31
N ILE A 204 -5.27 49.81 -24.22
CA ILE A 204 -5.46 51.01 -25.03
C ILE A 204 -6.56 51.84 -24.37
N ASP A 205 -6.22 53.07 -23.98
CA ASP A 205 -7.16 54.02 -23.38
C ASP A 205 -7.83 53.41 -22.15
N ALA A 206 -7.02 53.21 -21.12
CA ALA A 206 -7.52 52.62 -19.87
C ALA A 206 -8.57 53.52 -19.23
N ALA A 207 -8.27 54.82 -19.11
CA ALA A 207 -9.23 55.79 -18.59
C ALA A 207 -9.62 56.75 -19.71
N PRO A 208 -10.60 56.39 -20.53
CA PRO A 208 -10.90 57.21 -21.72
C PRO A 208 -11.58 58.51 -21.35
N ALA A 209 -11.42 59.50 -22.24
CA ALA A 209 -12.13 60.75 -22.09
C ALA A 209 -13.61 60.56 -22.41
N GLN A 210 -14.46 61.22 -21.62
CA GLN A 210 -15.90 61.17 -21.80
C GLN A 210 -16.39 62.62 -21.90
N LEU A 211 -16.90 62.99 -23.08
CA LEU A 211 -17.27 64.37 -23.30
C LEU A 211 -18.76 64.58 -23.08
N PRO A 212 -19.16 65.69 -22.47
CA PRO A 212 -20.57 65.92 -22.19
C PRO A 212 -21.33 66.37 -23.44
N ALA A 213 -22.64 66.14 -23.39
CA ALA A 213 -23.49 66.62 -24.48
C ALA A 213 -23.55 68.15 -24.44
N PRO A 214 -23.50 68.81 -25.60
CA PRO A 214 -23.60 70.28 -25.61
C PRO A 214 -24.91 70.79 -25.02
N ALA A 215 -25.98 70.00 -25.08
CA ALA A 215 -27.23 70.42 -24.45
C ALA A 215 -27.10 70.51 -22.93
N ALA A 216 -26.22 69.70 -22.34
CA ALA A 216 -26.00 69.78 -20.91
C ALA A 216 -25.10 70.96 -20.53
N ILE A 217 -24.11 71.24 -21.36
CA ILE A 217 -23.24 72.39 -21.12
C ILE A 217 -24.04 73.68 -21.24
N ALA A 218 -24.91 73.77 -22.24
CA ALA A 218 -25.72 74.98 -22.44
C ALA A 218 -26.66 75.20 -21.27
N ARG A 219 -27.23 74.13 -20.73
CA ARG A 219 -28.08 74.26 -19.55
C ARG A 219 -27.29 74.75 -18.35
N ALA A 220 -26.03 74.33 -18.22
CA ALA A 220 -25.23 74.73 -17.07
C ALA A 220 -24.82 76.20 -17.17
N LEU A 221 -24.42 76.66 -18.36
CA LEU A 221 -24.08 78.07 -18.54
C LEU A 221 -25.28 78.97 -18.25
N ASP A 222 -26.48 78.53 -18.64
CA ASP A 222 -27.68 79.32 -18.40
C ASP A 222 -27.91 79.53 -16.91
N VAL A 223 -27.78 78.45 -16.12
CA VAL A 223 -27.93 78.56 -14.67
C VAL A 223 -26.79 79.38 -14.08
N LEU A 224 -25.57 79.16 -14.56
CA LEU A 224 -24.41 79.87 -14.02
C LEU A 224 -24.48 81.36 -14.28
N LYS A 225 -25.01 81.76 -15.45
CA LYS A 225 -25.10 83.18 -15.76
C LYS A 225 -26.19 83.87 -14.96
N SER A 226 -27.22 83.14 -14.54
CA SER A 226 -28.33 83.71 -13.80
C SER A 226 -28.03 83.92 -12.33
N ALA A 227 -26.84 83.55 -11.87
CA ALA A 227 -26.54 83.57 -10.45
C ALA A 227 -26.19 84.97 -9.97
N GLU A 228 -26.76 85.34 -8.82
CA GLU A 228 -26.35 86.56 -8.13
C GLU A 228 -25.15 86.33 -7.22
N ARG A 229 -25.01 85.12 -6.68
CA ARG A 229 -23.92 84.79 -5.76
C ARG A 229 -23.42 83.39 -6.06
N PRO A 230 -22.75 83.21 -7.19
CA PRO A 230 -22.31 81.87 -7.59
C PRO A 230 -21.11 81.40 -6.77
N LEU A 231 -20.91 80.08 -6.77
CA LEU A 231 -19.82 79.47 -6.03
C LEU A 231 -19.37 78.19 -6.74
N ILE A 232 -18.06 78.02 -6.84
CA ILE A 232 -17.45 76.79 -7.35
C ILE A 232 -16.94 75.99 -6.18
N ILE A 233 -17.22 74.69 -6.16
CA ILE A 233 -16.70 73.79 -5.14
C ILE A 233 -15.78 72.79 -5.84
N LEU A 234 -14.49 72.85 -5.52
CA LEU A 234 -13.50 71.96 -6.08
C LEU A 234 -13.28 70.79 -5.12
N GLY A 235 -13.58 69.57 -5.58
CA GLY A 235 -13.33 68.38 -4.81
C GLY A 235 -12.06 67.68 -5.26
N LYS A 236 -11.68 66.64 -4.50
CA LYS A 236 -10.46 65.91 -4.82
C LYS A 236 -10.57 65.16 -6.14
N GLY A 237 -11.79 64.97 -6.65
CA GLY A 237 -11.93 64.47 -8.00
C GLY A 237 -11.36 65.42 -9.04
N ALA A 238 -11.50 66.72 -8.79
CA ALA A 238 -10.89 67.71 -9.68
C ALA A 238 -9.37 67.68 -9.56
N ALA A 239 -8.85 67.45 -8.35
CA ALA A 239 -7.41 67.31 -8.18
C ALA A 239 -6.92 66.02 -8.83
N TYR A 240 -7.66 64.93 -8.67
CA TYR A 240 -7.26 63.67 -9.29
C TYR A 240 -7.30 63.76 -10.81
N ALA A 241 -8.21 64.55 -11.37
CA ALA A 241 -8.36 64.61 -12.81
C ALA A 241 -7.10 65.12 -13.50
N GLN A 242 -6.30 65.91 -12.80
CA GLN A 242 -5.06 66.49 -13.34
C GLN A 242 -5.34 67.31 -14.59
N ALA A 243 -6.35 68.17 -14.50
CA ALA A 243 -6.58 69.21 -15.49
C ALA A 243 -6.35 70.56 -14.82
N ASP A 244 -5.15 70.74 -14.25
CA ASP A 244 -4.87 71.90 -13.41
C ASP A 244 -5.07 73.21 -14.17
N GLU A 245 -4.45 73.31 -15.36
CA GLU A 245 -4.56 74.53 -16.15
C GLU A 245 -6.02 74.84 -16.49
N ALA A 246 -6.77 73.82 -16.90
CA ALA A 246 -8.18 74.03 -17.26
C ALA A 246 -9.01 74.43 -16.06
N VAL A 247 -8.84 73.73 -14.93
CA VAL A 247 -9.62 74.03 -13.74
C VAL A 247 -9.35 75.45 -13.25
N ARG A 248 -8.06 75.81 -13.16
CA ARG A 248 -7.71 77.16 -12.72
C ARG A 248 -8.22 78.22 -13.69
N ALA A 249 -8.17 77.92 -14.99
CA ALA A 249 -8.71 78.84 -15.99
C ALA A 249 -10.21 79.00 -15.84
N LEU A 250 -10.92 77.94 -15.45
CA LEU A 250 -12.35 78.05 -15.21
C LEU A 250 -12.64 79.02 -14.06
N VAL A 251 -11.82 78.97 -13.02
CA VAL A 251 -12.04 79.83 -11.86
C VAL A 251 -11.72 81.28 -12.20
N GLU A 252 -10.55 81.53 -12.77
CA GLU A 252 -10.08 82.90 -12.96
C GLU A 252 -10.87 83.62 -14.04
N GLU A 253 -11.08 82.97 -15.19
CA GLU A 253 -11.76 83.65 -16.29
C GLU A 253 -13.23 83.89 -15.99
N SER A 254 -13.85 83.00 -15.20
CA SER A 254 -15.24 83.24 -14.81
C SER A 254 -15.33 84.26 -13.68
N GLY A 255 -14.28 84.39 -12.86
CA GLY A 255 -14.31 85.29 -11.72
C GLY A 255 -15.16 84.82 -10.56
N ILE A 256 -15.65 83.58 -10.60
CA ILE A 256 -16.52 83.07 -9.55
C ILE A 256 -15.66 82.60 -8.38
N PRO A 257 -15.99 82.97 -7.14
CA PRO A 257 -15.23 82.45 -6.00
C PRO A 257 -15.37 80.95 -5.89
N TYR A 258 -14.36 80.32 -5.27
CA TYR A 258 -14.32 78.88 -5.14
C TYR A 258 -13.99 78.50 -3.71
N VAL A 259 -14.37 77.28 -3.33
CA VAL A 259 -14.03 76.68 -2.06
C VAL A 259 -13.49 75.29 -2.33
N PRO A 260 -12.25 74.98 -1.96
CA PRO A 260 -11.73 73.62 -2.16
C PRO A 260 -12.02 72.71 -0.99
N MET A 261 -12.33 71.46 -1.29
CA MET A 261 -12.35 70.44 -0.25
C MET A 261 -10.93 70.16 0.21
N SER A 262 -10.81 69.29 1.21
CA SER A 262 -9.52 69.09 1.88
C SER A 262 -8.41 68.74 0.90
N MET A 263 -8.62 67.70 0.08
CA MET A 263 -7.58 67.23 -0.81
C MET A 263 -7.58 67.92 -2.16
N ALA A 264 -8.48 68.88 -2.37
CA ALA A 264 -8.38 69.78 -3.52
C ALA A 264 -7.61 71.06 -3.19
N LYS A 265 -7.20 71.22 -1.93
CA LYS A 265 -6.38 72.36 -1.57
C LYS A 265 -5.05 72.31 -2.30
N GLY A 266 -4.60 73.46 -2.77
CA GLY A 266 -3.38 73.56 -3.54
C GLY A 266 -3.56 73.45 -5.04
N LEU A 267 -4.69 72.88 -5.50
CA LEU A 267 -5.02 72.91 -6.92
C LEU A 267 -4.90 74.33 -7.47
N LEU A 268 -5.66 75.23 -6.90
CA LEU A 268 -5.24 76.62 -6.92
C LEU A 268 -4.56 76.95 -5.60
N PRO A 269 -3.65 77.92 -5.56
CA PRO A 269 -3.04 78.30 -4.28
C PRO A 269 -4.12 78.75 -3.29
N ASP A 270 -4.04 78.21 -2.07
CA ASP A 270 -5.07 78.50 -1.07
C ASP A 270 -5.15 79.98 -0.73
N THR A 271 -4.15 80.77 -1.10
CA THR A 271 -4.17 82.22 -0.93
C THR A 271 -4.68 82.94 -2.18
N HIS A 272 -5.28 82.22 -3.11
CA HIS A 272 -5.76 82.84 -4.34
C HIS A 272 -6.79 83.91 -4.01
N PRO A 273 -6.78 85.04 -4.74
CA PRO A 273 -7.75 86.12 -4.43
C PRO A 273 -9.20 85.71 -4.62
N LEU A 274 -9.48 84.59 -5.28
CA LEU A 274 -10.84 84.10 -5.44
C LEU A 274 -11.18 82.97 -4.48
N SER A 275 -10.26 82.59 -3.60
CA SER A 275 -10.51 81.52 -2.64
C SER A 275 -11.39 82.01 -1.51
N ALA A 276 -12.49 81.31 -1.27
CA ALA A 276 -13.37 81.56 -0.15
C ALA A 276 -13.21 80.49 0.94
N GLY A 277 -12.04 79.85 1.00
CA GLY A 277 -11.84 78.80 1.98
C GLY A 277 -11.94 79.31 3.40
N ALA A 278 -11.33 80.47 3.69
CA ALA A 278 -11.45 81.08 5.00
C ALA A 278 -12.82 81.70 5.25
N ALA A 279 -13.74 81.58 4.30
CA ALA A 279 -15.11 82.08 4.42
C ALA A 279 -16.09 81.00 4.02
N ARG A 280 -15.77 79.74 4.37
CA ARG A 280 -16.51 78.60 3.86
C ARG A 280 -17.98 78.64 4.26
N SER A 281 -18.25 78.99 5.53
CA SER A 281 -19.64 78.96 6.02
C SER A 281 -20.51 79.99 5.30
N THR A 282 -19.98 81.19 5.08
CA THR A 282 -20.74 82.22 4.37
C THR A 282 -20.95 81.84 2.91
N ALA A 283 -19.89 81.37 2.24
CA ALA A 283 -19.99 81.00 0.84
C ALA A 283 -21.01 79.88 0.62
N LEU A 284 -21.14 78.98 1.59
CA LEU A 284 -22.09 77.88 1.46
C LEU A 284 -23.51 78.27 1.87
N LYS A 285 -23.67 79.20 2.81
CA LYS A 285 -25.01 79.58 3.24
C LYS A 285 -25.66 80.56 2.27
N ASP A 286 -24.89 81.52 1.76
CA ASP A 286 -25.44 82.67 1.05
C ASP A 286 -25.41 82.54 -0.46
N SER A 287 -24.75 81.52 -1.00
CA SER A 287 -24.72 81.35 -2.44
C SER A 287 -26.11 80.98 -2.96
N ASP A 288 -26.28 81.07 -4.28
CA ASP A 288 -27.52 80.66 -4.92
C ASP A 288 -27.33 79.59 -5.97
N VAL A 289 -26.24 79.63 -6.72
CA VAL A 289 -25.87 78.59 -7.67
C VAL A 289 -24.50 78.06 -7.29
N VAL A 290 -24.39 76.74 -7.17
CA VAL A 290 -23.16 76.09 -6.75
C VAL A 290 -22.70 75.14 -7.85
N LEU A 291 -21.44 75.26 -8.24
CA LEU A 291 -20.85 74.42 -9.27
C LEU A 291 -19.93 73.40 -8.59
N LEU A 292 -20.34 72.12 -8.62
CA LEU A 292 -19.60 71.04 -8.00
C LEU A 292 -18.70 70.39 -9.05
N VAL A 293 -17.39 70.45 -8.83
CA VAL A 293 -16.41 69.89 -9.76
C VAL A 293 -15.73 68.73 -9.05
N GLY A 294 -16.22 67.51 -9.29
CA GLY A 294 -15.65 66.33 -8.67
C GLY A 294 -15.76 66.34 -7.16
N ALA A 295 -16.94 66.69 -6.67
CA ALA A 295 -17.19 66.82 -5.24
C ALA A 295 -18.58 66.28 -4.94
N ARG A 296 -18.66 65.35 -3.99
CA ARG A 296 -19.94 64.72 -3.65
C ARG A 296 -20.63 65.51 -2.54
N LEU A 297 -21.95 65.66 -2.69
CA LEU A 297 -22.78 66.31 -1.67
C LEU A 297 -23.06 65.30 -0.56
N ASN A 298 -21.99 64.89 0.11
CA ASN A 298 -22.08 63.88 1.16
C ASN A 298 -21.99 64.53 2.54
N TRP A 299 -21.56 63.77 3.54
CA TRP A 299 -21.48 64.29 4.91
C TRP A 299 -20.49 65.44 5.01
N LEU A 300 -19.47 65.45 4.15
CA LEU A 300 -18.51 66.55 4.13
C LEU A 300 -19.15 67.87 3.72
N LEU A 301 -20.24 67.82 2.95
CA LEU A 301 -20.98 69.01 2.56
C LEU A 301 -22.43 68.97 3.07
N SER A 302 -22.65 68.25 4.18
CA SER A 302 -23.93 68.24 4.89
C SER A 302 -25.08 67.74 4.02
N HIS A 303 -24.77 66.91 3.02
CA HIS A 303 -25.76 66.31 2.13
C HIS A 303 -26.62 67.33 1.40
N GLY A 304 -26.18 68.59 1.35
CA GLY A 304 -26.96 69.64 0.73
C GLY A 304 -28.17 70.09 1.52
N LYS A 305 -28.36 69.60 2.74
CA LYS A 305 -29.50 69.95 3.57
C LYS A 305 -29.02 70.63 4.85
N GLY A 306 -29.92 71.40 5.46
CA GLY A 306 -29.65 72.04 6.73
C GLY A 306 -29.33 73.51 6.59
N LYS A 307 -28.91 74.10 7.71
CA LYS A 307 -28.58 75.52 7.74
C LYS A 307 -27.32 75.83 6.96
N THR A 308 -26.42 74.85 6.81
CA THR A 308 -25.18 75.05 6.08
C THR A 308 -25.42 75.65 4.70
N TRP A 309 -26.52 75.28 4.06
CA TRP A 309 -26.84 75.75 2.71
C TRP A 309 -27.96 76.79 2.70
N GLY A 310 -28.23 77.42 3.84
CA GLY A 310 -29.25 78.45 3.88
C GLY A 310 -30.64 77.88 4.02
N GLU A 311 -31.61 78.61 3.46
CA GLU A 311 -33.00 78.17 3.56
C GLU A 311 -33.32 77.17 2.45
N PRO A 312 -34.21 76.22 2.71
CA PRO A 312 -34.59 75.24 1.68
C PRO A 312 -35.15 75.93 0.44
N GLY A 313 -34.64 75.52 -0.72
CA GLY A 313 -35.03 76.11 -1.97
C GLY A 313 -34.20 77.30 -2.41
N SER A 314 -33.14 77.63 -1.67
CA SER A 314 -32.30 78.76 -2.01
C SER A 314 -31.10 78.37 -2.86
N LYS A 315 -30.91 77.07 -3.13
CA LYS A 315 -29.73 76.59 -3.83
C LYS A 315 -30.13 75.93 -5.14
N ARG A 316 -29.24 76.08 -6.13
CA ARG A 316 -29.30 75.35 -7.39
C ARG A 316 -27.90 74.82 -7.67
N PHE A 317 -27.81 73.54 -8.03
CA PHE A 317 -26.53 72.87 -8.15
C PHE A 317 -26.26 72.47 -9.60
N ILE A 318 -25.08 72.86 -10.09
CA ILE A 318 -24.48 72.29 -11.28
C ILE A 318 -23.43 71.29 -10.82
N GLN A 319 -23.40 70.11 -11.43
CA GLN A 319 -22.51 69.05 -10.98
C GLN A 319 -21.75 68.46 -12.16
N ILE A 320 -20.43 68.39 -12.03
CA ILE A 320 -19.55 67.75 -13.00
C ILE A 320 -19.02 66.48 -12.38
N ASP A 321 -19.35 65.33 -12.97
CA ASP A 321 -18.92 64.06 -12.41
C ASP A 321 -18.92 63.00 -13.50
N ILE A 322 -17.97 62.07 -13.41
CA ILE A 322 -17.86 60.99 -14.39
C ILE A 322 -18.96 59.95 -14.17
N GLU A 323 -19.44 59.81 -12.92
CA GLU A 323 -20.48 58.85 -12.61
C GLU A 323 -21.84 59.51 -12.71
N PRO A 324 -22.71 59.09 -13.64
CA PRO A 324 -24.03 59.73 -13.74
C PRO A 324 -24.96 59.36 -12.59
N ARG A 325 -24.67 58.28 -11.86
CA ARG A 325 -25.51 57.91 -10.73
C ARG A 325 -25.30 58.81 -9.51
N GLU A 326 -24.20 59.56 -9.47
CA GLU A 326 -23.99 60.49 -8.36
C GLU A 326 -24.99 61.65 -8.39
N MET A 327 -25.57 61.94 -9.54
CA MET A 327 -26.58 62.99 -9.64
C MET A 327 -27.84 62.57 -8.88
N ASP A 328 -28.48 63.55 -8.25
CA ASP A 328 -29.71 63.33 -7.49
C ASP A 328 -29.53 62.29 -6.39
N SER A 329 -28.30 62.11 -5.91
CA SER A 329 -28.05 61.14 -4.84
C SER A 329 -28.51 61.67 -3.49
N ASN A 330 -28.45 62.98 -3.27
CA ASN A 330 -28.87 63.59 -2.02
C ASN A 330 -29.96 64.62 -2.20
N VAL A 331 -29.78 65.59 -3.12
CA VAL A 331 -30.78 66.61 -3.40
C VAL A 331 -30.89 66.78 -4.90
N GLU A 332 -31.86 67.61 -5.31
CA GLU A 332 -32.11 67.83 -6.73
C GLU A 332 -30.95 68.55 -7.40
N ILE A 333 -30.57 68.06 -8.57
CA ILE A 333 -29.50 68.66 -9.38
C ILE A 333 -30.13 69.15 -10.67
N VAL A 334 -30.17 70.47 -10.85
CA VAL A 334 -30.83 71.02 -12.02
C VAL A 334 -29.95 71.03 -13.26
N ALA A 335 -28.62 70.98 -13.09
CA ALA A 335 -27.68 71.03 -14.21
C ALA A 335 -26.65 69.91 -14.07
N PRO A 336 -27.04 68.66 -14.30
CA PRO A 336 -26.07 67.56 -14.28
C PRO A 336 -25.21 67.58 -15.54
N VAL A 337 -23.91 67.43 -15.36
CA VAL A 337 -22.95 67.37 -16.46
C VAL A 337 -22.10 66.13 -16.25
N VAL A 338 -22.23 65.15 -17.13
CA VAL A 338 -21.57 63.85 -16.99
C VAL A 338 -20.41 63.77 -17.96
N GLY A 339 -19.29 63.29 -17.46
CA GLY A 339 -18.06 63.21 -18.24
C GLY A 339 -16.86 63.42 -17.35
N ASP A 340 -15.68 63.26 -17.94
CA ASP A 340 -14.46 63.48 -17.17
C ASP A 340 -14.25 64.98 -16.96
N ILE A 341 -13.68 65.32 -15.81
CA ILE A 341 -13.56 66.71 -15.41
C ILE A 341 -12.79 67.53 -16.44
N GLY A 342 -11.75 66.91 -17.03
CA GLY A 342 -10.99 67.62 -18.05
C GLY A 342 -11.83 68.05 -19.23
N SER A 343 -12.68 67.14 -19.74
CA SER A 343 -13.48 67.45 -20.91
C SER A 343 -14.63 68.39 -20.57
N CYS A 344 -15.22 68.27 -19.38
CA CYS A 344 -16.38 69.08 -19.03
C CYS A 344 -15.99 70.50 -18.66
N VAL A 345 -14.87 70.67 -17.95
CA VAL A 345 -14.43 72.02 -17.58
C VAL A 345 -14.05 72.81 -18.83
N GLU A 346 -13.32 72.18 -19.76
CA GLU A 346 -12.96 72.87 -20.99
C GLU A 346 -14.19 73.20 -21.83
N ALA A 347 -15.24 72.39 -21.74
CA ALA A 347 -16.47 72.70 -22.46
C ALA A 347 -17.19 73.88 -21.82
N LEU A 348 -17.26 73.92 -20.49
CA LEU A 348 -17.80 75.10 -19.81
C LEU A 348 -16.93 76.32 -20.09
N LEU A 349 -15.60 76.15 -20.02
CA LEU A 349 -14.69 77.26 -20.25
C LEU A 349 -14.84 77.81 -21.66
N ASP A 350 -14.94 76.93 -22.65
CA ASP A 350 -15.10 77.38 -24.03
C ASP A 350 -16.41 78.14 -24.22
N GLY A 351 -17.45 77.78 -23.45
CA GLY A 351 -18.67 78.55 -23.46
C GLY A 351 -18.59 79.85 -22.68
N ILE A 352 -17.66 79.94 -21.73
CA ILE A 352 -17.48 81.18 -20.97
C ILE A 352 -16.64 82.17 -21.76
N ARG A 353 -15.60 81.70 -22.44
CA ARG A 353 -14.73 82.58 -23.19
C ARG A 353 -15.46 83.26 -24.35
N LYS A 354 -16.51 82.61 -24.87
CA LYS A 354 -17.28 83.18 -25.96
C LYS A 354 -18.45 84.03 -25.48
N ASP A 355 -18.79 83.97 -24.19
CA ASP A 355 -19.87 84.76 -23.62
C ASP A 355 -19.90 84.64 -22.10
N TRP A 356 -19.59 85.74 -21.40
CA TRP A 356 -19.67 85.77 -19.95
C TRP A 356 -19.70 87.22 -19.48
N LYS A 357 -20.73 87.58 -18.73
CA LYS A 357 -20.84 88.94 -18.20
C LYS A 357 -19.78 89.18 -17.13
N GLY A 358 -19.81 88.40 -16.07
CA GLY A 358 -18.87 88.52 -14.97
C GLY A 358 -19.55 88.16 -13.67
N ALA A 359 -18.75 87.70 -12.72
CA ALA A 359 -19.26 87.39 -11.39
C ALA A 359 -19.58 88.69 -10.66
N PRO A 360 -20.74 88.81 -10.01
CA PRO A 360 -21.08 90.04 -9.30
C PRO A 360 -20.04 90.38 -8.23
N SER A 361 -19.47 91.59 -8.34
CA SER A 361 -18.44 92.01 -7.41
C SER A 361 -18.96 92.14 -5.98
N ASN A 362 -20.27 92.31 -5.81
CA ASN A 362 -20.85 92.32 -4.47
C ASN A 362 -20.58 91.00 -3.77
N TRP A 363 -20.72 89.88 -4.48
CA TRP A 363 -20.43 88.57 -3.89
C TRP A 363 -18.94 88.42 -3.60
N LEU A 364 -18.08 88.92 -4.49
CA LEU A 364 -16.65 88.88 -4.27
C LEU A 364 -16.28 89.64 -2.99
N GLU A 365 -16.80 90.86 -2.83
CA GLU A 365 -16.39 91.70 -1.72
C GLU A 365 -16.93 91.16 -0.39
N THR A 366 -18.14 90.59 -0.40
CA THR A 366 -18.67 89.99 0.81
C THR A 366 -17.79 88.86 1.31
N LEU A 367 -17.36 87.99 0.39
CA LEU A 367 -16.51 86.87 0.78
C LEU A 367 -15.11 87.34 1.13
N ARG A 368 -14.59 88.34 0.42
CA ARG A 368 -13.25 88.85 0.71
C ARG A 368 -13.19 89.49 2.09
N GLY A 369 -14.24 90.23 2.47
CA GLY A 369 -14.25 90.86 3.78
C GLY A 369 -14.38 89.85 4.90
N LYS A 370 -15.29 88.88 4.76
CA LYS A 370 -15.44 87.86 5.78
C LYS A 370 -14.21 86.96 5.86
N ARG A 371 -13.52 86.76 4.73
CA ARG A 371 -12.30 85.96 4.74
C ARG A 371 -11.20 86.66 5.52
N GLU A 372 -10.96 87.94 5.23
CA GLU A 372 -9.96 88.70 5.96
C GLU A 372 -10.28 88.77 7.45
N ALA A 373 -11.56 88.85 7.80
CA ALA A 373 -11.95 88.90 9.21
C ALA A 373 -11.60 87.60 9.93
N ASN A 374 -11.89 86.46 9.31
CA ASN A 374 -11.56 85.18 9.93
C ASN A 374 -10.06 84.99 10.06
N ILE A 375 -9.29 85.44 9.07
CA ILE A 375 -7.84 85.34 9.14
C ILE A 375 -7.31 86.23 10.26
N ALA A 376 -7.95 87.39 10.48
CA ALA A 376 -7.52 88.29 11.54
C ALA A 376 -7.75 87.66 12.91
N LYS A 377 -8.91 87.02 13.12
CA LYS A 377 -9.15 86.32 14.38
C LYS A 377 -8.20 85.14 14.55
N MET A 378 -7.68 84.60 13.45
CA MET A 378 -6.81 83.43 13.53
C MET A 378 -5.36 83.82 13.84
N ALA A 379 -4.91 84.98 13.36
CA ALA A 379 -3.51 85.36 13.46
C ALA A 379 -2.95 85.34 14.88
N PRO A 380 -3.62 85.87 15.92
CA PRO A 380 -3.00 85.86 17.26
C PRO A 380 -2.70 84.47 17.78
N LYS A 381 -3.57 83.49 17.50
CA LYS A 381 -3.35 82.14 18.01
C LYS A 381 -2.09 81.51 17.40
N LEU A 382 -1.70 81.92 16.21
CA LEU A 382 -0.54 81.32 15.55
C LEU A 382 0.77 81.82 16.17
N MET A 383 0.78 83.04 16.69
CA MET A 383 1.99 83.60 17.29
C MET A 383 1.91 83.63 18.83
N LYS A 384 1.11 82.73 19.41
CA LYS A 384 0.91 82.70 20.85
C LYS A 384 1.74 81.58 21.45
N ASN A 385 3.04 81.83 21.55
CA ASN A 385 3.93 80.89 22.23
C ASN A 385 3.54 80.78 23.70
N SER A 386 3.46 79.54 24.19
CA SER A 386 2.99 79.26 25.53
C SER A 386 3.57 77.90 25.95
N SER A 387 3.46 77.61 27.23
CA SER A 387 3.92 76.33 27.78
C SER A 387 2.78 75.67 28.52
N PRO A 388 2.28 74.51 28.06
CA PRO A 388 2.75 73.75 26.90
C PRO A 388 2.22 74.28 25.57
N MET A 389 2.77 73.78 24.47
CA MET A 389 2.37 74.24 23.14
C MET A 389 0.91 73.92 22.87
N CYS A 390 0.19 74.91 22.35
CA CYS A 390 -1.16 74.68 21.83
C CYS A 390 -1.08 74.27 20.36
N PHE A 391 -2.20 73.78 19.84
CA PHE A 391 -2.22 73.30 18.46
C PHE A 391 -1.93 74.43 17.48
N HIS A 392 -2.42 75.63 17.77
CA HIS A 392 -2.32 76.73 16.81
C HIS A 392 -0.87 77.21 16.66
N SER A 393 -0.15 77.35 17.77
CA SER A 393 1.22 77.87 17.69
C SER A 393 2.14 76.91 16.95
N ALA A 394 1.94 75.60 17.12
CA ALA A 394 2.78 74.63 16.43
C ALA A 394 2.46 74.58 14.95
N LEU A 395 1.17 74.62 14.60
CA LEU A 395 0.78 74.60 13.19
C LEU A 395 1.21 75.86 12.47
N GLY A 396 1.32 76.99 13.19
CA GLY A 396 1.86 78.19 12.59
C GLY A 396 3.29 78.01 12.13
N ALA A 397 4.04 77.13 12.80
CA ALA A 397 5.39 76.80 12.33
C ALA A 397 5.34 75.92 11.10
N LEU A 398 4.49 74.89 11.12
CA LEU A 398 4.39 73.98 9.97
C LEU A 398 3.77 74.66 8.76
N ARG A 399 2.91 75.66 8.98
CA ARG A 399 2.36 76.40 7.85
C ARG A 399 3.46 77.15 7.11
N THR A 400 4.39 77.74 7.85
CA THR A 400 5.52 78.43 7.21
C THR A 400 6.40 77.44 6.46
N VAL A 401 6.57 76.23 7.02
CA VAL A 401 7.37 75.21 6.34
C VAL A 401 6.79 74.89 4.98
N ILE A 402 5.47 74.71 4.90
CA ILE A 402 4.83 74.40 3.63
C ILE A 402 4.91 75.59 2.68
N LYS A 403 4.74 76.80 3.20
CA LYS A 403 4.88 77.99 2.38
C LYS A 403 6.28 78.09 1.79
N GLU A 404 7.30 77.77 2.59
CA GLU A 404 8.67 77.78 2.11
C GLU A 404 9.03 76.55 1.28
N ARG A 405 8.19 75.52 1.30
CA ARG A 405 8.43 74.28 0.54
C ARG A 405 7.13 73.87 -0.16
N PRO A 406 6.73 74.61 -1.19
CA PRO A 406 5.44 74.33 -1.84
C PRO A 406 5.43 73.06 -2.67
N ASP A 407 6.58 72.42 -2.87
CA ASP A 407 6.65 71.17 -3.61
C ASP A 407 6.50 69.94 -2.72
N ALA A 408 6.51 70.11 -1.40
CA ALA A 408 6.48 68.98 -0.49
C ALA A 408 5.07 68.43 -0.34
N ILE A 409 4.99 67.13 -0.07
CA ILE A 409 3.73 66.44 0.12
C ILE A 409 3.39 66.43 1.60
N LEU A 410 2.14 66.76 1.93
CA LEU A 410 1.68 66.86 3.31
C LEU A 410 0.71 65.72 3.61
N VAL A 411 1.14 64.78 4.44
CA VAL A 411 0.26 63.77 4.99
C VAL A 411 -0.26 64.27 6.33
N ASN A 412 -1.55 64.03 6.59
CA ASN A 412 -2.18 64.61 7.77
C ASN A 412 -3.34 63.73 8.21
N GLU A 413 -3.39 63.41 9.50
CA GLU A 413 -4.49 62.62 10.04
C GLU A 413 -4.57 62.81 11.55
N GLY A 414 -5.78 62.70 12.07
CA GLY A 414 -6.09 62.93 13.46
C GLY A 414 -7.46 63.58 13.58
N CYS A 415 -7.70 64.27 14.69
CA CYS A 415 -8.92 65.05 14.81
C CYS A 415 -8.59 66.53 14.94
N ASN A 416 -8.20 66.98 16.14
CA ASN A 416 -7.70 68.34 16.28
C ASN A 416 -6.50 68.57 15.37
N THR A 417 -5.57 67.60 15.35
CA THR A 417 -4.41 67.71 14.47
C THR A 417 -4.82 67.80 13.01
N LEU A 418 -5.95 67.17 12.65
CA LEU A 418 -6.42 67.19 11.27
C LEU A 418 -7.22 68.46 10.96
N ASP A 419 -8.26 68.72 11.76
CA ASP A 419 -9.17 69.82 11.46
C ASP A 419 -8.49 71.18 11.51
N LEU A 420 -7.46 71.32 12.36
CA LEU A 420 -6.78 72.60 12.49
C LEU A 420 -5.68 72.77 11.45
N ALA A 421 -4.95 71.69 11.12
CA ALA A 421 -3.95 71.77 10.07
C ALA A 421 -4.59 72.05 8.72
N ARG A 422 -5.81 71.56 8.51
CA ARG A 422 -6.51 71.83 7.25
C ARG A 422 -6.80 73.32 7.10
N GLY A 423 -7.26 73.97 8.16
CA GLY A 423 -7.61 75.38 8.06
C GLY A 423 -6.43 76.32 8.18
N ILE A 424 -5.36 75.90 8.84
CA ILE A 424 -4.19 76.76 9.03
C ILE A 424 -3.20 76.60 7.90
N ILE A 425 -2.75 75.38 7.63
CA ILE A 425 -1.71 75.14 6.64
C ILE A 425 -2.29 75.37 5.24
N ASP A 426 -1.80 76.40 4.55
CA ASP A 426 -2.17 76.64 3.17
C ASP A 426 -1.35 75.77 2.24
N MET A 427 -2.00 75.19 1.24
CA MET A 427 -1.32 74.45 0.20
C MET A 427 -1.15 75.34 -1.03
N TYR A 428 -0.09 75.08 -1.79
CA TYR A 428 0.25 75.93 -2.93
C TYR A 428 0.37 75.19 -4.25
N GLN A 429 0.49 73.86 -4.25
CA GLN A 429 0.58 73.09 -5.47
C GLN A 429 -0.40 71.92 -5.40
N PRO A 430 -0.85 71.44 -6.55
CA PRO A 430 -1.91 70.40 -6.54
C PRO A 430 -1.42 69.07 -5.98
N ARG A 431 -2.35 68.35 -5.36
CA ARG A 431 -2.15 66.97 -4.93
C ARG A 431 -0.96 66.85 -3.97
N LYS A 432 -0.83 67.83 -3.08
CA LYS A 432 0.22 67.81 -2.08
C LYS A 432 -0.30 67.54 -0.67
N ARG A 433 -1.62 67.47 -0.49
CA ARG A 433 -2.22 67.19 0.81
C ARG A 433 -2.99 65.87 0.73
N LEU A 434 -2.63 64.93 1.61
CA LEU A 434 -3.24 63.61 1.63
C LEU A 434 -3.71 63.33 3.06
N ASP A 435 -5.02 63.19 3.24
CA ASP A 435 -5.58 63.04 4.59
C ASP A 435 -6.60 61.90 4.63
N VAL A 436 -7.44 61.92 5.67
CA VAL A 436 -8.23 60.76 6.05
C VAL A 436 -9.29 60.38 5.02
N GLY A 437 -9.65 61.29 4.13
CA GLY A 437 -10.55 60.93 3.04
C GLY A 437 -12.02 60.85 3.46
N THR A 438 -12.76 60.02 2.71
CA THR A 438 -14.22 60.01 2.83
C THR A 438 -14.69 59.24 4.06
N TRP A 439 -14.07 58.11 4.38
CA TRP A 439 -14.45 57.34 5.56
C TRP A 439 -13.85 57.90 6.84
N GLY A 440 -13.08 58.97 6.77
CA GLY A 440 -12.42 59.53 7.94
C GLY A 440 -11.55 58.51 8.65
N VAL A 441 -10.64 57.88 7.91
CA VAL A 441 -9.89 56.74 8.40
C VAL A 441 -8.68 57.21 9.19
N MET A 442 -8.48 56.64 10.38
CA MET A 442 -7.23 56.75 11.10
C MET A 442 -6.40 55.52 10.78
N GLY A 443 -5.21 55.73 10.21
CA GLY A 443 -4.34 54.62 9.83
C GLY A 443 -3.74 54.80 8.46
N ILE A 444 -4.18 55.83 7.74
CA ILE A 444 -3.66 56.09 6.41
C ILE A 444 -2.27 56.71 6.43
N GLY A 445 -1.86 57.27 7.57
CA GLY A 445 -0.67 58.10 7.68
C GLY A 445 0.62 57.55 7.10
N MET A 446 1.16 56.49 7.71
CA MET A 446 2.48 56.02 7.32
C MET A 446 2.45 55.36 5.94
N GLY A 447 1.38 54.63 5.63
CA GLY A 447 1.26 54.06 4.29
C GLY A 447 1.21 55.14 3.21
N PHE A 448 0.46 56.21 3.46
CA PHE A 448 0.45 57.34 2.53
C PHE A 448 1.83 57.98 2.43
N ALA A 449 2.56 58.05 3.55
CA ALA A 449 3.87 58.69 3.54
C ALA A 449 4.87 57.89 2.70
N VAL A 450 4.81 56.56 2.79
CA VAL A 450 5.72 55.72 2.00
C VAL A 450 5.44 55.90 0.52
N ALA A 451 4.16 55.81 0.12
CA ALA A 451 3.83 55.92 -1.29
C ALA A 451 4.12 57.32 -1.83
N ALA A 452 3.82 58.36 -1.04
CA ALA A 452 4.12 59.72 -1.49
C ALA A 452 5.60 59.89 -1.78
N ALA A 453 6.47 59.36 -0.91
CA ALA A 453 7.90 59.47 -1.15
C ALA A 453 8.34 58.59 -2.32
N VAL A 454 7.78 57.38 -2.42
CA VAL A 454 8.19 56.46 -3.47
C VAL A 454 7.73 56.96 -4.84
N GLU A 455 6.49 57.45 -4.93
CA GLU A 455 5.92 57.80 -6.23
C GLU A 455 6.46 59.12 -6.76
N THR A 456 6.62 60.11 -5.89
CA THR A 456 6.95 61.46 -6.35
C THR A 456 8.41 61.84 -6.12
N GLY A 457 9.09 61.24 -5.15
CA GLY A 457 10.43 61.66 -4.80
C GLY A 457 10.52 62.97 -4.07
N LYS A 458 9.39 63.61 -3.77
CA LYS A 458 9.38 64.86 -3.03
C LYS A 458 9.56 64.59 -1.54
N PRO A 459 9.88 65.62 -0.75
CA PRO A 459 9.87 65.44 0.71
C PRO A 459 8.45 65.35 1.23
N VAL A 460 8.26 64.48 2.22
CA VAL A 460 6.95 64.26 2.84
C VAL A 460 6.99 64.77 4.26
N LEU A 461 6.04 65.63 4.60
CA LEU A 461 5.82 66.10 5.97
C LEU A 461 4.51 65.48 6.45
N ALA A 462 4.60 64.58 7.42
CA ALA A 462 3.44 63.83 7.93
C ALA A 462 3.05 64.39 9.29
N VAL A 463 1.98 65.18 9.32
CA VAL A 463 1.48 65.79 10.54
C VAL A 463 0.43 64.86 11.14
N GLU A 464 0.73 64.28 12.30
CA GLU A 464 -0.05 63.17 12.84
C GLU A 464 -0.52 63.48 14.25
N GLY A 465 -1.77 63.14 14.53
CA GLY A 465 -2.18 62.99 15.90
C GLY A 465 -1.62 61.71 16.49
N ASP A 466 -1.42 61.71 17.81
CA ASP A 466 -0.80 60.54 18.44
C ASP A 466 -1.73 59.33 18.42
N SER A 467 -3.04 59.55 18.50
CA SER A 467 -3.96 58.43 18.35
C SER A 467 -3.97 57.93 16.92
N ALA A 468 -3.93 58.85 15.95
CA ALA A 468 -3.98 58.45 14.54
C ALA A 468 -2.70 57.72 14.13
N PHE A 469 -1.55 58.18 14.64
CA PHE A 469 -0.28 57.54 14.28
C PHE A 469 -0.21 56.10 14.75
N GLY A 470 -0.80 55.80 15.90
CA GLY A 470 -0.74 54.46 16.46
C GLY A 470 -1.40 53.40 15.61
N PHE A 471 -2.34 53.78 14.74
CA PHE A 471 -2.99 52.80 13.88
C PHE A 471 -2.05 52.22 12.84
N SER A 472 -0.89 52.85 12.63
CA SER A 472 0.04 52.39 11.60
C SER A 472 1.47 52.75 11.98
N GLY A 473 1.77 52.70 13.28
CA GLY A 473 3.05 53.20 13.76
C GLY A 473 4.25 52.37 13.34
N MET A 474 4.09 51.05 13.26
CA MET A 474 5.22 50.18 12.98
C MET A 474 5.86 50.42 11.63
N GLU A 475 5.17 51.14 10.73
CA GLU A 475 5.72 51.37 9.40
C GLU A 475 6.80 52.44 9.38
N VAL A 476 7.13 53.05 10.52
CA VAL A 476 8.30 53.92 10.57
C VAL A 476 9.56 53.11 10.32
N GLU A 477 9.53 51.81 10.62
CA GLU A 477 10.64 50.94 10.26
C GLU A 477 10.75 50.80 8.75
N THR A 478 9.61 50.60 8.07
CA THR A 478 9.62 50.53 6.61
C THR A 478 10.12 51.83 6.00
N ILE A 479 9.72 52.96 6.56
CA ILE A 479 10.22 54.25 6.09
C ILE A 479 11.73 54.32 6.23
N CYS A 480 12.26 53.84 7.36
CA CYS A 480 13.71 53.84 7.57
C CYS A 480 14.40 52.86 6.63
N ARG A 481 13.79 51.69 6.40
CA ARG A 481 14.45 50.64 5.63
C ARG A 481 14.74 51.09 4.21
N TYR A 482 13.85 51.90 3.62
CA TYR A 482 14.02 52.39 2.27
C TYR A 482 14.54 53.83 2.23
N GLU A 483 14.94 54.37 3.38
CA GLU A 483 15.63 55.66 3.46
C GLU A 483 14.83 56.77 2.78
N LEU A 484 13.58 56.90 3.19
CA LEU A 484 12.69 57.81 2.49
C LEU A 484 12.67 59.18 3.18
N PRO A 485 12.56 60.25 2.40
CA PRO A 485 12.57 61.63 2.97
C PRO A 485 11.23 62.00 3.59
N VAL A 486 10.90 61.32 4.69
CA VAL A 486 9.66 61.55 5.40
C VAL A 486 9.98 62.16 6.75
N CYS A 487 9.33 63.28 7.06
CA CYS A 487 9.48 63.96 8.35
C CYS A 487 8.15 63.86 9.08
N ILE A 488 8.12 63.04 10.13
CA ILE A 488 6.90 62.77 10.88
C ILE A 488 6.86 63.69 12.08
N VAL A 489 5.78 64.46 12.23
CA VAL A 489 5.56 65.33 13.37
C VAL A 489 4.35 64.80 14.11
N ILE A 490 4.55 64.29 15.31
CA ILE A 490 3.47 63.74 16.13
C ILE A 490 3.03 64.81 17.12
N PHE A 491 1.76 65.20 17.03
CA PHE A 491 1.17 66.13 17.98
C PHE A 491 0.79 65.34 19.22
N ASN A 492 1.75 65.22 20.15
CA ASN A 492 1.60 64.35 21.31
C ASN A 492 0.87 65.11 22.42
N ASN A 493 -0.44 64.87 22.52
CA ASN A 493 -1.25 65.43 23.60
C ASN A 493 -1.76 64.36 24.55
N ASN A 494 -1.21 63.14 24.48
CA ASN A 494 -1.46 62.05 25.41
C ASN A 494 -2.86 61.46 25.29
N GLY A 495 -3.53 61.59 24.16
CA GLY A 495 -4.83 60.96 24.06
C GLY A 495 -5.59 61.29 22.79
N ILE A 496 -6.79 60.72 22.72
CA ILE A 496 -7.72 60.97 21.63
C ILE A 496 -8.46 62.27 21.94
N PHE A 497 -8.43 63.22 21.01
CA PHE A 497 -8.99 64.55 21.17
C PHE A 497 -8.21 65.35 22.22
N ARG A 498 -8.23 64.87 23.47
CA ARG A 498 -7.45 65.47 24.55
C ARG A 498 -6.82 64.34 25.37
N GLY A 499 -6.08 64.73 26.40
CA GLY A 499 -5.45 63.76 27.28
C GLY A 499 -5.84 63.91 28.74
N THR A 500 -7.01 64.47 28.99
CA THR A 500 -7.45 64.79 30.34
C THR A 500 -8.49 63.83 30.90
N ASP A 501 -8.93 62.83 30.12
CA ASP A 501 -9.93 61.89 30.60
C ASP A 501 -9.33 60.98 31.67
N THR A 502 -10.19 60.59 32.63
CA THR A 502 -9.77 59.78 33.75
C THR A 502 -10.82 58.73 34.07
N ASP A 503 -10.37 57.63 34.65
CA ASP A 503 -11.26 56.58 35.12
C ASP A 503 -11.98 57.06 36.38
N PRO A 504 -13.31 57.16 36.37
CA PRO A 504 -14.02 57.58 37.60
C PRO A 504 -13.88 56.59 38.74
N THR A 505 -13.56 55.33 38.46
CA THR A 505 -13.32 54.37 39.54
C THR A 505 -11.90 54.42 40.07
N GLY A 506 -11.02 55.20 39.46
CA GLY A 506 -9.65 55.33 39.95
C GLY A 506 -8.82 54.07 39.84
N ARG A 507 -9.14 53.18 38.91
CA ARG A 507 -8.42 51.93 38.74
C ARG A 507 -7.58 51.88 37.49
N ASP A 508 -8.06 52.44 36.38
CA ASP A 508 -7.38 52.36 35.09
C ASP A 508 -7.04 53.75 34.57
N PRO A 509 -6.30 53.87 33.48
CA PRO A 509 -6.24 55.15 32.76
C PRO A 509 -7.57 55.46 32.09
N GLY A 510 -7.65 56.67 31.54
CA GLY A 510 -8.85 57.06 30.82
C GLY A 510 -9.04 56.27 29.55
N THR A 511 -10.31 56.19 29.12
CA THR A 511 -10.65 55.43 27.91
C THR A 511 -9.96 55.99 26.68
N THR A 512 -9.60 57.27 26.67
CA THR A 512 -9.05 57.91 25.49
C THR A 512 -7.62 58.40 25.64
N VAL A 513 -6.98 58.20 26.78
CA VAL A 513 -5.61 58.68 26.98
C VAL A 513 -4.62 57.57 26.62
N PHE A 514 -3.34 57.94 26.54
CA PHE A 514 -2.25 56.99 26.34
C PHE A 514 -1.25 57.15 27.49
N VAL A 515 -0.13 56.42 27.38
CA VAL A 515 0.96 56.60 28.33
C VAL A 515 1.38 58.06 28.32
N LYS A 516 1.40 58.68 29.50
CA LYS A 516 1.69 60.10 29.59
C LYS A 516 3.13 60.39 29.20
N ASN A 517 3.31 61.41 28.36
CA ASN A 517 4.64 61.83 27.87
C ASN A 517 5.33 60.70 27.11
N SER A 518 4.59 60.02 26.25
CA SER A 518 5.20 59.04 25.36
C SER A 518 6.24 59.71 24.49
N ARG A 519 7.37 59.02 24.31
CA ARG A 519 8.49 59.54 23.53
C ARG A 519 8.60 58.75 22.23
N TYR A 520 7.70 59.04 21.30
CA TYR A 520 7.70 58.35 20.01
C TYR A 520 9.02 58.54 19.27
N ASP A 521 9.78 59.59 19.60
CA ASP A 521 11.07 59.78 18.97
C ASP A 521 12.01 58.61 19.29
N LYS A 522 11.92 58.07 20.50
CA LYS A 522 12.70 56.89 20.84
C LYS A 522 12.28 55.69 19.99
N MET A 523 11.00 55.61 19.61
CA MET A 523 10.55 54.52 18.76
C MET A 523 11.20 54.59 17.39
N MET A 524 11.36 55.79 16.84
CA MET A 524 12.02 55.93 15.55
C MET A 524 13.50 55.59 15.66
N GLU A 525 14.15 55.95 16.77
CA GLU A 525 15.55 55.61 16.97
C GLU A 525 15.78 54.10 16.99
N ALA A 526 14.75 53.32 17.28
CA ALA A 526 14.89 51.87 17.31
C ALA A 526 15.22 51.29 15.94
N PHE A 527 14.96 52.03 14.86
CA PHE A 527 15.16 51.52 13.51
C PHE A 527 16.15 52.38 12.72
N GLY A 528 17.03 53.09 13.40
CA GLY A 528 18.04 53.91 12.74
C GLY A 528 17.57 55.26 12.27
N GLY A 529 16.32 55.64 12.52
CA GLY A 529 15.84 56.94 12.11
C GLY A 529 16.13 58.02 13.14
N VAL A 530 16.06 59.27 12.67
CA VAL A 530 16.29 60.41 13.55
C VAL A 530 15.11 60.58 14.50
N GLY A 531 15.40 60.73 15.78
CA GLY A 531 14.38 60.98 16.78
C GLY A 531 14.59 62.27 17.52
N VAL A 532 13.60 63.16 17.49
CA VAL A 532 13.70 64.48 18.09
C VAL A 532 12.48 64.72 18.98
N ASN A 533 12.68 65.43 20.09
CA ASN A 533 11.59 65.86 20.97
C ASN A 533 11.65 67.37 21.08
N VAL A 534 10.51 68.03 20.85
CA VAL A 534 10.44 69.49 20.86
C VAL A 534 9.26 69.93 21.70
N THR A 535 9.39 71.12 22.30
CA THR A 535 8.35 71.66 23.18
C THR A 535 7.89 73.06 22.81
N THR A 536 8.54 73.73 21.86
CA THR A 536 8.19 75.08 21.45
C THR A 536 8.07 75.14 19.94
N PRO A 537 7.35 76.12 19.40
CA PRO A 537 7.24 76.22 17.93
C PRO A 537 8.58 76.39 17.24
N ASP A 538 9.51 77.15 17.84
CA ASP A 538 10.81 77.35 17.22
CA ASP A 538 10.80 77.36 17.20
C ASP A 538 11.63 76.07 17.21
N GLU A 539 11.58 75.30 18.30
CA GLU A 539 12.24 74.01 18.31
C GLU A 539 11.66 73.08 17.25
N LEU A 540 10.34 73.18 17.03
CA LEU A 540 9.70 72.39 15.99
C LEU A 540 10.12 72.87 14.60
N LYS A 541 10.16 74.19 14.40
CA LYS A 541 10.54 74.73 13.10
C LYS A 541 11.97 74.34 12.74
N ARG A 542 12.89 74.41 13.69
CA ARG A 542 14.28 74.04 13.41
C ARG A 542 14.41 72.55 13.13
N ALA A 543 13.71 71.71 13.89
CA ALA A 543 13.83 70.27 13.70
C ALA A 543 13.25 69.82 12.37
N VAL A 544 12.17 70.48 11.91
CA VAL A 544 11.58 70.12 10.62
C VAL A 544 12.49 70.54 9.48
N ASP A 545 13.06 71.75 9.56
CA ASP A 545 13.98 72.21 8.52
C ASP A 545 15.18 71.28 8.39
N GLU A 546 15.78 70.91 9.53
CA GLU A 546 16.91 69.98 9.50
C GLU A 546 16.54 68.67 8.81
N ALA A 547 15.33 68.15 9.09
CA ALA A 547 14.93 66.86 8.54
C ALA A 547 14.62 66.95 7.06
N MET A 548 13.89 67.99 6.64
CA MET A 548 13.50 68.10 5.24
C MET A 548 14.63 68.58 4.34
N ASN A 549 15.64 69.25 4.90
CA ASN A 549 16.80 69.62 4.09
C ASN A 549 17.74 68.43 3.88
N SER A 550 17.81 67.52 4.85
CA SER A 550 18.74 66.41 4.78
C SER A 550 18.13 65.18 4.11
N GLY A 551 16.81 65.06 4.08
CA GLY A 551 16.16 63.90 3.51
C GLY A 551 16.25 62.64 4.34
N LYS A 552 16.56 62.75 5.64
CA LYS A 552 16.67 61.53 6.41
C LYS A 552 15.37 61.23 7.14
N PRO A 553 15.01 59.95 7.25
CA PRO A 553 13.78 59.57 7.97
C PRO A 553 13.80 60.09 9.39
N THR A 554 12.77 60.85 9.76
CA THR A 554 12.76 61.57 11.02
C THR A 554 11.36 61.54 11.62
N LEU A 555 11.30 61.33 12.93
CA LEU A 555 10.07 61.46 13.70
C LEU A 555 10.30 62.49 14.78
N ILE A 556 9.47 63.53 14.80
CA ILE A 556 9.56 64.62 15.76
C ILE A 556 8.40 64.48 16.73
N ASN A 557 8.70 64.10 17.98
CA ASN A 557 7.69 64.01 19.02
C ASN A 557 7.48 65.41 19.58
N ALA A 558 6.33 66.01 19.26
CA ALA A 558 6.02 67.38 19.67
C ALA A 558 5.02 67.34 20.81
N GLU A 559 5.34 68.05 21.89
CA GLU A 559 4.50 68.06 23.09
C GLU A 559 3.41 69.12 22.92
N ILE A 560 2.16 68.68 22.87
CA ILE A 560 1.01 69.55 22.74
C ILE A 560 0.26 69.55 24.06
N ASP A 561 -0.29 70.71 24.43
CA ASP A 561 -1.10 70.87 25.63
C ASP A 561 -2.21 69.82 25.65
N PRO A 562 -2.23 68.93 26.64
CA PRO A 562 -3.29 67.91 26.70
C PRO A 562 -4.68 68.49 26.94
N ALA A 563 -4.78 69.76 27.32
CA ALA A 563 -6.07 70.40 27.54
C ALA A 563 -6.57 71.15 26.32
N ALA A 564 -5.69 71.47 25.37
CA ALA A 564 -6.10 72.20 24.18
C ALA A 564 -6.90 71.31 23.24
N GLY A 565 -7.71 71.94 22.40
CA GLY A 565 -8.50 71.24 21.42
C GLY A 565 -9.95 71.06 21.84
N SER A 566 -10.60 70.11 21.16
CA SER A 566 -12.00 69.81 21.42
C SER A 566 -12.20 68.31 21.46
N GLU A 567 -13.34 67.90 22.03
CA GLU A 567 -13.74 66.50 22.03
C GLU A 567 -14.65 66.22 20.83
N GLY A 568 -14.06 66.38 19.64
CA GLY A 568 -14.80 66.20 18.40
C GLY A 568 -14.12 66.90 17.23
N PRO B 21 -41.97 58.83 35.61
CA PRO B 21 -41.03 58.10 36.45
C PRO B 21 -39.60 58.19 35.92
N GLU B 22 -38.70 57.39 36.48
CA GLU B 22 -37.30 57.43 36.04
C GLU B 22 -37.17 56.89 34.62
N LEU B 23 -36.25 57.49 33.86
CA LEU B 23 -35.99 57.12 32.49
C LEU B 23 -34.57 56.57 32.37
N THR B 24 -34.38 55.75 31.34
CA THR B 24 -33.06 55.24 30.97
C THR B 24 -32.88 55.40 29.47
N ASP B 25 -31.68 55.07 28.98
CA ASP B 25 -31.38 55.24 27.57
C ASP B 25 -30.69 53.99 27.03
N GLY B 26 -30.42 54.00 25.72
CA GLY B 26 -29.74 52.89 25.09
C GLY B 26 -28.31 52.72 25.54
N PHE B 27 -27.64 53.82 25.91
CA PHE B 27 -26.30 53.72 26.49
C PHE B 27 -26.32 52.81 27.71
N HIS B 28 -27.28 53.01 28.61
CA HIS B 28 -27.32 52.24 29.85
C HIS B 28 -27.90 50.84 29.64
N LEU B 29 -28.85 50.67 28.72
CA LEU B 29 -29.40 49.35 28.47
C LEU B 29 -28.33 48.41 27.90
N VAL B 30 -27.45 48.93 27.04
CA VAL B 30 -26.39 48.10 26.49
C VAL B 30 -25.44 47.63 27.58
N ILE B 31 -25.06 48.54 28.49
CA ILE B 31 -24.15 48.15 29.57
C ILE B 31 -24.84 47.20 30.54
N ASP B 32 -26.07 47.55 30.94
CA ASP B 32 -26.81 46.71 31.89
C ASP B 32 -27.08 45.33 31.31
N ALA B 33 -27.25 45.22 29.99
CA ALA B 33 -27.41 43.91 29.38
C ALA B 33 -26.11 43.12 29.44
N LEU B 34 -24.97 43.78 29.21
CA LEU B 34 -23.69 43.08 29.28
C LEU B 34 -23.34 42.72 30.72
N LYS B 35 -23.58 43.64 31.67
CA LYS B 35 -23.33 43.33 33.08
C LYS B 35 -24.17 42.14 33.54
N LEU B 36 -25.43 42.10 33.13
CA LEU B 36 -26.35 41.07 33.61
C LEU B 36 -25.91 39.68 33.21
N ASN B 37 -25.21 39.54 32.08
CA ASN B 37 -24.82 38.24 31.56
C ASN B 37 -23.36 37.90 31.84
N GLY B 38 -22.70 38.64 32.72
CA GLY B 38 -21.38 38.25 33.17
C GLY B 38 -20.20 38.89 32.44
N ILE B 39 -20.46 39.83 31.53
CA ILE B 39 -19.36 40.51 30.85
C ILE B 39 -18.63 41.39 31.86
N GLU B 40 -17.31 41.22 31.94
CA GLU B 40 -16.49 41.99 32.85
C GLU B 40 -15.47 42.88 32.15
N THR B 41 -15.28 42.73 30.84
CA THR B 41 -14.20 43.41 30.14
C THR B 41 -14.68 43.83 28.75
N ILE B 42 -14.27 45.03 28.35
CA ILE B 42 -14.53 45.55 27.01
C ILE B 42 -13.18 45.93 26.39
N TYR B 43 -12.83 45.31 25.28
CA TYR B 43 -11.68 45.71 24.48
C TYR B 43 -12.19 46.57 23.33
N ASN B 44 -11.60 47.75 23.13
CA ASN B 44 -12.20 48.69 22.21
C ASN B 44 -11.17 49.71 21.72
N VAL B 45 -11.63 50.58 20.83
CA VAL B 45 -10.94 51.80 20.41
C VAL B 45 -11.98 52.90 20.37
N PRO B 46 -11.86 53.96 21.16
CA PRO B 46 -12.91 54.98 21.22
C PRO B 46 -13.06 55.74 19.92
N GLY B 47 -14.17 56.44 19.82
CA GLY B 47 -14.47 57.26 18.65
C GLY B 47 -15.97 57.42 18.49
N ILE B 48 -16.34 58.03 17.38
CA ILE B 48 -17.75 58.24 17.05
C ILE B 48 -18.32 56.96 16.44
N PRO B 49 -19.46 56.45 16.93
CA PRO B 49 -20.31 57.04 17.96
C PRO B 49 -20.29 56.35 19.33
N ILE B 50 -19.19 55.73 19.74
CA ILE B 50 -19.21 54.82 20.87
C ILE B 50 -18.29 55.26 22.00
N THR B 51 -17.80 56.51 21.98
CA THR B 51 -16.89 56.94 23.04
C THR B 51 -17.59 56.99 24.40
N ASP B 52 -18.83 57.50 24.42
CA ASP B 52 -19.55 57.61 25.69
C ASP B 52 -19.97 56.26 26.22
N LEU B 53 -20.24 55.30 25.33
CA LEU B 53 -20.55 53.94 25.77
C LEU B 53 -19.40 53.33 26.54
N GLY B 54 -18.16 53.55 26.05
CA GLY B 54 -17.00 53.01 26.75
C GLY B 54 -16.71 53.73 28.05
N ARG B 55 -16.99 55.04 28.10
CA ARG B 55 -16.81 55.78 29.36
C ARG B 55 -17.82 55.33 30.41
N LEU B 56 -19.06 55.07 29.99
CA LEU B 56 -20.08 54.63 30.93
C LEU B 56 -19.79 53.23 31.45
N ALA B 57 -19.23 52.37 30.60
CA ALA B 57 -18.83 51.05 31.07
C ALA B 57 -17.77 51.15 32.15
N GLN B 58 -16.84 52.10 32.01
CA GLN B 58 -15.88 52.38 33.06
C GLN B 58 -16.59 52.87 34.32
N ALA B 59 -17.60 53.70 34.16
CA ALA B 59 -18.33 54.23 35.31
C ALA B 59 -19.20 53.15 35.96
N GLU B 60 -19.58 52.12 35.21
CA GLU B 60 -20.41 51.03 35.72
C GLU B 60 -19.60 49.83 36.18
N GLY B 61 -18.27 49.91 36.16
CA GLY B 61 -17.43 48.90 36.75
C GLY B 61 -16.76 47.94 35.78
N LEU B 62 -17.09 48.00 34.49
CA LEU B 62 -16.42 47.15 33.53
C LEU B 62 -15.02 47.69 33.25
N ARG B 63 -14.11 46.79 32.92
CA ARG B 63 -12.75 47.18 32.56
C ARG B 63 -12.73 47.41 31.04
N VAL B 64 -12.31 48.61 30.64
CA VAL B 64 -12.24 48.99 29.24
C VAL B 64 -10.76 49.11 28.87
N ILE B 65 -10.30 48.19 28.04
CA ILE B 65 -8.94 48.22 27.51
C ILE B 65 -9.01 48.85 26.13
N SER B 66 -8.36 50.00 25.97
CA SER B 66 -8.34 50.73 24.71
C SER B 66 -7.02 50.45 23.99
N PHE B 67 -7.12 49.96 22.76
CA PHE B 67 -5.97 49.60 21.95
C PHE B 67 -5.62 50.73 20.98
N ARG B 68 -4.55 50.52 20.22
CA ARG B 68 -4.17 51.47 19.18
C ARG B 68 -4.73 51.11 17.81
N HIS B 69 -5.16 49.87 17.62
CA HIS B 69 -5.80 49.43 16.40
C HIS B 69 -6.91 48.45 16.76
N GLU B 70 -7.97 48.44 15.96
CA GLU B 70 -9.15 47.65 16.31
C GLU B 70 -8.94 46.16 16.10
N GLN B 71 -8.03 45.78 15.19
CA GLN B 71 -7.79 44.37 14.94
C GLN B 71 -7.20 43.68 16.16
N ASN B 72 -6.29 44.36 16.85
CA ASN B 72 -5.68 43.81 18.06
C ASN B 72 -6.65 43.81 19.22
N ALA B 73 -7.63 44.72 19.23
CA ALA B 73 -8.70 44.65 20.21
C ALA B 73 -9.57 43.42 19.99
N GLY B 74 -9.88 43.11 18.73
CA GLY B 74 -10.70 41.95 18.44
C GLY B 74 -9.95 40.63 18.61
N ASN B 75 -8.65 40.63 18.33
CA ASN B 75 -7.84 39.45 18.62
C ASN B 75 -7.84 39.18 20.12
N ALA B 76 -7.83 40.24 20.93
CA ALA B 76 -7.95 40.05 22.37
C ALA B 76 -9.29 39.42 22.72
N ALA B 77 -10.38 39.91 22.10
CA ALA B 77 -11.70 39.36 22.41
C ALA B 77 -11.80 37.90 21.98
N ALA B 78 -11.17 37.55 20.85
CA ALA B 78 -11.23 36.16 20.38
C ALA B 78 -10.53 35.22 21.35
N ILE B 79 -9.32 35.57 21.78
CA ILE B 79 -8.59 34.68 22.67
C ILE B 79 -9.17 34.74 24.07
N ALA B 80 -9.78 35.87 24.46
CA ALA B 80 -10.46 35.93 25.75
C ALA B 80 -11.65 34.97 25.79
N GLY B 81 -12.31 34.78 24.65
CA GLY B 81 -13.39 33.81 24.59
C GLY B 81 -12.88 32.38 24.71
N PHE B 82 -11.78 32.08 24.02
CA PHE B 82 -11.15 30.77 24.14
C PHE B 82 -10.80 30.46 25.59
N LEU B 83 -10.26 31.45 26.31
CA LEU B 83 -9.83 31.20 27.68
C LEU B 83 -11.01 31.09 28.64
N THR B 84 -12.07 31.87 28.42
CA THR B 84 -13.13 31.99 29.43
C THR B 84 -14.37 31.16 29.12
N LYS B 85 -14.52 30.65 27.89
CA LYS B 85 -15.74 30.01 27.41
C LYS B 85 -16.95 30.93 27.47
N LYS B 86 -16.72 32.22 27.72
CA LYS B 86 -17.66 33.31 27.70
C LYS B 86 -17.27 34.26 26.57
N PRO B 87 -18.24 34.90 25.92
CA PRO B 87 -17.92 35.68 24.71
C PRO B 87 -17.03 36.88 25.02
N GLY B 88 -16.09 37.13 24.11
CA GLY B 88 -15.22 38.30 24.21
C GLY B 88 -15.83 39.47 23.45
N ILE B 89 -15.74 40.65 24.04
CA ILE B 89 -16.43 41.83 23.55
C ILE B 89 -15.40 42.81 22.98
N CYS B 90 -15.58 43.15 21.71
CA CYS B 90 -14.82 44.20 21.05
C CYS B 90 -15.81 45.29 20.64
N LEU B 91 -15.60 46.50 21.14
CA LEU B 91 -16.44 47.63 20.82
C LEU B 91 -15.71 48.48 19.80
N THR B 92 -16.28 48.63 18.62
CA THR B 92 -15.63 49.48 17.64
C THR B 92 -16.57 50.54 17.11
N VAL B 93 -16.02 51.22 16.11
CA VAL B 93 -16.42 52.50 15.56
C VAL B 93 -17.03 52.14 14.22
N SER B 94 -17.66 53.08 13.53
CA SER B 94 -18.28 52.75 12.26
C SER B 94 -17.23 52.31 11.23
N ALA B 95 -17.72 51.86 10.05
CA ALA B 95 -17.07 51.28 8.88
C ALA B 95 -15.54 51.17 8.92
N PRO B 96 -14.75 52.26 8.89
CA PRO B 96 -13.27 52.07 8.94
C PRO B 96 -12.82 51.20 10.11
N GLY B 97 -13.34 51.46 11.31
CA GLY B 97 -12.96 50.64 12.45
C GLY B 97 -13.70 49.31 12.51
N PHE B 98 -14.94 49.28 12.00
CA PHE B 98 -15.68 48.02 11.94
C PHE B 98 -14.96 47.00 11.07
N LEU B 99 -14.47 47.43 9.90
CA LEU B 99 -13.69 46.54 9.06
C LEU B 99 -12.43 46.07 9.76
N ASN B 100 -11.78 46.97 10.51
CA ASN B 100 -10.57 46.58 11.22
C ASN B 100 -10.86 45.50 12.25
N GLY B 101 -11.99 45.62 12.96
CA GLY B 101 -12.36 44.59 13.90
C GLY B 101 -12.97 43.37 13.24
N LEU B 102 -13.58 43.54 12.07
CA LEU B 102 -14.20 42.42 11.37
C LEU B 102 -13.17 41.39 10.93
N THR B 103 -11.94 41.82 10.64
CA THR B 103 -10.89 40.88 10.29
C THR B 103 -10.63 39.88 11.40
N ALA B 104 -10.48 40.37 12.63
CA ALA B 104 -10.28 39.49 13.77
C ALA B 104 -11.54 38.69 14.08
N LEU B 105 -12.71 39.25 13.80
CA LEU B 105 -13.95 38.51 14.01
C LEU B 105 -14.02 37.31 13.08
N ALA B 106 -13.55 37.46 11.84
CA ALA B 106 -13.51 36.33 10.93
C ALA B 106 -12.50 35.28 11.37
N ASN B 107 -11.38 35.71 11.97
CA ASN B 107 -10.41 34.75 12.49
C ASN B 107 -10.97 33.97 13.66
N ALA B 108 -11.72 34.63 14.55
CA ALA B 108 -12.36 33.94 15.65
C ALA B 108 -13.34 32.89 15.15
N THR B 109 -14.05 33.19 14.07
CA THR B 109 -14.96 32.22 13.47
C THR B 109 -14.19 31.01 12.93
N THR B 110 -12.98 31.26 12.42
CA THR B 110 -12.17 30.16 11.88
C THR B 110 -11.61 29.28 12.99
N ASN B 111 -11.31 29.87 14.15
CA ASN B 111 -10.73 29.13 15.27
C ASN B 111 -11.78 28.67 16.28
N CYS B 112 -13.07 28.91 16.01
CA CYS B 112 -14.14 28.54 16.92
C CYS B 112 -13.97 29.23 18.28
N PHE B 113 -13.65 30.52 18.24
CA PHE B 113 -13.49 31.30 19.46
C PHE B 113 -14.72 32.15 19.68
N PRO B 114 -15.42 32.01 20.81
CA PRO B 114 -16.60 32.85 21.05
C PRO B 114 -16.20 34.31 21.18
N MET B 115 -16.91 35.17 20.45
CA MET B 115 -16.58 36.58 20.37
C MET B 115 -17.77 37.35 19.82
N ILE B 116 -18.01 38.54 20.37
CA ILE B 116 -19.03 39.46 19.89
C ILE B 116 -18.35 40.74 19.47
N LEU B 117 -18.49 41.11 18.20
CA LEU B 117 -18.01 42.39 17.69
C LEU B 117 -19.16 43.39 17.77
N ILE B 118 -19.05 44.35 18.67
CA ILE B 118 -20.04 45.41 18.82
C ILE B 118 -19.49 46.65 18.12
N SER B 119 -20.25 47.20 17.19
CA SER B 119 -19.82 48.38 16.46
C SER B 119 -20.99 49.35 16.32
N GLY B 120 -20.72 50.63 16.55
CA GLY B 120 -21.65 51.64 16.17
C GLY B 120 -21.80 51.73 14.66
N SER B 121 -22.92 52.30 14.23
CA SER B 121 -23.19 52.48 12.82
C SER B 121 -23.89 53.81 12.60
N SER B 122 -23.93 54.24 11.35
CA SER B 122 -24.42 55.57 11.01
C SER B 122 -25.95 55.56 10.89
N GLU B 123 -26.50 56.66 10.35
CA GLU B 123 -27.93 56.78 10.18
C GLU B 123 -28.44 55.78 9.15
N ARG B 124 -29.47 55.01 9.54
CA ARG B 124 -29.96 53.95 8.67
C ARG B 124 -30.60 54.50 7.40
N GLU B 125 -31.26 55.65 7.47
CA GLU B 125 -31.93 56.18 6.29
C GLU B 125 -30.97 56.79 5.28
N ILE B 126 -29.77 57.18 5.69
CA ILE B 126 -28.77 57.68 4.76
C ILE B 126 -27.94 56.55 4.16
N VAL B 127 -27.67 55.50 4.94
CA VAL B 127 -26.92 54.36 4.42
C VAL B 127 -27.78 53.54 3.47
N ASP B 128 -29.08 53.44 3.74
CA ASP B 128 -29.96 52.66 2.89
C ASP B 128 -30.03 53.23 1.48
N LEU B 129 -30.01 54.56 1.36
CA LEU B 129 -29.97 55.21 0.06
C LEU B 129 -28.55 55.49 -0.43
N GLN B 130 -27.53 55.08 0.33
CA GLN B 130 -26.13 55.19 -0.07
C GLN B 130 -25.77 56.62 -0.45
N GLN B 131 -26.14 57.56 0.43
CA GLN B 131 -25.97 58.98 0.16
C GLN B 131 -24.67 59.54 0.70
N GLY B 132 -23.78 58.69 1.22
CA GLY B 132 -22.48 59.14 1.70
C GLY B 132 -22.48 59.67 3.12
N ASP B 133 -23.06 58.90 4.05
CA ASP B 133 -23.09 59.29 5.44
C ASP B 133 -21.69 59.21 6.05
N TYR B 134 -21.56 59.72 7.28
CA TYR B 134 -20.33 59.56 8.03
C TYR B 134 -20.11 58.08 8.33
N GLY B 135 -18.98 57.55 7.88
CA GLY B 135 -18.69 56.14 8.04
C GLY B 135 -19.77 55.25 7.46
N GLU B 136 -20.23 55.58 6.25
CA GLU B 136 -21.33 54.84 5.66
C GLU B 136 -20.92 53.41 5.31
N MET B 137 -21.72 52.45 5.77
CA MET B 137 -21.62 51.05 5.38
C MET B 137 -22.76 50.27 6.01
N ASP B 138 -23.43 49.42 5.23
CA ASP B 138 -24.40 48.48 5.78
C ASP B 138 -23.57 47.38 6.46
N GLN B 139 -23.14 47.68 7.69
CA GLN B 139 -22.22 46.78 8.39
C GLN B 139 -22.86 45.43 8.69
N LEU B 140 -24.18 45.39 8.86
CA LEU B 140 -24.86 44.11 9.04
C LEU B 140 -24.70 43.24 7.79
N ALA B 141 -24.97 43.82 6.63
CA ALA B 141 -24.88 43.06 5.38
C ALA B 141 -23.43 42.69 5.07
N ILE B 142 -22.48 43.57 5.42
CA ILE B 142 -21.08 43.28 5.13
C ILE B 142 -20.53 42.22 6.09
N ALA B 143 -21.04 42.16 7.32
CA ALA B 143 -20.50 41.23 8.30
C ALA B 143 -20.94 39.79 8.04
N LYS B 144 -22.13 39.60 7.49
CA LYS B 144 -22.71 38.25 7.42
C LYS B 144 -21.87 37.23 6.67
N PRO B 145 -21.18 37.54 5.56
CA PRO B 145 -20.38 36.51 4.89
C PRO B 145 -19.12 36.12 5.64
N LEU B 146 -18.75 36.83 6.71
CA LEU B 146 -17.45 36.65 7.34
C LEU B 146 -17.50 36.20 8.80
N CYS B 147 -18.68 36.15 9.42
CA CYS B 147 -18.79 35.74 10.81
C CYS B 147 -19.91 34.71 10.96
N LYS B 148 -20.08 34.21 12.18
CA LYS B 148 -21.07 33.16 12.43
C LYS B 148 -22.48 33.70 12.33
N ALA B 149 -22.75 34.85 12.96
CA ALA B 149 -24.08 35.45 12.91
C ALA B 149 -23.93 36.95 13.09
N ALA B 150 -24.96 37.67 12.67
CA ALA B 150 -24.98 39.13 12.73
C ALA B 150 -26.37 39.62 13.07
N PHE B 151 -26.44 40.63 13.94
CA PHE B 151 -27.70 41.21 14.37
C PHE B 151 -27.58 42.72 14.42
N ARG B 152 -28.71 43.40 14.26
CA ARG B 152 -28.76 44.85 14.35
C ARG B 152 -29.97 45.24 15.18
N VAL B 153 -29.78 46.16 16.11
CA VAL B 153 -30.79 46.53 17.10
C VAL B 153 -31.23 47.96 16.83
N LEU B 154 -32.46 48.13 16.35
CA LEU B 154 -32.98 49.45 16.04
C LEU B 154 -33.72 50.11 17.20
N HIS B 155 -34.37 49.32 18.05
CA HIS B 155 -35.20 49.84 19.13
C HIS B 155 -34.59 49.50 20.48
N ALA B 156 -34.68 50.44 21.42
CA ALA B 156 -34.03 50.28 22.72
C ALA B 156 -34.66 49.14 23.53
N ALA B 157 -35.97 48.92 23.38
CA ALA B 157 -36.62 47.82 24.09
C ALA B 157 -36.12 46.46 23.64
N ASP B 158 -35.42 46.38 22.51
CA ASP B 158 -34.89 45.14 21.99
C ASP B 158 -33.39 44.99 22.22
N ILE B 159 -32.78 45.92 22.97
CA ILE B 159 -31.35 45.80 23.28
C ILE B 159 -31.08 44.53 24.05
N GLY B 160 -31.91 44.21 25.05
CA GLY B 160 -31.69 43.04 25.87
C GLY B 160 -31.78 41.74 25.08
N ILE B 161 -32.82 41.62 24.25
CA ILE B 161 -32.95 40.45 23.38
C ILE B 161 -31.79 40.40 22.40
N GLY B 162 -31.41 41.56 21.85
CA GLY B 162 -30.29 41.58 20.91
C GLY B 162 -29.00 41.07 21.51
N VAL B 163 -28.69 41.49 22.74
CA VAL B 163 -27.50 40.98 23.41
C VAL B 163 -27.65 39.50 23.71
N ALA B 164 -28.87 39.05 24.03
CA ALA B 164 -29.09 37.63 24.28
C ALA B 164 -28.79 36.79 23.03
N ARG B 165 -29.32 37.21 21.89
CA ARG B 165 -29.06 36.47 20.65
C ARG B 165 -27.57 36.48 20.31
N ALA B 166 -26.90 37.59 20.59
CA ALA B 166 -25.46 37.67 20.31
C ALA B 166 -24.68 36.68 21.16
N ILE B 167 -25.06 36.52 22.43
CA ILE B 167 -24.34 35.62 23.33
C ILE B 167 -24.62 34.17 22.95
N ARG B 168 -25.89 33.83 22.75
CA ARG B 168 -26.25 32.45 22.43
C ARG B 168 -25.56 31.99 21.14
N ALA B 169 -25.58 32.84 20.11
CA ALA B 169 -24.92 32.48 18.85
C ALA B 169 -23.42 32.37 19.03
N ALA B 170 -22.84 33.09 19.98
CA ALA B 170 -21.39 33.10 20.14
C ALA B 170 -20.89 31.83 20.83
N VAL B 171 -21.61 31.33 21.84
CA VAL B 171 -21.10 30.23 22.65
C VAL B 171 -21.75 28.89 22.35
N SER B 172 -22.92 28.87 21.72
CA SER B 172 -23.59 27.60 21.46
C SER B 172 -23.07 26.97 20.17
N GLY B 173 -23.44 25.70 19.97
CA GLY B 173 -22.97 24.95 18.81
C GLY B 173 -21.47 24.98 18.71
N ARG B 174 -20.97 25.14 17.49
CA ARG B 174 -19.57 25.49 17.29
C ARG B 174 -19.40 26.98 17.57
N PRO B 175 -18.63 27.38 18.58
CA PRO B 175 -18.50 28.80 18.89
C PRO B 175 -17.89 29.57 17.74
N GLY B 176 -18.11 30.88 17.75
CA GLY B 176 -17.61 31.71 16.67
C GLY B 176 -17.91 33.17 16.93
N GLY B 177 -17.50 34.00 15.98
CA GLY B 177 -17.66 35.43 16.12
C GLY B 177 -19.04 35.90 15.68
N VAL B 178 -19.59 36.85 16.44
CA VAL B 178 -20.91 37.41 16.17
C VAL B 178 -20.78 38.93 16.07
N TYR B 179 -21.44 39.52 15.09
CA TYR B 179 -21.47 40.96 14.93
C TYR B 179 -22.79 41.51 15.49
N LEU B 180 -22.70 42.54 16.32
CA LEU B 180 -23.86 43.21 16.90
C LEU B 180 -23.82 44.66 16.49
N ASP B 181 -24.76 45.07 15.66
CA ASP B 181 -24.79 46.43 15.10
C ASP B 181 -25.71 47.31 15.94
N LEU B 182 -25.15 48.39 16.47
CA LEU B 182 -25.91 49.36 17.27
C LEU B 182 -25.88 50.71 16.56
N PRO B 183 -26.95 51.09 15.86
CA PRO B 183 -27.00 52.43 15.25
C PRO B 183 -26.85 53.52 16.29
N ALA B 184 -26.31 54.66 15.85
CA ALA B 184 -26.02 55.76 16.78
C ALA B 184 -27.29 56.31 17.42
N LYS B 185 -28.41 56.28 16.69
CA LYS B 185 -29.67 56.74 17.27
C LYS B 185 -30.18 55.80 18.35
N LEU B 186 -29.71 54.55 18.39
CA LEU B 186 -30.17 53.61 19.40
C LEU B 186 -29.72 54.05 20.79
N PHE B 187 -28.51 54.61 20.89
CA PHE B 187 -27.98 55.01 22.19
C PHE B 187 -28.81 56.15 22.79
N SER B 188 -29.26 57.08 21.96
CA SER B 188 -29.93 58.28 22.45
C SER B 188 -31.40 58.06 22.77
N GLN B 189 -31.99 56.92 22.39
CA GLN B 189 -33.38 56.66 22.71
C GLN B 189 -33.59 56.61 24.21
N VAL B 190 -34.77 57.04 24.65
CA VAL B 190 -35.10 57.16 26.07
C VAL B 190 -36.43 56.46 26.33
N ILE B 191 -36.43 55.46 27.21
CA ILE B 191 -37.63 54.75 27.60
C ILE B 191 -37.72 54.70 29.12
N ASP B 192 -38.87 54.25 29.61
CA ASP B 192 -39.09 54.11 31.05
C ASP B 192 -38.09 53.13 31.64
N ALA B 193 -37.49 53.51 32.77
CA ALA B 193 -36.39 52.74 33.34
C ALA B 193 -36.86 51.36 33.81
N ASP B 194 -38.02 51.29 34.46
CA ASP B 194 -38.54 49.99 34.90
C ASP B 194 -38.86 49.09 33.71
N LEU B 195 -39.44 49.66 32.66
CA LEU B 195 -39.72 48.89 31.45
C LEU B 195 -38.43 48.38 30.82
N GLY B 196 -37.37 49.19 30.84
CA GLY B 196 -36.10 48.76 30.28
C GLY B 196 -35.48 47.61 31.07
N ALA B 197 -35.63 47.65 32.40
CA ALA B 197 -35.07 46.58 33.23
C ALA B 197 -35.74 45.24 32.92
N ARG B 198 -37.06 45.23 32.77
CA ARG B 198 -37.77 44.00 32.44
C ARG B 198 -37.54 43.55 31.00
N SER B 199 -36.78 44.30 30.21
CA SER B 199 -36.44 43.89 28.85
C SER B 199 -35.11 43.17 28.78
N LEU B 200 -34.24 43.34 29.76
CA LEU B 200 -32.96 42.65 29.78
C LEU B 200 -33.17 41.16 29.99
N VAL B 201 -32.26 40.36 29.41
CA VAL B 201 -32.37 38.90 29.44
C VAL B 201 -31.08 38.33 29.99
N LYS B 202 -31.18 37.60 31.10
CA LYS B 202 -30.07 36.78 31.59
C LYS B 202 -30.17 35.41 30.93
N VAL B 203 -29.23 35.12 30.03
CA VAL B 203 -29.32 33.93 29.20
C VAL B 203 -29.22 32.68 30.05
N ILE B 204 -30.15 31.75 29.84
CA ILE B 204 -30.16 30.46 30.52
C ILE B 204 -29.57 29.41 29.58
N ASP B 205 -28.56 28.70 30.07
CA ASP B 205 -27.85 27.67 29.29
C ASP B 205 -27.41 28.23 27.94
N ALA B 206 -26.53 29.23 28.00
CA ALA B 206 -26.00 29.83 26.79
C ALA B 206 -25.30 28.80 25.92
N ALA B 207 -24.50 27.94 26.53
CA ALA B 207 -23.85 26.82 25.85
C ALA B 207 -24.30 25.53 26.52
N PRO B 208 -25.42 24.96 26.09
CA PRO B 208 -25.95 23.77 26.76
C PRO B 208 -25.17 22.52 26.39
N ALA B 209 -25.25 21.53 27.28
CA ALA B 209 -24.64 20.24 27.00
C ALA B 209 -25.43 19.50 25.93
N GLN B 210 -24.72 18.88 25.01
CA GLN B 210 -25.33 18.04 23.97
C GLN B 210 -24.75 16.64 24.12
N LEU B 211 -25.60 15.70 24.54
CA LEU B 211 -25.18 14.33 24.85
C LEU B 211 -25.34 13.44 23.62
N PRO B 212 -24.34 12.61 23.33
CA PRO B 212 -24.44 11.72 22.16
C PRO B 212 -25.37 10.56 22.41
N ALA B 213 -25.90 10.02 21.33
CA ALA B 213 -26.74 8.84 21.42
C ALA B 213 -25.90 7.63 21.84
N PRO B 214 -26.44 6.73 22.65
CA PRO B 214 -25.65 5.56 23.07
C PRO B 214 -25.22 4.68 21.91
N ALA B 215 -26.01 4.62 20.84
CA ALA B 215 -25.65 3.77 19.70
C ALA B 215 -24.42 4.29 18.97
N ALA B 216 -24.18 5.60 19.03
CA ALA B 216 -22.98 6.16 18.42
C ALA B 216 -21.75 5.93 19.28
N ILE B 217 -21.92 5.99 20.61
CA ILE B 217 -20.83 5.63 21.51
C ILE B 217 -20.46 4.16 21.31
N ALA B 218 -21.47 3.29 21.18
CA ALA B 218 -21.20 1.87 20.96
C ALA B 218 -20.47 1.64 19.65
N ARG B 219 -20.83 2.37 18.60
CA ARG B 219 -20.12 2.24 17.33
C ARG B 219 -18.66 2.64 17.48
N ALA B 220 -18.38 3.65 18.31
CA ALA B 220 -17.01 4.10 18.51
C ALA B 220 -16.20 3.06 19.27
N LEU B 221 -16.76 2.52 20.37
CA LEU B 221 -16.04 1.56 21.18
C LEU B 221 -15.70 0.30 20.40
N ASP B 222 -16.63 -0.16 19.57
CA ASP B 222 -16.36 -1.33 18.74
C ASP B 222 -15.17 -1.08 17.82
N VAL B 223 -15.11 0.10 17.20
CA VAL B 223 -13.96 0.44 16.36
C VAL B 223 -12.70 0.55 17.20
N LEU B 224 -12.81 1.15 18.39
CA LEU B 224 -11.63 1.37 19.23
C LEU B 224 -11.05 0.05 19.71
N LYS B 225 -11.90 -0.89 20.15
CA LYS B 225 -11.41 -2.19 20.61
C LYS B 225 -10.74 -2.96 19.48
N SER B 226 -11.22 -2.78 18.24
CA SER B 226 -10.63 -3.49 17.12
C SER B 226 -9.23 -3.00 16.78
N ALA B 227 -8.81 -1.87 17.32
CA ALA B 227 -7.54 -1.26 16.93
C ALA B 227 -6.36 -2.07 17.45
N GLU B 228 -5.38 -2.29 16.57
CA GLU B 228 -4.10 -2.83 16.98
C GLU B 228 -3.06 -1.75 17.23
N ARG B 229 -3.27 -0.55 16.69
CA ARG B 229 -2.38 0.59 16.90
C ARG B 229 -3.23 1.85 17.03
N PRO B 230 -3.98 1.97 18.13
CA PRO B 230 -4.87 3.12 18.29
C PRO B 230 -4.11 4.39 18.58
N LEU B 231 -4.73 5.52 18.24
CA LEU B 231 -4.12 6.82 18.45
C LEU B 231 -5.20 7.84 18.77
N ILE B 232 -4.97 8.64 19.81
CA ILE B 232 -5.83 9.77 20.15
C ILE B 232 -5.15 11.04 19.70
N ILE B 233 -5.93 11.96 19.13
CA ILE B 233 -5.44 13.27 18.75
C ILE B 233 -6.29 14.32 19.47
N LEU B 234 -5.66 15.10 20.34
CA LEU B 234 -6.35 16.13 21.09
C LEU B 234 -6.19 17.47 20.38
N GLY B 235 -7.30 18.05 19.94
CA GLY B 235 -7.30 19.35 19.33
C GLY B 235 -7.68 20.44 20.32
N LYS B 236 -7.51 21.70 19.87
CA LYS B 236 -7.79 22.82 20.76
C LYS B 236 -9.27 22.92 21.11
N GLY B 237 -10.15 22.22 20.39
CA GLY B 237 -11.53 22.12 20.82
C GLY B 237 -11.66 21.41 22.15
N ALA B 238 -10.88 20.34 22.35
CA ALA B 238 -10.88 19.64 23.63
C ALA B 238 -10.33 20.54 24.74
N ALA B 239 -9.32 21.34 24.43
CA ALA B 239 -8.79 22.28 25.42
C ALA B 239 -9.78 23.39 25.71
N TYR B 240 -10.57 23.80 24.71
CA TYR B 240 -11.57 24.83 24.96
C TYR B 240 -12.71 24.31 25.83
N ALA B 241 -13.01 23.01 25.75
CA ALA B 241 -14.17 22.46 26.44
C ALA B 241 -14.03 22.51 27.95
N GLN B 242 -12.80 22.63 28.47
CA GLN B 242 -12.54 22.62 29.91
C GLN B 242 -13.15 21.37 30.56
N ALA B 243 -12.95 20.23 29.90
CA ALA B 243 -13.26 18.93 30.47
C ALA B 243 -11.94 18.22 30.76
N ASP B 244 -11.04 18.90 31.48
CA ASP B 244 -9.65 18.48 31.55
C ASP B 244 -9.51 17.09 32.17
N GLU B 245 -10.08 16.89 33.36
CA GLU B 245 -9.89 15.62 34.05
C GLU B 245 -10.54 14.46 33.31
N ALA B 246 -11.66 14.71 32.62
CA ALA B 246 -12.29 13.66 31.83
C ALA B 246 -11.40 13.29 30.64
N VAL B 247 -10.92 14.30 29.90
CA VAL B 247 -10.06 14.04 28.74
C VAL B 247 -8.80 13.30 29.17
N ARG B 248 -8.22 13.71 30.30
CA ARG B 248 -7.03 13.02 30.82
C ARG B 248 -7.36 11.59 31.22
N ALA B 249 -8.52 11.39 31.85
CA ALA B 249 -8.91 10.04 32.25
C ALA B 249 -9.13 9.15 31.04
N LEU B 250 -9.67 9.71 29.95
CA LEU B 250 -9.84 8.93 28.72
C LEU B 250 -8.49 8.46 28.19
N VAL B 251 -7.47 9.31 28.26
CA VAL B 251 -6.15 8.92 27.78
C VAL B 251 -5.52 7.90 28.72
N GLU B 252 -5.46 8.21 30.01
CA GLU B 252 -4.67 7.39 30.93
C GLU B 252 -5.31 6.04 31.18
N GLU B 253 -6.64 5.98 31.28
CA GLU B 253 -7.30 4.72 31.60
C GLU B 253 -7.44 3.80 30.40
N SER B 254 -7.45 4.34 29.18
CA SER B 254 -7.45 3.50 27.99
C SER B 254 -6.05 3.08 27.57
N GLY B 255 -5.01 3.71 28.11
CA GLY B 255 -3.65 3.40 27.72
C GLY B 255 -3.30 3.75 26.29
N ILE B 256 -4.16 4.49 25.60
CA ILE B 256 -3.94 4.79 24.19
C ILE B 256 -3.02 5.99 24.08
N PRO B 257 -1.95 5.93 23.27
CA PRO B 257 -1.09 7.10 23.09
C PRO B 257 -1.84 8.24 22.40
N TYR B 258 -1.40 9.46 22.69
CA TYR B 258 -2.07 10.65 22.18
C TYR B 258 -1.06 11.60 21.54
N VAL B 259 -1.53 12.40 20.59
CA VAL B 259 -0.77 13.45 19.95
C VAL B 259 -1.53 14.76 20.16
N PRO B 260 -0.97 15.74 20.84
CA PRO B 260 -1.68 17.01 21.02
C PRO B 260 -1.42 18.00 19.90
N MET B 261 -2.48 18.62 19.37
CA MET B 261 -2.31 19.71 18.44
C MET B 261 -1.73 20.91 19.18
N SER B 262 -1.44 21.98 18.43
CA SER B 262 -0.64 23.10 18.93
C SER B 262 -1.20 23.64 20.24
N MET B 263 -2.41 24.17 20.22
CA MET B 263 -2.99 24.80 21.40
C MET B 263 -3.67 23.81 22.34
N ALA B 264 -3.64 22.52 22.01
CA ALA B 264 -4.01 21.49 22.98
C ALA B 264 -2.82 21.02 23.79
N LYS B 265 -1.63 21.57 23.54
CA LYS B 265 -0.48 21.28 24.38
C LYS B 265 -0.74 21.78 25.80
N GLY B 266 -0.33 20.97 26.78
CA GLY B 266 -0.55 21.28 28.17
C GLY B 266 -1.84 20.75 28.75
N LEU B 267 -2.82 20.41 27.91
CA LEU B 267 -4.02 19.73 28.39
C LEU B 267 -3.63 18.52 29.23
N LEU B 268 -2.99 17.58 28.62
CA LEU B 268 -2.09 16.74 29.41
C LEU B 268 -0.69 17.32 29.34
N PRO B 269 0.12 17.17 30.39
CA PRO B 269 1.50 17.67 30.33
C PRO B 269 2.25 17.04 29.16
N ASP B 270 3.01 17.88 28.45
CA ASP B 270 3.62 17.44 27.19
C ASP B 270 4.66 16.35 27.39
N THR B 271 5.16 16.17 28.61
CA THR B 271 6.09 15.09 28.92
C THR B 271 5.39 13.86 29.49
N HIS B 272 4.07 13.77 29.30
CA HIS B 272 3.31 12.62 29.77
C HIS B 272 3.88 11.34 29.16
N PRO B 273 3.90 10.23 29.91
CA PRO B 273 4.46 8.99 29.35
C PRO B 273 3.69 8.47 28.14
N LEU B 274 2.41 8.83 28.00
CA LEU B 274 1.61 8.39 26.86
C LEU B 274 1.69 9.35 25.67
N SER B 275 2.45 10.44 25.80
CA SER B 275 2.52 11.42 24.73
C SER B 275 3.38 10.91 23.59
N ALA B 276 2.82 10.87 22.39
CA ALA B 276 3.57 10.54 21.18
C ALA B 276 3.85 11.78 20.33
N GLY B 277 3.84 12.97 20.95
CA GLY B 277 4.09 14.19 20.20
C GLY B 277 5.48 14.26 19.61
N ALA B 278 6.45 13.60 20.26
CA ALA B 278 7.80 13.51 19.72
C ALA B 278 7.94 12.41 18.68
N ALA B 279 6.93 11.57 18.50
CA ALA B 279 6.88 10.55 17.46
C ALA B 279 5.66 10.78 16.56
N ARG B 280 5.39 12.05 16.27
CA ARG B 280 4.12 12.41 15.63
C ARG B 280 3.97 11.76 14.26
N SER B 281 5.01 11.83 13.43
CA SER B 281 4.90 11.31 12.07
C SER B 281 4.70 9.79 12.08
N THR B 282 5.36 9.09 13.00
CA THR B 282 5.17 7.65 13.12
C THR B 282 3.78 7.32 13.64
N ALA B 283 3.30 8.08 14.62
CA ALA B 283 1.97 7.84 15.15
C ALA B 283 0.90 8.06 14.08
N LEU B 284 1.07 9.09 13.26
CA LEU B 284 0.07 9.38 12.22
C LEU B 284 0.14 8.40 11.06
N LYS B 285 1.33 7.87 10.76
CA LYS B 285 1.48 7.01 9.60
C LYS B 285 1.06 5.58 9.88
N ASP B 286 1.54 5.00 10.98
CA ASP B 286 1.41 3.56 11.21
C ASP B 286 0.18 3.18 12.01
N SER B 287 -0.53 4.13 12.61
CA SER B 287 -1.74 3.79 13.35
C SER B 287 -2.81 3.26 12.42
N ASP B 288 -3.82 2.61 13.00
CA ASP B 288 -4.96 2.11 12.24
C ASP B 288 -6.29 2.70 12.65
N VAL B 289 -6.42 3.18 13.89
CA VAL B 289 -7.63 3.85 14.36
C VAL B 289 -7.21 5.14 15.05
N VAL B 290 -7.83 6.25 14.66
CA VAL B 290 -7.51 7.57 15.20
C VAL B 290 -8.77 8.15 15.83
N LEU B 291 -8.66 8.55 17.09
CA LEU B 291 -9.76 9.20 17.81
C LEU B 291 -9.49 10.70 17.83
N LEU B 292 -10.24 11.45 17.02
CA LEU B 292 -10.14 12.90 16.97
C LEU B 292 -11.01 13.51 18.04
N VAL B 293 -10.40 14.27 18.95
CA VAL B 293 -11.15 14.95 20.01
C VAL B 293 -11.05 16.45 19.80
N GLY B 294 -12.06 17.04 19.16
CA GLY B 294 -12.05 18.46 18.86
C GLY B 294 -10.94 18.88 17.93
N ALA B 295 -10.72 18.11 16.86
CA ALA B 295 -9.63 18.38 15.92
C ALA B 295 -10.14 18.11 14.52
N ARG B 296 -10.02 19.11 13.65
CA ARG B 296 -10.48 18.99 12.28
C ARG B 296 -9.38 18.41 11.39
N LEU B 297 -9.78 17.55 10.46
CA LEU B 297 -8.86 16.98 9.47
C LEU B 297 -8.63 18.01 8.37
N ASN B 298 -8.01 19.13 8.74
CA ASN B 298 -7.76 20.20 7.80
C ASN B 298 -6.29 20.18 7.37
N TRP B 299 -5.79 21.31 6.87
CA TRP B 299 -4.40 21.37 6.41
C TRP B 299 -3.42 21.05 7.52
N LEU B 300 -3.81 21.33 8.78
CA LEU B 300 -2.95 21.01 9.91
C LEU B 300 -2.77 19.50 10.09
N LEU B 301 -3.72 18.69 9.61
CA LEU B 301 -3.60 17.25 9.66
C LEU B 301 -3.58 16.64 8.26
N SER B 302 -3.12 17.43 7.28
CA SER B 302 -2.97 16.99 5.89
C SER B 302 -4.27 16.46 5.29
N HIS B 303 -5.40 16.96 5.79
CA HIS B 303 -6.73 16.59 5.31
C HIS B 303 -7.01 15.09 5.41
N GLY B 304 -6.27 14.38 6.26
CA GLY B 304 -6.43 12.94 6.36
C GLY B 304 -5.98 12.17 5.13
N LYS B 305 -5.30 12.82 4.19
CA LYS B 305 -4.86 12.19 2.95
C LYS B 305 -3.34 12.27 2.85
N GLY B 306 -2.80 11.40 2.01
CA GLY B 306 -1.37 11.44 1.71
C GLY B 306 -0.53 10.55 2.60
N LYS B 307 0.79 10.68 2.42
CA LYS B 307 1.75 9.83 3.14
C LYS B 307 1.76 10.09 4.64
N THR B 308 1.25 11.24 5.09
CA THR B 308 1.19 11.51 6.53
C THR B 308 0.41 10.41 7.25
N TRP B 309 -0.62 9.87 6.61
CA TRP B 309 -1.47 8.83 7.19
C TRP B 309 -1.21 7.46 6.60
N GLY B 310 0.01 7.22 6.13
CA GLY B 310 0.35 5.90 5.62
C GLY B 310 -0.32 5.61 4.30
N GLU B 311 -0.67 4.34 4.10
CA GLU B 311 -1.29 3.89 2.86
C GLU B 311 -2.78 4.25 2.82
N PRO B 312 -3.32 4.50 1.64
CA PRO B 312 -4.76 4.78 1.53
C PRO B 312 -5.59 3.59 1.99
N GLY B 313 -6.67 3.88 2.71
CA GLY B 313 -7.53 2.85 3.23
C GLY B 313 -7.05 2.20 4.53
N SER B 314 -5.89 2.59 5.03
CA SER B 314 -5.33 2.02 6.25
C SER B 314 -5.80 2.72 7.51
N LYS B 315 -6.76 3.65 7.39
CA LYS B 315 -7.18 4.46 8.52
C LYS B 315 -8.69 4.36 8.74
N ARG B 316 -9.08 4.27 10.01
CA ARG B 316 -10.45 4.44 10.44
C ARG B 316 -10.47 5.53 11.49
N PHE B 317 -11.40 6.47 11.36
CA PHE B 317 -11.42 7.66 12.21
C PHE B 317 -12.66 7.68 13.10
N ILE B 318 -12.44 7.91 14.39
CA ILE B 318 -13.50 8.27 15.33
C ILE B 318 -13.34 9.75 15.63
N GLN B 319 -14.41 10.53 15.45
CA GLN B 319 -14.33 11.97 15.60
C GLN B 319 -15.39 12.46 16.58
N ILE B 320 -14.95 13.24 17.56
CA ILE B 320 -15.82 13.82 18.58
C ILE B 320 -15.88 15.31 18.32
N ASP B 321 -17.03 15.80 17.86
CA ASP B 321 -17.16 17.22 17.54
C ASP B 321 -18.58 17.68 17.83
N ILE B 322 -18.69 18.94 18.25
CA ILE B 322 -20.00 19.54 18.50
C ILE B 322 -20.72 19.82 17.18
N GLU B 323 -19.97 20.01 16.10
CA GLU B 323 -20.55 20.34 14.82
C GLU B 323 -20.78 19.06 14.02
N PRO B 324 -22.03 18.64 13.79
CA PRO B 324 -22.25 17.42 13.01
C PRO B 324 -21.84 17.54 11.55
N ARG B 325 -21.72 18.76 11.02
CA ARG B 325 -21.30 18.94 9.64
C ARG B 325 -19.79 18.73 9.44
N GLU B 326 -19.02 18.72 10.52
CA GLU B 326 -17.58 18.47 10.40
C GLU B 326 -17.28 17.03 10.00
N MET B 327 -18.22 16.12 10.20
CA MET B 327 -18.02 14.73 9.80
C MET B 327 -18.00 14.63 8.28
N ASP B 328 -17.13 13.74 7.77
CA ASP B 328 -16.99 13.50 6.33
C ASP B 328 -16.63 14.78 5.58
N SER B 329 -15.97 15.73 6.25
CA SER B 329 -15.58 16.96 5.58
C SER B 329 -14.47 16.73 4.59
N ASN B 330 -13.52 15.85 4.93
CA ASN B 330 -12.37 15.55 4.07
C ASN B 330 -12.30 14.08 3.69
N VAL B 331 -12.34 13.18 4.67
CA VAL B 331 -12.32 11.75 4.42
C VAL B 331 -13.47 11.11 5.19
N GLU B 332 -13.73 9.85 4.88
CA GLU B 332 -14.83 9.12 5.49
C GLU B 332 -14.58 8.93 6.99
N ILE B 333 -15.61 9.15 7.78
CA ILE B 333 -15.57 8.94 9.23
C ILE B 333 -16.52 7.80 9.54
N VAL B 334 -15.98 6.66 9.98
CA VAL B 334 -16.81 5.49 10.24
C VAL B 334 -17.55 5.61 11.57
N ALA B 335 -16.99 6.34 12.54
CA ALA B 335 -17.56 6.46 13.88
C ALA B 335 -17.70 7.93 14.25
N PRO B 336 -18.73 8.61 13.75
CA PRO B 336 -18.99 9.98 14.20
C PRO B 336 -19.70 10.00 15.53
N VAL B 337 -19.31 10.96 16.37
CA VAL B 337 -19.90 11.16 17.69
C VAL B 337 -20.13 12.66 17.86
N VAL B 338 -21.39 13.09 17.83
CA VAL B 338 -21.75 14.51 17.83
C VAL B 338 -22.22 14.90 19.22
N GLY B 339 -21.62 15.95 19.76
CA GLY B 339 -21.97 16.44 21.08
C GLY B 339 -20.82 17.22 21.67
N ASP B 340 -21.09 17.86 22.80
CA ASP B 340 -20.04 18.60 23.48
C ASP B 340 -18.98 17.62 24.00
N ILE B 341 -17.72 18.05 23.96
CA ILE B 341 -16.62 17.15 24.24
C ILE B 341 -16.69 16.60 25.65
N GLY B 342 -17.23 17.39 26.60
CA GLY B 342 -17.42 16.91 27.95
C GLY B 342 -18.31 15.69 28.04
N SER B 343 -19.53 15.81 27.50
CA SER B 343 -20.47 14.69 27.57
C SER B 343 -19.99 13.49 26.75
N CYS B 344 -19.24 13.73 25.68
CA CYS B 344 -18.86 12.64 24.78
C CYS B 344 -17.71 11.81 25.34
N VAL B 345 -16.65 12.47 25.82
CA VAL B 345 -15.53 11.71 26.36
C VAL B 345 -15.92 10.97 27.62
N GLU B 346 -16.84 11.53 28.41
CA GLU B 346 -17.29 10.84 29.63
C GLU B 346 -18.11 9.60 29.27
N ALA B 347 -19.03 9.73 28.30
CA ALA B 347 -19.80 8.58 27.85
C ALA B 347 -18.88 7.54 27.21
N LEU B 348 -17.85 7.98 26.50
CA LEU B 348 -16.87 7.06 25.95
C LEU B 348 -16.04 6.41 27.05
N LEU B 349 -15.74 7.16 28.11
CA LEU B 349 -14.94 6.64 29.21
C LEU B 349 -15.69 5.55 29.97
N ASP B 350 -17.01 5.71 30.12
CA ASP B 350 -17.80 4.70 30.81
C ASP B 350 -17.80 3.38 30.05
N GLY B 351 -17.87 3.44 28.72
CA GLY B 351 -17.82 2.22 27.92
C GLY B 351 -16.47 1.53 28.00
N ILE B 352 -15.39 2.32 28.02
CA ILE B 352 -14.06 1.73 28.18
C ILE B 352 -13.91 1.12 29.58
N ARG B 353 -14.41 1.82 30.61
CA ARG B 353 -14.30 1.31 31.96
C ARG B 353 -15.01 -0.03 32.13
N LYS B 354 -16.08 -0.27 31.37
CA LYS B 354 -16.85 -1.50 31.51
C LYS B 354 -16.33 -2.64 30.64
N ASP B 355 -15.54 -2.34 29.61
CA ASP B 355 -15.11 -3.35 28.65
C ASP B 355 -13.95 -2.85 27.81
N TRP B 356 -12.72 -3.12 28.24
CA TRP B 356 -11.55 -2.66 27.51
C TRP B 356 -10.36 -3.52 27.90
N LYS B 357 -9.77 -4.20 26.91
CA LYS B 357 -8.66 -5.11 27.15
C LYS B 357 -7.30 -4.41 27.17
N GLY B 358 -7.29 -3.08 27.22
CA GLY B 358 -6.04 -2.35 27.22
C GLY B 358 -5.53 -2.05 25.82
N ALA B 359 -4.44 -1.29 25.78
CA ALA B 359 -3.85 -0.98 24.49
C ALA B 359 -2.67 -1.90 24.20
N PRO B 360 -2.54 -2.35 22.96
CA PRO B 360 -1.44 -3.26 22.59
C PRO B 360 -0.08 -2.71 23.02
N SER B 361 0.70 -3.57 23.67
CA SER B 361 1.92 -3.11 24.34
C SER B 361 3.00 -2.73 23.35
N ASN B 362 3.19 -3.52 22.28
CA ASN B 362 4.27 -3.24 21.35
C ASN B 362 4.04 -1.96 20.55
N TRP B 363 2.80 -1.48 20.48
CA TRP B 363 2.54 -0.22 19.80
C TRP B 363 2.97 0.97 20.65
N LEU B 364 2.66 0.95 21.95
CA LEU B 364 3.13 1.99 22.84
C LEU B 364 4.64 1.99 22.94
N GLU B 365 5.25 0.81 22.95
CA GLU B 365 6.70 0.71 23.08
C GLU B 365 7.42 0.95 21.76
N THR B 366 6.73 0.82 20.62
CA THR B 366 7.32 1.28 19.36
C THR B 366 7.35 2.80 19.30
N LEU B 367 6.31 3.45 19.83
CA LEU B 367 6.27 4.91 19.84
C LEU B 367 7.28 5.48 20.83
N ARG B 368 7.48 4.80 21.96
CA ARG B 368 8.51 5.24 22.90
C ARG B 368 9.91 5.19 22.27
N GLY B 369 10.11 4.27 21.34
CA GLY B 369 11.38 4.17 20.64
C GLY B 369 11.68 5.40 19.81
N LYS B 370 10.80 5.72 18.86
CA LYS B 370 11.01 6.91 18.04
C LYS B 370 10.92 8.19 18.85
N ARG B 371 10.19 8.17 19.97
CA ARG B 371 10.09 9.35 20.80
C ARG B 371 11.41 9.67 21.48
N GLU B 372 12.00 8.70 22.18
CA GLU B 372 13.27 8.93 22.85
C GLU B 372 14.40 9.15 21.86
N ALA B 373 14.27 8.62 20.65
CA ALA B 373 15.30 8.83 19.63
C ALA B 373 15.25 10.26 19.09
N ASN B 374 14.04 10.81 18.90
CA ASN B 374 13.91 12.16 18.39
C ASN B 374 14.33 13.19 19.44
N ILE B 375 13.99 12.95 20.71
CA ILE B 375 14.38 13.87 21.77
C ILE B 375 15.89 13.93 21.91
N ALA B 376 16.56 12.77 21.85
CA ALA B 376 18.02 12.73 21.93
C ALA B 376 18.66 13.45 20.75
N LYS B 377 18.04 13.40 19.58
CA LYS B 377 18.56 14.14 18.44
C LYS B 377 18.42 15.64 18.64
N MET B 378 17.40 16.07 19.40
CA MET B 378 17.18 17.49 19.62
C MET B 378 18.17 18.06 20.63
N ALA B 379 18.55 17.26 21.63
CA ALA B 379 19.32 17.75 22.78
C ALA B 379 20.61 18.48 22.42
N PRO B 380 21.47 17.98 21.52
CA PRO B 380 22.72 18.71 21.24
C PRO B 380 22.48 20.10 20.65
N LYS B 381 21.34 20.31 19.98
CA LYS B 381 21.06 21.62 19.41
C LYS B 381 20.59 22.61 20.47
N LEU B 382 20.04 22.14 21.58
CA LEU B 382 19.57 23.03 22.64
C LEU B 382 20.71 23.54 23.52
N MET B 383 21.88 22.91 23.48
CA MET B 383 23.00 23.29 24.32
C MET B 383 24.21 23.79 23.52
N LYS B 384 24.10 23.91 22.20
CA LYS B 384 25.23 24.35 21.38
C LYS B 384 25.28 25.88 21.40
N ASN B 385 26.29 26.43 22.07
CA ASN B 385 26.49 27.87 22.06
C ASN B 385 27.01 28.32 20.70
N SER B 386 26.57 29.51 20.29
CA SER B 386 26.98 30.07 19.01
C SER B 386 26.90 31.58 19.07
N SER B 387 27.65 32.23 18.19
CA SER B 387 27.61 33.68 18.04
C SER B 387 27.57 34.00 16.54
N PRO B 388 26.42 34.42 16.01
CA PRO B 388 25.22 34.80 16.77
C PRO B 388 24.40 33.62 17.30
N MET B 389 23.50 33.93 18.24
CA MET B 389 22.66 32.92 18.85
C MET B 389 21.64 32.36 17.86
N CYS B 390 21.43 31.05 17.90
CA CYS B 390 20.51 30.38 16.99
C CYS B 390 19.16 30.18 17.67
N PHE B 391 18.20 29.69 16.88
CA PHE B 391 16.85 29.48 17.40
C PHE B 391 16.83 28.43 18.50
N HIS B 392 17.50 27.29 18.26
CA HIS B 392 17.39 26.16 19.19
C HIS B 392 17.97 26.49 20.56
N SER B 393 19.12 27.17 20.60
CA SER B 393 19.74 27.46 21.88
C SER B 393 18.94 28.48 22.68
N ALA B 394 18.33 29.47 22.00
CA ALA B 394 17.53 30.45 22.70
C ALA B 394 16.24 29.84 23.22
N LEU B 395 15.62 28.94 22.45
CA LEU B 395 14.38 28.31 22.89
C LEU B 395 14.64 27.31 24.00
N GLY B 396 15.85 26.74 24.07
CA GLY B 396 16.18 25.85 25.18
C GLY B 396 16.14 26.56 26.52
N ALA B 397 16.48 27.85 26.55
CA ALA B 397 16.32 28.63 27.76
C ALA B 397 14.85 28.90 28.04
N LEU B 398 14.10 29.26 27.00
CA LEU B 398 12.68 29.54 27.18
C LEU B 398 11.90 28.29 27.57
N ARG B 399 12.35 27.12 27.13
CA ARG B 399 11.73 25.88 27.58
C ARG B 399 11.86 25.71 29.09
N THR B 400 13.02 26.08 29.64
CA THR B 400 13.22 26.00 31.08
C THR B 400 12.35 27.01 31.82
N VAL B 401 12.11 28.18 31.22
CA VAL B 401 11.25 29.18 31.85
C VAL B 401 9.84 28.64 32.00
N ILE B 402 9.31 28.02 30.95
CA ILE B 402 7.94 27.50 30.99
C ILE B 402 7.84 26.33 31.97
N LYS B 403 8.86 25.48 32.00
CA LYS B 403 8.88 24.39 32.97
C LYS B 403 8.92 24.93 34.40
N GLU B 404 9.68 26.01 34.63
CA GLU B 404 9.78 26.57 35.97
C GLU B 404 8.58 27.44 36.33
N ARG B 405 7.91 28.02 35.34
CA ARG B 405 6.66 28.76 35.53
C ARG B 405 5.57 28.03 34.78
N PRO B 406 5.07 26.92 35.31
CA PRO B 406 4.15 26.06 34.56
C PRO B 406 2.73 26.61 34.41
N ASP B 407 2.37 27.66 35.16
CA ASP B 407 1.06 28.27 35.03
C ASP B 407 1.12 29.62 34.32
N ALA B 408 2.26 29.97 33.74
CA ALA B 408 2.37 31.18 32.94
C ALA B 408 1.84 30.92 31.54
N ILE B 409 1.42 32.00 30.87
CA ILE B 409 0.79 31.92 29.56
C ILE B 409 1.83 32.22 28.49
N LEU B 410 1.89 31.37 27.47
CA LEU B 410 2.80 31.53 26.36
C LEU B 410 2.03 32.01 25.14
N VAL B 411 2.40 33.19 24.63
CA VAL B 411 1.94 33.68 23.34
C VAL B 411 3.10 33.53 22.35
N ASN B 412 2.81 32.97 21.18
CA ASN B 412 3.88 32.58 20.27
C ASN B 412 3.41 32.75 18.83
N GLU B 413 4.16 33.52 18.03
CA GLU B 413 3.85 33.68 16.62
C GLU B 413 5.13 33.96 15.85
N GLY B 414 5.11 33.60 14.57
CA GLY B 414 6.26 33.70 13.69
C GLY B 414 6.25 32.56 12.70
N CYS B 415 7.44 32.23 12.19
CA CYS B 415 7.59 31.04 11.34
C CYS B 415 8.62 30.08 11.94
N ASN B 416 9.91 30.42 11.90
CA ASN B 416 10.89 29.64 12.65
C ASN B 416 10.62 29.76 14.15
N THR B 417 10.35 30.97 14.62
CA THR B 417 10.06 31.19 16.03
C THR B 417 8.79 30.46 16.45
N LEU B 418 7.87 30.23 15.52
CA LEU B 418 6.63 29.51 15.83
C LEU B 418 6.83 28.00 15.81
N ASP B 419 7.29 27.47 14.68
CA ASP B 419 7.39 26.01 14.53
C ASP B 419 8.41 25.41 15.48
N LEU B 420 9.50 26.12 15.76
CA LEU B 420 10.54 25.56 16.61
C LEU B 420 10.18 25.66 18.09
N ALA B 421 9.50 26.74 18.49
CA ALA B 421 9.07 26.85 19.88
C ALA B 421 7.97 25.85 20.20
N ARG B 422 7.17 25.46 19.20
CA ARG B 422 6.08 24.52 19.44
C ARG B 422 6.60 23.15 19.83
N GLY B 423 7.71 22.71 19.23
CA GLY B 423 8.25 21.41 19.52
C GLY B 423 9.24 21.39 20.67
N ILE B 424 9.86 22.53 20.94
CA ILE B 424 10.88 22.61 22.00
C ILE B 424 10.25 22.95 23.34
N ILE B 425 9.39 23.94 23.39
CA ILE B 425 8.76 24.36 24.64
C ILE B 425 7.61 23.42 24.97
N ASP B 426 7.71 22.74 26.12
CA ASP B 426 6.66 21.87 26.60
C ASP B 426 5.75 22.64 27.54
N MET B 427 4.44 22.54 27.32
CA MET B 427 3.47 23.11 28.24
C MET B 427 3.05 22.04 29.24
N TYR B 428 2.64 22.49 30.43
CA TYR B 428 2.28 21.59 31.51
C TYR B 428 0.85 21.76 32.02
N GLN B 429 0.22 22.89 31.77
CA GLN B 429 -1.16 23.11 32.16
C GLN B 429 -2.01 23.48 30.94
N PRO B 430 -3.31 23.22 30.96
CA PRO B 430 -4.13 23.44 29.77
C PRO B 430 -4.36 24.92 29.49
N ARG B 431 -4.62 25.21 28.21
CA ARG B 431 -4.95 26.55 27.73
C ARG B 431 -3.86 27.57 28.09
N LYS B 432 -2.61 27.14 28.08
CA LYS B 432 -1.49 28.01 28.40
C LYS B 432 -0.72 28.48 27.18
N ARG B 433 -1.01 27.94 26.00
CA ARG B 433 -0.32 28.31 24.76
C ARG B 433 -1.32 28.91 23.79
N LEU B 434 -0.99 30.08 23.26
CA LEU B 434 -1.84 30.81 22.31
C LEU B 434 -1.00 31.18 21.11
N ASP B 435 -1.33 30.62 19.94
CA ASP B 435 -0.52 30.82 18.74
C ASP B 435 -1.42 31.17 17.57
N VAL B 436 -0.86 31.08 16.36
CA VAL B 436 -1.46 31.64 15.15
C VAL B 436 -2.81 31.02 14.81
N GLY B 437 -3.08 29.80 15.24
CA GLY B 437 -4.38 29.21 14.98
C GLY B 437 -4.54 28.67 13.57
N THR B 438 -5.79 28.62 13.12
CA THR B 438 -6.15 27.88 11.93
C THR B 438 -5.77 28.60 10.64
N TRP B 439 -5.78 29.93 10.62
CA TRP B 439 -5.42 30.70 9.45
C TRP B 439 -3.93 31.03 9.37
N GLY B 440 -3.15 30.64 10.37
CA GLY B 440 -1.74 31.01 10.40
C GLY B 440 -1.52 32.50 10.46
N VAL B 441 -2.38 33.21 11.20
CA VAL B 441 -2.36 34.67 11.19
C VAL B 441 -1.12 35.19 11.89
N MET B 442 -0.52 36.23 11.32
CA MET B 442 0.50 37.04 11.99
C MET B 442 -0.14 38.35 12.42
N GLY B 443 -0.03 38.67 13.71
CA GLY B 443 -0.59 39.92 14.21
C GLY B 443 -1.47 39.74 15.44
N ILE B 444 -1.58 38.49 15.89
CA ILE B 444 -2.37 38.21 17.09
C ILE B 444 -1.60 38.42 18.38
N GLY B 445 -0.26 38.51 18.29
CA GLY B 445 0.61 38.51 19.45
C GLY B 445 0.22 39.45 20.57
N MET B 446 0.33 40.76 20.32
CA MET B 446 0.08 41.73 21.38
C MET B 446 -1.38 41.73 21.81
N GLY B 447 -2.30 41.46 20.89
CA GLY B 447 -3.70 41.35 21.27
C GLY B 447 -3.93 40.18 22.21
N PHE B 448 -3.36 39.02 21.87
CA PHE B 448 -3.49 37.85 22.75
C PHE B 448 -2.80 38.10 24.09
N ALA B 449 -1.65 38.77 24.06
CA ALA B 449 -0.92 39.04 25.30
C ALA B 449 -1.73 39.94 26.23
N VAL B 450 -2.40 40.96 25.67
CA VAL B 450 -3.21 41.85 26.49
C VAL B 450 -4.37 41.08 27.13
N ALA B 451 -5.07 40.28 26.32
CA ALA B 451 -6.23 39.56 26.85
C ALA B 451 -5.81 38.48 27.84
N ALA B 452 -4.71 37.78 27.56
CA ALA B 452 -4.23 36.76 28.49
C ALA B 452 -3.89 37.37 29.85
N ALA B 453 -3.25 38.54 29.85
CA ALA B 453 -2.94 39.21 31.11
C ALA B 453 -4.21 39.69 31.81
N VAL B 454 -5.16 40.21 31.04
CA VAL B 454 -6.35 40.83 31.64
C VAL B 454 -7.31 39.76 32.14
N GLU B 455 -7.49 38.68 31.39
CA GLU B 455 -8.51 37.70 31.73
C GLU B 455 -8.07 36.73 32.82
N THR B 456 -6.78 36.39 32.86
CA THR B 456 -6.31 35.31 33.72
C THR B 456 -5.59 35.79 34.97
N GLY B 457 -4.88 36.91 34.90
CA GLY B 457 -4.04 37.35 36.00
C GLY B 457 -2.68 36.69 36.06
N LYS B 458 -2.38 35.77 35.15
CA LYS B 458 -1.10 35.08 35.11
C LYS B 458 -0.06 35.96 34.44
N PRO B 459 1.22 35.59 34.55
CA PRO B 459 2.24 36.23 33.71
C PRO B 459 2.14 35.75 32.27
N VAL B 460 2.65 36.57 31.36
CA VAL B 460 2.57 36.29 29.93
C VAL B 460 3.98 36.36 29.34
N LEU B 461 4.42 35.26 28.74
CA LEU B 461 5.63 35.23 27.92
C LEU B 461 5.21 35.28 26.46
N ALA B 462 5.61 36.35 25.77
CA ALA B 462 5.24 36.57 24.37
C ALA B 462 6.49 36.35 23.52
N VAL B 463 6.58 35.19 22.88
CA VAL B 463 7.72 34.81 22.06
C VAL B 463 7.37 35.14 20.62
N GLU B 464 8.06 36.13 20.05
CA GLU B 464 7.66 36.75 18.79
C GLU B 464 8.80 36.73 17.79
N GLY B 465 8.48 36.41 16.54
CA GLY B 465 9.35 36.76 15.45
C GLY B 465 9.27 38.23 15.13
N ASP B 466 10.36 38.79 14.59
CA ASP B 466 10.40 40.22 14.34
C ASP B 466 9.40 40.62 13.25
N SER B 467 9.16 39.76 12.26
CA SER B 467 8.14 40.05 11.26
C SER B 467 6.74 39.94 11.85
N ALA B 468 6.49 38.88 12.64
CA ALA B 468 5.18 38.71 13.25
C ALA B 468 4.87 39.84 14.22
N PHE B 469 5.87 40.29 14.98
CA PHE B 469 5.67 41.39 15.92
C PHE B 469 5.27 42.68 15.20
N GLY B 470 5.77 42.89 13.98
CA GLY B 470 5.49 44.13 13.27
C GLY B 470 4.02 44.31 12.94
N PHE B 471 3.28 43.21 12.80
CA PHE B 471 1.86 43.32 12.49
C PHE B 471 1.06 43.92 13.63
N SER B 472 1.57 43.86 14.86
CA SER B 472 0.80 44.31 16.02
C SER B 472 1.66 45.01 17.06
N GLY B 473 2.93 45.29 16.76
CA GLY B 473 3.87 45.75 17.77
C GLY B 473 3.51 47.08 18.42
N MET B 474 2.67 47.88 17.76
CA MET B 474 2.32 49.19 18.31
C MET B 474 1.59 49.08 19.65
N GLU B 475 0.95 47.94 19.91
CA GLU B 475 0.19 47.77 21.15
C GLU B 475 1.08 47.57 22.38
N VAL B 476 2.41 47.59 22.24
CA VAL B 476 3.26 47.59 23.42
C VAL B 476 3.02 48.83 24.26
N GLU B 477 2.49 49.90 23.65
CA GLU B 477 2.06 51.05 24.43
C GLU B 477 0.85 50.70 25.29
N THR B 478 -0.07 49.89 24.75
CA THR B 478 -1.21 49.44 25.56
C THR B 478 -0.75 48.50 26.67
N ILE B 479 0.21 47.62 26.37
CA ILE B 479 0.78 46.77 27.40
C ILE B 479 1.39 47.60 28.52
N CYS B 480 2.04 48.72 28.15
CA CYS B 480 2.61 49.61 29.16
C CYS B 480 1.53 50.43 29.86
N ARG B 481 0.52 50.88 29.12
CA ARG B 481 -0.48 51.78 29.69
C ARG B 481 -1.20 51.15 30.86
N TYR B 482 -1.59 49.88 30.74
CA TYR B 482 -2.25 49.17 31.82
C TYR B 482 -1.29 48.37 32.69
N GLU B 483 0.02 48.53 32.46
CA GLU B 483 1.06 47.93 33.30
C GLU B 483 0.83 46.44 33.49
N LEU B 484 0.56 45.76 32.39
CA LEU B 484 0.25 44.33 32.37
C LEU B 484 1.53 43.52 32.52
N PRO B 485 1.46 42.38 33.23
CA PRO B 485 2.66 41.52 33.39
C PRO B 485 2.97 40.71 32.12
N VAL B 486 3.46 41.41 31.11
CA VAL B 486 3.79 40.80 29.83
C VAL B 486 5.30 40.93 29.60
N CYS B 487 5.94 39.81 29.29
CA CYS B 487 7.35 39.77 28.92
C CYS B 487 7.44 39.37 27.45
N ILE B 488 7.89 40.30 26.61
CA ILE B 488 7.98 40.10 25.17
C ILE B 488 9.41 39.75 24.82
N VAL B 489 9.59 38.69 24.03
CA VAL B 489 10.90 38.29 23.53
C VAL B 489 10.82 38.29 22.01
N ILE B 490 11.54 39.21 21.38
CA ILE B 490 11.59 39.31 19.92
C ILE B 490 12.77 38.48 19.43
N PHE B 491 12.48 37.48 18.60
CA PHE B 491 13.53 36.71 17.94
C PHE B 491 13.97 37.51 16.72
N ASN B 492 14.92 38.41 16.93
CA ASN B 492 15.34 39.37 15.92
C ASN B 492 16.40 38.73 15.04
N ASN B 493 15.97 38.17 13.91
CA ASN B 493 16.88 37.65 12.90
C ASN B 493 16.87 38.50 11.63
N ASN B 494 16.42 39.75 11.75
CA ASN B 494 16.50 40.78 10.70
C ASN B 494 15.54 40.53 9.54
N GLY B 495 14.52 39.70 9.70
CA GLY B 495 13.52 39.59 8.65
C GLY B 495 12.71 38.31 8.73
N ILE B 496 11.98 38.08 7.65
CA ILE B 496 11.03 36.97 7.55
C ILE B 496 11.79 35.70 7.22
N PHE B 497 11.63 34.68 8.06
CA PHE B 497 12.31 33.39 7.94
C PHE B 497 13.83 33.55 8.12
N ARG B 498 14.43 34.44 7.35
CA ARG B 498 15.87 34.69 7.39
C ARG B 498 16.11 36.17 7.20
N GLY B 499 17.38 36.57 7.35
CA GLY B 499 17.74 37.97 7.17
C GLY B 499 18.89 38.15 6.21
N THR B 500 18.94 37.32 5.17
CA THR B 500 20.06 37.30 4.24
C THR B 500 19.68 37.61 2.78
N ASP B 501 18.39 37.68 2.46
CA ASP B 501 17.97 37.96 1.09
C ASP B 501 18.37 39.38 0.70
N THR B 502 18.71 39.55 -0.58
CA THR B 502 19.18 40.83 -1.09
C THR B 502 18.51 41.15 -2.42
N ASP B 503 18.43 42.43 -2.71
CA ASP B 503 17.93 42.91 -4.00
C ASP B 503 18.96 42.59 -5.08
N PRO B 504 18.62 41.76 -6.06
CA PRO B 504 19.61 41.43 -7.11
C PRO B 504 20.06 42.63 -7.94
N THR B 505 19.27 43.71 -7.99
CA THR B 505 19.70 44.92 -8.65
C THR B 505 20.46 45.86 -7.72
N GLY B 506 20.52 45.56 -6.44
CA GLY B 506 21.34 46.33 -5.51
C GLY B 506 20.88 47.75 -5.29
N ARG B 507 19.58 48.01 -5.39
CA ARG B 507 19.02 49.34 -5.17
C ARG B 507 18.28 49.47 -3.85
N ASP B 508 17.43 48.51 -3.53
CA ASP B 508 16.68 48.51 -2.28
C ASP B 508 17.14 47.36 -1.41
N PRO B 509 16.61 47.19 -0.20
CA PRO B 509 16.84 45.94 0.54
C PRO B 509 16.03 44.80 -0.06
N GLY B 510 16.38 43.59 0.36
CA GLY B 510 15.63 42.42 -0.04
C GLY B 510 14.19 42.48 0.43
N THR B 511 13.33 41.72 -0.25
CA THR B 511 11.90 41.78 0.01
C THR B 511 11.53 41.25 1.40
N THR B 512 12.38 40.43 2.02
CA THR B 512 12.03 39.74 3.25
C THR B 512 12.87 40.18 4.45
N VAL B 513 13.63 41.27 4.33
CA VAL B 513 14.50 41.71 5.40
C VAL B 513 13.95 42.99 6.02
N PHE B 514 14.50 43.36 7.18
CA PHE B 514 14.18 44.60 7.87
C PHE B 514 15.48 45.36 8.13
N VAL B 515 15.35 46.53 8.76
CA VAL B 515 16.53 47.29 9.15
C VAL B 515 17.41 46.42 10.02
N LYS B 516 18.64 46.16 9.56
CA LYS B 516 19.54 45.27 10.27
C LYS B 516 19.84 45.82 11.66
N ASN B 517 19.86 44.92 12.65
CA ASN B 517 20.15 45.27 14.04
C ASN B 517 19.13 46.28 14.58
N SER B 518 17.87 46.09 14.22
CA SER B 518 16.81 46.90 14.83
C SER B 518 16.75 46.62 16.33
N ARG B 519 16.53 47.67 17.12
CA ARG B 519 16.54 47.59 18.57
C ARG B 519 15.12 47.85 19.08
N TYR B 520 14.27 46.83 18.96
CA TYR B 520 12.89 46.95 19.41
C TYR B 520 12.78 47.30 20.89
N ASP B 521 13.82 47.03 21.68
CA ASP B 521 13.79 47.39 23.09
C ASP B 521 13.69 48.90 23.29
N LYS B 522 14.31 49.68 22.40
CA LYS B 522 14.18 51.13 22.47
C LYS B 522 12.73 51.56 22.29
N MET B 523 12.01 50.86 21.40
CA MET B 523 10.60 51.18 21.18
C MET B 523 9.77 50.96 22.45
N MET B 524 10.09 49.92 23.21
CA MET B 524 9.39 49.68 24.47
C MET B 524 9.70 50.78 25.48
N GLU B 525 10.94 51.27 25.50
CA GLU B 525 11.29 52.36 26.39
C GLU B 525 10.59 53.67 26.02
N ALA B 526 10.13 53.79 24.77
CA ALA B 526 9.40 54.99 24.35
C ALA B 526 8.11 55.18 25.13
N PHE B 527 7.56 54.12 25.71
CA PHE B 527 6.29 54.18 26.42
C PHE B 527 6.45 53.84 27.90
N GLY B 528 7.68 53.89 28.42
CA GLY B 528 7.93 53.69 29.83
C GLY B 528 8.30 52.28 30.23
N GLY B 529 8.21 51.31 29.32
CA GLY B 529 8.48 49.93 29.65
C GLY B 529 9.95 49.61 29.75
N VAL B 530 10.23 48.38 30.14
CA VAL B 530 11.60 47.89 30.29
C VAL B 530 12.10 47.41 28.95
N GLY B 531 13.31 47.83 28.56
CA GLY B 531 13.91 47.41 27.32
C GLY B 531 15.28 46.79 27.51
N VAL B 532 15.44 45.55 27.06
CA VAL B 532 16.66 44.77 27.26
C VAL B 532 17.09 44.17 25.93
N ASN B 533 18.40 44.15 25.68
CA ASN B 533 18.98 43.50 24.52
C ASN B 533 19.89 42.37 25.00
N VAL B 534 19.69 41.17 24.46
CA VAL B 534 20.43 39.99 24.87
C VAL B 534 21.01 39.31 23.63
N THR B 535 22.11 38.57 23.83
CA THR B 535 22.81 37.91 22.74
C THR B 535 23.11 36.44 22.98
N THR B 536 22.91 35.92 24.19
CA THR B 536 23.21 34.55 24.53
C THR B 536 22.01 33.93 25.25
N PRO B 537 21.87 32.60 25.21
CA PRO B 537 20.78 31.96 25.98
C PRO B 537 20.85 32.26 27.46
N ASP B 538 22.05 32.36 28.02
CA ASP B 538 22.19 32.67 29.44
C ASP B 538 21.67 34.07 29.75
N GLU B 539 22.04 35.05 28.93
CA GLU B 539 21.49 36.40 29.09
C GLU B 539 19.98 36.41 28.91
N LEU B 540 19.47 35.60 27.97
CA LEU B 540 18.03 35.56 27.73
C LEU B 540 17.29 35.03 28.95
N LYS B 541 17.83 33.99 29.60
CA LYS B 541 17.16 33.41 30.76
C LYS B 541 17.12 34.40 31.93
N ARG B 542 18.20 35.17 32.12
CA ARG B 542 18.22 36.14 33.21
C ARG B 542 17.20 37.25 32.98
N ALA B 543 17.10 37.75 31.75
CA ALA B 543 16.18 38.86 31.47
C ALA B 543 14.73 38.42 31.62
N VAL B 544 14.41 37.22 31.13
CA VAL B 544 13.04 36.72 31.24
C VAL B 544 12.68 36.50 32.70
N ASP B 545 13.59 35.89 33.46
CA ASP B 545 13.33 35.64 34.87
C ASP B 545 13.11 36.94 35.64
N GLU B 546 13.93 37.96 35.37
CA GLU B 546 13.77 39.24 36.04
C GLU B 546 12.45 39.91 35.67
N ALA B 547 12.10 39.90 34.38
CA ALA B 547 10.87 40.55 33.94
C ALA B 547 9.63 39.83 34.50
N MET B 548 9.64 38.50 34.48
CA MET B 548 8.49 37.74 34.93
C MET B 548 8.40 37.64 36.45
N ASN B 549 9.52 37.82 37.16
CA ASN B 549 9.45 37.91 38.61
C ASN B 549 8.96 39.29 39.05
N SER B 550 9.44 40.35 38.40
CA SER B 550 8.98 41.69 38.74
C SER B 550 7.54 41.91 38.31
N GLY B 551 7.15 41.35 37.16
CA GLY B 551 5.85 41.64 36.60
C GLY B 551 5.76 42.94 35.85
N LYS B 552 6.90 43.62 35.62
CA LYS B 552 6.89 44.89 34.90
C LYS B 552 6.84 44.63 33.39
N PRO B 553 6.13 45.47 32.64
CA PRO B 553 6.12 45.32 31.17
C PRO B 553 7.52 45.40 30.61
N THR B 554 7.88 44.43 29.77
CA THR B 554 9.26 44.28 29.34
C THR B 554 9.30 43.71 27.93
N LEU B 555 10.15 44.29 27.09
CA LEU B 555 10.46 43.77 25.76
C LEU B 555 11.93 43.42 25.73
N ILE B 556 12.23 42.16 25.41
CA ILE B 556 13.60 41.67 25.32
C ILE B 556 13.91 41.44 23.85
N ASN B 557 14.91 42.16 23.33
CA ASN B 557 15.34 42.03 21.95
C ASN B 557 16.46 40.99 21.89
N ALA B 558 16.15 39.82 21.34
CA ALA B 558 17.11 38.72 21.26
C ALA B 558 17.66 38.63 19.84
N GLU B 559 18.96 38.85 19.69
CA GLU B 559 19.60 38.77 18.39
C GLU B 559 19.75 37.32 17.95
N ILE B 560 19.14 36.98 16.82
CA ILE B 560 19.16 35.63 16.28
C ILE B 560 20.01 35.62 15.01
N ASP B 561 20.76 34.55 14.83
CA ASP B 561 21.58 34.34 13.63
C ASP B 561 20.75 34.59 12.37
N PRO B 562 21.09 35.57 11.55
CA PRO B 562 20.30 35.84 10.34
C PRO B 562 20.27 34.68 9.35
N ALA B 563 21.18 33.71 9.47
CA ALA B 563 21.25 32.59 8.56
C ALA B 563 20.62 31.32 9.10
N ALA B 564 20.16 31.31 10.35
CA ALA B 564 19.58 30.13 10.94
C ALA B 564 18.14 29.94 10.46
N GLY B 565 17.60 28.76 10.72
CA GLY B 565 16.21 28.47 10.42
C GLY B 565 16.01 27.91 9.01
N SER B 566 14.73 27.87 8.63
CA SER B 566 14.30 27.36 7.34
C SER B 566 13.80 28.51 6.47
N GLU B 567 14.09 28.44 5.16
CA GLU B 567 13.75 29.51 4.24
C GLU B 567 12.26 29.56 3.93
N GLY B 568 11.52 28.49 4.19
CA GLY B 568 10.10 28.45 3.90
C GLY B 568 9.21 28.61 5.12
N PRO C 21 12.92 -3.09 -26.67
CA PRO C 21 12.85 -3.99 -27.83
C PRO C 21 12.14 -5.30 -27.50
N GLU C 22 12.35 -6.34 -28.31
CA GLU C 22 11.71 -7.61 -28.09
C GLU C 22 12.27 -8.30 -26.84
N LEU C 23 11.42 -9.07 -26.17
CA LEU C 23 11.79 -9.80 -24.98
C LEU C 23 11.52 -11.29 -25.17
N THR C 24 12.05 -12.09 -24.26
CA THR C 24 11.79 -13.53 -24.22
C THR C 24 11.69 -13.93 -22.75
N ASP C 25 11.36 -15.20 -22.52
CA ASP C 25 11.15 -15.67 -21.15
C ASP C 25 11.77 -17.05 -20.99
N GLY C 26 11.74 -17.55 -19.74
CA GLY C 26 12.28 -18.87 -19.47
C GLY C 26 11.53 -19.98 -20.18
N PHE C 27 10.22 -19.81 -20.37
CA PHE C 27 9.45 -20.78 -21.15
C PHE C 27 10.06 -20.96 -22.53
N HIS C 28 10.25 -19.86 -23.25
CA HIS C 28 10.77 -19.94 -24.61
C HIS C 28 12.25 -20.33 -24.64
N LEU C 29 13.02 -19.88 -23.64
CA LEU C 29 14.46 -20.19 -23.64
C LEU C 29 14.69 -21.69 -23.48
N VAL C 30 13.88 -22.36 -22.65
CA VAL C 30 14.02 -23.80 -22.50
C VAL C 30 13.71 -24.52 -23.81
N ILE C 31 12.64 -24.09 -24.50
CA ILE C 31 12.27 -24.73 -25.76
C ILE C 31 13.31 -24.43 -26.84
N ASP C 32 13.68 -23.15 -26.97
CA ASP C 32 14.63 -22.77 -28.01
C ASP C 32 15.96 -23.49 -27.85
N ALA C 33 16.40 -23.70 -26.61
CA ALA C 33 17.64 -24.44 -26.38
C ALA C 33 17.49 -25.89 -26.79
N LEU C 34 16.37 -26.53 -26.45
CA LEU C 34 16.15 -27.93 -26.83
C LEU C 34 16.06 -28.08 -28.33
N LYS C 35 15.26 -27.23 -28.99
CA LYS C 35 15.14 -27.28 -30.44
C LYS C 35 16.49 -27.06 -31.11
N LEU C 36 17.31 -26.16 -30.56
CA LEU C 36 18.60 -25.85 -31.16
C LEU C 36 19.52 -27.05 -31.18
N ASN C 37 19.39 -27.95 -30.21
CA ASN C 37 20.29 -29.10 -30.08
C ASN C 37 19.66 -30.39 -30.60
N GLY C 38 18.70 -30.29 -31.51
CA GLY C 38 18.17 -31.45 -32.20
C GLY C 38 17.04 -32.17 -31.50
N ILE C 39 16.61 -31.72 -30.33
CA ILE C 39 15.50 -32.37 -29.63
C ILE C 39 14.23 -32.20 -30.44
N GLU C 40 13.55 -33.32 -30.73
CA GLU C 40 12.31 -33.30 -31.50
C GLU C 40 11.09 -33.74 -30.71
N THR C 41 11.27 -34.41 -29.58
CA THR C 41 10.18 -35.08 -28.88
C THR C 41 10.31 -34.83 -27.38
N ILE C 42 9.16 -34.73 -26.72
CA ILE C 42 9.10 -34.55 -25.27
C ILE C 42 8.04 -35.50 -24.72
N TYR C 43 8.45 -36.44 -23.88
CA TYR C 43 7.54 -37.32 -23.16
C TYR C 43 7.29 -36.72 -21.79
N ASN C 44 6.03 -36.63 -21.37
CA ASN C 44 5.73 -35.86 -20.17
C ASN C 44 4.39 -36.28 -19.58
N VAL C 45 4.10 -35.70 -18.42
CA VAL C 45 2.76 -35.72 -17.83
C VAL C 45 2.50 -34.27 -17.38
N PRO C 46 1.45 -33.62 -17.88
CA PRO C 46 1.23 -32.21 -17.54
C PRO C 46 0.91 -32.02 -16.06
N GLY C 47 0.95 -30.76 -15.66
CA GLY C 47 0.68 -30.39 -14.28
C GLY C 47 1.45 -29.14 -13.90
N ILE C 48 1.34 -28.78 -12.64
CA ILE C 48 2.03 -27.61 -12.10
C ILE C 48 3.48 -28.01 -11.79
N PRO C 49 4.48 -27.21 -12.20
CA PRO C 49 4.38 -25.93 -12.88
C PRO C 49 4.70 -25.98 -14.38
N ILE C 50 4.59 -27.15 -15.00
CA ILE C 50 5.14 -27.35 -16.34
C ILE C 50 4.04 -27.58 -17.39
N THR C 51 2.78 -27.26 -17.06
CA THR C 51 1.71 -27.45 -18.05
C THR C 51 1.92 -26.55 -19.26
N ASP C 52 2.17 -25.26 -19.04
CA ASP C 52 2.40 -24.33 -20.14
C ASP C 52 3.72 -24.60 -20.86
N LEU C 53 4.67 -25.28 -20.21
CA LEU C 53 5.91 -25.64 -20.89
C LEU C 53 5.65 -26.66 -21.99
N GLY C 54 4.86 -27.70 -21.69
CA GLY C 54 4.51 -28.67 -22.70
C GLY C 54 3.61 -28.11 -23.78
N ARG C 55 2.77 -27.13 -23.44
CA ARG C 55 1.93 -26.48 -24.43
C ARG C 55 2.77 -25.66 -25.40
N LEU C 56 3.60 -24.75 -24.86
CA LEU C 56 4.50 -23.98 -25.70
C LEU C 56 5.41 -24.88 -26.53
N ALA C 57 5.79 -26.04 -25.98
CA ALA C 57 6.58 -26.99 -26.75
C ALA C 57 5.81 -27.48 -27.97
N GLN C 58 4.51 -27.76 -27.80
CA GLN C 58 3.71 -28.27 -28.91
C GLN C 58 3.47 -27.19 -29.95
N ALA C 59 3.21 -25.95 -29.51
CA ALA C 59 3.02 -24.85 -30.43
C ALA C 59 4.31 -24.50 -31.18
N GLU C 60 5.46 -24.82 -30.60
CA GLU C 60 6.76 -24.49 -31.19
C GLU C 60 7.28 -25.56 -32.12
N GLY C 61 6.53 -26.63 -32.35
CA GLY C 61 6.88 -27.65 -33.32
C GLY C 61 7.25 -28.99 -32.74
N LEU C 62 7.53 -29.06 -31.44
CA LEU C 62 7.93 -30.31 -30.81
C LEU C 62 6.73 -31.22 -30.60
N ARG C 63 6.94 -32.52 -30.82
CA ARG C 63 5.90 -33.50 -30.52
C ARG C 63 5.91 -33.81 -29.03
N VAL C 64 4.75 -33.68 -28.40
CA VAL C 64 4.60 -33.87 -26.97
C VAL C 64 3.70 -35.08 -26.74
N ILE C 65 4.26 -36.13 -26.14
CA ILE C 65 3.52 -37.35 -25.83
C ILE C 65 3.22 -37.36 -24.34
N SER C 66 1.94 -37.30 -23.98
CA SER C 66 1.52 -37.28 -22.59
C SER C 66 1.09 -38.67 -22.16
N PHE C 67 1.56 -39.09 -20.99
CA PHE C 67 1.33 -40.44 -20.49
C PHE C 67 0.34 -40.38 -19.33
N ARG C 68 0.05 -41.56 -18.76
CA ARG C 68 -0.75 -41.67 -17.55
C ARG C 68 0.11 -41.78 -16.29
N HIS C 69 1.42 -41.94 -16.44
CA HIS C 69 2.32 -42.09 -15.29
C HIS C 69 3.72 -41.67 -15.72
N GLU C 70 4.38 -40.85 -14.90
CA GLU C 70 5.67 -40.29 -15.29
C GLU C 70 6.73 -41.36 -15.47
N GLN C 71 6.63 -42.47 -14.73
CA GLN C 71 7.60 -43.55 -14.90
C GLN C 71 7.55 -44.12 -16.31
N ASN C 72 6.35 -44.18 -16.90
CA ASN C 72 6.23 -44.64 -18.29
C ASN C 72 6.76 -43.60 -19.25
N ALA C 73 6.51 -42.31 -18.97
CA ALA C 73 7.15 -41.26 -19.75
C ALA C 73 8.66 -41.33 -19.63
N GLY C 74 9.16 -41.63 -18.41
CA GLY C 74 10.59 -41.78 -18.23
C GLY C 74 11.16 -42.97 -18.99
N ASN C 75 10.48 -44.11 -18.94
CA ASN C 75 10.94 -45.27 -19.70
C ASN C 75 10.96 -44.98 -21.19
N ALA C 76 9.99 -44.21 -21.67
CA ALA C 76 9.98 -43.84 -23.08
C ALA C 76 11.20 -43.00 -23.42
N ALA C 77 11.55 -42.04 -22.56
CA ALA C 77 12.73 -41.21 -22.82
C ALA C 77 14.01 -42.04 -22.76
N ALA C 78 14.06 -43.03 -21.86
CA ALA C 78 15.27 -43.82 -21.70
C ALA C 78 15.56 -44.64 -22.95
N ILE C 79 14.61 -45.45 -23.40
CA ILE C 79 14.84 -46.28 -24.57
C ILE C 79 14.93 -45.44 -25.85
N ALA C 80 14.35 -44.23 -25.84
CA ALA C 80 14.53 -43.35 -27.00
C ALA C 80 15.96 -42.86 -27.09
N GLY C 81 16.64 -42.69 -25.96
CA GLY C 81 18.05 -42.37 -26.00
C GLY C 81 18.89 -43.51 -26.53
N PHE C 82 18.54 -44.75 -26.15
CA PHE C 82 19.24 -45.92 -26.66
C PHE C 82 19.08 -46.04 -28.17
N LEU C 83 17.89 -45.75 -28.69
CA LEU C 83 17.63 -45.94 -30.11
C LEU C 83 18.31 -44.88 -30.97
N THR C 84 18.49 -43.67 -30.44
CA THR C 84 18.89 -42.53 -31.25
C THR C 84 20.26 -41.96 -30.93
N LYS C 85 20.93 -42.44 -29.88
CA LYS C 85 22.18 -41.85 -29.39
C LYS C 85 22.03 -40.37 -29.05
N LYS C 86 20.80 -39.93 -28.79
CA LYS C 86 20.47 -38.57 -28.40
C LYS C 86 19.58 -38.61 -27.17
N PRO C 87 19.76 -37.69 -26.23
CA PRO C 87 19.08 -37.83 -24.92
C PRO C 87 17.57 -37.72 -25.06
N GLY C 88 16.87 -38.75 -24.61
CA GLY C 88 15.42 -38.67 -24.51
C GLY C 88 15.01 -37.70 -23.42
N ILE C 89 13.98 -36.90 -23.72
CA ILE C 89 13.53 -35.85 -22.82
C ILE C 89 12.27 -36.31 -22.10
N CYS C 90 12.30 -36.25 -20.76
CA CYS C 90 11.14 -36.56 -19.93
C CYS C 90 10.87 -35.34 -19.07
N LEU C 91 9.72 -34.72 -19.28
CA LEU C 91 9.32 -33.52 -18.54
C LEU C 91 8.33 -33.91 -17.47
N THR C 92 8.65 -33.58 -16.22
CA THR C 92 7.73 -33.89 -15.15
C THR C 92 7.54 -32.72 -14.21
N VAL C 93 6.85 -33.06 -13.13
CA VAL C 93 6.14 -32.17 -12.23
C VAL C 93 6.91 -32.29 -10.93
N SER C 94 6.70 -31.37 -9.98
CA SER C 94 7.45 -31.44 -8.73
C SER C 94 7.24 -32.77 -7.99
N ALA C 95 8.06 -33.01 -6.95
CA ALA C 95 8.21 -34.17 -6.06
C ALA C 95 7.45 -35.44 -6.46
N PRO C 96 6.11 -35.57 -6.25
CA PRO C 96 5.48 -36.85 -6.64
C PRO C 96 5.71 -37.24 -8.10
N GLY C 97 5.68 -36.25 -9.00
CA GLY C 97 5.98 -36.54 -10.38
C GLY C 97 7.47 -36.72 -10.64
N PHE C 98 8.30 -35.92 -9.98
CA PHE C 98 9.75 -36.08 -10.12
C PHE C 98 10.20 -37.45 -9.65
N LEU C 99 9.62 -37.94 -8.54
CA LEU C 99 10.01 -39.25 -8.03
C LEU C 99 9.60 -40.37 -8.96
N ASN C 100 8.41 -40.27 -9.56
CA ASN C 100 7.98 -41.28 -10.53
C ASN C 100 8.94 -41.33 -11.71
N GLY C 101 9.36 -40.17 -12.22
CA GLY C 101 10.32 -40.14 -13.31
C GLY C 101 11.72 -40.53 -12.88
N LEU C 102 12.08 -40.26 -11.63
CA LEU C 102 13.42 -40.58 -11.15
C LEU C 102 13.67 -42.09 -11.13
N THR C 103 12.63 -42.88 -10.86
CA THR C 103 12.78 -44.33 -10.89
C THR C 103 13.19 -44.80 -12.28
N ALA C 104 12.58 -44.24 -13.33
CA ALA C 104 13.02 -44.54 -14.68
C ALA C 104 14.37 -43.93 -14.98
N LEU C 105 14.66 -42.75 -14.43
CA LEU C 105 15.95 -42.13 -14.62
C LEU C 105 17.07 -43.01 -14.07
N ALA C 106 16.82 -43.65 -12.93
CA ALA C 106 17.82 -44.56 -12.36
C ALA C 106 18.05 -45.76 -13.26
N ASN C 107 16.97 -46.32 -13.82
CA ASN C 107 17.11 -47.45 -14.73
C ASN C 107 17.89 -47.05 -15.98
N ALA C 108 17.67 -45.83 -16.48
CA ALA C 108 18.44 -45.35 -17.62
C ALA C 108 19.93 -45.25 -17.28
N THR C 109 20.24 -44.84 -16.05
CA THR C 109 21.64 -44.81 -15.63
C THR C 109 22.21 -46.21 -15.50
N THR C 110 21.38 -47.19 -15.16
CA THR C 110 21.84 -48.56 -15.02
C THR C 110 22.12 -49.21 -16.37
N ASN C 111 21.30 -48.91 -17.38
CA ASN C 111 21.45 -49.49 -18.70
C ASN C 111 22.32 -48.65 -19.64
N CYS C 112 22.89 -47.56 -19.14
CA CYS C 112 23.72 -46.65 -19.95
C CYS C 112 22.91 -46.04 -21.10
N PHE C 113 21.67 -45.68 -20.81
CA PHE C 113 20.79 -45.05 -21.80
C PHE C 113 20.80 -43.55 -21.60
N PRO C 114 21.14 -42.76 -22.63
CA PRO C 114 21.12 -41.30 -22.46
C PRO C 114 19.69 -40.79 -22.26
N MET C 115 19.53 -39.90 -21.29
CA MET C 115 18.21 -39.43 -20.91
C MET C 115 18.36 -38.21 -20.01
N ILE C 116 17.50 -37.21 -20.23
CA ILE C 116 17.41 -36.04 -19.35
C ILE C 116 16.01 -36.03 -18.75
N LEU C 117 15.94 -36.06 -17.42
CA LEU C 117 14.69 -35.85 -16.71
C LEU C 117 14.58 -34.38 -16.37
N ILE C 118 13.70 -33.67 -17.07
CA ILE C 118 13.41 -32.27 -16.77
C ILE C 118 12.21 -32.23 -15.86
N SER C 119 12.35 -31.60 -14.71
CA SER C 119 11.27 -31.54 -13.73
C SER C 119 11.19 -30.14 -13.13
N GLY C 120 9.96 -29.64 -13.02
CA GLY C 120 9.77 -28.40 -12.31
C GLY C 120 9.95 -28.57 -10.82
N SER C 121 10.30 -27.48 -10.14
CA SER C 121 10.52 -27.50 -8.70
C SER C 121 9.88 -26.27 -8.09
N SER C 122 9.66 -26.34 -6.77
CA SER C 122 8.92 -25.32 -6.06
C SER C 122 9.81 -24.12 -5.73
N GLU C 123 9.32 -23.25 -4.85
CA GLU C 123 10.04 -22.06 -4.44
C GLU C 123 11.27 -22.44 -3.61
N ARG C 124 12.45 -21.97 -4.03
CA ARG C 124 13.69 -22.38 -3.39
C ARG C 124 13.76 -21.95 -1.93
N GLU C 125 13.32 -20.73 -1.64
CA GLU C 125 13.44 -20.22 -0.27
C GLU C 125 12.48 -20.91 0.70
N ILE C 126 11.44 -21.57 0.19
CA ILE C 126 10.54 -22.32 1.05
C ILE C 126 11.01 -23.76 1.22
N VAL C 127 11.58 -24.35 0.17
CA VAL C 127 12.12 -25.71 0.28
C VAL C 127 13.41 -25.71 1.08
N ASP C 128 14.22 -24.64 0.96
CA ASP C 128 15.47 -24.58 1.71
C ASP C 128 15.24 -24.51 3.21
N LEU C 129 14.08 -24.01 3.63
CA LEU C 129 13.71 -23.96 5.05
C LEU C 129 12.73 -25.06 5.44
N GLN C 130 12.37 -25.95 4.51
CA GLN C 130 11.50 -27.09 4.78
C GLN C 130 10.19 -26.65 5.44
N GLN C 131 9.56 -25.65 4.83
CA GLN C 131 8.35 -25.05 5.36
C GLN C 131 7.08 -25.65 4.78
N GLY C 132 7.20 -26.71 3.98
CA GLY C 132 6.03 -27.39 3.45
C GLY C 132 5.42 -26.72 2.24
N ASP C 133 6.24 -26.41 1.25
CA ASP C 133 5.75 -25.83 0.01
C ASP C 133 4.90 -26.85 -0.75
N TYR C 134 4.21 -26.38 -1.79
CA TYR C 134 3.51 -27.28 -2.68
C TYR C 134 4.52 -28.13 -3.45
N GLY C 135 4.39 -29.45 -3.32
CA GLY C 135 5.29 -30.37 -3.98
C GLY C 135 6.75 -30.22 -3.56
N GLU C 136 7.00 -30.15 -2.26
CA GLU C 136 8.31 -29.73 -1.75
C GLU C 136 9.30 -30.88 -1.78
N MET C 137 10.47 -30.62 -2.35
CA MET C 137 11.59 -31.53 -2.35
C MET C 137 12.80 -30.79 -2.90
N ASP C 138 13.96 -31.00 -2.29
CA ASP C 138 15.22 -30.59 -2.92
C ASP C 138 15.52 -31.64 -3.98
N GLN C 139 14.80 -31.54 -5.09
CA GLN C 139 14.90 -32.55 -6.15
C GLN C 139 16.29 -32.64 -6.73
N LEU C 140 17.11 -31.58 -6.63
CA LEU C 140 18.51 -31.68 -7.02
C LEU C 140 19.28 -32.56 -6.05
N ALA C 141 19.09 -32.35 -4.74
CA ALA C 141 19.78 -33.17 -3.76
C ALA C 141 19.29 -34.61 -3.77
N ILE C 142 18.02 -34.82 -4.08
CA ILE C 142 17.46 -36.17 -4.08
C ILE C 142 17.90 -36.95 -5.33
N ALA C 143 18.09 -36.26 -6.46
CA ALA C 143 18.39 -36.96 -7.70
C ALA C 143 19.82 -37.47 -7.76
N LYS C 144 20.76 -36.77 -7.13
CA LYS C 144 22.18 -37.07 -7.36
C LYS C 144 22.60 -38.50 -7.01
N PRO C 145 22.11 -39.13 -5.94
CA PRO C 145 22.53 -40.52 -5.67
C PRO C 145 21.97 -41.53 -6.66
N LEU C 146 21.05 -41.13 -7.53
CA LEU C 146 20.32 -42.07 -8.37
C LEU C 146 20.53 -41.87 -9.87
N CYS C 147 21.26 -40.83 -10.29
CA CYS C 147 21.53 -40.62 -11.70
C CYS C 147 22.99 -40.20 -11.88
N LYS C 148 23.37 -39.94 -13.13
CA LYS C 148 24.76 -39.68 -13.45
C LYS C 148 25.16 -38.24 -13.11
N ALA C 149 24.33 -37.28 -13.47
CA ALA C 149 24.58 -35.88 -13.17
C ALA C 149 23.27 -35.18 -12.86
N ALA C 150 23.38 -34.03 -12.22
CA ALA C 150 22.20 -33.27 -11.82
C ALA C 150 22.56 -31.80 -11.73
N PHE C 151 21.75 -30.95 -12.34
CA PHE C 151 21.96 -29.51 -12.35
C PHE C 151 20.64 -28.81 -12.09
N ARG C 152 20.74 -27.56 -11.63
CA ARG C 152 19.57 -26.73 -11.40
C ARG C 152 19.85 -25.34 -11.96
N VAL C 153 18.89 -24.79 -12.69
CA VAL C 153 19.02 -23.50 -13.35
C VAL C 153 18.16 -22.49 -12.61
N LEU C 154 18.81 -21.51 -11.98
CA LEU C 154 18.11 -20.45 -11.25
C LEU C 154 17.86 -19.20 -12.07
N HIS C 155 18.70 -18.93 -13.08
CA HIS C 155 18.63 -17.69 -13.84
C HIS C 155 18.38 -17.99 -15.31
N ALA C 156 17.53 -17.18 -15.95
CA ALA C 156 17.14 -17.44 -17.34
C ALA C 156 18.32 -17.30 -18.30
N ALA C 157 19.30 -16.46 -17.95
CA ALA C 157 20.46 -16.30 -18.82
C ALA C 157 21.34 -17.54 -18.84
N ASP C 158 21.17 -18.46 -17.90
CA ASP C 158 21.96 -19.67 -17.81
C ASP C 158 21.22 -20.91 -18.30
N ILE C 159 20.02 -20.73 -18.87
CA ILE C 159 19.26 -21.88 -19.37
C ILE C 159 20.03 -22.58 -20.48
N GLY C 160 20.66 -21.82 -21.38
CA GLY C 160 21.39 -22.43 -22.47
C GLY C 160 22.56 -23.28 -21.99
N ILE C 161 23.36 -22.73 -21.06
CA ILE C 161 24.46 -23.51 -20.49
C ILE C 161 23.91 -24.73 -19.76
N GLY C 162 22.84 -24.55 -18.99
CA GLY C 162 22.28 -25.67 -18.25
C GLY C 162 21.83 -26.81 -19.15
N VAL C 163 21.15 -26.47 -20.26
CA VAL C 163 20.76 -27.50 -21.22
C VAL C 163 22.00 -28.14 -21.84
N ALA C 164 23.01 -27.33 -22.15
CA ALA C 164 24.24 -27.85 -22.74
C ALA C 164 24.97 -28.79 -21.78
N ARG C 165 25.04 -28.42 -20.50
CA ARG C 165 25.66 -29.31 -19.52
C ARG C 165 24.87 -30.61 -19.38
N ALA C 166 23.55 -30.54 -19.51
CA ALA C 166 22.73 -31.74 -19.36
C ALA C 166 22.94 -32.68 -20.54
N ILE C 167 23.04 -32.14 -21.75
CA ILE C 167 23.23 -32.98 -22.93
C ILE C 167 24.60 -33.65 -22.90
N ARG C 168 25.64 -32.88 -22.58
CA ARG C 168 27.00 -33.44 -22.55
C ARG C 168 27.11 -34.56 -21.54
N ALA C 169 26.56 -34.36 -20.33
CA ALA C 169 26.63 -35.40 -19.32
C ALA C 169 25.84 -36.63 -19.71
N ALA C 170 24.84 -36.48 -20.58
CA ALA C 170 23.96 -37.60 -20.92
C ALA C 170 24.58 -38.51 -21.97
N VAL C 171 25.26 -37.94 -22.97
CA VAL C 171 25.74 -38.71 -24.12
C VAL C 171 27.24 -38.95 -24.10
N SER C 172 28.00 -38.26 -23.26
CA SER C 172 29.45 -38.45 -23.25
C SER C 172 29.83 -39.50 -22.21
N GLY C 173 31.05 -40.01 -22.36
CA GLY C 173 31.54 -41.09 -21.51
C GLY C 173 30.60 -42.29 -21.60
N ARG C 174 30.43 -42.96 -20.47
CA ARG C 174 29.35 -43.93 -20.37
C ARG C 174 28.04 -43.18 -20.29
N PRO C 175 27.16 -43.26 -21.28
CA PRO C 175 25.93 -42.47 -21.26
C PRO C 175 25.05 -42.86 -20.09
N GLY C 176 24.15 -41.95 -19.72
CA GLY C 176 23.29 -42.22 -18.58
C GLY C 176 22.26 -41.13 -18.39
N GLY C 177 21.53 -41.25 -17.29
CA GLY C 177 20.45 -40.31 -16.98
C GLY C 177 20.96 -39.07 -16.28
N VAL C 178 20.36 -37.93 -16.63
CA VAL C 178 20.74 -36.63 -16.10
C VAL C 178 19.48 -35.91 -15.62
N TYR C 179 19.57 -35.23 -14.49
CA TYR C 179 18.45 -34.47 -13.95
C TYR C 179 18.65 -32.98 -14.21
N LEU C 180 17.61 -32.33 -14.71
CA LEU C 180 17.62 -30.90 -14.99
C LEU C 180 16.45 -30.27 -14.23
N ASP C 181 16.77 -29.51 -13.18
CA ASP C 181 15.76 -28.93 -12.31
C ASP C 181 15.49 -27.49 -12.72
N LEU C 182 14.23 -27.19 -13.04
CA LEU C 182 13.82 -25.84 -13.42
C LEU C 182 12.78 -25.33 -12.43
N PRO C 183 13.15 -24.46 -11.50
CA PRO C 183 12.15 -23.89 -10.59
C PRO C 183 11.10 -23.10 -11.35
N ALA C 184 9.90 -23.00 -10.75
CA ALA C 184 8.78 -22.35 -11.42
C ALA C 184 9.07 -20.88 -11.72
N LYS C 185 9.84 -20.21 -10.86
CA LYS C 185 10.18 -18.82 -11.10
C LYS C 185 11.10 -18.66 -12.31
N LEU C 186 11.75 -19.72 -12.77
CA LEU C 186 12.64 -19.62 -13.92
C LEU C 186 11.86 -19.40 -15.21
N PHE C 187 10.71 -20.07 -15.35
CA PHE C 187 9.95 -19.98 -16.60
C PHE C 187 9.43 -18.57 -16.84
N SER C 188 9.05 -17.87 -15.78
CA SER C 188 8.41 -16.56 -15.90
C SER C 188 9.40 -15.40 -15.83
N GLN C 189 10.70 -15.66 -15.74
CA GLN C 189 11.67 -14.58 -15.87
C GLN C 189 11.64 -14.03 -17.29
N VAL C 190 12.03 -12.76 -17.42
CA VAL C 190 12.01 -12.07 -18.72
C VAL C 190 13.34 -11.37 -18.92
N ILE C 191 13.98 -11.63 -20.07
CA ILE C 191 15.21 -10.97 -20.47
C ILE C 191 15.10 -10.57 -21.93
N ASP C 192 16.12 -9.83 -22.40
CA ASP C 192 16.15 -9.37 -23.78
C ASP C 192 16.27 -10.55 -24.73
N ALA C 193 15.46 -10.54 -25.80
CA ALA C 193 15.38 -11.68 -26.70
C ALA C 193 16.70 -11.92 -27.42
N ASP C 194 17.36 -10.84 -27.87
CA ASP C 194 18.65 -11.01 -28.51
C ASP C 194 19.73 -11.40 -27.52
N LEU C 195 19.59 -10.99 -26.26
CA LEU C 195 20.51 -11.44 -25.23
C LEU C 195 20.30 -12.91 -24.91
N GLY C 196 19.04 -13.34 -24.84
CA GLY C 196 18.76 -14.75 -24.57
C GLY C 196 19.15 -15.65 -25.72
N ALA C 197 19.00 -15.17 -26.95
CA ALA C 197 19.37 -15.97 -28.11
C ALA C 197 20.87 -16.28 -28.10
N ARG C 198 21.70 -15.27 -27.84
CA ARG C 198 23.14 -15.48 -27.82
C ARG C 198 23.60 -16.35 -26.66
N SER C 199 22.78 -16.47 -25.60
CA SER C 199 23.15 -17.32 -24.48
C SER C 199 22.89 -18.79 -24.74
N LEU C 200 22.09 -19.12 -25.75
CA LEU C 200 21.83 -20.51 -26.08
C LEU C 200 23.07 -21.15 -26.71
N VAL C 201 23.23 -22.45 -26.48
CA VAL C 201 24.44 -23.17 -26.86
C VAL C 201 24.05 -24.38 -27.69
N LYS C 202 24.55 -24.43 -28.93
CA LYS C 202 24.46 -25.62 -29.76
C LYS C 202 25.72 -26.46 -29.48
N VAL C 203 25.52 -27.61 -28.84
CA VAL C 203 26.65 -28.38 -28.30
C VAL C 203 27.52 -28.90 -29.44
N ILE C 204 28.83 -28.74 -29.31
CA ILE C 204 29.79 -29.24 -30.27
C ILE C 204 30.40 -30.52 -29.72
N ASP C 205 30.28 -31.60 -30.49
CA ASP C 205 30.81 -32.92 -30.12
C ASP C 205 30.27 -33.36 -28.76
N ALA C 206 28.95 -33.49 -28.70
CA ALA C 206 28.29 -33.91 -27.46
C ALA C 206 28.82 -35.25 -26.99
N ALA C 207 28.90 -36.23 -27.89
CA ALA C 207 29.46 -37.55 -27.62
C ALA C 207 30.71 -37.71 -28.47
N PRO C 208 31.85 -37.20 -28.02
CA PRO C 208 33.05 -37.22 -28.85
C PRO C 208 33.66 -38.62 -28.94
N ALA C 209 34.31 -38.87 -30.08
CA ALA C 209 35.04 -40.12 -30.25
C ALA C 209 36.27 -40.13 -29.37
N GLN C 210 36.58 -41.30 -28.80
CA GLN C 210 37.76 -41.49 -27.97
C GLN C 210 38.54 -42.67 -28.53
N LEU C 211 39.76 -42.41 -28.99
CA LEU C 211 40.51 -43.44 -29.69
C LEU C 211 41.48 -44.15 -28.76
N PRO C 212 41.60 -45.47 -28.89
CA PRO C 212 42.47 -46.22 -27.98
C PRO C 212 43.95 -46.01 -28.32
N ALA C 213 44.78 -46.13 -27.29
CA ALA C 213 46.21 -46.05 -27.50
C ALA C 213 46.68 -47.24 -28.33
N PRO C 214 47.63 -47.04 -29.25
CA PRO C 214 48.09 -48.16 -30.08
C PRO C 214 48.69 -49.31 -29.30
N ALA C 215 49.26 -49.03 -28.12
CA ALA C 215 49.85 -50.11 -27.32
C ALA C 215 48.78 -51.02 -26.73
N ALA C 216 47.58 -50.51 -26.49
CA ALA C 216 46.49 -51.35 -25.99
C ALA C 216 45.88 -52.19 -27.10
N ILE C 217 45.82 -51.66 -28.32
CA ILE C 217 45.35 -52.44 -29.45
C ILE C 217 46.32 -53.57 -29.77
N ALA C 218 47.62 -53.27 -29.76
CA ALA C 218 48.62 -54.29 -30.04
C ALA C 218 48.62 -55.37 -28.97
N ARG C 219 48.37 -54.99 -27.71
CA ARG C 219 48.26 -55.98 -26.65
C ARG C 219 47.06 -56.90 -26.87
N ALA C 220 45.94 -56.34 -27.34
CA ALA C 220 44.75 -57.14 -27.56
C ALA C 220 44.95 -58.11 -28.73
N LEU C 221 45.54 -57.63 -29.82
CA LEU C 221 45.79 -58.50 -30.98
C LEU C 221 46.76 -59.63 -30.64
N ASP C 222 47.74 -59.36 -29.78
CA ASP C 222 48.67 -60.40 -29.36
C ASP C 222 47.95 -61.50 -28.58
N VAL C 223 47.04 -61.11 -27.70
CA VAL C 223 46.24 -62.09 -26.97
C VAL C 223 45.28 -62.80 -27.92
N LEU C 224 44.62 -62.04 -28.80
CA LEU C 224 43.64 -62.62 -29.70
C LEU C 224 44.29 -63.63 -30.65
N LYS C 225 45.46 -63.31 -31.18
CA LYS C 225 46.16 -64.24 -32.07
C LYS C 225 46.61 -65.50 -31.35
N SER C 226 46.80 -65.44 -30.03
CA SER C 226 47.25 -66.60 -29.27
C SER C 226 46.11 -67.56 -28.94
N ALA C 227 44.87 -67.16 -29.19
CA ALA C 227 43.72 -67.95 -28.74
C ALA C 227 43.60 -69.25 -29.53
N GLU C 228 43.30 -70.33 -28.81
CA GLU C 228 42.92 -71.59 -29.45
C GLU C 228 41.42 -71.67 -29.69
N ARG C 229 40.61 -71.06 -28.81
CA ARG C 229 39.16 -71.05 -28.93
C ARG C 229 38.65 -69.66 -28.58
N PRO C 230 38.85 -68.68 -29.46
CA PRO C 230 38.43 -67.31 -29.15
C PRO C 230 36.91 -67.16 -29.22
N LEU C 231 36.42 -66.15 -28.50
CA LEU C 231 34.99 -65.86 -28.47
C LEU C 231 34.78 -64.36 -28.36
N ILE C 232 33.86 -63.83 -29.14
CA ILE C 232 33.44 -62.44 -29.07
C ILE C 232 32.08 -62.38 -28.39
N ILE C 233 31.90 -61.43 -27.49
CA ILE C 233 30.62 -61.18 -26.84
C ILE C 233 30.19 -59.76 -27.18
N LEU C 234 29.06 -59.64 -27.87
CA LEU C 234 28.49 -58.36 -28.24
C LEU C 234 27.42 -57.98 -27.24
N GLY C 235 27.59 -56.84 -26.58
CA GLY C 235 26.60 -56.32 -25.66
C GLY C 235 25.83 -55.16 -26.28
N LYS C 236 24.81 -54.71 -25.54
CA LYS C 236 23.97 -53.62 -26.05
C LYS C 236 24.74 -52.31 -26.16
N GLY C 237 25.91 -52.21 -25.52
CA GLY C 237 26.78 -51.08 -25.78
C GLY C 237 27.28 -51.06 -27.21
N ALA C 238 27.60 -52.24 -27.76
CA ALA C 238 28.00 -52.32 -29.16
C ALA C 238 26.83 -52.03 -30.08
N ALA C 239 25.61 -52.39 -29.68
CA ALA C 239 24.44 -52.06 -30.48
C ALA C 239 24.09 -50.58 -30.38
N TYR C 240 24.20 -50.01 -29.17
CA TYR C 240 23.99 -48.58 -29.01
C TYR C 240 25.02 -47.77 -29.78
N ALA C 241 26.24 -48.30 -29.92
CA ALA C 241 27.31 -47.55 -30.54
C ALA C 241 27.01 -47.17 -31.98
N GLN C 242 26.12 -47.91 -32.65
CA GLN C 242 25.79 -47.69 -34.05
C GLN C 242 27.05 -47.67 -34.91
N ALA C 243 27.90 -48.68 -34.69
CA ALA C 243 29.01 -48.96 -35.58
C ALA C 243 28.75 -50.31 -36.24
N ASP C 244 27.58 -50.45 -36.84
CA ASP C 244 27.11 -51.75 -37.31
C ASP C 244 28.08 -52.37 -38.32
N GLU C 245 28.47 -51.59 -39.33
CA GLU C 245 29.38 -52.12 -40.35
C GLU C 245 30.74 -52.47 -39.74
N ALA C 246 31.23 -51.64 -38.82
CA ALA C 246 32.51 -51.92 -38.17
C ALA C 246 32.42 -53.19 -37.32
N VAL C 247 31.40 -53.28 -36.47
CA VAL C 247 31.25 -54.45 -35.59
C VAL C 247 31.07 -55.71 -36.41
N ARG C 248 30.24 -55.65 -37.45
CA ARG C 248 30.03 -56.82 -38.30
C ARG C 248 31.31 -57.21 -39.03
N ALA C 249 32.06 -56.21 -39.52
CA ALA C 249 33.31 -56.51 -40.21
C ALA C 249 34.32 -57.16 -39.28
N LEU C 250 34.33 -56.75 -38.00
CA LEU C 250 35.21 -57.39 -37.03
C LEU C 250 34.89 -58.86 -36.89
N VAL C 251 33.60 -59.20 -36.77
CA VAL C 251 33.21 -60.60 -36.59
C VAL C 251 33.51 -61.41 -37.84
N GLU C 252 33.02 -60.96 -39.00
CA GLU C 252 33.11 -61.77 -40.21
C GLU C 252 34.54 -61.92 -40.69
N GLU C 253 35.31 -60.83 -40.72
CA GLU C 253 36.65 -60.90 -41.27
C GLU C 253 37.62 -61.63 -40.34
N SER C 254 37.44 -61.52 -39.03
CA SER C 254 38.28 -62.27 -38.11
C SER C 254 37.95 -63.76 -38.12
N GLY C 255 36.70 -64.10 -38.45
CA GLY C 255 36.26 -65.48 -38.41
C GLY C 255 36.00 -66.02 -37.01
N ILE C 256 35.94 -65.16 -36.00
CA ILE C 256 35.79 -65.59 -34.61
C ILE C 256 34.31 -65.73 -34.28
N PRO C 257 33.89 -66.83 -33.66
CA PRO C 257 32.48 -66.95 -33.26
C PRO C 257 32.10 -65.90 -32.23
N TYR C 258 30.83 -65.53 -32.23
CA TYR C 258 30.33 -64.49 -31.35
C TYR C 258 29.07 -64.95 -30.64
N VAL C 259 28.80 -64.32 -29.50
CA VAL C 259 27.60 -64.56 -28.72
C VAL C 259 26.99 -63.21 -28.39
N PRO C 260 25.77 -62.90 -28.85
CA PRO C 260 25.16 -61.60 -28.53
C PRO C 260 24.34 -61.65 -27.25
N MET C 261 24.48 -60.59 -26.46
CA MET C 261 23.59 -60.39 -25.32
C MET C 261 22.18 -60.08 -25.84
N SER C 262 21.24 -59.94 -24.90
CA SER C 262 19.82 -59.84 -25.26
C SER C 262 19.58 -58.73 -26.28
N MET C 263 19.93 -57.49 -25.94
CA MET C 263 19.63 -56.36 -26.79
C MET C 263 20.71 -56.10 -27.84
N ALA C 264 21.74 -56.94 -27.89
CA ALA C 264 22.65 -56.93 -29.02
C ALA C 264 22.25 -57.91 -30.11
N LYS C 265 21.20 -58.71 -29.86
CA LYS C 265 20.65 -59.57 -30.90
C LYS C 265 20.21 -58.74 -32.09
N GLY C 266 20.45 -59.26 -33.29
CA GLY C 266 20.10 -58.58 -34.51
C GLY C 266 21.16 -57.65 -35.05
N LEU C 267 22.13 -57.24 -34.22
CA LEU C 267 23.27 -56.47 -34.72
C LEU C 267 23.90 -57.17 -35.91
N LEU C 268 24.30 -58.39 -35.73
CA LEU C 268 24.34 -59.34 -36.83
C LEU C 268 23.08 -60.21 -36.77
N PRO C 269 22.60 -60.70 -37.91
CA PRO C 269 21.43 -61.59 -37.87
C PRO C 269 21.70 -62.79 -36.99
N ASP C 270 20.76 -63.08 -36.08
CA ASP C 270 20.97 -64.15 -35.10
C ASP C 270 21.20 -65.51 -35.74
N THR C 271 20.90 -65.67 -37.03
CA THR C 271 21.18 -66.89 -37.76
C THR C 271 22.50 -66.83 -38.53
N HIS C 272 23.35 -65.86 -38.21
CA HIS C 272 24.64 -65.73 -38.89
C HIS C 272 25.45 -67.01 -38.69
N PRO C 273 26.18 -67.47 -39.72
CA PRO C 273 26.96 -68.70 -39.58
C PRO C 273 28.03 -68.64 -38.51
N LEU C 274 28.38 -67.45 -38.01
CA LEU C 274 29.37 -67.30 -36.95
C LEU C 274 28.73 -67.15 -35.57
N SER C 275 27.40 -67.10 -35.48
CA SER C 275 26.73 -66.94 -34.20
C SER C 275 26.77 -68.24 -33.41
N ALA C 276 27.16 -68.14 -32.14
CA ALA C 276 27.09 -69.26 -31.22
C ALA C 276 26.05 -69.03 -30.13
N GLY C 277 25.05 -68.19 -30.41
CA GLY C 277 24.03 -67.91 -29.41
C GLY C 277 23.27 -69.16 -28.99
N ALA C 278 22.98 -70.05 -29.95
CA ALA C 278 22.36 -71.31 -29.63
C ALA C 278 23.32 -72.30 -28.95
N ALA C 279 24.60 -71.94 -28.85
CA ALA C 279 25.60 -72.73 -28.16
C ALA C 279 26.26 -71.91 -27.05
N ARG C 280 25.43 -71.11 -26.35
CA ARG C 280 25.95 -70.14 -25.39
C ARG C 280 26.74 -70.80 -24.28
N SER C 281 26.29 -71.95 -23.79
CA SER C 281 26.96 -72.60 -22.67
C SER C 281 28.35 -73.08 -23.06
N THR C 282 28.46 -73.73 -24.22
CA THR C 282 29.78 -74.24 -24.64
C THR C 282 30.73 -73.10 -24.97
N ALA C 283 30.24 -72.06 -25.65
CA ALA C 283 31.09 -70.93 -26.00
C ALA C 283 31.67 -70.26 -24.76
N LEU C 284 30.81 -69.98 -23.77
CA LEU C 284 31.29 -69.34 -22.54
C LEU C 284 32.18 -70.26 -21.74
N LYS C 285 31.95 -71.57 -21.79
CA LYS C 285 32.66 -72.51 -20.93
C LYS C 285 33.99 -72.97 -21.51
N ASP C 286 34.01 -73.33 -22.78
CA ASP C 286 35.19 -73.96 -23.39
C ASP C 286 36.11 -72.98 -24.09
N SER C 287 35.75 -71.70 -24.17
CA SER C 287 36.66 -70.75 -24.79
C SER C 287 37.87 -70.51 -23.89
N ASP C 288 38.83 -69.74 -24.40
CA ASP C 288 40.02 -69.43 -23.62
C ASP C 288 40.30 -67.93 -23.64
N VAL C 289 39.96 -67.26 -24.74
CA VAL C 289 40.07 -65.81 -24.85
C VAL C 289 38.71 -65.26 -25.24
N VAL C 290 38.23 -64.27 -24.48
CA VAL C 290 36.93 -63.67 -24.69
C VAL C 290 37.12 -62.18 -24.94
N LEU C 291 36.48 -61.66 -25.99
CA LEU C 291 36.50 -60.24 -26.32
C LEU C 291 35.14 -59.64 -26.00
N LEU C 292 35.08 -58.84 -24.94
CA LEU C 292 33.86 -58.16 -24.54
C LEU C 292 33.76 -56.83 -25.26
N VAL C 293 32.69 -56.64 -26.03
CA VAL C 293 32.47 -55.43 -26.81
C VAL C 293 31.21 -54.76 -26.25
N GLY C 294 31.40 -53.77 -25.39
CA GLY C 294 30.26 -53.09 -24.78
C GLY C 294 29.39 -54.02 -23.96
N ALA C 295 30.01 -54.93 -23.20
CA ALA C 295 29.28 -55.88 -22.38
C ALA C 295 30.01 -56.03 -21.06
N ARG C 296 29.27 -55.93 -19.96
CA ARG C 296 29.84 -56.02 -18.63
C ARG C 296 29.81 -57.44 -18.11
N LEU C 297 30.84 -57.80 -17.35
CA LEU C 297 30.88 -59.09 -16.65
C LEU C 297 30.09 -59.00 -15.36
N ASN C 298 28.78 -58.75 -15.50
CA ASN C 298 27.90 -58.62 -14.37
C ASN C 298 27.11 -59.92 -14.17
N TRP C 299 25.95 -59.84 -13.51
CA TRP C 299 25.16 -61.04 -13.22
C TRP C 299 24.71 -61.73 -14.50
N LEU C 300 24.46 -60.96 -15.56
CA LEU C 300 24.03 -61.56 -16.83
C LEU C 300 25.12 -62.43 -17.44
N LEU C 301 26.39 -62.13 -17.13
CA LEU C 301 27.51 -62.97 -17.54
C LEU C 301 28.19 -63.63 -16.35
N SER C 302 27.43 -63.84 -15.27
CA SER C 302 27.87 -64.60 -14.10
C SER C 302 29.13 -64.03 -13.45
N HIS C 303 29.36 -62.73 -13.62
CA HIS C 303 30.49 -62.02 -13.03
C HIS C 303 31.85 -62.61 -13.44
N GLY C 304 31.89 -63.39 -14.52
CA GLY C 304 33.12 -64.04 -14.92
C GLY C 304 33.59 -65.14 -13.98
N LYS C 305 32.75 -65.59 -13.06
CA LYS C 305 33.11 -66.58 -12.07
C LYS C 305 32.19 -67.79 -12.19
N GLY C 306 32.61 -68.89 -11.58
CA GLY C 306 31.83 -70.11 -11.59
C GLY C 306 32.15 -71.01 -12.77
N LYS C 307 31.36 -72.09 -12.87
CA LYS C 307 31.56 -73.08 -13.92
C LYS C 307 30.92 -72.67 -15.24
N THR C 308 30.23 -71.53 -15.29
CA THR C 308 29.81 -70.99 -16.57
C THR C 308 31.01 -70.72 -17.49
N TRP C 309 32.15 -70.36 -16.90
CA TRP C 309 33.35 -70.01 -17.64
C TRP C 309 34.43 -71.08 -17.53
N GLY C 310 34.05 -72.32 -17.21
CA GLY C 310 35.03 -73.38 -17.11
C GLY C 310 35.81 -73.33 -15.80
N GLU C 311 37.07 -73.77 -15.88
CA GLU C 311 37.90 -73.81 -14.69
C GLU C 311 38.51 -72.44 -14.41
N PRO C 312 38.77 -72.12 -13.14
CA PRO C 312 39.47 -70.88 -12.83
C PRO C 312 40.84 -70.82 -13.50
N GLY C 313 41.16 -69.67 -14.07
CA GLY C 313 42.40 -69.51 -14.80
C GLY C 313 42.37 -69.99 -16.22
N SER C 314 41.20 -70.36 -16.75
CA SER C 314 41.07 -70.81 -18.13
C SER C 314 40.65 -69.70 -19.07
N LYS C 315 40.50 -68.48 -18.59
CA LYS C 315 39.97 -67.38 -19.38
C LYS C 315 40.92 -66.19 -19.37
N ARG C 316 41.04 -65.55 -20.52
CA ARG C 316 41.70 -64.25 -20.66
C ARG C 316 40.72 -63.32 -21.36
N PHE C 317 40.56 -62.12 -20.82
CA PHE C 317 39.50 -61.20 -21.25
C PHE C 317 40.10 -59.97 -21.92
N ILE C 318 39.72 -59.75 -23.17
CA ILE C 318 39.86 -58.45 -23.81
C ILE C 318 38.54 -57.72 -23.66
N GLN C 319 38.60 -56.45 -23.26
CA GLN C 319 37.38 -55.68 -23.01
C GLN C 319 37.46 -54.35 -23.72
N ILE C 320 36.40 -54.00 -24.44
CA ILE C 320 36.26 -52.73 -25.13
C ILE C 320 35.13 -51.97 -24.45
N ASP C 321 35.47 -50.87 -23.78
CA ASP C 321 34.46 -50.10 -23.08
C ASP C 321 34.88 -48.64 -23.01
N ILE C 322 33.91 -47.74 -23.15
CA ILE C 322 34.19 -46.31 -23.05
C ILE C 322 34.58 -45.95 -21.62
N GLU C 323 34.10 -46.72 -20.63
CA GLU C 323 34.35 -46.42 -19.23
C GLU C 323 35.59 -47.18 -18.78
N PRO C 324 36.68 -46.49 -18.41
CA PRO C 324 37.86 -47.22 -17.93
C PRO C 324 37.66 -47.85 -16.56
N ARG C 325 36.72 -47.36 -15.75
CA ARG C 325 36.46 -47.92 -14.44
C ARG C 325 35.78 -49.28 -14.50
N GLU C 326 35.23 -49.67 -15.66
CA GLU C 326 34.61 -50.98 -15.79
C GLU C 326 35.63 -52.11 -15.86
N MET C 327 36.89 -51.79 -16.17
CA MET C 327 37.94 -52.80 -16.18
C MET C 327 38.25 -53.26 -14.76
N ASP C 328 38.53 -54.56 -14.63
CA ASP C 328 38.84 -55.18 -13.33
C ASP C 328 37.71 -54.98 -12.32
N SER C 329 36.48 -54.80 -12.80
CA SER C 329 35.36 -54.60 -11.88
C SER C 329 34.95 -55.91 -11.22
N ASN C 330 35.17 -57.04 -11.88
CA ASN C 330 34.76 -58.33 -11.35
C ASN C 330 35.92 -59.33 -11.33
N VAL C 331 36.60 -59.49 -12.47
CA VAL C 331 37.75 -60.37 -12.57
C VAL C 331 38.85 -59.64 -13.31
N GLU C 332 40.03 -60.28 -13.35
CA GLU C 332 41.19 -59.68 -14.00
C GLU C 332 40.98 -59.56 -15.49
N ILE C 333 41.33 -58.40 -16.04
CA ILE C 333 41.22 -58.12 -17.47
C ILE C 333 42.63 -57.89 -18.00
N VAL C 334 43.13 -58.83 -18.79
CA VAL C 334 44.53 -58.76 -19.23
C VAL C 334 44.71 -57.76 -20.35
N ALA C 335 43.69 -57.51 -21.17
CA ALA C 335 43.79 -56.63 -22.33
C ALA C 335 42.65 -55.61 -22.32
N PRO C 336 42.72 -54.61 -21.45
CA PRO C 336 41.71 -53.55 -21.47
C PRO C 336 41.96 -52.58 -22.62
N VAL C 337 40.88 -52.23 -23.32
CA VAL C 337 40.93 -51.26 -24.41
C VAL C 337 39.84 -50.23 -24.13
N VAL C 338 40.25 -48.98 -23.89
CA VAL C 338 39.34 -47.92 -23.48
C VAL C 338 39.13 -46.97 -24.64
N GLY C 339 37.88 -46.60 -24.86
CA GLY C 339 37.49 -45.75 -25.98
C GLY C 339 36.12 -46.13 -26.47
N ASP C 340 35.60 -45.31 -27.39
CA ASP C 340 34.29 -45.62 -27.96
C ASP C 340 34.40 -46.83 -28.89
N ILE C 341 33.32 -47.63 -28.91
CA ILE C 341 33.33 -48.89 -29.64
C ILE C 341 33.61 -48.66 -31.13
N GLY C 342 33.20 -47.51 -31.67
CA GLY C 342 33.51 -47.20 -33.05
C GLY C 342 35.01 -47.15 -33.31
N SER C 343 35.73 -46.36 -32.51
CA SER C 343 37.17 -46.19 -32.74
C SER C 343 37.95 -47.45 -32.38
N CYS C 344 37.49 -48.21 -31.38
CA CYS C 344 38.26 -49.37 -30.93
C CYS C 344 38.07 -50.57 -31.86
N VAL C 345 36.84 -50.82 -32.31
CA VAL C 345 36.60 -51.91 -33.25
C VAL C 345 37.34 -51.65 -34.55
N GLU C 346 37.27 -50.41 -35.05
CA GLU C 346 37.98 -50.07 -36.28
C GLU C 346 39.48 -50.23 -36.11
N ALA C 347 40.01 -49.92 -34.92
CA ALA C 347 41.44 -50.11 -34.68
C ALA C 347 41.81 -51.59 -34.63
N LEU C 348 41.01 -52.39 -33.93
CA LEU C 348 41.22 -53.83 -33.93
C LEU C 348 41.13 -54.39 -35.34
N LEU C 349 40.11 -53.97 -36.10
CA LEU C 349 39.92 -54.47 -37.44
C LEU C 349 41.08 -54.09 -38.35
N ASP C 350 41.67 -52.91 -38.15
CA ASP C 350 42.79 -52.50 -38.98
C ASP C 350 44.02 -53.35 -38.70
N GLY C 351 44.24 -53.72 -37.43
CA GLY C 351 45.33 -54.64 -37.11
C GLY C 351 45.07 -56.05 -37.58
N ILE C 352 43.80 -56.44 -37.67
CA ILE C 352 43.45 -57.77 -38.17
C ILE C 352 43.65 -57.85 -39.69
N ARG C 353 43.26 -56.80 -40.40
CA ARG C 353 43.39 -56.81 -41.86
C ARG C 353 44.84 -56.81 -42.30
N LYS C 354 45.76 -56.32 -41.48
CA LYS C 354 47.18 -56.35 -41.80
C LYS C 354 47.82 -57.68 -41.44
N ASP C 355 47.45 -58.25 -40.30
CA ASP C 355 48.06 -59.50 -39.83
C ASP C 355 46.99 -60.30 -39.10
N TRP C 356 46.52 -61.36 -39.73
CA TRP C 356 45.59 -62.29 -39.10
C TRP C 356 45.60 -63.58 -39.90
N LYS C 357 45.60 -64.71 -39.20
CA LYS C 357 45.76 -66.01 -39.82
C LYS C 357 44.46 -66.81 -39.85
N GLY C 358 43.33 -66.16 -39.60
CA GLY C 358 42.06 -66.86 -39.50
C GLY C 358 41.82 -67.41 -38.12
N ALA C 359 40.56 -67.43 -37.69
CA ALA C 359 40.24 -68.09 -36.43
C ALA C 359 40.24 -69.60 -36.61
N PRO C 360 40.60 -70.35 -35.55
CA PRO C 360 40.61 -71.82 -35.66
C PRO C 360 39.25 -72.38 -36.10
N SER C 361 39.22 -72.92 -37.33
CA SER C 361 37.96 -73.42 -37.88
C SER C 361 37.42 -74.61 -37.10
N ASN C 362 38.31 -75.35 -36.43
CA ASN C 362 37.88 -76.46 -35.59
C ASN C 362 36.97 -75.98 -34.45
N TRP C 363 37.24 -74.78 -33.93
CA TRP C 363 36.42 -74.24 -32.84
C TRP C 363 35.01 -73.91 -33.34
N LEU C 364 34.90 -73.38 -34.55
CA LEU C 364 33.58 -73.15 -35.16
C LEU C 364 32.81 -74.46 -35.30
N GLU C 365 33.49 -75.49 -35.83
CA GLU C 365 32.81 -76.75 -36.10
C GLU C 365 32.24 -77.36 -34.83
N THR C 366 32.95 -77.21 -33.70
CA THR C 366 32.41 -77.68 -32.43
C THR C 366 31.18 -76.87 -32.02
N LEU C 367 31.28 -75.55 -32.07
CA LEU C 367 30.14 -74.71 -31.72
C LEU C 367 29.00 -74.84 -32.72
N ARG C 368 29.33 -75.04 -34.01
CA ARG C 368 28.27 -75.22 -35.01
C ARG C 368 27.52 -76.53 -34.77
N GLY C 369 28.22 -77.58 -34.33
CA GLY C 369 27.55 -78.83 -34.04
C GLY C 369 26.64 -78.73 -32.84
N LYS C 370 27.14 -78.16 -31.74
CA LYS C 370 26.31 -77.98 -30.55
C LYS C 370 25.19 -76.99 -30.80
N ARG C 371 25.36 -76.08 -31.76
CA ARG C 371 24.30 -75.15 -32.10
C ARG C 371 23.14 -75.87 -32.79
N GLU C 372 23.44 -76.65 -33.83
CA GLU C 372 22.40 -77.36 -34.55
C GLU C 372 21.67 -78.36 -33.67
N ALA C 373 22.39 -78.99 -32.73
CA ALA C 373 21.77 -79.98 -31.85
C ALA C 373 20.75 -79.32 -30.92
N ASN C 374 21.06 -78.14 -30.38
CA ASN C 374 20.11 -77.45 -29.52
C ASN C 374 18.91 -76.95 -30.30
N ILE C 375 19.12 -76.50 -31.54
CA ILE C 375 18.01 -76.06 -32.37
C ILE C 375 17.12 -77.25 -32.75
N ALA C 376 17.74 -78.37 -33.13
CA ALA C 376 16.96 -79.56 -33.47
C ALA C 376 16.21 -80.08 -32.26
N LYS C 377 16.82 -80.01 -31.07
CA LYS C 377 16.13 -80.41 -29.86
C LYS C 377 15.05 -79.41 -29.46
N MET C 378 15.09 -78.19 -29.99
CA MET C 378 14.09 -77.18 -29.72
C MET C 378 12.94 -77.22 -30.72
N ALA C 379 13.19 -77.66 -31.95
CA ALA C 379 12.20 -77.61 -33.02
C ALA C 379 10.88 -78.29 -32.70
N PRO C 380 10.82 -79.49 -32.12
CA PRO C 380 9.51 -80.12 -31.89
C PRO C 380 8.60 -79.31 -30.98
N LYS C 381 9.16 -78.65 -29.96
CA LYS C 381 8.33 -77.88 -29.04
C LYS C 381 7.66 -76.69 -29.72
N LEU C 382 8.22 -76.21 -30.83
CA LEU C 382 7.61 -75.10 -31.57
C LEU C 382 6.48 -75.55 -32.48
N MET C 383 6.30 -76.86 -32.66
CA MET C 383 5.26 -77.42 -33.51
C MET C 383 4.24 -78.22 -32.71
N LYS C 384 4.07 -77.87 -31.44
CA LYS C 384 3.17 -78.61 -30.53
C LYS C 384 1.86 -77.82 -30.42
N ASN C 385 0.94 -78.10 -31.34
CA ASN C 385 -0.37 -77.44 -31.37
C ASN C 385 -1.28 -78.04 -30.30
N SER C 386 -0.88 -77.86 -29.05
CA SER C 386 -1.58 -78.41 -27.91
C SER C 386 -2.66 -77.45 -27.42
N SER C 387 -3.42 -77.88 -26.40
CA SER C 387 -4.49 -77.08 -25.83
C SER C 387 -4.55 -77.34 -24.33
N PRO C 388 -4.33 -76.31 -23.48
CA PRO C 388 -4.11 -74.90 -23.85
C PRO C 388 -2.76 -74.65 -24.53
N MET C 389 -2.71 -73.59 -25.33
CA MET C 389 -1.49 -73.23 -26.04
C MET C 389 -0.34 -73.00 -25.07
N CYS C 390 0.82 -73.54 -25.39
CA CYS C 390 2.00 -73.41 -24.55
C CYS C 390 2.89 -72.28 -25.04
N PHE C 391 3.92 -71.97 -24.25
CA PHE C 391 4.82 -70.87 -24.57
C PHE C 391 5.53 -71.11 -25.90
N HIS C 392 6.08 -72.32 -26.09
CA HIS C 392 6.92 -72.58 -27.26
C HIS C 392 6.13 -72.48 -28.56
N SER C 393 4.91 -73.04 -28.58
CA SER C 393 4.13 -73.03 -29.81
C SER C 393 3.72 -71.62 -30.20
N ALA C 394 3.38 -70.78 -29.22
CA ALA C 394 2.98 -69.41 -29.53
C ALA C 394 4.17 -68.59 -30.00
N LEU C 395 5.34 -68.80 -29.40
CA LEU C 395 6.52 -68.05 -29.80
C LEU C 395 7.02 -68.47 -31.18
N GLY C 396 6.82 -69.73 -31.55
CA GLY C 396 7.16 -70.17 -32.89
C GLY C 396 6.39 -69.41 -33.95
N ALA C 397 5.16 -69.00 -33.65
CA ALA C 397 4.41 -68.15 -34.56
C ALA C 397 4.99 -66.74 -34.58
N LEU C 398 5.32 -66.20 -33.41
CA LEU C 398 5.88 -64.85 -33.36
C LEU C 398 7.29 -64.80 -33.94
N ARG C 399 8.02 -65.91 -33.90
CA ARG C 399 9.32 -65.95 -34.55
C ARG C 399 9.18 -65.79 -36.06
N THR C 400 8.14 -66.38 -36.64
CA THR C 400 7.90 -66.23 -38.06
C THR C 400 7.51 -64.80 -38.40
N VAL C 401 6.68 -64.17 -37.56
CA VAL C 401 6.32 -62.77 -37.76
C VAL C 401 7.57 -61.91 -37.85
N ILE C 402 8.52 -62.12 -36.94
CA ILE C 402 9.73 -61.31 -36.91
C ILE C 402 10.61 -61.61 -38.10
N LYS C 403 10.74 -62.89 -38.47
CA LYS C 403 11.49 -63.25 -39.66
C LYS C 403 10.87 -62.63 -40.91
N GLU C 404 9.54 -62.60 -40.98
CA GLU C 404 8.85 -61.99 -42.12
C GLU C 404 8.84 -60.47 -42.05
N ARG C 405 9.02 -59.89 -40.86
CA ARG C 405 9.06 -58.42 -40.68
C ARG C 405 10.35 -58.07 -39.95
N PRO C 406 11.49 -58.16 -40.65
CA PRO C 406 12.79 -58.00 -39.96
C PRO C 406 13.08 -56.57 -39.51
N ASP C 407 12.32 -55.58 -39.97
CA ASP C 407 12.53 -54.20 -39.57
C ASP C 407 11.56 -53.75 -38.48
N ALA C 408 10.78 -54.66 -37.92
CA ALA C 408 9.88 -54.33 -36.83
C ALA C 408 10.62 -54.34 -35.50
N ILE C 409 10.15 -53.52 -34.57
CA ILE C 409 10.76 -53.39 -33.26
C ILE C 409 10.05 -54.33 -32.29
N LEU C 410 10.84 -55.11 -31.54
CA LEU C 410 10.32 -56.08 -30.60
C LEU C 410 10.52 -55.59 -29.18
N VAL C 411 9.42 -55.35 -28.46
CA VAL C 411 9.43 -55.10 -27.03
C VAL C 411 9.05 -56.38 -26.33
N ASN C 412 9.76 -56.70 -25.25
CA ASN C 412 9.58 -58.00 -24.60
C ASN C 412 9.91 -57.89 -23.12
N GLU C 413 9.00 -58.35 -22.27
CA GLU C 413 9.24 -58.34 -20.83
C GLU C 413 8.37 -59.38 -20.16
N GLY C 414 8.88 -59.95 -19.08
CA GLY C 414 8.23 -61.00 -18.33
C GLY C 414 9.27 -61.94 -17.74
N CYS C 415 8.87 -63.20 -17.54
CA CYS C 415 9.82 -64.21 -17.09
C CYS C 415 9.89 -65.35 -18.11
N ASN C 416 8.93 -66.28 -18.04
CA ASN C 416 8.83 -67.31 -19.08
C ASN C 416 8.63 -66.68 -20.44
N THR C 417 7.80 -65.63 -20.52
CA THR C 417 7.61 -64.91 -21.77
C THR C 417 8.89 -64.21 -22.21
N LEU C 418 9.75 -63.82 -21.26
CA LEU C 418 10.98 -63.12 -21.60
C LEU C 418 12.07 -64.10 -22.04
N ASP C 419 12.40 -65.07 -21.18
CA ASP C 419 13.53 -65.95 -21.44
C ASP C 419 13.30 -66.79 -22.69
N LEU C 420 12.08 -67.29 -22.88
CA LEU C 420 11.82 -68.16 -24.02
C LEU C 420 11.76 -67.37 -25.32
N ALA C 421 11.20 -66.16 -25.28
CA ALA C 421 11.16 -65.33 -26.48
C ALA C 421 12.56 -64.87 -26.89
N ARG C 422 13.47 -64.74 -25.92
CA ARG C 422 14.84 -64.34 -26.26
C ARG C 422 15.55 -65.42 -27.04
N GLY C 423 15.35 -66.69 -26.66
CA GLY C 423 16.04 -67.79 -27.31
C GLY C 423 15.36 -68.33 -28.54
N ILE C 424 14.08 -68.04 -28.71
CA ILE C 424 13.30 -68.53 -29.85
C ILE C 424 13.23 -67.50 -30.96
N ILE C 425 12.82 -66.27 -30.65
CA ILE C 425 12.71 -65.23 -31.65
C ILE C 425 14.11 -64.77 -32.05
N ASP C 426 14.43 -64.87 -33.33
CA ASP C 426 15.68 -64.36 -33.87
C ASP C 426 15.46 -62.95 -34.41
N MET C 427 16.36 -62.04 -34.04
CA MET C 427 16.35 -60.71 -34.62
C MET C 427 17.30 -60.66 -35.81
N TYR C 428 16.95 -59.81 -36.79
CA TYR C 428 17.72 -59.73 -38.02
C TYR C 428 18.32 -58.36 -38.28
N GLN C 429 17.87 -57.31 -37.59
CA GLN C 429 18.40 -55.97 -37.74
C GLN C 429 18.76 -55.42 -36.36
N PRO C 430 19.66 -54.44 -36.30
CA PRO C 430 20.13 -53.95 -35.00
C PRO C 430 19.07 -53.11 -34.29
N ARG C 431 19.17 -53.10 -32.96
CA ARG C 431 18.35 -52.24 -32.10
C ARG C 431 16.86 -52.46 -32.31
N LYS C 432 16.48 -53.69 -32.64
CA LYS C 432 15.08 -54.06 -32.83
C LYS C 432 14.49 -54.77 -31.63
N ARG C 433 15.29 -55.04 -30.60
CA ARG C 433 14.84 -55.76 -29.42
C ARG C 433 15.07 -54.89 -28.19
N LEU C 434 13.99 -54.54 -27.49
CA LEU C 434 14.04 -53.68 -26.31
C LEU C 434 13.39 -54.44 -25.15
N ASP C 435 14.18 -54.80 -24.15
CA ASP C 435 13.69 -55.64 -23.07
C ASP C 435 14.07 -55.05 -21.71
N VAL C 436 14.00 -55.88 -20.67
CA VAL C 436 14.07 -55.42 -19.29
C VAL C 436 15.43 -54.84 -18.91
N GLY C 437 16.49 -55.22 -19.61
CA GLY C 437 17.79 -54.63 -19.34
C GLY C 437 18.48 -55.20 -18.11
N THR C 438 19.34 -54.37 -17.51
CA THR C 438 20.26 -54.83 -16.47
C THR C 438 19.59 -55.00 -15.11
N TRP C 439 18.59 -54.19 -14.79
CA TRP C 439 17.88 -54.31 -13.52
C TRP C 439 16.73 -55.30 -13.57
N GLY C 440 16.48 -55.93 -14.71
CA GLY C 440 15.39 -56.88 -14.84
C GLY C 440 14.04 -56.29 -14.49
N VAL C 441 13.78 -55.09 -15.02
CA VAL C 441 12.61 -54.30 -14.60
C VAL C 441 11.36 -54.81 -15.31
N MET C 442 10.29 -54.97 -14.54
CA MET C 442 8.94 -55.12 -15.10
C MET C 442 8.28 -53.75 -15.08
N GLY C 443 7.77 -53.32 -16.23
CA GLY C 443 7.13 -52.02 -16.31
C GLY C 443 7.62 -51.18 -17.47
N ILE C 444 8.70 -51.62 -18.11
CA ILE C 444 9.25 -50.88 -19.25
C ILE C 444 8.46 -51.07 -20.53
N GLY C 445 7.56 -52.05 -20.58
CA GLY C 445 6.87 -52.45 -21.79
C GLY C 445 6.19 -51.35 -22.58
N MET C 446 5.13 -50.76 -22.01
CA MET C 446 4.32 -49.81 -22.78
C MET C 446 5.08 -48.51 -23.02
N GLY C 447 5.88 -48.07 -22.06
CA GLY C 447 6.70 -46.90 -22.28
C GLY C 447 7.68 -47.08 -23.43
N PHE C 448 8.30 -48.26 -23.51
CA PHE C 448 9.22 -48.54 -24.61
C PHE C 448 8.47 -48.59 -25.93
N ALA C 449 7.28 -49.17 -25.94
CA ALA C 449 6.53 -49.31 -27.19
C ALA C 449 6.13 -47.94 -27.74
N VAL C 450 5.77 -47.01 -26.86
CA VAL C 450 5.43 -45.66 -27.31
C VAL C 450 6.64 -44.99 -27.93
N ALA C 451 7.78 -45.07 -27.25
CA ALA C 451 8.99 -44.43 -27.77
C ALA C 451 9.46 -45.09 -29.05
N ALA C 452 9.37 -46.42 -29.14
CA ALA C 452 9.82 -47.12 -30.35
C ALA C 452 9.00 -46.68 -31.55
N ALA C 453 7.67 -46.63 -31.41
CA ALA C 453 6.83 -46.21 -32.52
C ALA C 453 7.04 -44.74 -32.86
N VAL C 454 7.22 -43.89 -31.84
CA VAL C 454 7.37 -42.46 -32.09
C VAL C 454 8.71 -42.16 -32.74
N GLU C 455 9.79 -42.78 -32.25
CA GLU C 455 11.13 -42.42 -32.71
C GLU C 455 11.43 -43.00 -34.08
N THR C 456 11.00 -44.23 -34.35
CA THR C 456 11.41 -44.92 -35.57
C THR C 456 10.33 -44.98 -36.64
N GLY C 457 9.06 -44.88 -36.27
CA GLY C 457 7.98 -45.07 -37.21
C GLY C 457 7.76 -46.50 -37.64
N LYS C 458 8.53 -47.45 -37.12
CA LYS C 458 8.41 -48.86 -37.46
C LYS C 458 7.20 -49.47 -36.77
N PRO C 459 6.76 -50.66 -37.21
CA PRO C 459 5.80 -51.41 -36.41
C PRO C 459 6.45 -51.97 -35.16
N VAL C 460 5.67 -52.01 -34.08
CA VAL C 460 6.14 -52.50 -32.79
C VAL C 460 5.30 -53.70 -32.40
N LEU C 461 5.97 -54.82 -32.10
CA LEU C 461 5.36 -56.01 -31.54
C LEU C 461 5.82 -56.12 -30.08
N ALA C 462 4.89 -55.93 -29.16
CA ALA C 462 5.19 -55.92 -27.72
C ALA C 462 4.72 -57.24 -27.12
N VAL C 463 5.66 -58.15 -26.90
CA VAL C 463 5.38 -59.45 -26.32
C VAL C 463 5.50 -59.32 -24.80
N GLU C 464 4.38 -59.47 -24.10
CA GLU C 464 4.28 -59.15 -22.69
C GLU C 464 3.80 -60.34 -21.88
N GLY C 465 4.42 -60.55 -20.73
CA GLY C 465 3.78 -61.35 -19.70
C GLY C 465 2.65 -60.57 -19.04
N ASP C 466 1.66 -61.30 -18.54
CA ASP C 466 0.51 -60.61 -17.95
C ASP C 466 0.88 -59.91 -16.65
N SER C 467 1.82 -60.46 -15.89
CA SER C 467 2.31 -59.74 -14.70
C SER C 467 3.10 -58.51 -15.11
N ALA C 468 4.01 -58.65 -16.08
CA ALA C 468 4.82 -57.52 -16.52
C ALA C 468 3.95 -56.41 -17.11
N PHE C 469 2.94 -56.78 -17.90
CA PHE C 469 2.05 -55.78 -18.50
C PHE C 469 1.31 -54.97 -17.44
N GLY C 470 0.96 -55.60 -16.32
CA GLY C 470 0.24 -54.91 -15.27
C GLY C 470 1.01 -53.75 -14.66
N PHE C 471 2.33 -53.76 -14.77
CA PHE C 471 3.12 -52.66 -14.21
C PHE C 471 3.02 -51.38 -15.03
N SER C 472 2.42 -51.43 -16.23
CA SER C 472 2.31 -50.24 -17.06
C SER C 472 1.16 -50.34 -18.05
N GLY C 473 0.14 -51.15 -17.74
CA GLY C 473 -0.92 -51.44 -18.68
C GLY C 473 -1.78 -50.25 -19.05
N MET C 474 -1.92 -49.27 -18.15
CA MET C 474 -2.79 -48.14 -18.43
C MET C 474 -2.33 -47.32 -19.63
N GLU C 475 -1.09 -47.48 -20.05
CA GLU C 475 -0.57 -46.71 -21.18
C GLU C 475 -1.04 -47.24 -22.53
N VAL C 476 -1.86 -48.30 -22.56
CA VAL C 476 -2.50 -48.67 -23.81
C VAL C 476 -3.44 -47.56 -24.25
N GLU C 477 -3.96 -46.78 -23.31
CA GLU C 477 -4.72 -45.58 -23.67
C GLU C 477 -3.83 -44.57 -24.36
N THR C 478 -2.61 -44.37 -23.86
CA THR C 478 -1.67 -43.47 -24.54
C THR C 478 -1.34 -43.98 -25.93
N ILE C 479 -1.17 -45.30 -26.08
CA ILE C 479 -0.90 -45.88 -27.39
C ILE C 479 -2.05 -45.59 -28.34
N CYS C 480 -3.30 -45.68 -27.85
CA CYS C 480 -4.45 -45.40 -28.70
C CYS C 480 -4.56 -43.92 -29.04
N ARG C 481 -4.25 -43.06 -28.07
CA ARG C 481 -4.48 -41.62 -28.25
C ARG C 481 -3.67 -41.07 -29.41
N TYR C 482 -2.43 -41.53 -29.57
CA TYR C 482 -1.57 -41.09 -30.66
C TYR C 482 -1.58 -42.07 -31.83
N GLU C 483 -2.47 -43.06 -31.80
CA GLU C 483 -2.70 -43.99 -32.90
C GLU C 483 -1.38 -44.57 -33.42
N LEU C 484 -0.60 -45.10 -32.48
CA LEU C 484 0.73 -45.64 -32.76
C LEU C 484 0.62 -47.09 -33.24
N PRO C 485 1.47 -47.49 -34.20
CA PRO C 485 1.38 -48.85 -34.78
C PRO C 485 1.96 -49.92 -33.86
N VAL C 486 1.31 -50.13 -32.72
CA VAL C 486 1.78 -51.05 -31.69
C VAL C 486 0.83 -52.25 -31.64
N CYS C 487 1.40 -53.45 -31.69
CA CYS C 487 0.64 -54.69 -31.55
C CYS C 487 1.13 -55.39 -30.29
N ILE C 488 0.28 -55.44 -29.26
CA ILE C 488 0.61 -56.00 -27.97
C ILE C 488 0.08 -57.42 -27.90
N VAL C 489 0.93 -58.34 -27.43
CA VAL C 489 0.54 -59.74 -27.25
C VAL C 489 0.75 -60.08 -25.78
N ILE C 490 -0.35 -60.30 -25.06
CA ILE C 490 -0.29 -60.69 -23.65
C ILE C 490 -0.25 -62.20 -23.57
N PHE C 491 0.82 -62.74 -22.98
CA PHE C 491 0.91 -64.18 -22.70
C PHE C 491 0.16 -64.43 -21.39
N ASN C 492 -1.16 -64.59 -21.52
CA ASN C 492 -2.05 -64.68 -20.37
C ASN C 492 -2.02 -66.10 -19.81
N ASN C 493 -1.15 -66.30 -18.82
CA ASN C 493 -1.09 -67.57 -18.09
C ASN C 493 -1.67 -67.46 -16.69
N ASN C 494 -2.37 -66.35 -16.40
CA ASN C 494 -3.13 -66.13 -15.17
C ASN C 494 -2.25 -65.92 -13.94
N GLY C 495 -1.00 -65.51 -14.10
CA GLY C 495 -0.20 -65.21 -12.93
C GLY C 495 1.27 -65.03 -13.25
N ILE C 496 2.05 -64.94 -12.17
CA ILE C 496 3.48 -64.72 -12.24
C ILE C 496 4.16 -66.08 -12.38
N PHE C 497 5.01 -66.22 -13.40
CA PHE C 497 5.67 -67.47 -13.74
C PHE C 497 4.65 -68.53 -14.16
N ARG C 498 3.68 -68.82 -13.30
CA ARG C 498 2.63 -69.78 -13.59
C ARG C 498 1.31 -69.26 -13.01
N GLY C 499 0.25 -70.02 -13.27
CA GLY C 499 -1.05 -69.67 -12.74
C GLY C 499 -1.66 -70.74 -11.85
N THR C 500 -0.80 -71.56 -11.24
CA THR C 500 -1.26 -72.74 -10.51
C THR C 500 -1.12 -72.64 -8.99
N ASP C 501 -0.74 -71.49 -8.46
CA ASP C 501 -0.55 -71.35 -7.03
C ASP C 501 -1.88 -71.08 -6.32
N THR C 502 -1.96 -71.51 -5.06
CA THR C 502 -3.20 -71.47 -4.29
C THR C 502 -2.91 -71.04 -2.85
N ASP C 503 -3.93 -70.46 -2.23
CA ASP C 503 -3.89 -70.17 -0.80
C ASP C 503 -4.02 -71.48 -0.03
N PRO C 504 -3.05 -71.84 0.82
CA PRO C 504 -3.23 -73.05 1.65
C PRO C 504 -4.33 -72.91 2.68
N THR C 505 -4.79 -71.71 2.96
CA THR C 505 -5.92 -71.50 3.84
C THR C 505 -7.25 -71.44 3.11
N GLY C 506 -7.23 -71.41 1.77
CA GLY C 506 -8.46 -71.40 1.00
C GLY C 506 -9.35 -70.20 1.26
N ARG C 507 -8.77 -69.09 1.70
CA ARG C 507 -9.51 -67.86 1.97
C ARG C 507 -9.38 -66.80 0.89
N ASP C 508 -8.25 -66.76 0.20
CA ASP C 508 -7.91 -65.72 -0.76
C ASP C 508 -7.34 -66.36 -2.02
N PRO C 509 -7.12 -65.60 -3.09
CA PRO C 509 -6.33 -66.11 -4.20
C PRO C 509 -4.86 -66.27 -3.82
N GLY C 510 -4.14 -66.99 -4.68
CA GLY C 510 -2.72 -67.20 -4.47
C GLY C 510 -1.91 -65.93 -4.67
N THR C 511 -0.72 -65.92 -4.07
CA THR C 511 0.10 -64.72 -4.08
C THR C 511 0.58 -64.37 -5.49
N THR C 512 0.79 -65.38 -6.33
CA THR C 512 1.38 -65.18 -7.66
C THR C 512 0.36 -65.24 -8.79
N VAL C 513 -0.94 -65.34 -8.48
CA VAL C 513 -1.96 -65.52 -9.50
C VAL C 513 -2.72 -64.21 -9.69
N PHE C 514 -3.44 -64.14 -10.80
CA PHE C 514 -4.31 -63.02 -11.15
C PHE C 514 -5.69 -63.57 -11.43
N VAL C 515 -6.65 -62.66 -11.66
CA VAL C 515 -8.00 -63.08 -12.03
C VAL C 515 -7.92 -64.04 -13.21
N LYS C 516 -8.60 -65.18 -13.08
CA LYS C 516 -8.49 -66.23 -14.08
C LYS C 516 -9.31 -65.90 -15.32
N ASN C 517 -8.75 -66.21 -16.48
CA ASN C 517 -9.34 -65.87 -17.78
C ASN C 517 -9.64 -64.38 -17.88
N SER C 518 -8.68 -63.56 -17.45
CA SER C 518 -8.78 -62.13 -17.66
C SER C 518 -8.65 -61.82 -19.14
N ARG C 519 -9.39 -60.80 -19.58
CA ARG C 519 -9.49 -60.46 -20.99
C ARG C 519 -8.99 -59.03 -21.19
N TYR C 520 -7.67 -58.88 -21.22
CA TYR C 520 -7.07 -57.56 -21.44
C TYR C 520 -7.49 -56.95 -22.78
N ASP C 521 -8.03 -57.77 -23.68
CA ASP C 521 -8.51 -57.23 -24.96
C ASP C 521 -9.68 -56.27 -24.74
N LYS C 522 -10.49 -56.50 -23.72
CA LYS C 522 -11.61 -55.58 -23.44
C LYS C 522 -11.10 -54.26 -22.88
N MET C 523 -9.95 -54.29 -22.19
CA MET C 523 -9.33 -53.06 -21.71
C MET C 523 -8.88 -52.19 -22.88
N MET C 524 -8.32 -52.81 -23.92
CA MET C 524 -7.94 -52.06 -25.10
C MET C 524 -9.16 -51.46 -25.80
N GLU C 525 -10.27 -52.20 -25.81
CA GLU C 525 -11.50 -51.68 -26.43
C GLU C 525 -12.03 -50.47 -25.67
N ALA C 526 -11.68 -50.34 -24.38
CA ALA C 526 -12.16 -49.21 -23.61
C ALA C 526 -11.68 -47.88 -24.16
N PHE C 527 -10.51 -47.88 -24.81
CA PHE C 527 -9.90 -46.67 -25.30
C PHE C 527 -9.89 -46.60 -26.82
N GLY C 528 -10.74 -47.39 -27.47
CA GLY C 528 -10.87 -47.37 -28.91
C GLY C 528 -9.96 -48.30 -29.67
N GLY C 529 -9.18 -49.13 -28.98
CA GLY C 529 -8.24 -50.01 -29.64
C GLY C 529 -8.85 -51.34 -30.02
N VAL C 530 -8.11 -52.09 -30.81
CA VAL C 530 -8.52 -53.41 -31.27
C VAL C 530 -8.16 -54.43 -30.21
N GLY C 531 -9.15 -55.22 -29.79
CA GLY C 531 -8.94 -56.29 -28.85
C GLY C 531 -9.25 -57.65 -29.47
N VAL C 532 -8.31 -58.57 -29.38
CA VAL C 532 -8.45 -59.92 -29.93
C VAL C 532 -8.13 -60.92 -28.84
N ASN C 533 -8.89 -62.01 -28.79
CA ASN C 533 -8.57 -63.13 -27.92
C ASN C 533 -8.25 -64.34 -28.78
N VAL C 534 -7.08 -64.94 -28.56
CA VAL C 534 -6.64 -66.09 -29.34
C VAL C 534 -6.32 -67.24 -28.40
N THR C 535 -6.59 -68.45 -28.86
CA THR C 535 -6.36 -69.67 -28.10
C THR C 535 -5.38 -70.62 -28.78
N THR C 536 -5.07 -70.40 -30.04
CA THR C 536 -4.27 -71.30 -30.84
C THR C 536 -3.13 -70.53 -31.50
N PRO C 537 -2.05 -71.21 -31.89
CA PRO C 537 -0.94 -70.49 -32.54
C PRO C 537 -1.32 -69.84 -33.86
N ASP C 538 -2.22 -70.45 -34.63
CA ASP C 538 -2.58 -69.91 -35.94
CA ASP C 538 -2.57 -69.90 -35.94
C ASP C 538 -3.46 -68.67 -35.80
N GLU C 539 -4.38 -68.67 -34.82
CA GLU C 539 -5.17 -67.47 -34.58
C GLU C 539 -4.28 -66.29 -34.22
N LEU C 540 -3.17 -66.57 -33.52
CA LEU C 540 -2.25 -65.50 -33.11
C LEU C 540 -1.53 -64.92 -34.31
N LYS C 541 -1.04 -65.78 -35.22
CA LYS C 541 -0.36 -65.30 -36.41
C LYS C 541 -1.28 -64.41 -37.25
N ARG C 542 -2.54 -64.83 -37.42
CA ARG C 542 -3.49 -64.01 -38.18
C ARG C 542 -3.77 -62.70 -37.48
N ALA C 543 -3.81 -62.70 -36.14
CA ALA C 543 -4.12 -61.48 -35.42
C ALA C 543 -2.95 -60.50 -35.44
N VAL C 544 -1.73 -61.01 -35.32
CA VAL C 544 -0.56 -60.13 -35.40
C VAL C 544 -0.42 -59.56 -36.80
N ASP C 545 -0.67 -60.38 -37.82
CA ASP C 545 -0.47 -59.93 -39.20
C ASP C 545 -1.48 -58.84 -39.57
N GLU C 546 -2.74 -58.99 -39.14
CA GLU C 546 -3.73 -57.94 -39.37
C GLU C 546 -3.31 -56.65 -38.69
N ALA C 547 -2.89 -56.73 -37.43
CA ALA C 547 -2.51 -55.53 -36.69
C ALA C 547 -1.25 -54.89 -37.27
N MET C 548 -0.23 -55.71 -37.56
CA MET C 548 1.03 -55.16 -38.04
C MET C 548 0.91 -54.66 -39.48
N ASN C 549 0.03 -55.26 -40.28
CA ASN C 549 -0.19 -54.75 -41.63
C ASN C 549 -1.02 -53.47 -41.60
N SER C 550 -1.99 -53.38 -40.68
CA SER C 550 -2.88 -52.23 -40.66
C SER C 550 -2.23 -51.03 -39.98
N GLY C 551 -1.36 -51.28 -39.01
CA GLY C 551 -0.82 -50.22 -38.18
C GLY C 551 -1.76 -49.69 -37.11
N LYS C 552 -2.86 -50.40 -36.83
CA LYS C 552 -3.85 -49.99 -35.85
C LYS C 552 -3.48 -50.52 -34.45
N PRO C 553 -3.60 -49.68 -33.43
CA PRO C 553 -3.24 -50.10 -32.07
C PRO C 553 -4.08 -51.29 -31.61
N THR C 554 -3.40 -52.32 -31.11
CA THR C 554 -4.05 -53.61 -30.93
C THR C 554 -3.45 -54.36 -29.74
N LEU C 555 -4.31 -54.98 -28.95
CA LEU C 555 -3.91 -55.90 -27.88
C LEU C 555 -4.53 -57.25 -28.13
N ILE C 556 -3.70 -58.28 -28.19
CA ILE C 556 -4.12 -59.67 -28.34
C ILE C 556 -3.94 -60.36 -27.00
N ASN C 557 -5.03 -60.80 -26.38
CA ASN C 557 -4.95 -61.65 -25.21
C ASN C 557 -4.79 -63.10 -25.67
N ALA C 558 -3.67 -63.70 -25.32
CA ALA C 558 -3.34 -65.07 -25.72
C ALA C 558 -3.37 -65.97 -24.50
N GLU C 559 -4.10 -67.07 -24.61
CA GLU C 559 -4.30 -67.98 -23.49
C GLU C 559 -3.20 -69.04 -23.49
N ILE C 560 -2.37 -69.01 -22.44
CA ILE C 560 -1.24 -69.92 -22.29
C ILE C 560 -1.56 -70.88 -21.15
N ASP C 561 -1.15 -72.14 -21.33
CA ASP C 561 -1.32 -73.15 -20.30
C ASP C 561 -0.82 -72.62 -18.95
N PRO C 562 -1.69 -72.52 -17.94
CA PRO C 562 -1.25 -71.99 -16.64
C PRO C 562 -0.21 -72.86 -15.94
N ALA C 563 0.06 -74.06 -16.47
CA ALA C 563 1.02 -74.99 -15.90
C ALA C 563 2.35 -75.03 -16.65
N ALA C 564 2.46 -74.34 -17.78
CA ALA C 564 3.66 -74.43 -18.60
C ALA C 564 4.73 -73.47 -18.07
N GLY C 565 5.96 -73.70 -18.52
CA GLY C 565 7.10 -72.88 -18.15
C GLY C 565 7.80 -73.33 -16.88
N SER C 566 8.45 -72.40 -16.19
CA SER C 566 9.14 -72.68 -14.94
C SER C 566 8.80 -71.60 -13.93
N GLU C 567 9.11 -71.86 -12.67
CA GLU C 567 9.03 -70.86 -11.61
C GLU C 567 10.44 -70.42 -11.25
N GLY C 568 10.71 -69.13 -11.38
CA GLY C 568 12.00 -68.59 -11.06
C GLY C 568 12.09 -67.08 -11.20
N PRO D 21 18.52 -79.93 17.84
CA PRO D 21 17.08 -79.97 18.07
C PRO D 21 16.29 -79.34 16.93
N GLU D 22 15.19 -78.64 17.26
CA GLU D 22 14.36 -78.00 16.25
C GLU D 22 15.02 -76.73 15.74
N LEU D 23 14.88 -76.48 14.44
CA LEU D 23 15.51 -75.34 13.79
C LEU D 23 14.46 -74.43 13.17
N THR D 24 14.84 -73.18 12.93
CA THR D 24 14.03 -72.23 12.20
C THR D 24 14.94 -71.44 11.28
N ASP D 25 14.34 -70.65 10.39
CA ASP D 25 15.10 -69.90 9.40
C ASP D 25 14.67 -68.44 9.41
N GLY D 26 15.36 -67.63 8.60
CA GLY D 26 15.01 -66.22 8.49
C GLY D 26 13.64 -65.98 7.89
N PHE D 27 13.20 -66.88 7.00
CA PHE D 27 11.84 -66.79 6.47
C PHE D 27 10.82 -66.78 7.60
N HIS D 28 10.95 -67.72 8.54
CA HIS D 28 9.97 -67.85 9.61
C HIS D 28 10.13 -66.78 10.68
N LEU D 29 11.37 -66.41 11.00
CA LEU D 29 11.59 -65.39 12.03
C LEU D 29 10.95 -64.07 11.65
N VAL D 30 11.03 -63.71 10.37
CA VAL D 30 10.41 -62.47 9.90
C VAL D 30 8.89 -62.54 10.07
N ILE D 31 8.28 -63.65 9.68
CA ILE D 31 6.83 -63.79 9.80
C ILE D 31 6.43 -63.81 11.27
N ASP D 32 7.15 -64.57 12.09
CA ASP D 32 6.81 -64.67 13.51
C ASP D 32 6.97 -63.32 14.21
N ALA D 33 7.96 -62.52 13.79
CA ALA D 33 8.14 -61.21 14.38
C ALA D 33 7.01 -60.27 14.00
N LEU D 34 6.56 -60.33 12.75
CA LEU D 34 5.43 -59.50 12.33
C LEU D 34 4.15 -59.94 13.03
N LYS D 35 3.92 -61.25 13.14
CA LYS D 35 2.73 -61.73 13.83
C LYS D 35 2.72 -61.31 15.30
N LEU D 36 3.88 -61.38 15.96
CA LEU D 36 3.96 -61.07 17.38
C LEU D 36 3.54 -59.65 17.71
N ASN D 37 3.61 -58.72 16.75
CA ASN D 37 3.34 -57.32 17.00
C ASN D 37 2.05 -56.82 16.36
N GLY D 38 1.19 -57.73 15.91
CA GLY D 38 -0.13 -57.36 15.43
C GLY D 38 -0.28 -57.21 13.93
N ILE D 39 0.78 -57.46 13.16
CA ILE D 39 0.66 -57.40 11.71
C ILE D 39 -0.27 -58.52 11.25
N GLU D 40 -1.32 -58.15 10.51
CA GLU D 40 -2.26 -59.10 9.94
C GLU D 40 -2.27 -59.11 8.42
N THR D 41 -1.74 -58.08 7.77
CA THR D 41 -1.87 -57.90 6.34
C THR D 41 -0.52 -57.54 5.75
N ILE D 42 -0.23 -58.09 4.56
CA ILE D 42 0.95 -57.76 3.79
C ILE D 42 0.49 -57.33 2.39
N TYR D 43 0.75 -56.08 2.04
CA TYR D 43 0.58 -55.61 0.67
C TYR D 43 1.93 -55.74 -0.03
N ASN D 44 1.95 -56.35 -1.21
CA ASN D 44 3.22 -56.73 -1.80
C ASN D 44 3.07 -56.91 -3.31
N VAL D 45 4.20 -57.19 -3.96
CA VAL D 45 4.28 -57.75 -5.30
C VAL D 45 5.35 -58.84 -5.25
N PRO D 46 5.04 -60.07 -5.65
CA PRO D 46 6.00 -61.17 -5.50
C PRO D 46 7.17 -61.03 -6.48
N GLY D 47 8.19 -61.83 -6.22
CA GLY D 47 9.38 -61.86 -7.05
C GLY D 47 10.59 -62.29 -6.24
N ILE D 48 11.75 -62.18 -6.87
CA ILE D 48 13.02 -62.55 -6.26
C ILE D 48 13.55 -61.37 -5.47
N PRO D 49 13.91 -61.54 -4.18
CA PRO D 49 13.99 -62.80 -3.45
C PRO D 49 12.86 -63.07 -2.45
N ILE D 50 11.72 -62.39 -2.55
CA ILE D 50 10.73 -62.37 -1.48
C ILE D 50 9.49 -63.17 -1.82
N THR D 51 9.51 -63.99 -2.89
CA THR D 51 8.33 -64.77 -3.25
C THR D 51 7.98 -65.77 -2.17
N ASP D 52 8.95 -66.59 -1.75
CA ASP D 52 8.70 -67.58 -0.70
C ASP D 52 8.35 -66.94 0.64
N LEU D 53 8.79 -65.70 0.88
CA LEU D 53 8.37 -65.02 2.10
C LEU D 53 6.88 -64.69 2.05
N GLY D 54 6.39 -64.26 0.89
CA GLY D 54 4.97 -63.97 0.77
C GLY D 54 4.11 -65.21 0.86
N ARG D 55 4.60 -66.34 0.31
CA ARG D 55 3.87 -67.59 0.41
C ARG D 55 3.79 -68.07 1.85
N LEU D 56 4.92 -68.04 2.55
CA LEU D 56 4.94 -68.46 3.95
C LEU D 56 4.04 -67.57 4.80
N ALA D 57 4.05 -66.25 4.54
CA ALA D 57 3.16 -65.35 5.26
C ALA D 57 1.71 -65.76 5.09
N GLN D 58 1.31 -66.15 3.87
CA GLN D 58 -0.06 -66.58 3.63
C GLN D 58 -0.34 -67.91 4.32
N ALA D 59 0.63 -68.83 4.29
CA ALA D 59 0.47 -70.11 4.96
C ALA D 59 0.43 -69.99 6.47
N GLU D 60 0.97 -68.91 7.02
CA GLU D 60 0.99 -68.70 8.46
C GLU D 60 -0.22 -67.93 8.98
N GLY D 61 -1.19 -67.63 8.11
CA GLY D 61 -2.42 -66.98 8.50
C GLY D 61 -2.54 -65.53 8.07
N LEU D 62 -1.43 -64.87 7.77
CA LEU D 62 -1.49 -63.49 7.32
C LEU D 62 -2.22 -63.39 5.99
N ARG D 63 -2.85 -62.24 5.75
CA ARG D 63 -3.50 -61.98 4.46
C ARG D 63 -2.52 -61.23 3.57
N VAL D 64 -2.26 -61.78 2.39
CA VAL D 64 -1.29 -61.23 1.45
C VAL D 64 -2.04 -60.69 0.24
N ILE D 65 -1.90 -59.40 -0.02
CA ILE D 65 -2.57 -58.73 -1.13
C ILE D 65 -1.50 -58.36 -2.14
N SER D 66 -1.49 -59.07 -3.27
CA SER D 66 -0.53 -58.83 -4.33
C SER D 66 -1.10 -57.80 -5.32
N PHE D 67 -0.34 -56.75 -5.59
CA PHE D 67 -0.76 -55.68 -6.48
C PHE D 67 -0.11 -55.87 -7.85
N ARG D 68 -0.43 -54.93 -8.76
CA ARG D 68 0.19 -54.91 -10.08
C ARG D 68 1.38 -53.96 -10.16
N HIS D 69 1.64 -53.20 -9.10
CA HIS D 69 2.74 -52.25 -9.07
C HIS D 69 3.09 -51.98 -7.61
N GLU D 70 4.39 -51.96 -7.30
CA GLU D 70 4.80 -51.80 -5.91
C GLU D 70 4.36 -50.46 -5.34
N GLN D 71 4.27 -49.42 -6.18
CA GLN D 71 3.86 -48.11 -5.67
C GLN D 71 2.43 -48.16 -5.14
N ASN D 72 1.56 -48.90 -5.83
CA ASN D 72 0.19 -49.05 -5.35
C ASN D 72 0.13 -49.92 -4.10
N ALA D 73 1.01 -50.92 -4.00
CA ALA D 73 1.10 -51.70 -2.76
C ALA D 73 1.55 -50.83 -1.61
N GLY D 74 2.54 -49.96 -1.84
CA GLY D 74 2.99 -49.04 -0.81
C GLY D 74 1.95 -47.99 -0.47
N ASN D 75 1.18 -47.54 -1.45
CA ASN D 75 0.10 -46.60 -1.17
C ASN D 75 -0.94 -47.23 -0.24
N ALA D 76 -1.21 -48.52 -0.43
CA ALA D 76 -2.13 -49.21 0.47
C ALA D 76 -1.56 -49.29 1.88
N ALA D 77 -0.28 -49.67 1.99
CA ALA D 77 0.35 -49.77 3.30
C ALA D 77 0.34 -48.43 4.03
N ALA D 78 0.55 -47.33 3.29
CA ALA D 78 0.58 -46.02 3.92
C ALA D 78 -0.77 -45.67 4.53
N ILE D 79 -1.85 -45.75 3.73
CA ILE D 79 -3.17 -45.38 4.25
C ILE D 79 -3.65 -46.40 5.26
N ALA D 80 -3.18 -47.64 5.17
CA ALA D 80 -3.49 -48.62 6.22
C ALA D 80 -2.85 -48.22 7.54
N GLY D 81 -1.73 -47.50 7.50
CA GLY D 81 -1.17 -46.95 8.72
C GLY D 81 -2.01 -45.83 9.29
N PHE D 82 -2.52 -44.95 8.41
CA PHE D 82 -3.37 -43.86 8.86
C PHE D 82 -4.67 -44.40 9.46
N LEU D 83 -5.22 -45.47 8.88
CA LEU D 83 -6.52 -45.96 9.31
C LEU D 83 -6.45 -46.70 10.65
N THR D 84 -5.37 -47.43 10.89
CA THR D 84 -5.30 -48.33 12.05
C THR D 84 -4.29 -47.90 13.10
N LYS D 85 -3.51 -46.85 12.85
CA LYS D 85 -2.44 -46.39 13.72
C LYS D 85 -1.36 -47.44 13.96
N LYS D 86 -1.43 -48.57 13.27
CA LYS D 86 -0.42 -49.60 13.16
C LYS D 86 0.32 -49.48 11.83
N PRO D 87 1.62 -49.76 11.79
CA PRO D 87 2.37 -49.55 10.54
C PRO D 87 1.92 -50.50 9.44
N GLY D 88 1.49 -49.93 8.32
CA GLY D 88 1.17 -50.74 7.16
C GLY D 88 2.42 -51.34 6.57
N ILE D 89 2.38 -52.63 6.24
CA ILE D 89 3.54 -53.37 5.78
C ILE D 89 3.47 -53.49 4.26
N CYS D 90 4.53 -53.05 3.58
CA CYS D 90 4.67 -53.21 2.14
C CYS D 90 5.92 -54.03 1.88
N LEU D 91 5.75 -55.14 1.18
CA LEU D 91 6.86 -56.04 0.85
C LEU D 91 7.20 -55.86 -0.62
N THR D 92 8.45 -55.56 -0.91
CA THR D 92 8.86 -55.50 -2.30
C THR D 92 10.15 -56.27 -2.51
N VAL D 93 10.66 -56.09 -3.73
CA VAL D 93 11.61 -56.94 -4.42
C VAL D 93 12.83 -56.03 -4.54
N SER D 94 13.96 -56.56 -5.01
CA SER D 94 15.17 -55.74 -5.06
C SER D 94 15.00 -54.48 -5.90
N ALA D 95 16.04 -53.63 -5.92
CA ALA D 95 16.19 -52.28 -6.50
C ALA D 95 15.00 -51.78 -7.34
N PRO D 96 14.72 -52.32 -8.54
CA PRO D 96 13.65 -51.70 -9.36
C PRO D 96 12.30 -51.65 -8.65
N GLY D 97 11.94 -52.70 -7.91
CA GLY D 97 10.69 -52.69 -7.18
C GLY D 97 10.76 -51.93 -5.87
N PHE D 98 11.94 -51.95 -5.22
CA PHE D 98 12.15 -51.14 -4.03
C PHE D 98 11.97 -49.66 -4.35
N LEU D 99 12.47 -49.23 -5.51
CA LEU D 99 12.30 -47.83 -5.91
C LEU D 99 10.83 -47.49 -6.16
N ASN D 100 10.04 -48.44 -6.64
CA ASN D 100 8.61 -48.19 -6.78
C ASN D 100 7.95 -48.02 -5.43
N GLY D 101 8.36 -48.82 -4.44
CA GLY D 101 7.80 -48.72 -3.11
C GLY D 101 8.31 -47.52 -2.34
N LEU D 102 9.57 -47.15 -2.57
CA LEU D 102 10.16 -46.01 -1.87
C LEU D 102 9.43 -44.72 -2.18
N THR D 103 8.90 -44.59 -3.40
CA THR D 103 8.12 -43.41 -3.75
C THR D 103 6.89 -43.28 -2.85
N ALA D 104 6.18 -44.39 -2.63
CA ALA D 104 5.05 -44.37 -1.70
C ALA D 104 5.51 -44.25 -0.27
N LEU D 105 6.71 -44.78 0.04
CA LEU D 105 7.26 -44.62 1.38
C LEU D 105 7.59 -43.17 1.68
N ALA D 106 8.13 -42.45 0.68
CA ALA D 106 8.41 -41.04 0.87
C ALA D 106 7.12 -40.24 1.05
N ASN D 107 6.05 -40.62 0.34
CA ASN D 107 4.78 -39.92 0.48
C ASN D 107 4.13 -40.20 1.83
N ALA D 108 4.25 -41.43 2.33
CA ALA D 108 3.78 -41.72 3.67
C ALA D 108 4.53 -40.88 4.71
N THR D 109 5.81 -40.63 4.49
CA THR D 109 6.58 -39.80 5.40
C THR D 109 6.13 -38.34 5.33
N THR D 110 5.78 -37.87 4.13
CA THR D 110 5.31 -36.49 3.99
C THR D 110 3.96 -36.30 4.68
N ASN D 111 3.10 -37.32 4.68
CA ASN D 111 1.78 -37.23 5.27
C ASN D 111 1.72 -37.75 6.71
N CYS D 112 2.87 -38.11 7.29
CA CYS D 112 2.93 -38.62 8.66
C CYS D 112 2.12 -39.90 8.83
N PHE D 113 2.20 -40.78 7.82
CA PHE D 113 1.49 -42.06 7.90
C PHE D 113 2.46 -43.15 8.32
N PRO D 114 2.15 -43.91 9.37
CA PRO D 114 3.03 -45.01 9.78
C PRO D 114 3.06 -46.09 8.72
N MET D 115 4.27 -46.51 8.34
CA MET D 115 4.44 -47.46 7.26
C MET D 115 5.85 -48.06 7.34
N ILE D 116 5.95 -49.35 7.03
CA ILE D 116 7.24 -50.04 6.94
C ILE D 116 7.35 -50.67 5.55
N LEU D 117 8.35 -50.22 4.79
CA LEU D 117 8.67 -50.82 3.51
C LEU D 117 9.71 -51.92 3.74
N ILE D 118 9.31 -53.16 3.56
CA ILE D 118 10.20 -54.31 3.67
C ILE D 118 10.56 -54.74 2.25
N SER D 119 11.82 -54.59 1.88
CA SER D 119 12.27 -54.93 0.54
C SER D 119 13.41 -55.93 0.62
N GLY D 120 13.41 -56.90 -0.30
CA GLY D 120 14.54 -57.78 -0.42
C GLY D 120 15.72 -57.08 -1.05
N SER D 121 16.91 -57.58 -0.73
CA SER D 121 18.15 -57.02 -1.23
C SER D 121 19.03 -58.13 -1.79
N SER D 122 20.03 -57.74 -2.56
CA SER D 122 20.87 -58.68 -3.27
C SER D 122 22.11 -58.99 -2.43
N GLU D 123 23.15 -59.53 -3.06
CA GLU D 123 24.33 -59.98 -2.33
C GLU D 123 25.14 -58.78 -1.85
N ARG D 124 25.34 -58.70 -0.53
CA ARG D 124 25.94 -57.51 0.08
C ARG D 124 27.36 -57.26 -0.40
N GLU D 125 28.13 -58.33 -0.62
CA GLU D 125 29.52 -58.13 -1.02
C GLU D 125 29.66 -57.77 -2.49
N ILE D 126 28.67 -58.10 -3.32
CA ILE D 126 28.73 -57.68 -4.72
C ILE D 126 28.27 -56.23 -4.86
N VAL D 127 27.25 -55.84 -4.10
CA VAL D 127 26.76 -54.46 -4.16
C VAL D 127 27.81 -53.50 -3.62
N ASP D 128 28.49 -53.88 -2.55
CA ASP D 128 29.49 -52.99 -1.94
C ASP D 128 30.62 -52.68 -2.90
N LEU D 129 31.03 -53.66 -3.70
CA LEU D 129 32.03 -53.43 -4.74
C LEU D 129 31.41 -52.96 -6.06
N GLN D 130 30.09 -52.82 -6.12
CA GLN D 130 29.39 -52.30 -7.29
C GLN D 130 29.75 -53.10 -8.54
N GLN D 131 29.71 -54.41 -8.41
CA GLN D 131 30.13 -55.32 -9.47
C GLN D 131 28.99 -55.70 -10.41
N GLY D 132 27.81 -55.11 -10.24
CA GLY D 132 26.69 -55.39 -11.11
C GLY D 132 25.93 -56.65 -10.74
N ASP D 133 25.39 -56.70 -9.54
CA ASP D 133 24.63 -57.85 -9.10
C ASP D 133 23.19 -57.78 -9.63
N TYR D 134 22.45 -58.87 -9.43
CA TYR D 134 21.03 -58.87 -9.76
C TYR D 134 20.30 -57.88 -8.86
N GLY D 135 19.61 -56.91 -9.45
CA GLY D 135 18.93 -55.90 -8.65
C GLY D 135 19.86 -55.13 -7.75
N GLU D 136 21.05 -54.78 -8.25
CA GLU D 136 22.06 -54.17 -7.41
C GLU D 136 21.67 -52.75 -7.01
N MET D 137 21.73 -52.47 -5.72
CA MET D 137 21.53 -51.14 -5.15
C MET D 137 21.74 -51.22 -3.65
N ASP D 138 22.48 -50.25 -3.10
CA ASP D 138 22.56 -50.06 -1.66
C ASP D 138 21.24 -49.40 -1.24
N GLN D 139 20.22 -50.23 -1.12
CA GLN D 139 18.87 -49.74 -0.83
C GLN D 139 18.80 -49.06 0.53
N LEU D 140 19.63 -49.47 1.48
CA LEU D 140 19.68 -48.79 2.77
C LEU D 140 20.15 -47.35 2.59
N ALA D 141 21.22 -47.16 1.83
CA ALA D 141 21.77 -45.81 1.63
C ALA D 141 20.86 -44.96 0.75
N ILE D 142 20.17 -45.57 -0.21
CA ILE D 142 19.30 -44.81 -1.11
C ILE D 142 18.02 -44.38 -0.39
N ALA D 143 17.55 -45.18 0.56
CA ALA D 143 16.28 -44.90 1.21
C ALA D 143 16.38 -43.76 2.24
N LYS D 144 17.53 -43.61 2.88
CA LYS D 144 17.63 -42.69 4.01
C LYS D 144 17.25 -41.24 3.69
N PRO D 145 17.59 -40.66 2.53
CA PRO D 145 17.17 -39.27 2.28
C PRO D 145 15.68 -39.09 2.05
N LEU D 146 14.92 -40.18 1.86
CA LEU D 146 13.53 -40.07 1.44
C LEU D 146 12.53 -40.67 2.43
N CYS D 147 12.98 -41.10 3.61
CA CYS D 147 12.07 -41.69 4.58
C CYS D 147 12.54 -41.35 5.99
N LYS D 148 11.72 -41.73 6.96
CA LYS D 148 12.02 -41.35 8.35
C LYS D 148 13.17 -42.17 8.91
N ALA D 149 13.18 -43.48 8.68
CA ALA D 149 14.21 -44.34 9.23
C ALA D 149 14.46 -45.50 8.29
N ALA D 150 15.68 -46.05 8.37
CA ALA D 150 16.09 -47.15 7.51
C ALA D 150 17.00 -48.08 8.30
N PHE D 151 16.73 -49.38 8.21
CA PHE D 151 17.50 -50.39 8.90
C PHE D 151 17.75 -51.57 7.98
N ARG D 152 18.85 -52.28 8.24
CA ARG D 152 19.20 -53.48 7.49
C ARG D 152 19.59 -54.57 8.47
N VAL D 153 19.11 -55.78 8.24
CA VAL D 153 19.28 -56.91 9.15
C VAL D 153 20.13 -57.96 8.45
N LEU D 154 21.32 -58.21 9.00
CA LEU D 154 22.26 -59.17 8.41
C LEU D 154 22.20 -60.54 9.06
N HIS D 155 21.93 -60.62 10.36
CA HIS D 155 21.89 -61.87 11.10
C HIS D 155 20.45 -62.23 11.45
N ALA D 156 20.13 -63.53 11.36
CA ALA D 156 18.79 -63.98 11.69
C ALA D 156 18.44 -63.72 13.15
N ALA D 157 19.43 -63.79 14.04
CA ALA D 157 19.19 -63.51 15.46
C ALA D 157 18.84 -62.05 15.73
N ASP D 158 18.99 -61.17 14.75
CA ASP D 158 18.64 -59.76 14.91
C ASP D 158 17.36 -59.38 14.18
N ILE D 159 16.68 -60.34 13.56
CA ILE D 159 15.41 -60.05 12.89
C ILE D 159 14.41 -59.48 13.88
N GLY D 160 14.36 -60.03 15.09
CA GLY D 160 13.40 -59.56 16.08
C GLY D 160 13.64 -58.12 16.49
N ILE D 161 14.89 -57.77 16.77
CA ILE D 161 15.21 -56.38 17.08
C ILE D 161 15.00 -55.49 15.86
N GLY D 162 15.35 -55.99 14.68
CA GLY D 162 15.16 -55.21 13.46
C GLY D 162 13.71 -54.82 13.23
N VAL D 163 12.79 -55.78 13.38
CA VAL D 163 11.37 -55.47 13.24
C VAL D 163 10.91 -54.54 14.36
N ALA D 164 11.45 -54.72 15.56
CA ALA D 164 11.08 -53.85 16.68
C ALA D 164 11.52 -52.41 16.43
N ARG D 165 12.73 -52.22 15.91
CA ARG D 165 13.21 -50.87 15.62
C ARG D 165 12.37 -50.23 14.53
N ALA D 166 11.98 -51.00 13.52
CA ALA D 166 11.18 -50.46 12.43
C ALA D 166 9.80 -50.02 12.93
N ILE D 167 9.20 -50.81 13.81
CA ILE D 167 7.85 -50.48 14.30
C ILE D 167 7.89 -49.22 15.15
N ARG D 168 8.85 -49.13 16.07
CA ARG D 168 8.93 -47.96 16.93
C ARG D 168 9.16 -46.69 16.13
N ALA D 169 10.04 -46.75 15.13
CA ALA D 169 10.32 -45.56 14.33
C ALA D 169 9.11 -45.17 13.48
N ALA D 170 8.25 -46.13 13.15
CA ALA D 170 7.12 -45.85 12.27
C ALA D 170 5.98 -45.15 13.01
N VAL D 171 5.73 -45.52 14.26
CA VAL D 171 4.55 -45.04 14.98
C VAL D 171 4.88 -44.00 16.07
N SER D 172 6.11 -43.93 16.54
CA SER D 172 6.46 -42.98 17.59
C SER D 172 6.82 -41.63 16.99
N GLY D 173 6.94 -40.63 17.86
CA GLY D 173 7.21 -39.27 17.42
C GLY D 173 6.19 -38.83 16.41
N ARG D 174 6.66 -38.15 15.37
CA ARG D 174 5.84 -37.96 14.18
C ARG D 174 5.86 -39.25 13.36
N PRO D 175 4.73 -39.89 13.12
CA PRO D 175 4.74 -41.13 12.34
C PRO D 175 5.29 -40.89 10.95
N GLY D 176 5.83 -41.95 10.36
CA GLY D 176 6.42 -41.84 9.04
C GLY D 176 6.76 -43.19 8.48
N GLY D 177 7.32 -43.17 7.27
CA GLY D 177 7.70 -44.40 6.60
C GLY D 177 9.07 -44.86 7.02
N VAL D 178 9.19 -46.16 7.27
CA VAL D 178 10.43 -46.79 7.68
C VAL D 178 10.81 -47.86 6.66
N TYR D 179 12.08 -47.91 6.28
CA TYR D 179 12.57 -48.91 5.36
C TYR D 179 13.32 -50.00 6.12
N LEU D 180 12.91 -51.24 5.91
CA LEU D 180 13.55 -52.40 6.51
C LEU D 180 14.15 -53.25 5.40
N ASP D 181 15.47 -53.37 5.40
CA ASP D 181 16.20 -54.06 4.34
C ASP D 181 16.56 -55.46 4.79
N LEU D 182 16.14 -56.46 4.03
CA LEU D 182 16.45 -57.86 4.32
C LEU D 182 17.20 -58.48 3.15
N PRO D 183 18.51 -58.73 3.27
CA PRO D 183 19.23 -59.42 2.18
C PRO D 183 18.69 -60.83 1.99
N ALA D 184 18.87 -61.33 0.76
CA ALA D 184 18.36 -62.66 0.43
C ALA D 184 19.03 -63.76 1.26
N LYS D 185 20.30 -63.57 1.61
CA LYS D 185 21.00 -64.55 2.43
C LYS D 185 20.46 -64.61 3.85
N LEU D 186 19.74 -63.57 4.29
CA LEU D 186 19.17 -63.58 5.64
C LEU D 186 18.08 -64.64 5.76
N PHE D 187 17.26 -64.80 4.72
CA PHE D 187 16.14 -65.74 4.80
C PHE D 187 16.63 -67.17 4.95
N SER D 188 17.75 -67.51 4.31
CA SER D 188 18.24 -68.88 4.29
C SER D 188 19.00 -69.28 5.54
N GLN D 189 19.38 -68.32 6.39
CA GLN D 189 20.10 -68.66 7.62
C GLN D 189 19.23 -69.52 8.52
N VAL D 190 19.85 -70.48 9.18
CA VAL D 190 19.16 -71.45 10.03
C VAL D 190 19.76 -71.40 11.43
N ILE D 191 18.91 -71.17 12.43
CA ILE D 191 19.33 -71.13 13.82
C ILE D 191 18.41 -72.01 14.65
N ASP D 192 18.81 -72.24 15.90
CA ASP D 192 18.02 -73.04 16.82
C ASP D 192 16.66 -72.40 17.06
N ALA D 193 15.60 -73.22 17.01
CA ALA D 193 14.25 -72.68 17.08
C ALA D 193 13.96 -72.02 18.42
N ASP D 194 14.47 -72.60 19.51
CA ASP D 194 14.26 -71.99 20.82
C ASP D 194 15.00 -70.67 20.94
N LEU D 195 16.23 -70.60 20.42
CA LEU D 195 17.00 -69.36 20.46
C LEU D 195 16.31 -68.26 19.66
N GLY D 196 15.80 -68.61 18.47
CA GLY D 196 15.11 -67.62 17.66
C GLY D 196 13.83 -67.11 18.27
N ALA D 197 13.12 -67.98 19.00
CA ALA D 197 11.88 -67.56 19.64
C ALA D 197 12.16 -66.53 20.74
N ARG D 198 13.22 -66.75 21.52
CA ARG D 198 13.60 -65.79 22.55
C ARG D 198 14.25 -64.54 21.98
N SER D 199 14.48 -64.48 20.67
CA SER D 199 15.03 -63.29 20.03
C SER D 199 13.98 -62.34 19.52
N LEU D 200 12.73 -62.79 19.38
CA LEU D 200 11.65 -61.92 18.95
C LEU D 200 11.30 -60.93 20.05
N VAL D 201 10.81 -59.76 19.65
CA VAL D 201 10.48 -58.68 20.57
C VAL D 201 9.04 -58.24 20.32
N LYS D 202 8.20 -58.35 21.35
CA LYS D 202 6.88 -57.73 21.33
C LYS D 202 7.04 -56.30 21.82
N VAL D 203 6.87 -55.34 20.92
CA VAL D 203 7.18 -53.95 21.24
C VAL D 203 6.23 -53.47 22.33
N ILE D 204 6.81 -53.13 23.48
CA ILE D 204 6.04 -52.56 24.59
C ILE D 204 5.84 -51.07 24.35
N ASP D 205 4.59 -50.65 24.24
CA ASP D 205 4.22 -49.24 24.15
C ASP D 205 4.93 -48.56 22.98
N ALA D 206 4.52 -48.97 21.78
CA ALA D 206 5.20 -48.53 20.56
C ALA D 206 5.05 -47.03 20.35
N ALA D 207 3.84 -46.52 20.48
CA ALA D 207 3.59 -45.09 20.35
C ALA D 207 3.18 -44.54 21.72
N PRO D 208 4.13 -44.23 22.59
CA PRO D 208 3.77 -43.81 23.95
C PRO D 208 3.12 -42.44 23.98
N ALA D 209 2.38 -42.21 25.05
CA ALA D 209 1.78 -40.90 25.27
C ALA D 209 2.85 -39.89 25.67
N GLN D 210 2.70 -38.67 25.19
CA GLN D 210 3.58 -37.55 25.56
C GLN D 210 2.70 -36.44 26.11
N LEU D 211 2.78 -36.23 27.42
CA LEU D 211 1.91 -35.25 28.04
C LEU D 211 2.58 -33.87 28.05
N PRO D 212 1.82 -32.81 27.80
CA PRO D 212 2.40 -31.47 27.80
C PRO D 212 2.67 -30.97 29.22
N ALA D 213 3.56 -29.98 29.29
CA ALA D 213 3.83 -29.36 30.59
C ALA D 213 2.68 -28.40 30.95
N PRO D 214 2.27 -28.38 32.22
CA PRO D 214 1.17 -27.48 32.61
C PRO D 214 1.44 -26.03 32.29
N ALA D 215 2.70 -25.58 32.36
CA ALA D 215 3.01 -24.20 32.01
C ALA D 215 2.68 -23.92 30.54
N ALA D 216 2.87 -24.90 29.67
CA ALA D 216 2.52 -24.72 28.26
C ALA D 216 1.01 -24.66 28.08
N ILE D 217 0.27 -25.52 28.79
CA ILE D 217 -1.19 -25.45 28.75
C ILE D 217 -1.69 -24.14 29.33
N ALA D 218 -1.04 -23.66 30.39
CA ALA D 218 -1.43 -22.39 30.99
C ALA D 218 -1.23 -21.24 30.01
N ARG D 219 -0.11 -21.24 29.30
CA ARG D 219 0.14 -20.19 28.31
C ARG D 219 -0.90 -20.23 27.20
N ALA D 220 -1.26 -21.43 26.74
CA ALA D 220 -2.25 -21.56 25.68
C ALA D 220 -3.62 -21.06 26.12
N LEU D 221 -4.02 -21.42 27.33
CA LEU D 221 -5.33 -20.97 27.84
C LEU D 221 -5.39 -19.46 27.95
N ASP D 222 -4.31 -18.82 28.41
CA ASP D 222 -4.30 -17.37 28.54
C ASP D 222 -4.48 -16.71 27.18
N VAL D 223 -3.82 -17.23 26.15
CA VAL D 223 -4.00 -16.71 24.80
C VAL D 223 -5.43 -16.95 24.32
N LEU D 224 -5.96 -18.14 24.59
CA LEU D 224 -7.28 -18.49 24.09
C LEU D 224 -8.37 -17.65 24.77
N LYS D 225 -8.20 -17.34 26.06
CA LYS D 225 -9.23 -16.59 26.78
C LYS D 225 -9.28 -15.14 26.33
N SER D 226 -8.18 -14.60 25.82
CA SER D 226 -8.15 -13.21 25.37
C SER D 226 -8.72 -13.04 23.97
N ALA D 227 -9.10 -14.12 23.30
CA ALA D 227 -9.54 -14.05 21.92
C ALA D 227 -10.92 -13.43 21.81
N GLU D 228 -11.08 -12.52 20.84
CA GLU D 228 -12.40 -11.98 20.50
C GLU D 228 -13.05 -12.74 19.36
N ARG D 229 -12.26 -13.40 18.52
CA ARG D 229 -12.77 -14.18 17.38
C ARG D 229 -11.94 -15.46 17.27
N PRO D 230 -12.10 -16.37 18.23
CA PRO D 230 -11.25 -17.58 18.23
C PRO D 230 -11.65 -18.55 17.13
N LEU D 231 -10.67 -19.35 16.70
CA LEU D 231 -10.89 -20.35 15.67
C LEU D 231 -10.07 -21.60 15.96
N ILE D 232 -10.68 -22.75 15.76
CA ILE D 232 -10.01 -24.05 15.87
C ILE D 232 -9.83 -24.60 14.47
N ILE D 233 -8.66 -25.14 14.19
CA ILE D 233 -8.38 -25.78 12.90
C ILE D 233 -7.98 -27.22 13.18
N LEU D 234 -8.82 -28.15 12.75
CA LEU D 234 -8.58 -29.57 12.95
C LEU D 234 -7.86 -30.12 11.72
N GLY D 235 -6.61 -30.53 11.90
CA GLY D 235 -5.87 -31.19 10.84
C GLY D 235 -6.01 -32.70 10.91
N LYS D 236 -5.52 -33.36 9.87
CA LYS D 236 -5.62 -34.82 9.83
C LYS D 236 -4.77 -35.50 10.89
N GLY D 237 -3.83 -34.77 11.51
CA GLY D 237 -3.16 -35.31 12.67
C GLY D 237 -4.11 -35.57 13.82
N ALA D 238 -5.10 -34.69 13.99
CA ALA D 238 -6.12 -34.92 15.00
C ALA D 238 -7.01 -36.11 14.63
N ALA D 239 -7.33 -36.25 13.34
CA ALA D 239 -8.10 -37.41 12.91
C ALA D 239 -7.29 -38.70 13.10
N TYR D 240 -5.98 -38.63 12.92
CA TYR D 240 -5.14 -39.81 13.09
C TYR D 240 -5.04 -40.21 14.56
N ALA D 241 -5.05 -39.23 15.47
CA ALA D 241 -4.82 -39.52 16.89
C ALA D 241 -5.86 -40.45 17.48
N GLN D 242 -7.04 -40.57 16.86
CA GLN D 242 -8.15 -41.38 17.36
C GLN D 242 -8.47 -41.00 18.81
N ALA D 243 -8.60 -39.70 19.05
CA ALA D 243 -9.12 -39.17 20.29
C ALA D 243 -10.36 -38.34 19.99
N ASP D 244 -11.36 -38.99 19.38
CA ASP D 244 -12.46 -38.25 18.76
C ASP D 244 -13.35 -37.59 19.81
N GLU D 245 -13.60 -38.26 20.93
CA GLU D 245 -14.50 -37.70 21.94
C GLU D 245 -13.92 -36.45 22.57
N ALA D 246 -12.61 -36.45 22.83
CA ALA D 246 -11.97 -35.29 23.46
C ALA D 246 -11.87 -34.12 22.48
N VAL D 247 -11.52 -34.40 21.23
CA VAL D 247 -11.49 -33.35 20.21
C VAL D 247 -12.87 -32.74 20.03
N ARG D 248 -13.91 -33.59 20.05
CA ARG D 248 -15.28 -33.09 19.94
C ARG D 248 -15.68 -32.30 21.18
N ALA D 249 -15.25 -32.75 22.36
CA ALA D 249 -15.57 -32.02 23.59
C ALA D 249 -14.87 -30.67 23.62
N LEU D 250 -13.63 -30.62 23.13
CA LEU D 250 -12.90 -29.35 23.08
C LEU D 250 -13.62 -28.33 22.21
N VAL D 251 -14.20 -28.78 21.09
CA VAL D 251 -14.92 -27.86 20.22
C VAL D 251 -16.26 -27.48 20.83
N GLU D 252 -16.99 -28.45 21.38
CA GLU D 252 -18.37 -28.21 21.77
C GLU D 252 -18.46 -27.47 23.10
N GLU D 253 -17.59 -27.79 24.06
CA GLU D 253 -17.70 -27.16 25.38
C GLU D 253 -17.07 -25.77 25.39
N SER D 254 -16.09 -25.51 24.53
CA SER D 254 -15.54 -24.16 24.41
C SER D 254 -16.41 -23.26 23.54
N GLY D 255 -17.23 -23.84 22.67
CA GLY D 255 -18.06 -23.04 21.79
C GLY D 255 -17.30 -22.33 20.70
N ILE D 256 -16.05 -22.69 20.46
CA ILE D 256 -15.24 -22.02 19.44
C ILE D 256 -15.54 -22.65 18.08
N PRO D 257 -15.82 -21.86 17.05
CA PRO D 257 -16.02 -22.43 15.72
C PRO D 257 -14.73 -23.08 15.21
N TYR D 258 -14.90 -24.08 14.36
CA TYR D 258 -13.76 -24.85 13.86
C TYR D 258 -13.81 -24.94 12.34
N VAL D 259 -12.64 -25.22 11.75
CA VAL D 259 -12.51 -25.45 10.33
C VAL D 259 -11.74 -26.77 10.15
N PRO D 260 -12.31 -27.78 9.51
CA PRO D 260 -11.58 -29.03 9.31
C PRO D 260 -10.79 -29.04 8.01
N MET D 261 -9.56 -29.52 8.09
CA MET D 261 -8.80 -29.80 6.88
C MET D 261 -9.39 -31.01 6.17
N SER D 262 -8.87 -31.29 4.97
CA SER D 262 -9.50 -32.24 4.06
C SER D 262 -9.78 -33.59 4.75
N MET D 263 -8.72 -34.28 5.16
CA MET D 263 -8.88 -35.60 5.77
C MET D 263 -9.24 -35.54 7.25
N ALA D 264 -9.54 -34.36 7.78
CA ALA D 264 -10.13 -34.22 9.09
C ALA D 264 -11.64 -34.05 9.04
N LYS D 265 -12.21 -33.98 7.85
CA LYS D 265 -13.66 -33.96 7.70
C LYS D 265 -14.27 -35.23 8.28
N GLY D 266 -15.41 -35.09 8.94
CA GLY D 266 -16.06 -36.19 9.59
C GLY D 266 -15.62 -36.46 11.01
N LEU D 267 -14.44 -35.97 11.41
CA LEU D 267 -14.03 -36.02 12.81
C LEU D 267 -15.15 -35.49 13.70
N LEU D 268 -15.57 -34.31 13.43
CA LEU D 268 -16.90 -33.83 13.76
C LEU D 268 -17.75 -33.82 12.49
N PRO D 269 -19.05 -34.10 12.59
CA PRO D 269 -19.89 -34.07 11.39
C PRO D 269 -19.78 -32.74 10.67
N ASP D 270 -19.64 -32.80 9.35
CA ASP D 270 -19.39 -31.58 8.58
C ASP D 270 -20.54 -30.60 8.64
N THR D 271 -21.73 -31.04 9.06
CA THR D 271 -22.88 -30.17 9.25
C THR D 271 -23.03 -29.72 10.69
N HIS D 272 -22.05 -30.01 11.55
CA HIS D 272 -22.07 -29.59 12.94
C HIS D 272 -22.31 -28.09 13.02
N PRO D 273 -23.14 -27.61 13.95
CA PRO D 273 -23.46 -26.18 13.99
C PRO D 273 -22.26 -25.28 14.25
N LEU D 274 -21.20 -25.80 14.87
CA LEU D 274 -20.00 -25.02 15.10
C LEU D 274 -19.05 -25.03 13.93
N SER D 275 -19.39 -25.72 12.83
CA SER D 275 -18.49 -25.79 11.69
C SER D 275 -18.49 -24.47 10.94
N ALA D 276 -17.29 -23.95 10.68
CA ALA D 276 -17.09 -22.79 9.83
C ALA D 276 -16.48 -23.16 8.49
N GLY D 277 -16.57 -24.43 8.11
CA GLY D 277 -15.94 -24.88 6.87
C GLY D 277 -16.52 -24.20 5.64
N ALA D 278 -17.84 -24.01 5.62
CA ALA D 278 -18.49 -23.31 4.52
C ALA D 278 -18.22 -21.81 4.53
N ALA D 279 -17.54 -21.30 5.55
CA ALA D 279 -17.12 -19.90 5.65
C ALA D 279 -15.63 -19.81 5.94
N ARG D 280 -14.85 -20.69 5.31
CA ARG D 280 -13.43 -20.83 5.67
C ARG D 280 -12.66 -19.55 5.41
N SER D 281 -13.00 -18.82 4.35
CA SER D 281 -12.26 -17.61 4.02
C SER D 281 -12.42 -16.55 5.10
N THR D 282 -13.66 -16.33 5.55
CA THR D 282 -13.90 -15.35 6.61
C THR D 282 -13.26 -15.78 7.92
N ALA D 283 -13.32 -17.08 8.24
CA ALA D 283 -12.77 -17.56 9.49
C ALA D 283 -11.25 -17.36 9.56
N LEU D 284 -10.56 -17.65 8.46
CA LEU D 284 -9.11 -17.53 8.46
C LEU D 284 -8.64 -16.08 8.36
N LYS D 285 -9.45 -15.20 7.80
CA LYS D 285 -9.06 -13.80 7.61
C LYS D 285 -9.33 -12.95 8.85
N ASP D 286 -10.52 -13.08 9.44
CA ASP D 286 -10.97 -12.16 10.47
C ASP D 286 -10.69 -12.64 11.88
N SER D 287 -10.28 -13.89 12.07
CA SER D 287 -10.00 -14.37 13.42
C SER D 287 -8.75 -13.69 13.99
N ASP D 288 -8.57 -13.84 15.29
CA ASP D 288 -7.41 -13.28 15.97
C ASP D 288 -6.56 -14.32 16.69
N VAL D 289 -7.16 -15.44 17.12
CA VAL D 289 -6.43 -16.54 17.75
C VAL D 289 -6.86 -17.83 17.07
N VAL D 290 -5.89 -18.61 16.61
CA VAL D 290 -6.14 -19.83 15.88
C VAL D 290 -5.48 -20.99 16.63
N LEU D 291 -6.28 -21.98 16.99
CA LEU D 291 -5.80 -23.19 17.66
C LEU D 291 -5.61 -24.28 16.62
N LEU D 292 -4.35 -24.59 16.30
CA LEU D 292 -4.02 -25.62 15.34
C LEU D 292 -3.90 -26.96 16.06
N VAL D 293 -4.80 -27.89 15.72
CA VAL D 293 -4.78 -29.22 16.32
C VAL D 293 -4.36 -30.23 15.26
N GLY D 294 -3.07 -30.56 15.23
CA GLY D 294 -2.55 -31.48 14.24
C GLY D 294 -2.59 -30.96 12.83
N ALA D 295 -2.26 -29.67 12.64
CA ALA D 295 -2.34 -29.02 11.34
C ALA D 295 -1.07 -28.22 11.11
N ARG D 296 -0.40 -28.48 9.99
CA ARG D 296 0.80 -27.75 9.64
C ARG D 296 0.44 -26.47 8.87
N LEU D 297 1.09 -25.37 9.24
CA LEU D 297 0.93 -24.10 8.52
C LEU D 297 1.73 -24.16 7.22
N ASN D 298 1.28 -25.03 6.32
CA ASN D 298 1.99 -25.26 5.07
C ASN D 298 1.25 -24.59 3.91
N TRP D 299 1.52 -25.06 2.68
CA TRP D 299 0.86 -24.48 1.51
C TRP D 299 -0.66 -24.63 1.59
N LEU D 300 -1.14 -25.68 2.25
CA LEU D 300 -2.58 -25.86 2.42
C LEU D 300 -3.20 -24.77 3.28
N LEU D 301 -2.41 -24.15 4.15
CA LEU D 301 -2.88 -23.03 4.96
C LEU D 301 -2.12 -21.75 4.62
N SER D 302 -1.59 -21.66 3.40
CA SER D 302 -0.92 -20.47 2.88
C SER D 302 0.25 -20.03 3.76
N HIS D 303 0.91 -20.98 4.42
CA HIS D 303 2.11 -20.74 5.23
C HIS D 303 1.90 -19.72 6.33
N GLY D 304 0.65 -19.48 6.74
CA GLY D 304 0.36 -18.50 7.76
C GLY D 304 0.58 -17.06 7.35
N LYS D 305 0.97 -16.80 6.10
CA LYS D 305 1.18 -15.46 5.59
C LYS D 305 0.18 -15.15 4.50
N GLY D 306 0.06 -13.86 4.18
CA GLY D 306 -0.73 -13.42 3.04
C GLY D 306 -2.11 -12.90 3.43
N LYS D 307 -2.86 -12.51 2.41
CA LYS D 307 -4.22 -12.01 2.59
C LYS D 307 -5.13 -13.02 3.26
N THR D 308 -4.81 -14.31 3.14
CA THR D 308 -5.65 -15.36 3.71
C THR D 308 -5.83 -15.17 5.22
N TRP D 309 -4.82 -14.65 5.90
CA TRP D 309 -4.81 -14.56 7.36
C TRP D 309 -5.01 -13.14 7.86
N GLY D 310 -5.78 -12.34 7.12
CA GLY D 310 -5.93 -10.96 7.50
C GLY D 310 -4.64 -10.19 7.27
N GLU D 311 -4.47 -9.11 8.02
CA GLU D 311 -3.25 -8.35 7.83
C GLU D 311 -2.15 -8.87 8.74
N PRO D 312 -0.88 -8.66 8.36
CA PRO D 312 0.23 -9.22 9.15
C PRO D 312 0.22 -8.73 10.58
N GLY D 313 0.53 -9.64 11.51
CA GLY D 313 0.51 -9.34 12.92
C GLY D 313 -0.84 -9.45 13.59
N SER D 314 -1.91 -9.67 12.83
CA SER D 314 -3.24 -9.78 13.41
C SER D 314 -3.50 -11.14 14.04
N LYS D 315 -2.61 -12.11 13.83
CA LYS D 315 -2.85 -13.49 14.24
C LYS D 315 -1.92 -13.90 15.37
N ARG D 316 -2.47 -14.66 16.32
CA ARG D 316 -1.69 -15.40 17.31
C ARG D 316 -2.09 -16.85 17.22
N PHE D 317 -1.10 -17.74 17.14
CA PHE D 317 -1.34 -19.15 16.88
C PHE D 317 -1.03 -19.99 18.12
N ILE D 318 -1.96 -20.89 18.45
CA ILE D 318 -1.71 -22.00 19.36
C ILE D 318 -1.62 -23.26 18.52
N GLN D 319 -0.58 -24.04 18.74
CA GLN D 319 -0.35 -25.23 17.92
C GLN D 319 -0.12 -26.45 18.80
N ILE D 320 -0.87 -27.51 18.53
CA ILE D 320 -0.78 -28.77 19.24
C ILE D 320 -0.18 -29.79 18.28
N ASP D 321 1.02 -30.27 18.58
CA ASP D 321 1.71 -31.17 17.66
C ASP D 321 2.69 -32.05 18.43
N ILE D 322 2.87 -33.27 17.93
CA ILE D 322 3.78 -34.20 18.58
C ILE D 322 5.24 -33.87 18.24
N GLU D 323 5.48 -33.20 17.11
CA GLU D 323 6.83 -32.83 16.71
C GLU D 323 7.13 -31.42 17.20
N PRO D 324 8.08 -31.25 18.13
CA PRO D 324 8.40 -29.88 18.60
C PRO D 324 8.99 -28.98 17.53
N ARG D 325 9.40 -29.52 16.38
CA ARG D 325 10.04 -28.74 15.33
C ARG D 325 9.05 -28.06 14.39
N GLU D 326 7.76 -28.42 14.45
CA GLU D 326 6.77 -27.70 13.65
C GLU D 326 6.60 -26.27 14.15
N MET D 327 6.90 -26.02 15.43
CA MET D 327 6.77 -24.68 15.98
C MET D 327 7.76 -23.75 15.30
N ASP D 328 7.28 -22.57 14.91
CA ASP D 328 8.11 -21.56 14.24
C ASP D 328 8.71 -22.09 12.94
N SER D 329 8.02 -23.02 12.29
CA SER D 329 8.49 -23.52 11.00
C SER D 329 8.22 -22.50 9.89
N ASN D 330 7.08 -21.81 9.97
CA ASN D 330 6.72 -20.78 8.99
C ASN D 330 6.57 -19.41 9.63
N VAL D 331 5.74 -19.29 10.67
CA VAL D 331 5.53 -18.04 11.38
C VAL D 331 5.68 -18.29 12.86
N GLU D 332 5.68 -17.20 13.63
CA GLU D 332 5.89 -17.27 15.07
C GLU D 332 4.68 -17.90 15.75
N ILE D 333 4.93 -18.87 16.63
CA ILE D 333 3.90 -19.51 17.43
C ILE D 333 4.08 -19.05 18.87
N VAL D 334 3.13 -18.25 19.37
CA VAL D 334 3.26 -17.72 20.72
C VAL D 334 2.91 -18.75 21.78
N ALA D 335 2.20 -19.82 21.44
CA ALA D 335 1.75 -20.82 22.40
C ALA D 335 1.95 -22.21 21.83
N PRO D 336 3.18 -22.72 21.85
CA PRO D 336 3.41 -24.11 21.45
C PRO D 336 3.02 -25.08 22.55
N VAL D 337 2.39 -26.19 22.14
CA VAL D 337 1.97 -27.25 23.05
C VAL D 337 2.40 -28.56 22.41
N VAL D 338 3.45 -29.17 22.94
CA VAL D 338 4.06 -30.36 22.35
C VAL D 338 3.59 -31.60 23.10
N GLY D 339 3.18 -32.61 22.35
CA GLY D 339 2.67 -33.85 22.91
C GLY D 339 1.67 -34.47 21.97
N ASP D 340 1.23 -35.68 22.34
CA ASP D 340 0.21 -36.35 21.53
C ASP D 340 -1.12 -35.62 21.67
N ILE D 341 -1.88 -35.61 20.57
CA ILE D 341 -3.10 -34.83 20.51
C ILE D 341 -4.10 -35.29 21.56
N GLY D 342 -4.11 -36.58 21.87
CA GLY D 342 -5.00 -37.07 22.93
C GLY D 342 -4.74 -36.41 24.27
N SER D 343 -3.47 -36.40 24.69
CA SER D 343 -3.13 -35.82 25.99
C SER D 343 -3.25 -34.31 25.99
N CYS D 344 -2.97 -33.66 24.85
CA CYS D 344 -2.93 -32.20 24.82
C CYS D 344 -4.32 -31.57 24.82
N VAL D 345 -5.26 -32.16 24.07
CA VAL D 345 -6.61 -31.59 24.05
C VAL D 345 -7.30 -31.81 25.40
N GLU D 346 -7.02 -32.95 26.05
CA GLU D 346 -7.66 -33.23 27.33
C GLU D 346 -7.15 -32.30 28.42
N ALA D 347 -5.84 -32.06 28.45
CA ALA D 347 -5.29 -31.11 29.43
C ALA D 347 -5.79 -29.70 29.15
N LEU D 348 -5.89 -29.32 27.88
CA LEU D 348 -6.46 -28.03 27.52
C LEU D 348 -7.95 -27.98 27.86
N LEU D 349 -8.65 -29.09 27.67
CA LEU D 349 -10.08 -29.14 28.00
C LEU D 349 -10.32 -29.04 29.49
N ASP D 350 -9.39 -29.57 30.30
CA ASP D 350 -9.55 -29.48 31.76
C ASP D 350 -9.44 -28.04 32.22
N GLY D 351 -8.52 -27.27 31.64
CA GLY D 351 -8.39 -25.87 32.02
C GLY D 351 -9.53 -25.00 31.53
N ILE D 352 -10.11 -25.34 30.38
CA ILE D 352 -11.26 -24.60 29.89
C ILE D 352 -12.48 -24.84 30.78
N ARG D 353 -12.64 -26.08 31.26
CA ARG D 353 -13.76 -26.38 32.15
C ARG D 353 -13.67 -25.61 33.46
N LYS D 354 -12.45 -25.30 33.91
CA LYS D 354 -12.27 -24.58 35.17
C LYS D 354 -12.43 -23.07 35.02
N ASP D 355 -12.33 -22.54 33.80
CA ASP D 355 -12.23 -21.11 33.59
C ASP D 355 -12.45 -20.75 32.13
N TRP D 356 -13.68 -20.37 31.77
CA TRP D 356 -14.01 -20.07 30.38
C TRP D 356 -15.27 -19.24 30.34
N LYS D 357 -15.16 -17.98 29.89
CA LYS D 357 -16.31 -17.10 29.77
C LYS D 357 -17.20 -17.44 28.58
N GLY D 358 -16.78 -18.36 27.73
CA GLY D 358 -17.53 -18.71 26.54
C GLY D 358 -16.97 -18.01 25.30
N ALA D 359 -17.51 -18.40 24.15
CA ALA D 359 -17.04 -17.72 22.96
C ALA D 359 -17.92 -16.52 22.62
N PRO D 360 -17.33 -15.42 22.17
CA PRO D 360 -18.13 -14.25 21.80
C PRO D 360 -19.22 -14.59 20.80
N SER D 361 -20.43 -14.13 21.07
CA SER D 361 -21.60 -14.56 20.32
C SER D 361 -21.65 -13.95 18.93
N ASN D 362 -21.17 -12.71 18.78
CA ASN D 362 -21.21 -12.05 17.47
C ASN D 362 -20.31 -12.73 16.47
N TRP D 363 -19.21 -13.35 16.93
CA TRP D 363 -18.30 -14.03 16.02
C TRP D 363 -18.95 -15.28 15.43
N LEU D 364 -19.72 -16.01 16.23
CA LEU D 364 -20.42 -17.18 15.70
C LEU D 364 -21.53 -16.76 14.75
N GLU D 365 -22.20 -15.65 15.04
CA GLU D 365 -23.26 -15.18 14.15
C GLU D 365 -22.69 -14.72 12.81
N THR D 366 -21.53 -14.08 12.83
CA THR D 366 -20.88 -13.64 11.59
C THR D 366 -20.56 -14.85 10.71
N LEU D 367 -19.97 -15.90 11.30
CA LEU D 367 -19.61 -17.08 10.52
C LEU D 367 -20.85 -17.87 10.11
N ARG D 368 -21.87 -17.91 10.97
CA ARG D 368 -23.09 -18.64 10.63
C ARG D 368 -23.79 -18.01 9.43
N GLY D 369 -23.67 -16.69 9.28
CA GLY D 369 -24.30 -16.04 8.14
C GLY D 369 -23.59 -16.34 6.84
N LYS D 370 -22.26 -16.18 6.81
CA LYS D 370 -21.50 -16.48 5.61
C LYS D 370 -21.64 -17.95 5.22
N ARG D 371 -21.74 -18.83 6.22
CA ARG D 371 -21.92 -20.26 5.94
C ARG D 371 -23.24 -20.51 5.24
N GLU D 372 -24.33 -19.97 5.79
CA GLU D 372 -25.64 -20.15 5.16
C GLU D 372 -25.72 -19.49 3.80
N ALA D 373 -25.00 -18.38 3.61
CA ALA D 373 -25.00 -17.70 2.31
C ALA D 373 -24.29 -18.54 1.26
N ASN D 374 -23.10 -19.06 1.59
CA ASN D 374 -22.34 -19.85 0.63
C ASN D 374 -23.08 -21.15 0.27
N ILE D 375 -23.72 -21.77 1.27
CA ILE D 375 -24.53 -22.96 0.99
C ILE D 375 -25.70 -22.59 0.09
N ALA D 376 -26.31 -21.44 0.33
CA ALA D 376 -27.42 -20.99 -0.52
C ALA D 376 -26.93 -20.71 -1.95
N LYS D 377 -25.70 -20.21 -2.09
CA LYS D 377 -25.16 -19.98 -3.43
C LYS D 377 -24.81 -21.29 -4.12
N MET D 378 -24.47 -22.32 -3.35
CA MET D 378 -24.06 -23.61 -3.92
C MET D 378 -25.25 -24.47 -4.33
N ALA D 379 -26.37 -24.37 -3.60
CA ALA D 379 -27.49 -25.29 -3.81
C ALA D 379 -28.03 -25.30 -5.24
N PRO D 380 -28.27 -24.16 -5.90
CA PRO D 380 -28.79 -24.24 -7.28
C PRO D 380 -27.84 -24.92 -8.25
N LYS D 381 -26.54 -24.86 -8.01
CA LYS D 381 -25.59 -25.58 -8.85
C LYS D 381 -25.73 -27.09 -8.70
N LEU D 382 -26.21 -27.56 -7.55
CA LEU D 382 -26.30 -28.99 -7.28
C LEU D 382 -27.49 -29.63 -8.01
N MET D 383 -28.66 -28.98 -7.99
CA MET D 383 -29.84 -29.53 -8.60
C MET D 383 -29.97 -29.18 -10.09
N LYS D 384 -29.14 -28.28 -10.60
CA LYS D 384 -29.21 -27.92 -12.01
C LYS D 384 -28.72 -29.10 -12.86
N ASN D 385 -29.65 -29.78 -13.51
CA ASN D 385 -29.34 -30.94 -14.35
C ASN D 385 -29.27 -30.50 -15.80
N SER D 386 -28.12 -30.72 -16.43
CA SER D 386 -27.91 -30.35 -17.82
C SER D 386 -27.22 -31.50 -18.55
N SER D 387 -27.19 -31.40 -19.88
CA SER D 387 -26.51 -32.36 -20.74
C SER D 387 -25.38 -31.64 -21.45
N PRO D 388 -24.12 -32.08 -21.30
CA PRO D 388 -23.72 -33.24 -20.50
C PRO D 388 -23.66 -32.93 -19.00
N MET D 389 -23.48 -33.98 -18.20
CA MET D 389 -23.49 -33.83 -16.75
C MET D 389 -22.29 -33.02 -16.29
N CYS D 390 -22.55 -32.00 -15.46
CA CYS D 390 -21.48 -31.17 -14.93
C CYS D 390 -21.02 -31.70 -13.58
N PHE D 391 -19.92 -31.13 -13.08
CA PHE D 391 -19.30 -31.63 -11.86
C PHE D 391 -20.24 -31.50 -10.66
N HIS D 392 -20.89 -30.34 -10.51
CA HIS D 392 -21.70 -30.09 -9.33
C HIS D 392 -22.93 -31.01 -9.28
N SER D 393 -23.57 -31.24 -10.43
CA SER D 393 -24.77 -32.07 -10.44
C SER D 393 -24.45 -33.53 -10.13
N ALA D 394 -23.29 -34.02 -10.56
CA ALA D 394 -22.91 -35.39 -10.26
C ALA D 394 -22.52 -35.55 -8.79
N LEU D 395 -21.77 -34.59 -8.25
CA LEU D 395 -21.39 -34.63 -6.85
C LEU D 395 -22.57 -34.42 -5.93
N GLY D 396 -23.64 -33.77 -6.41
CA GLY D 396 -24.85 -33.66 -5.62
C GLY D 396 -25.47 -35.01 -5.32
N ALA D 397 -25.36 -35.95 -6.27
CA ALA D 397 -25.85 -37.30 -6.02
C ALA D 397 -24.92 -38.05 -5.07
N LEU D 398 -23.62 -37.83 -5.19
CA LEU D 398 -22.67 -38.51 -4.31
C LEU D 398 -22.72 -37.98 -2.89
N ARG D 399 -23.04 -36.69 -2.73
CA ARG D 399 -23.20 -36.14 -1.39
C ARG D 399 -24.31 -36.85 -0.64
N THR D 400 -25.38 -37.23 -1.34
CA THR D 400 -26.47 -37.96 -0.70
C THR D 400 -26.07 -39.39 -0.39
N VAL D 401 -25.23 -40.00 -1.23
CA VAL D 401 -24.77 -41.37 -0.98
C VAL D 401 -24.02 -41.44 0.34
N ILE D 402 -23.10 -40.48 0.56
CA ILE D 402 -22.33 -40.48 1.80
C ILE D 402 -23.21 -40.12 2.99
N LYS D 403 -24.16 -39.21 2.80
CA LYS D 403 -25.09 -38.88 3.87
C LYS D 403 -25.92 -40.09 4.26
N GLU D 404 -26.36 -40.88 3.28
CA GLU D 404 -27.14 -42.08 3.56
C GLU D 404 -26.28 -43.24 4.05
N ARG D 405 -24.97 -43.20 3.81
CA ARG D 405 -24.05 -44.26 4.23
C ARG D 405 -22.88 -43.61 4.96
N PRO D 406 -23.12 -43.12 6.19
CA PRO D 406 -22.10 -42.29 6.86
C PRO D 406 -20.91 -43.07 7.38
N ASP D 407 -20.97 -44.40 7.44
CA ASP D 407 -19.82 -45.20 7.85
C ASP D 407 -19.04 -45.75 6.67
N ALA D 408 -19.41 -45.40 5.45
CA ALA D 408 -18.67 -45.80 4.26
C ALA D 408 -17.44 -44.93 4.08
N ILE D 409 -16.52 -45.41 3.25
CA ILE D 409 -15.21 -44.79 3.06
C ILE D 409 -15.18 -44.10 1.71
N LEU D 410 -14.68 -42.87 1.68
CA LEU D 410 -14.57 -42.08 0.46
C LEU D 410 -13.10 -41.92 0.10
N VAL D 411 -12.70 -42.51 -1.01
CA VAL D 411 -11.42 -42.23 -1.65
C VAL D 411 -11.66 -41.24 -2.77
N ASN D 412 -10.83 -40.20 -2.84
CA ASN D 412 -11.10 -39.09 -3.76
C ASN D 412 -9.77 -38.50 -4.24
N GLU D 413 -9.67 -38.29 -5.55
CA GLU D 413 -8.47 -37.67 -6.10
C GLU D 413 -8.78 -37.12 -7.50
N GLY D 414 -7.97 -36.14 -7.90
CA GLY D 414 -8.14 -35.42 -9.15
C GLY D 414 -7.82 -33.95 -8.93
N CYS D 415 -8.41 -33.10 -9.76
CA CYS D 415 -8.31 -31.65 -9.58
C CYS D 415 -9.70 -31.05 -9.38
N ASN D 416 -10.51 -30.94 -10.43
CA ASN D 416 -11.91 -30.57 -10.23
C ASN D 416 -12.64 -31.61 -9.41
N THR D 417 -12.42 -32.89 -9.73
CA THR D 417 -13.06 -33.97 -8.98
C THR D 417 -12.65 -33.94 -7.51
N LEU D 418 -11.44 -33.47 -7.22
CA LEU D 418 -10.98 -33.39 -5.84
C LEU D 418 -11.56 -32.18 -5.12
N ASP D 419 -11.27 -30.97 -5.62
CA ASP D 419 -11.60 -29.76 -4.89
C ASP D 419 -13.10 -29.55 -4.78
N LEU D 420 -13.88 -30.07 -5.73
CA LEU D 420 -15.32 -29.90 -5.69
C LEU D 420 -16.00 -30.93 -4.80
N ALA D 421 -15.51 -32.17 -4.81
CA ALA D 421 -16.06 -33.18 -3.90
C ALA D 421 -15.74 -32.86 -2.45
N ARG D 422 -14.60 -32.20 -2.20
CA ARG D 422 -14.24 -31.84 -0.84
C ARG D 422 -15.23 -30.86 -0.23
N GLY D 423 -15.74 -29.93 -1.04
CA GLY D 423 -16.68 -28.94 -0.54
C GLY D 423 -18.13 -29.38 -0.57
N ILE D 424 -18.47 -30.27 -1.50
CA ILE D 424 -19.86 -30.69 -1.69
C ILE D 424 -20.19 -31.89 -0.79
N ILE D 425 -19.34 -32.92 -0.81
CA ILE D 425 -19.60 -34.15 -0.06
C ILE D 425 -19.27 -33.91 1.41
N ASP D 426 -20.28 -33.92 2.27
CA ASP D 426 -20.08 -33.74 3.70
C ASP D 426 -19.85 -35.10 4.35
N MET D 427 -18.80 -35.20 5.18
CA MET D 427 -18.52 -36.42 5.91
C MET D 427 -19.13 -36.34 7.31
N TYR D 428 -19.51 -37.51 7.83
CA TYR D 428 -20.21 -37.59 9.11
C TYR D 428 -19.47 -38.39 10.17
N GLN D 429 -18.53 -39.25 9.79
CA GLN D 429 -17.76 -40.04 10.74
C GLN D 429 -16.27 -39.86 10.48
N PRO D 430 -15.44 -40.03 11.50
CA PRO D 430 -14.01 -39.71 11.35
C PRO D 430 -13.24 -40.76 10.57
N ARG D 431 -12.15 -40.30 9.94
CA ARG D 431 -11.24 -41.16 9.18
C ARG D 431 -11.97 -41.90 8.06
N LYS D 432 -12.88 -41.21 7.38
CA LYS D 432 -13.65 -41.79 6.30
C LYS D 432 -13.32 -41.20 4.94
N ARG D 433 -12.57 -40.11 4.89
CA ARG D 433 -12.15 -39.48 3.63
C ARG D 433 -10.65 -39.67 3.46
N LEU D 434 -10.24 -40.12 2.28
CA LEU D 434 -8.85 -40.40 1.96
C LEU D 434 -8.56 -39.76 0.60
N ASP D 435 -7.70 -38.75 0.57
CA ASP D 435 -7.44 -38.02 -0.68
C ASP D 435 -5.93 -37.84 -0.88
N VAL D 436 -5.58 -36.88 -1.73
CA VAL D 436 -4.25 -36.78 -2.33
C VAL D 436 -3.15 -36.45 -1.33
N GLY D 437 -3.49 -36.01 -0.14
CA GLY D 437 -2.49 -35.79 0.89
C GLY D 437 -1.69 -34.52 0.70
N THR D 438 -0.57 -34.46 1.43
CA THR D 438 0.21 -33.23 1.54
C THR D 438 0.97 -32.92 0.26
N TRP D 439 1.38 -33.94 -0.50
CA TRP D 439 2.09 -33.71 -1.76
C TRP D 439 1.16 -33.50 -2.95
N GLY D 440 -0.14 -33.66 -2.76
CA GLY D 440 -1.06 -33.58 -3.89
C GLY D 440 -0.88 -34.70 -4.89
N VAL D 441 -0.63 -35.91 -4.41
CA VAL D 441 -0.25 -37.01 -5.30
C VAL D 441 -1.46 -37.52 -6.06
N MET D 442 -1.29 -37.67 -7.38
CA MET D 442 -2.21 -38.46 -8.18
C MET D 442 -1.65 -39.88 -8.30
N GLY D 443 -2.46 -40.87 -7.92
CA GLY D 443 -2.02 -42.25 -7.98
C GLY D 443 -2.33 -43.03 -6.72
N ILE D 444 -2.89 -42.37 -5.71
CA ILE D 444 -3.22 -43.03 -4.45
C ILE D 444 -4.58 -43.70 -4.48
N GLY D 445 -5.42 -43.42 -5.47
CA GLY D 445 -6.79 -43.88 -5.52
C GLY D 445 -7.01 -45.36 -5.28
N MET D 446 -6.52 -46.21 -6.19
CA MET D 446 -6.80 -47.64 -6.09
C MET D 446 -6.06 -48.27 -4.92
N GLY D 447 -4.84 -47.80 -4.63
CA GLY D 447 -4.12 -48.32 -3.49
C GLY D 447 -4.81 -48.01 -2.18
N PHE D 448 -5.28 -46.77 -2.02
CA PHE D 448 -6.06 -46.43 -0.83
C PHE D 448 -7.37 -47.20 -0.80
N ALA D 449 -7.97 -47.42 -1.96
CA ALA D 449 -9.24 -48.13 -2.01
C ALA D 449 -9.09 -49.57 -1.58
N VAL D 450 -8.03 -50.25 -2.02
CA VAL D 450 -7.81 -51.64 -1.63
C VAL D 450 -7.60 -51.75 -0.13
N ALA D 451 -6.75 -50.87 0.43
CA ALA D 451 -6.45 -50.94 1.85
C ALA D 451 -7.66 -50.56 2.71
N ALA D 452 -8.42 -49.55 2.26
CA ALA D 452 -9.63 -49.16 2.99
C ALA D 452 -10.62 -50.32 3.07
N ALA D 453 -10.74 -51.09 1.99
CA ALA D 453 -11.61 -52.26 2.02
C ALA D 453 -11.03 -53.36 2.90
N VAL D 454 -9.71 -53.58 2.82
CA VAL D 454 -9.09 -54.69 3.54
C VAL D 454 -9.03 -54.39 5.03
N GLU D 455 -8.66 -53.17 5.39
CA GLU D 455 -8.42 -52.87 6.80
C GLU D 455 -9.72 -52.66 7.58
N THR D 456 -10.67 -51.92 7.00
CA THR D 456 -11.84 -51.49 7.76
C THR D 456 -13.03 -52.43 7.61
N GLY D 457 -13.12 -53.16 6.50
CA GLY D 457 -14.29 -53.98 6.24
C GLY D 457 -15.50 -53.21 5.77
N LYS D 458 -15.40 -51.89 5.62
CA LYS D 458 -16.50 -51.06 5.15
C LYS D 458 -16.59 -51.13 3.63
N PRO D 459 -17.68 -50.62 3.05
CA PRO D 459 -17.68 -50.36 1.61
C PRO D 459 -16.88 -49.11 1.28
N VAL D 460 -16.37 -49.08 0.06
CA VAL D 460 -15.49 -48.00 -0.40
C VAL D 460 -16.11 -47.35 -1.63
N LEU D 461 -16.25 -46.04 -1.58
CA LEU D 461 -16.65 -45.24 -2.73
C LEU D 461 -15.43 -44.44 -3.21
N ALA D 462 -14.99 -44.71 -4.43
CA ALA D 462 -13.83 -44.05 -5.02
C ALA D 462 -14.30 -43.07 -6.08
N VAL D 463 -14.03 -41.78 -5.86
CA VAL D 463 -14.46 -40.71 -6.75
C VAL D 463 -13.22 -40.19 -7.44
N GLU D 464 -13.03 -40.56 -8.71
CA GLU D 464 -11.77 -40.35 -9.41
C GLU D 464 -11.97 -39.44 -10.61
N GLY D 465 -11.02 -38.53 -10.81
CA GLY D 465 -10.85 -37.91 -12.11
C GLY D 465 -10.18 -38.88 -13.07
N ASP D 466 -10.52 -38.76 -14.36
CA ASP D 466 -10.02 -39.73 -15.32
C ASP D 466 -8.50 -39.65 -15.46
N SER D 467 -7.91 -38.48 -15.22
CA SER D 467 -6.45 -38.39 -15.22
C SER D 467 -5.87 -39.03 -13.97
N ALA D 468 -6.48 -38.76 -12.81
CA ALA D 468 -5.97 -39.32 -11.56
C ALA D 468 -6.07 -40.85 -11.57
N PHE D 469 -7.16 -41.38 -12.11
CA PHE D 469 -7.33 -42.84 -12.15
C PHE D 469 -6.24 -43.50 -12.98
N GLY D 470 -5.74 -42.83 -14.01
CA GLY D 470 -4.76 -43.45 -14.88
C GLY D 470 -3.46 -43.80 -14.19
N PHE D 471 -3.08 -43.04 -13.17
CA PHE D 471 -1.82 -43.29 -12.47
C PHE D 471 -1.81 -44.65 -11.77
N SER D 472 -2.99 -45.21 -11.47
CA SER D 472 -3.06 -46.47 -10.75
C SER D 472 -4.21 -47.35 -11.24
N GLY D 473 -4.73 -47.11 -12.44
CA GLY D 473 -5.94 -47.79 -12.89
C GLY D 473 -5.81 -49.29 -12.97
N MET D 474 -4.60 -49.81 -13.15
CA MET D 474 -4.43 -51.25 -13.36
C MET D 474 -4.87 -52.07 -12.16
N GLU D 475 -4.91 -51.48 -10.97
CA GLU D 475 -5.24 -52.23 -9.76
C GLU D 475 -6.72 -52.56 -9.63
N VAL D 476 -7.55 -52.21 -10.62
CA VAL D 476 -8.93 -52.66 -10.59
C VAL D 476 -8.99 -54.18 -10.72
N GLU D 477 -7.98 -54.78 -11.36
CA GLU D 477 -7.87 -56.23 -11.37
C GLU D 477 -7.62 -56.77 -9.97
N THR D 478 -6.79 -56.08 -9.19
CA THR D 478 -6.58 -56.48 -7.81
C THR D 478 -7.87 -56.35 -7.00
N ILE D 479 -8.60 -55.24 -7.20
CA ILE D 479 -9.88 -55.05 -6.52
C ILE D 479 -10.83 -56.19 -6.88
N CYS D 480 -10.83 -56.61 -8.15
CA CYS D 480 -11.68 -57.73 -8.56
C CYS D 480 -11.15 -59.06 -8.03
N ARG D 481 -9.83 -59.23 -7.99
CA ARG D 481 -9.25 -60.51 -7.61
C ARG D 481 -9.59 -60.89 -6.18
N TYR D 482 -9.70 -59.91 -5.30
CA TYR D 482 -10.08 -60.16 -3.91
C TYR D 482 -11.53 -59.82 -3.63
N GLU D 483 -12.30 -59.46 -4.65
CA GLU D 483 -13.74 -59.20 -4.53
C GLU D 483 -14.03 -58.18 -3.43
N LEU D 484 -13.28 -57.08 -3.45
CA LEU D 484 -13.38 -56.04 -2.44
C LEU D 484 -14.62 -55.19 -2.69
N PRO D 485 -15.31 -54.74 -1.63
CA PRO D 485 -16.51 -53.89 -1.79
C PRO D 485 -16.15 -52.46 -2.13
N VAL D 486 -15.68 -52.26 -3.37
CA VAL D 486 -15.23 -50.96 -3.84
C VAL D 486 -16.10 -50.54 -5.00
N CYS D 487 -16.64 -49.32 -4.93
CA CYS D 487 -17.40 -48.72 -6.01
C CYS D 487 -16.60 -47.54 -6.56
N ILE D 488 -16.17 -47.65 -7.82
CA ILE D 488 -15.33 -46.65 -8.46
C ILE D 488 -16.17 -45.81 -9.39
N VAL D 489 -16.11 -44.49 -9.24
CA VAL D 489 -16.84 -43.55 -10.07
C VAL D 489 -15.81 -42.67 -10.77
N ILE D 490 -15.70 -42.80 -12.08
CA ILE D 490 -14.74 -42.02 -12.87
C ILE D 490 -15.46 -40.79 -13.40
N PHE D 491 -15.00 -39.62 -13.00
CA PHE D 491 -15.48 -38.36 -13.57
C PHE D 491 -14.75 -38.15 -14.90
N ASN D 492 -15.38 -38.62 -15.97
CA ASN D 492 -14.75 -38.68 -17.30
C ASN D 492 -15.08 -37.41 -18.07
N ASN D 493 -14.20 -36.42 -17.98
CA ASN D 493 -14.30 -35.20 -18.77
C ASN D 493 -13.26 -35.16 -19.89
N ASN D 494 -12.68 -36.32 -20.22
CA ASN D 494 -11.79 -36.52 -21.37
C ASN D 494 -10.41 -35.89 -21.19
N GLY D 495 -9.99 -35.58 -19.97
CA GLY D 495 -8.63 -35.08 -19.82
C GLY D 495 -8.39 -34.44 -18.46
N ILE D 496 -7.29 -33.71 -18.42
CA ILE D 496 -6.81 -33.06 -17.20
C ILE D 496 -7.46 -31.69 -17.11
N PHE D 497 -8.16 -31.43 -16.00
CA PHE D 497 -8.90 -30.20 -15.76
C PHE D 497 -10.09 -30.08 -16.71
N ARG D 498 -9.83 -30.15 -18.02
CA ARG D 498 -10.86 -30.08 -19.05
C ARG D 498 -10.52 -31.10 -20.12
N GLY D 499 -11.43 -31.25 -21.09
CA GLY D 499 -11.18 -32.10 -22.24
C GLY D 499 -11.26 -31.35 -23.55
N THR D 500 -10.84 -30.09 -23.54
CA THR D 500 -11.00 -29.21 -24.69
C THR D 500 -9.69 -28.72 -25.29
N ASP D 501 -8.54 -29.02 -24.68
CA ASP D 501 -7.27 -28.57 -25.23
C ASP D 501 -6.99 -29.25 -26.57
N THR D 502 -6.35 -28.51 -27.47
CA THR D 502 -6.07 -29.00 -28.82
C THR D 502 -4.68 -28.58 -29.24
N ASP D 503 -4.10 -29.37 -30.14
CA ASP D 503 -2.79 -29.07 -30.70
C ASP D 503 -2.89 -27.89 -31.66
N PRO D 504 -2.22 -26.77 -31.40
CA PRO D 504 -2.27 -25.65 -32.35
C PRO D 504 -1.71 -25.99 -33.73
N THR D 505 -0.82 -26.97 -33.83
CA THR D 505 -0.35 -27.42 -35.12
C THR D 505 -1.29 -28.43 -35.78
N GLY D 506 -2.27 -28.95 -35.03
CA GLY D 506 -3.26 -29.83 -35.62
C GLY D 506 -2.73 -31.16 -36.10
N ARG D 507 -1.78 -31.73 -35.37
CA ARG D 507 -1.22 -33.04 -35.72
C ARG D 507 -1.49 -34.10 -34.67
N ASP D 508 -1.36 -33.77 -33.39
CA ASP D 508 -1.60 -34.71 -32.30
C ASP D 508 -2.78 -34.23 -31.47
N PRO D 509 -3.25 -35.01 -30.50
CA PRO D 509 -4.21 -34.47 -29.52
C PRO D 509 -3.54 -33.43 -28.63
N GLY D 510 -4.39 -32.71 -27.90
CA GLY D 510 -3.89 -31.76 -26.93
C GLY D 510 -3.08 -32.42 -25.84
N THR D 511 -2.26 -31.60 -25.16
CA THR D 511 -1.33 -32.16 -24.17
C THR D 511 -2.06 -32.71 -22.95
N THR D 512 -3.27 -32.24 -22.66
CA THR D 512 -3.95 -32.59 -21.41
C THR D 512 -5.26 -33.33 -21.64
N VAL D 513 -5.45 -33.95 -22.81
CA VAL D 513 -6.66 -34.68 -23.11
C VAL D 513 -6.35 -36.18 -23.19
N PHE D 514 -7.41 -36.98 -23.25
CA PHE D 514 -7.31 -38.43 -23.44
C PHE D 514 -8.19 -38.83 -24.62
N VAL D 515 -8.25 -40.13 -24.88
CA VAL D 515 -9.14 -40.65 -25.91
C VAL D 515 -10.57 -40.25 -25.58
N LYS D 516 -11.19 -39.51 -26.48
CA LYS D 516 -12.53 -38.98 -26.22
C LYS D 516 -13.55 -40.10 -26.09
N ASN D 517 -14.42 -39.97 -25.10
CA ASN D 517 -15.43 -40.98 -24.78
C ASN D 517 -14.79 -42.33 -24.46
N SER D 518 -13.75 -42.29 -23.63
CA SER D 518 -13.20 -43.53 -23.08
C SER D 518 -14.22 -44.20 -22.18
N ARG D 519 -14.33 -45.51 -22.29
CA ARG D 519 -15.30 -46.29 -21.53
C ARG D 519 -14.55 -47.19 -20.56
N TYR D 520 -14.12 -46.60 -19.44
CA TYR D 520 -13.35 -47.35 -18.45
C TYR D 520 -14.14 -48.53 -17.89
N ASP D 521 -15.48 -48.50 -17.98
CA ASP D 521 -16.27 -49.62 -17.49
C ASP D 521 -15.95 -50.89 -18.23
N LYS D 522 -15.58 -50.79 -19.52
CA LYS D 522 -15.12 -51.98 -20.25
C LYS D 522 -13.85 -52.56 -19.62
N MET D 523 -12.93 -51.69 -19.20
CA MET D 523 -11.71 -52.16 -18.55
C MET D 523 -12.02 -52.91 -17.27
N MET D 524 -13.04 -52.47 -16.53
CA MET D 524 -13.44 -53.19 -15.33
C MET D 524 -13.99 -54.57 -15.66
N GLU D 525 -14.80 -54.66 -16.72
CA GLU D 525 -15.36 -55.94 -17.13
C GLU D 525 -14.27 -56.90 -17.64
N ALA D 526 -13.10 -56.37 -18.02
CA ALA D 526 -12.01 -57.22 -18.46
C ALA D 526 -11.53 -58.16 -17.38
N PHE D 527 -11.78 -57.85 -16.11
CA PHE D 527 -11.33 -58.66 -15.00
C PHE D 527 -12.48 -59.25 -14.18
N GLY D 528 -13.71 -59.20 -14.70
CA GLY D 528 -14.86 -59.79 -14.04
C GLY D 528 -15.71 -58.82 -13.26
N GLY D 529 -15.27 -57.58 -13.07
CA GLY D 529 -16.02 -56.61 -12.31
C GLY D 529 -17.25 -56.12 -13.06
N VAL D 530 -18.02 -55.28 -12.37
CA VAL D 530 -19.24 -54.70 -12.93
C VAL D 530 -18.89 -53.39 -13.62
N GLY D 531 -19.35 -53.25 -14.86
CA GLY D 531 -19.12 -52.02 -15.61
C GLY D 531 -20.39 -51.31 -15.98
N VAL D 532 -20.49 -50.02 -15.65
CA VAL D 532 -21.68 -49.21 -15.88
C VAL D 532 -21.25 -47.87 -16.44
N ASN D 533 -22.01 -47.37 -17.43
CA ASN D 533 -21.84 -46.03 -17.96
C ASN D 533 -23.09 -45.22 -17.63
N VAL D 534 -22.89 -44.03 -17.05
CA VAL D 534 -23.99 -43.17 -16.62
C VAL D 534 -23.81 -41.78 -17.21
N THR D 535 -24.93 -41.08 -17.40
CA THR D 535 -24.92 -39.76 -18.01
C THR D 535 -25.67 -38.70 -17.22
N THR D 536 -26.42 -39.07 -16.19
CA THR D 536 -27.25 -38.15 -15.43
C THR D 536 -27.01 -38.36 -13.94
N PRO D 537 -27.30 -37.35 -13.11
CA PRO D 537 -27.21 -37.57 -11.66
C PRO D 537 -28.12 -38.69 -11.17
N ASP D 538 -29.29 -38.84 -11.77
CA ASP D 538 -30.21 -39.90 -11.38
C ASP D 538 -29.60 -41.27 -11.64
N GLU D 539 -29.01 -41.46 -12.82
CA GLU D 539 -28.37 -42.74 -13.14
C GLU D 539 -27.14 -42.99 -12.28
N LEU D 540 -26.40 -41.93 -11.94
CA LEU D 540 -25.24 -42.09 -11.06
C LEU D 540 -25.66 -42.55 -9.67
N LYS D 541 -26.72 -41.94 -9.13
CA LYS D 541 -27.18 -42.29 -7.79
C LYS D 541 -27.65 -43.74 -7.72
N ARG D 542 -28.37 -44.20 -8.74
CA ARG D 542 -28.91 -45.56 -8.69
C ARG D 542 -27.85 -46.62 -8.95
N ALA D 543 -26.85 -46.31 -9.78
CA ALA D 543 -25.78 -47.26 -10.03
C ALA D 543 -24.88 -47.41 -8.80
N VAL D 544 -24.58 -46.29 -8.13
CA VAL D 544 -23.78 -46.35 -6.91
C VAL D 544 -24.52 -47.13 -5.83
N ASP D 545 -25.82 -46.87 -5.67
CA ASP D 545 -26.60 -47.59 -4.66
C ASP D 545 -26.59 -49.09 -4.91
N GLU D 546 -26.75 -49.49 -6.18
CA GLU D 546 -26.71 -50.92 -6.50
C GLU D 546 -25.34 -51.51 -6.16
N ALA D 547 -24.26 -50.81 -6.48
CA ALA D 547 -22.92 -51.33 -6.23
C ALA D 547 -22.64 -51.45 -4.74
N MET D 548 -22.92 -50.39 -3.98
CA MET D 548 -22.62 -50.41 -2.55
C MET D 548 -23.59 -51.27 -1.75
N ASN D 549 -24.81 -51.49 -2.26
CA ASN D 549 -25.70 -52.44 -1.62
C ASN D 549 -25.25 -53.87 -1.89
N SER D 550 -24.95 -54.19 -3.15
CA SER D 550 -24.50 -55.53 -3.49
C SER D 550 -23.10 -55.80 -2.95
N GLY D 551 -22.24 -54.78 -2.96
CA GLY D 551 -20.86 -54.95 -2.56
C GLY D 551 -19.95 -55.52 -3.63
N LYS D 552 -20.47 -55.80 -4.83
CA LYS D 552 -19.64 -56.33 -5.89
C LYS D 552 -18.70 -55.25 -6.41
N PRO D 553 -17.46 -55.61 -6.76
CA PRO D 553 -16.54 -54.63 -7.37
C PRO D 553 -17.16 -54.02 -8.62
N THR D 554 -17.14 -52.69 -8.69
CA THR D 554 -17.88 -51.98 -9.72
C THR D 554 -17.15 -50.69 -10.09
N LEU D 555 -17.01 -50.46 -11.39
CA LEU D 555 -16.52 -49.20 -11.93
C LEU D 555 -17.65 -48.55 -12.70
N ILE D 556 -17.99 -47.31 -12.34
CA ILE D 556 -19.03 -46.54 -13.02
C ILE D 556 -18.33 -45.44 -13.79
N ASN D 557 -18.41 -45.51 -15.12
CA ASN D 557 -17.87 -44.46 -15.98
C ASN D 557 -18.90 -43.36 -16.10
N ALA D 558 -18.64 -42.21 -15.48
CA ALA D 558 -19.57 -41.09 -15.46
C ALA D 558 -19.10 -40.03 -16.44
N GLU D 559 -19.92 -39.73 -17.44
CA GLU D 559 -19.58 -38.73 -18.44
C GLU D 559 -19.74 -37.34 -17.85
N ILE D 560 -18.66 -36.57 -17.87
CA ILE D 560 -18.63 -35.21 -17.34
C ILE D 560 -18.42 -34.25 -18.51
N ASP D 561 -19.09 -33.10 -18.46
CA ASP D 561 -18.94 -32.06 -19.47
C ASP D 561 -17.47 -31.74 -19.68
N PRO D 562 -16.93 -31.94 -20.89
CA PRO D 562 -15.51 -31.64 -21.12
C PRO D 562 -15.16 -30.17 -20.96
N ALA D 563 -16.15 -29.28 -20.91
CA ALA D 563 -15.90 -27.85 -20.74
C ALA D 563 -16.17 -27.38 -19.31
N ALA D 564 -16.62 -28.26 -18.43
CA ALA D 564 -16.91 -27.87 -17.06
C ALA D 564 -15.64 -27.89 -16.22
N GLY D 565 -15.66 -27.11 -15.14
CA GLY D 565 -14.55 -27.07 -14.21
C GLY D 565 -13.62 -25.91 -14.45
N SER D 566 -12.53 -25.91 -13.69
CA SER D 566 -11.53 -24.85 -13.71
C SER D 566 -10.25 -25.38 -14.34
N GLU D 567 -9.71 -24.63 -15.31
CA GLU D 567 -8.43 -24.99 -15.91
C GLU D 567 -7.29 -24.54 -15.00
N GLY D 568 -6.34 -25.43 -14.79
CA GLY D 568 -5.24 -25.17 -13.86
C GLY D 568 -5.54 -25.64 -12.46
N PRO E 21 47.49 -76.43 4.18
CA PRO E 21 48.66 -75.84 3.52
C PRO E 21 49.03 -74.50 4.12
N GLU E 22 49.75 -73.68 3.36
CA GLU E 22 50.10 -72.34 3.82
C GLU E 22 48.89 -71.43 3.75
N LEU E 23 48.69 -70.63 4.79
CA LEU E 23 47.56 -69.74 4.90
C LEU E 23 48.02 -68.29 4.87
N THR E 24 47.08 -67.40 4.55
CA THR E 24 47.30 -65.96 4.60
C THR E 24 46.02 -65.30 5.10
N ASP E 25 46.14 -64.04 5.50
CA ASP E 25 45.00 -63.31 6.04
C ASP E 25 44.76 -62.02 5.26
N GLY E 26 43.73 -61.28 5.66
CA GLY E 26 43.41 -60.03 5.01
C GLY E 26 44.47 -58.97 5.20
N PHE E 27 45.16 -58.98 6.34
CA PHE E 27 46.26 -58.05 6.56
C PHE E 27 47.28 -58.12 5.44
N HIS E 28 47.79 -59.33 5.17
CA HIS E 28 48.83 -59.49 4.16
C HIS E 28 48.28 -59.24 2.76
N LEU E 29 47.06 -59.70 2.48
CA LEU E 29 46.49 -59.51 1.15
C LEU E 29 46.35 -58.03 0.82
N VAL E 30 45.97 -57.21 1.80
CA VAL E 30 45.88 -55.76 1.56
C VAL E 30 47.25 -55.18 1.26
N ILE E 31 48.27 -55.57 2.03
CA ILE E 31 49.62 -55.05 1.79
C ILE E 31 50.16 -55.54 0.46
N ASP E 32 50.01 -56.85 0.19
CA ASP E 32 50.53 -57.40 -1.05
C ASP E 32 49.85 -56.78 -2.26
N ALA E 33 48.55 -56.51 -2.17
CA ALA E 33 47.85 -55.87 -3.27
C ALA E 33 48.41 -54.48 -3.56
N LEU E 34 48.75 -53.74 -2.50
CA LEU E 34 49.32 -52.41 -2.69
C LEU E 34 50.74 -52.51 -3.24
N LYS E 35 51.57 -53.38 -2.66
CA LYS E 35 52.94 -53.54 -3.14
C LYS E 35 52.96 -53.99 -4.59
N LEU E 36 52.08 -54.93 -4.95
CA LEU E 36 52.05 -55.43 -6.33
C LEU E 36 51.80 -54.31 -7.32
N ASN E 37 50.96 -53.34 -6.95
CA ASN E 37 50.66 -52.20 -7.81
C ASN E 37 51.59 -51.02 -7.56
N GLY E 38 52.77 -51.27 -7.00
CA GLY E 38 53.80 -50.24 -6.90
C GLY E 38 53.64 -49.24 -5.78
N ILE E 39 52.71 -49.46 -4.85
CA ILE E 39 52.61 -48.57 -3.70
C ILE E 39 53.85 -48.72 -2.84
N GLU E 40 54.44 -47.58 -2.45
CA GLU E 40 55.65 -47.58 -1.65
C GLU E 40 55.54 -46.78 -0.35
N THR E 41 54.48 -46.01 -0.16
CA THR E 41 54.36 -45.11 0.98
C THR E 41 52.93 -45.10 1.48
N ILE E 42 52.76 -45.15 2.81
CA ILE E 42 51.46 -45.09 3.46
C ILE E 42 51.47 -43.90 4.41
N TYR E 43 50.59 -42.93 4.16
CA TYR E 43 50.35 -41.83 5.08
C TYR E 43 49.17 -42.18 5.97
N ASN E 44 49.33 -42.05 7.28
CA ASN E 44 48.31 -42.60 8.17
C ASN E 44 48.37 -41.93 9.55
N VAL E 45 47.33 -42.22 10.32
CA VAL E 45 47.36 -42.01 11.79
C VAL E 45 46.87 -43.35 12.37
N PRO E 46 47.66 -43.98 13.24
CA PRO E 46 47.29 -45.34 13.70
C PRO E 46 46.11 -45.33 14.66
N GLY E 47 45.61 -46.51 14.92
CA GLY E 47 44.49 -46.68 15.83
C GLY E 47 43.68 -47.91 15.45
N ILE E 48 42.62 -48.13 16.22
CA ILE E 48 41.72 -49.26 16.00
C ILE E 48 40.89 -48.99 14.75
N PRO E 49 40.78 -49.93 13.79
CA PRO E 49 41.36 -51.27 13.79
C PRO E 49 42.54 -51.45 12.83
N ILE E 50 43.27 -50.38 12.54
CA ILE E 50 44.28 -50.41 11.49
C ILE E 50 45.69 -50.23 12.04
N THR E 51 45.89 -50.42 13.35
CA THR E 51 47.23 -50.27 13.92
C THR E 51 48.17 -51.34 13.40
N ASP E 52 47.74 -52.61 13.44
CA ASP E 52 48.60 -53.69 12.99
C ASP E 52 48.75 -53.74 11.48
N LEU E 53 47.82 -53.15 10.73
CA LEU E 53 48.00 -53.04 9.28
C LEU E 53 49.17 -52.13 8.95
N GLY E 54 49.26 -50.98 9.62
CA GLY E 54 50.41 -50.11 9.43
C GLY E 54 51.70 -50.74 9.90
N ARG E 55 51.65 -51.55 10.97
CA ARG E 55 52.84 -52.26 11.42
C ARG E 55 53.32 -53.24 10.37
N LEU E 56 52.40 -54.01 9.79
CA LEU E 56 52.78 -54.98 8.77
C LEU E 56 53.31 -54.28 7.53
N ALA E 57 52.72 -53.15 7.16
CA ALA E 57 53.21 -52.39 6.00
C ALA E 57 54.67 -51.99 6.18
N GLN E 58 55.01 -51.50 7.39
CA GLN E 58 56.39 -51.14 7.66
C GLN E 58 57.29 -52.38 7.69
N ALA E 59 56.76 -53.49 8.20
CA ALA E 59 57.53 -54.73 8.23
C ALA E 59 57.68 -55.36 6.85
N GLU E 60 56.80 -55.02 5.91
CA GLU E 60 56.86 -55.55 4.55
C GLU E 60 57.66 -54.68 3.60
N GLY E 61 58.24 -53.58 4.08
CA GLY E 61 59.10 -52.74 3.28
C GLY E 61 58.54 -51.37 2.96
N LEU E 62 57.22 -51.19 3.06
CA LEU E 62 56.62 -49.91 2.77
C LEU E 62 57.02 -48.87 3.81
N ARG E 63 57.19 -47.63 3.37
CA ARG E 63 57.43 -46.54 4.30
C ARG E 63 56.11 -46.05 4.88
N VAL E 64 56.03 -45.97 6.20
CA VAL E 64 54.82 -45.59 6.90
C VAL E 64 55.09 -44.28 7.62
N ILE E 65 54.28 -43.26 7.32
CA ILE E 65 54.44 -41.92 7.87
C ILE E 65 53.22 -41.63 8.74
N SER E 66 53.44 -41.49 10.05
CA SER E 66 52.37 -41.24 11.00
C SER E 66 52.29 -39.74 11.31
N PHE E 67 51.09 -39.18 11.17
CA PHE E 67 50.86 -37.77 11.37
C PHE E 67 50.19 -37.53 12.72
N ARG E 68 49.95 -36.25 13.03
CA ARG E 68 49.25 -35.86 14.25
C ARG E 68 47.75 -35.69 14.04
N HIS E 69 47.30 -35.67 12.78
CA HIS E 69 45.90 -35.47 12.44
C HIS E 69 45.67 -36.12 11.08
N GLU E 70 44.54 -36.83 10.95
CA GLU E 70 44.28 -37.54 9.69
C GLU E 70 44.14 -36.59 8.51
N GLN E 71 43.64 -35.38 8.75
CA GLN E 71 43.47 -34.43 7.65
C GLN E 71 44.79 -34.07 7.00
N ASN E 72 45.85 -33.93 7.81
CA ASN E 72 47.17 -33.65 7.27
C ASN E 72 47.76 -34.86 6.59
N ALA E 73 47.48 -36.07 7.10
CA ALA E 73 47.89 -37.28 6.41
C ALA E 73 47.19 -37.41 5.05
N GLY E 74 45.92 -37.01 4.99
CA GLY E 74 45.21 -37.04 3.73
C GLY E 74 45.73 -36.02 2.74
N ASN E 75 45.98 -34.79 3.21
CA ASN E 75 46.59 -33.78 2.34
C ASN E 75 47.92 -34.25 1.79
N ALA E 76 48.69 -34.99 2.60
CA ALA E 76 49.94 -35.55 2.12
C ALA E 76 49.70 -36.50 0.94
N ALA E 77 48.79 -37.46 1.11
CA ALA E 77 48.52 -38.43 0.05
C ALA E 77 47.96 -37.74 -1.18
N ALA E 78 47.21 -36.65 -1.01
CA ALA E 78 46.59 -35.98 -2.15
C ALA E 78 47.65 -35.38 -3.07
N ILE E 79 48.52 -34.53 -2.53
CA ILE E 79 49.55 -33.91 -3.37
C ILE E 79 50.58 -34.93 -3.81
N ALA E 80 50.73 -36.04 -3.08
CA ALA E 80 51.62 -37.10 -3.54
C ALA E 80 51.10 -37.71 -4.85
N GLY E 81 49.78 -37.83 -4.98
CA GLY E 81 49.22 -38.27 -6.24
C GLY E 81 49.46 -37.28 -7.37
N PHE E 82 49.43 -35.99 -7.05
CA PHE E 82 49.71 -34.96 -8.04
C PHE E 82 51.16 -35.03 -8.51
N LEU E 83 52.09 -35.36 -7.61
CA LEU E 83 53.50 -35.37 -7.96
C LEU E 83 53.93 -36.62 -8.71
N THR E 84 53.18 -37.72 -8.59
CA THR E 84 53.63 -39.00 -9.11
C THR E 84 52.70 -39.63 -10.15
N LYS E 85 51.50 -39.09 -10.34
CA LYS E 85 50.46 -39.70 -11.17
C LYS E 85 50.10 -41.11 -10.70
N LYS E 86 50.47 -41.46 -9.47
CA LYS E 86 50.07 -42.65 -8.76
C LYS E 86 49.27 -42.25 -7.52
N PRO E 87 48.22 -42.99 -7.17
CA PRO E 87 47.36 -42.54 -6.08
C PRO E 87 48.08 -42.58 -4.73
N GLY E 88 47.97 -41.48 -3.98
CA GLY E 88 48.49 -41.45 -2.63
C GLY E 88 47.56 -42.19 -1.68
N ILE E 89 48.15 -42.94 -0.76
CA ILE E 89 47.40 -43.82 0.13
C ILE E 89 47.35 -43.17 1.50
N CYS E 90 46.14 -42.99 2.02
CA CYS E 90 45.92 -42.50 3.37
C CYS E 90 45.19 -43.57 4.15
N LEU E 91 45.80 -44.04 5.23
CA LEU E 91 45.18 -45.03 6.10
C LEU E 91 44.61 -44.30 7.31
N THR E 92 43.30 -44.45 7.51
CA THR E 92 42.68 -43.87 8.69
C THR E 92 41.83 -44.92 9.37
N VAL E 93 41.00 -44.42 10.29
CA VAL E 93 40.46 -45.14 11.41
C VAL E 93 38.96 -44.96 11.29
N SER E 94 38.16 -45.59 12.14
CA SER E 94 36.72 -45.51 11.95
C SER E 94 36.24 -44.06 12.12
N ALA E 95 34.91 -43.89 11.97
CA ALA E 95 34.14 -42.65 11.84
C ALA E 95 34.89 -41.35 12.18
N PRO E 96 35.31 -41.11 13.45
CA PRO E 96 35.91 -39.79 13.75
C PRO E 96 37.12 -39.44 12.89
N GLY E 97 37.96 -40.42 12.58
CA GLY E 97 39.17 -40.17 11.81
C GLY E 97 38.98 -40.41 10.33
N PHE E 98 38.02 -41.28 9.98
CA PHE E 98 37.57 -41.34 8.59
C PHE E 98 37.10 -39.96 8.13
N LEU E 99 36.31 -39.30 8.97
CA LEU E 99 35.79 -37.97 8.64
C LEU E 99 36.93 -36.97 8.42
N ASN E 100 37.99 -37.06 9.23
CA ASN E 100 39.12 -36.15 9.06
C ASN E 100 39.79 -36.37 7.71
N GLY E 101 40.04 -37.63 7.36
CA GLY E 101 40.62 -37.93 6.06
C GLY E 101 39.68 -37.66 4.91
N LEU E 102 38.38 -37.85 5.12
CA LEU E 102 37.41 -37.58 4.07
C LEU E 102 37.42 -36.11 3.66
N THR E 103 37.70 -35.21 4.60
CA THR E 103 37.85 -33.80 4.24
C THR E 103 39.01 -33.59 3.28
N ALA E 104 40.10 -34.34 3.47
CA ALA E 104 41.20 -34.28 2.53
C ALA E 104 40.88 -35.03 1.24
N LEU E 105 40.06 -36.07 1.31
CA LEU E 105 39.66 -36.77 0.10
C LEU E 105 38.74 -35.91 -0.75
N ALA E 106 37.87 -35.12 -0.11
CA ALA E 106 37.04 -34.19 -0.87
C ALA E 106 37.87 -33.12 -1.56
N ASN E 107 38.99 -32.72 -0.95
CA ASN E 107 39.86 -31.73 -1.57
C ASN E 107 40.59 -32.31 -2.78
N ALA E 108 41.11 -33.54 -2.65
CA ALA E 108 41.80 -34.17 -3.77
C ALA E 108 40.88 -34.29 -4.98
N THR E 109 39.61 -34.65 -4.76
CA THR E 109 38.66 -34.74 -5.87
C THR E 109 38.39 -33.36 -6.47
N THR E 110 38.38 -32.32 -5.64
CA THR E 110 38.19 -30.97 -6.15
C THR E 110 39.38 -30.54 -7.02
N ASN E 111 40.59 -30.95 -6.66
CA ASN E 111 41.79 -30.57 -7.38
C ASN E 111 42.27 -31.64 -8.35
N CYS E 112 41.46 -32.67 -8.59
CA CYS E 112 41.76 -33.74 -9.55
C CYS E 112 43.03 -34.51 -9.16
N PHE E 113 43.32 -34.59 -7.87
CA PHE E 113 44.50 -35.37 -7.51
C PHE E 113 44.11 -36.82 -7.24
N PRO E 114 44.90 -37.79 -7.72
CA PRO E 114 44.61 -39.19 -7.41
C PRO E 114 44.96 -39.51 -5.97
N MET E 115 44.04 -40.17 -5.27
CA MET E 115 44.19 -40.44 -3.85
C MET E 115 43.22 -41.54 -3.45
N ILE E 116 43.69 -42.47 -2.63
CA ILE E 116 42.88 -43.54 -2.10
C ILE E 116 42.86 -43.44 -0.58
N LEU E 117 41.67 -43.20 -0.02
CA LEU E 117 41.48 -43.16 1.43
C LEU E 117 41.09 -44.56 1.89
N ILE E 118 41.98 -45.22 2.63
CA ILE E 118 41.71 -46.52 3.21
C ILE E 118 41.37 -46.32 4.68
N SER E 119 40.16 -46.71 5.07
CA SER E 119 39.72 -46.62 6.45
C SER E 119 39.22 -47.96 6.93
N GLY E 120 39.50 -48.27 8.20
CA GLY E 120 38.84 -49.37 8.86
C GLY E 120 37.44 -48.97 9.29
N SER E 121 36.53 -49.95 9.29
CA SER E 121 35.16 -49.71 9.70
C SER E 121 34.73 -50.77 10.70
N SER E 122 33.62 -50.49 11.38
CA SER E 122 33.16 -51.32 12.49
C SER E 122 32.40 -52.54 11.96
N GLU E 123 31.74 -53.25 12.88
CA GLU E 123 30.95 -54.42 12.51
C GLU E 123 29.77 -54.01 11.63
N ARG E 124 29.61 -54.72 10.51
CA ARG E 124 28.59 -54.33 9.54
C ARG E 124 27.19 -54.55 10.09
N GLU E 125 26.97 -55.62 10.85
CA GLU E 125 25.63 -55.91 11.33
C GLU E 125 25.19 -54.92 12.40
N ILE E 126 26.11 -54.49 13.26
CA ILE E 126 25.75 -53.53 14.30
C ILE E 126 25.49 -52.16 13.68
N VAL E 127 26.28 -51.77 12.68
CA VAL E 127 26.11 -50.47 12.05
C VAL E 127 24.85 -50.45 11.20
N ASP E 128 24.58 -51.53 10.47
CA ASP E 128 23.40 -51.56 9.61
C ASP E 128 22.11 -51.41 10.40
N LEU E 129 22.11 -51.82 11.66
CA LEU E 129 20.97 -51.58 12.55
C LEU E 129 21.12 -50.30 13.36
N GLN E 130 22.26 -49.62 13.25
CA GLN E 130 22.51 -48.35 13.95
C GLN E 130 22.35 -48.51 15.46
N GLN E 131 23.07 -49.48 16.02
CA GLN E 131 22.95 -49.86 17.42
C GLN E 131 24.03 -49.25 18.30
N GLY E 132 24.84 -48.33 17.76
CA GLY E 132 25.84 -47.65 18.55
C GLY E 132 27.14 -48.40 18.71
N ASP E 133 27.73 -48.84 17.60
CA ASP E 133 29.00 -49.55 17.64
C ASP E 133 30.14 -48.57 17.86
N TYR E 134 31.31 -49.11 18.22
CA TYR E 134 32.51 -48.30 18.31
C TYR E 134 32.85 -47.73 16.94
N GLY E 135 32.98 -46.40 16.88
CA GLY E 135 33.21 -45.75 15.60
C GLY E 135 32.14 -46.04 14.58
N GLU E 136 30.89 -46.14 15.02
CA GLU E 136 29.80 -46.51 14.12
C GLU E 136 29.55 -45.42 13.09
N MET E 137 29.54 -45.83 11.82
CA MET E 137 29.16 -44.97 10.70
C MET E 137 29.18 -45.80 9.42
N ASP E 138 28.18 -45.61 8.56
CA ASP E 138 28.21 -46.19 7.23
C ASP E 138 29.15 -45.35 6.39
N GLN E 139 30.45 -45.59 6.58
CA GLN E 139 31.47 -44.75 5.96
C GLN E 139 31.42 -44.85 4.43
N LEU E 140 30.92 -45.95 3.89
CA LEU E 140 30.73 -46.05 2.45
C LEU E 140 29.66 -45.07 1.98
N ALA E 141 28.49 -45.08 2.62
CA ALA E 141 27.40 -44.19 2.24
C ALA E 141 27.74 -42.73 2.54
N ILE E 142 28.56 -42.48 3.56
CA ILE E 142 28.94 -41.11 3.88
C ILE E 142 29.97 -40.57 2.88
N ALA E 143 30.84 -41.42 2.36
CA ALA E 143 31.91 -40.95 1.48
C ALA E 143 31.43 -40.70 0.06
N LYS E 144 30.37 -41.37 -0.37
CA LYS E 144 29.98 -41.29 -1.78
C LYS E 144 29.62 -39.88 -2.26
N PRO E 145 28.88 -39.05 -1.52
CA PRO E 145 28.59 -37.70 -2.04
C PRO E 145 29.79 -36.74 -2.00
N LEU E 146 30.92 -37.13 -1.43
CA LEU E 146 32.05 -36.22 -1.25
C LEU E 146 33.30 -36.58 -2.03
N CYS E 147 33.34 -37.74 -2.69
CA CYS E 147 34.53 -38.12 -3.45
C CYS E 147 34.07 -38.70 -4.80
N LYS E 148 35.02 -39.26 -5.54
CA LYS E 148 34.77 -39.74 -6.90
C LYS E 148 34.22 -41.16 -6.92
N ALA E 149 34.73 -42.04 -6.06
CA ALA E 149 34.27 -43.41 -5.99
C ALA E 149 34.51 -43.95 -4.60
N ALA E 150 33.72 -44.96 -4.23
CA ALA E 150 33.82 -45.56 -2.90
C ALA E 150 33.43 -47.03 -2.99
N PHE E 151 34.27 -47.89 -2.42
CA PHE E 151 34.04 -49.32 -2.41
C PHE E 151 34.28 -49.86 -1.01
N ARG E 152 33.64 -51.00 -0.71
CA ARG E 152 33.80 -51.69 0.56
C ARG E 152 34.01 -53.18 0.28
N VAL E 153 35.08 -53.73 0.85
CA VAL E 153 35.44 -55.14 0.66
C VAL E 153 35.01 -55.93 1.88
N LEU E 154 34.23 -56.99 1.65
CA LEU E 154 33.76 -57.86 2.73
C LEU E 154 34.48 -59.19 2.81
N HIS E 155 34.91 -59.74 1.68
CA HIS E 155 35.58 -61.03 1.64
C HIS E 155 37.04 -60.85 1.25
N ALA E 156 37.92 -61.62 1.91
CA ALA E 156 39.35 -61.50 1.65
C ALA E 156 39.69 -61.82 0.20
N ALA E 157 38.95 -62.74 -0.43
CA ALA E 157 39.21 -63.10 -1.82
C ALA E 157 38.89 -61.97 -2.79
N ASP E 158 38.23 -60.91 -2.33
CA ASP E 158 37.93 -59.76 -3.17
C ASP E 158 38.82 -58.56 -2.84
N ILE E 159 39.82 -58.74 -2.00
CA ILE E 159 40.74 -57.65 -1.67
C ILE E 159 41.52 -57.22 -2.91
N GLY E 160 41.95 -58.19 -3.73
CA GLY E 160 42.70 -57.87 -4.93
C GLY E 160 41.90 -57.04 -5.90
N ILE E 161 40.67 -57.48 -6.20
CA ILE E 161 39.82 -56.72 -7.11
C ILE E 161 39.44 -55.38 -6.50
N GLY E 162 39.15 -55.35 -5.20
CA GLY E 162 38.78 -54.10 -4.56
C GLY E 162 39.87 -53.06 -4.63
N VAL E 163 41.12 -53.45 -4.40
CA VAL E 163 42.24 -52.52 -4.55
C VAL E 163 42.41 -52.12 -6.00
N ALA E 164 42.20 -53.06 -6.93
CA ALA E 164 42.30 -52.74 -8.35
C ALA E 164 41.20 -51.77 -8.77
N ARG E 165 40.01 -51.90 -8.18
CA ARG E 165 38.93 -50.97 -8.49
C ARG E 165 39.25 -49.57 -7.96
N ALA E 166 39.84 -49.49 -6.77
CA ALA E 166 40.16 -48.19 -6.19
C ALA E 166 41.24 -47.47 -6.99
N ILE E 167 42.24 -48.21 -7.47
CA ILE E 167 43.32 -47.59 -8.23
C ILE E 167 42.82 -47.05 -9.56
N ARG E 168 42.03 -47.85 -10.27
CA ARG E 168 41.52 -47.42 -11.58
C ARG E 168 40.66 -46.17 -11.45
N ALA E 169 39.74 -46.15 -10.49
CA ALA E 169 38.90 -44.98 -10.30
C ALA E 169 39.70 -43.75 -9.88
N ALA E 170 40.86 -43.95 -9.27
CA ALA E 170 41.63 -42.82 -8.77
C ALA E 170 42.43 -42.14 -9.88
N VAL E 171 43.00 -42.90 -10.80
CA VAL E 171 43.93 -42.35 -11.79
C VAL E 171 43.34 -42.28 -13.20
N SER E 172 42.35 -43.10 -13.54
CA SER E 172 41.76 -43.02 -14.86
C SER E 172 40.81 -41.84 -14.95
N GLY E 173 40.42 -41.51 -16.18
CA GLY E 173 39.55 -40.37 -16.42
C GLY E 173 40.12 -39.10 -15.82
N ARG E 174 39.24 -38.24 -15.33
CA ARG E 174 39.68 -37.15 -14.47
C ARG E 174 40.05 -37.74 -13.11
N PRO E 175 41.32 -37.68 -12.71
CA PRO E 175 41.71 -38.30 -11.43
C PRO E 175 41.00 -37.65 -10.24
N GLY E 176 40.89 -38.41 -9.17
CA GLY E 176 40.20 -37.91 -8.00
C GLY E 176 40.40 -38.83 -6.81
N GLY E 177 39.76 -38.46 -5.70
CA GLY E 177 39.88 -39.23 -4.47
C GLY E 177 38.93 -40.41 -4.44
N VAL E 178 39.44 -41.55 -3.98
CA VAL E 178 38.69 -42.79 -3.88
C VAL E 178 38.74 -43.27 -2.44
N TYR E 179 37.60 -43.75 -1.94
CA TYR E 179 37.51 -44.30 -0.60
C TYR E 179 37.41 -45.82 -0.66
N LEU E 180 38.28 -46.50 0.08
CA LEU E 180 38.29 -47.96 0.16
C LEU E 180 37.99 -48.35 1.60
N ASP E 181 36.82 -48.94 1.83
CA ASP E 181 36.39 -49.30 3.17
C ASP E 181 36.76 -50.75 3.47
N LEU E 182 37.45 -50.94 4.58
CA LEU E 182 37.86 -52.28 5.03
C LEU E 182 37.33 -52.54 6.42
N PRO E 183 36.25 -53.29 6.58
CA PRO E 183 35.78 -53.64 7.91
C PRO E 183 36.84 -54.41 8.69
N ALA E 184 36.80 -54.25 10.02
CA ALA E 184 37.79 -54.88 10.88
C ALA E 184 37.77 -56.41 10.72
N LYS E 185 36.60 -56.98 10.51
CA LYS E 185 36.49 -58.43 10.35
C LYS E 185 37.20 -58.92 9.09
N LEU E 186 37.49 -58.03 8.14
CA LEU E 186 38.14 -58.45 6.90
C LEU E 186 39.58 -58.88 7.15
N PHE E 187 40.32 -58.13 7.97
CA PHE E 187 41.74 -58.39 8.17
C PHE E 187 41.98 -59.76 8.78
N SER E 188 41.08 -60.21 9.66
CA SER E 188 41.29 -61.46 10.39
C SER E 188 40.88 -62.70 9.61
N GLN E 189 40.18 -62.53 8.48
CA GLN E 189 39.78 -63.68 7.67
C GLN E 189 41.00 -64.39 7.10
N VAL E 190 40.98 -65.70 7.11
CA VAL E 190 42.12 -66.53 6.69
C VAL E 190 41.68 -67.37 5.49
N ILE E 191 42.49 -67.35 4.43
CA ILE E 191 42.26 -68.16 3.25
C ILE E 191 43.58 -68.80 2.82
N ASP E 192 43.48 -69.73 1.87
CA ASP E 192 44.66 -70.41 1.34
C ASP E 192 45.61 -69.41 0.70
N ALA E 193 46.91 -69.57 0.98
CA ALA E 193 47.89 -68.59 0.52
C ALA E 193 48.01 -68.59 -1.01
N ASP E 194 47.99 -69.78 -1.63
CA ASP E 194 48.08 -69.84 -3.09
C ASP E 194 46.82 -69.30 -3.73
N LEU E 195 45.65 -69.57 -3.13
CA LEU E 195 44.42 -69.00 -3.64
C LEU E 195 44.41 -67.48 -3.51
N GLY E 196 44.96 -66.96 -2.41
CA GLY E 196 45.00 -65.53 -2.21
C GLY E 196 45.92 -64.83 -3.18
N ALA E 197 47.08 -65.43 -3.47
CA ALA E 197 48.01 -64.83 -4.41
C ALA E 197 47.41 -64.74 -5.82
N ARG E 198 46.60 -65.74 -6.20
CA ARG E 198 45.97 -65.72 -7.51
C ARG E 198 44.88 -64.64 -7.58
N SER E 199 44.31 -64.26 -6.44
CA SER E 199 43.25 -63.26 -6.43
C SER E 199 43.77 -61.83 -6.53
N LEU E 200 45.08 -61.62 -6.42
CA LEU E 200 45.65 -60.29 -6.54
C LEU E 200 45.69 -59.86 -8.01
N VAL E 201 45.55 -58.55 -8.23
CA VAL E 201 45.45 -57.99 -9.56
C VAL E 201 46.47 -56.88 -9.71
N LYS E 202 47.40 -57.05 -10.65
CA LYS E 202 48.29 -55.96 -11.07
C LYS E 202 47.61 -55.22 -12.21
N VAL E 203 47.28 -53.96 -11.99
CA VAL E 203 46.41 -53.22 -12.89
C VAL E 203 47.13 -52.95 -14.21
N ILE E 204 46.52 -53.37 -15.31
CA ILE E 204 47.03 -53.10 -16.65
C ILE E 204 46.45 -51.77 -17.12
N ASP E 205 47.32 -50.83 -17.48
CA ASP E 205 46.94 -49.51 -17.99
C ASP E 205 45.93 -48.83 -17.06
N ALA E 206 46.43 -48.46 -15.88
CA ALA E 206 45.58 -47.82 -14.88
C ALA E 206 45.05 -46.50 -15.39
N ALA E 207 45.92 -45.65 -15.94
CA ALA E 207 45.53 -44.40 -16.56
C ALA E 207 45.80 -44.51 -18.06
N PRO E 208 44.87 -45.05 -18.84
CA PRO E 208 45.14 -45.27 -20.26
C PRO E 208 45.15 -43.95 -21.03
N ALA E 209 45.99 -43.91 -22.06
CA ALA E 209 45.99 -42.77 -22.97
C ALA E 209 44.70 -42.76 -23.76
N GLN E 210 44.06 -41.60 -23.83
CA GLN E 210 42.82 -41.41 -24.59
C GLN E 210 43.10 -40.40 -25.69
N LEU E 211 43.07 -40.86 -26.94
CA LEU E 211 43.46 -40.03 -28.09
C LEU E 211 42.24 -39.29 -28.64
N PRO E 212 42.43 -38.06 -29.10
CA PRO E 212 41.31 -37.27 -29.62
C PRO E 212 40.99 -37.63 -31.07
N ALA E 213 39.75 -37.34 -31.44
CA ALA E 213 39.33 -37.55 -32.81
C ALA E 213 40.07 -36.59 -33.74
N PRO E 214 40.56 -37.06 -34.89
CA PRO E 214 41.27 -36.16 -35.80
C PRO E 214 40.44 -34.95 -36.22
N ALA E 215 39.14 -35.13 -36.42
CA ALA E 215 38.28 -34.00 -36.77
C ALA E 215 38.19 -32.99 -35.64
N ALA E 216 38.33 -33.42 -34.40
CA ALA E 216 38.37 -32.47 -33.28
C ALA E 216 39.68 -31.70 -33.28
N ILE E 217 40.78 -32.35 -33.65
CA ILE E 217 42.06 -31.65 -33.77
C ILE E 217 42.03 -30.68 -34.94
N ALA E 218 41.41 -31.09 -36.05
CA ALA E 218 41.31 -30.21 -37.22
C ALA E 218 40.51 -28.96 -36.90
N ARG E 219 39.38 -29.10 -36.19
CA ARG E 219 38.60 -27.94 -35.81
C ARG E 219 39.41 -27.00 -34.93
N ALA E 220 40.14 -27.56 -33.95
CA ALA E 220 40.98 -26.73 -33.09
C ALA E 220 42.06 -26.02 -33.89
N LEU E 221 42.71 -26.74 -34.81
CA LEU E 221 43.76 -26.14 -35.63
C LEU E 221 43.21 -24.99 -36.46
N ASP E 222 42.02 -25.16 -37.05
CA ASP E 222 41.43 -24.09 -37.85
C ASP E 222 41.13 -22.86 -37.00
N VAL E 223 40.61 -23.07 -35.79
CA VAL E 223 40.34 -21.94 -34.90
C VAL E 223 41.65 -21.28 -34.49
N LEU E 224 42.71 -22.07 -34.30
CA LEU E 224 43.99 -21.51 -33.89
C LEU E 224 44.61 -20.68 -35.00
N LYS E 225 44.59 -21.19 -36.24
CA LYS E 225 45.21 -20.48 -37.36
C LYS E 225 44.51 -19.17 -37.68
N SER E 226 43.25 -19.00 -37.27
CA SER E 226 42.50 -17.79 -37.58
C SER E 226 42.72 -16.70 -36.54
N ALA E 227 43.47 -16.97 -35.47
CA ALA E 227 43.61 -16.03 -34.37
C ALA E 227 44.54 -14.89 -34.76
N GLU E 228 44.08 -13.65 -34.54
CA GLU E 228 44.97 -12.50 -34.64
C GLU E 228 45.78 -12.31 -33.36
N ARG E 229 45.24 -12.75 -32.22
CA ARG E 229 45.89 -12.60 -30.92
C ARG E 229 45.67 -13.87 -30.11
N PRO E 230 46.33 -14.96 -30.48
CA PRO E 230 46.11 -16.23 -29.76
C PRO E 230 46.75 -16.21 -28.39
N LEU E 231 46.15 -16.96 -27.47
CA LEU E 231 46.67 -17.09 -26.12
C LEU E 231 46.56 -18.54 -25.67
N ILE E 232 47.62 -19.02 -25.04
CA ILE E 232 47.65 -20.35 -24.43
C ILE E 232 47.58 -20.17 -22.92
N ILE E 233 46.76 -21.00 -22.27
CA ILE E 233 46.66 -21.01 -20.81
C ILE E 233 46.94 -22.42 -20.32
N LEU E 234 47.99 -22.56 -19.52
CA LEU E 234 48.40 -23.85 -18.99
C LEU E 234 47.88 -24.00 -17.57
N GLY E 235 47.04 -25.00 -17.34
CA GLY E 235 46.51 -25.28 -16.02
C GLY E 235 47.27 -26.42 -15.35
N LYS E 236 46.98 -26.60 -14.06
CA LYS E 236 47.68 -27.63 -13.30
C LYS E 236 47.33 -29.04 -13.77
N GLY E 237 46.34 -29.17 -14.66
CA GLY E 237 46.13 -30.45 -15.32
C GLY E 237 47.20 -30.76 -16.34
N ALA E 238 47.80 -29.72 -16.94
CA ALA E 238 48.91 -29.93 -17.87
C ALA E 238 50.18 -30.31 -17.12
N ALA E 239 50.46 -29.65 -15.99
CA ALA E 239 51.59 -30.03 -15.16
C ALA E 239 51.45 -31.46 -14.67
N TYR E 240 50.23 -31.85 -14.27
CA TYR E 240 50.00 -33.21 -13.81
C TYR E 240 50.24 -34.23 -14.91
N ALA E 241 49.92 -33.88 -16.15
CA ALA E 241 49.98 -34.85 -17.24
C ALA E 241 51.39 -35.38 -17.46
N GLN E 242 52.41 -34.61 -17.07
CA GLN E 242 53.81 -34.95 -17.29
C GLN E 242 54.09 -35.19 -18.77
N ALA E 243 53.52 -34.33 -19.61
CA ALA E 243 53.91 -34.22 -21.00
C ALA E 243 54.71 -32.94 -21.17
N ASP E 244 55.77 -32.81 -20.36
CA ASP E 244 56.47 -31.53 -20.25
C ASP E 244 57.10 -31.13 -21.58
N GLU E 245 57.77 -32.07 -22.25
CA GLU E 245 58.43 -31.73 -23.50
C GLU E 245 57.43 -31.46 -24.61
N ALA E 246 56.29 -32.15 -24.61
CA ALA E 246 55.26 -31.88 -25.61
C ALA E 246 54.63 -30.51 -25.40
N VAL E 247 54.32 -30.16 -24.15
CA VAL E 247 53.69 -28.88 -23.88
C VAL E 247 54.66 -27.73 -24.16
N ARG E 248 55.93 -27.91 -23.82
CA ARG E 248 56.91 -26.87 -24.12
C ARG E 248 57.09 -26.70 -25.62
N ALA E 249 57.09 -27.81 -26.36
CA ALA E 249 57.24 -27.73 -27.81
C ALA E 249 56.04 -27.05 -28.45
N LEU E 250 54.84 -27.29 -27.92
CA LEU E 250 53.65 -26.64 -28.45
C LEU E 250 53.76 -25.12 -28.35
N VAL E 251 54.25 -24.61 -27.22
CA VAL E 251 54.38 -23.17 -27.04
C VAL E 251 55.50 -22.62 -27.92
N GLU E 252 56.65 -23.30 -27.94
CA GLU E 252 57.83 -22.75 -28.60
C GLU E 252 57.75 -22.88 -30.12
N GLU E 253 57.19 -23.99 -30.63
CA GLU E 253 57.12 -24.16 -32.08
C GLU E 253 55.97 -23.37 -32.70
N SER E 254 54.90 -23.14 -31.94
CA SER E 254 53.82 -22.31 -32.46
C SER E 254 54.07 -20.83 -32.22
N GLY E 255 54.87 -20.49 -31.20
CA GLY E 255 55.15 -19.11 -30.89
C GLY E 255 54.02 -18.37 -30.21
N ILE E 256 52.95 -19.06 -29.83
CA ILE E 256 51.84 -18.40 -29.14
C ILE E 256 52.25 -18.07 -27.71
N PRO E 257 52.01 -16.86 -27.22
CA PRO E 257 52.28 -16.56 -25.81
C PRO E 257 51.37 -17.36 -24.90
N TYR E 258 51.88 -17.67 -23.71
CA TYR E 258 51.15 -18.50 -22.75
C TYR E 258 51.06 -17.79 -21.41
N VAL E 259 50.01 -18.13 -20.67
CA VAL E 259 49.82 -17.67 -19.30
C VAL E 259 49.74 -18.91 -18.41
N PRO E 260 50.61 -19.07 -17.42
CA PRO E 260 50.53 -20.25 -16.54
C PRO E 260 49.64 -20.02 -15.33
N MET E 261 48.74 -20.96 -15.06
CA MET E 261 48.02 -20.94 -13.81
C MET E 261 48.98 -21.28 -12.66
N SER E 262 48.47 -21.13 -11.43
CA SER E 262 49.32 -21.16 -10.24
C SER E 262 50.25 -22.38 -10.22
N MET E 263 49.68 -23.58 -10.20
CA MET E 263 50.48 -24.79 -10.08
C MET E 263 50.97 -25.32 -11.42
N ALA E 264 50.76 -24.58 -12.50
CA ALA E 264 51.45 -24.84 -13.76
C ALA E 264 52.68 -23.95 -13.93
N LYS E 265 52.96 -23.06 -12.97
CA LYS E 265 54.16 -22.25 -13.01
C LYS E 265 55.39 -23.15 -12.95
N GLY E 266 56.35 -22.89 -13.83
CA GLY E 266 57.58 -23.65 -13.89
C GLY E 266 57.58 -24.77 -14.90
N LEU E 267 56.41 -25.24 -15.33
CA LEU E 267 56.34 -26.22 -16.42
C LEU E 267 57.15 -25.74 -17.61
N LEU E 268 56.96 -24.48 -17.98
CA LEU E 268 57.94 -23.68 -18.68
C LEU E 268 58.50 -22.66 -17.69
N PRO E 269 59.79 -22.34 -17.76
CA PRO E 269 60.35 -21.36 -16.81
C PRO E 269 59.55 -20.06 -16.86
N ASP E 270 59.21 -19.55 -15.68
CA ASP E 270 58.36 -18.36 -15.59
C ASP E 270 59.00 -17.15 -16.25
N THR E 271 60.31 -17.19 -16.54
CA THR E 271 60.99 -16.13 -17.26
C THR E 271 61.08 -16.40 -18.76
N HIS E 272 60.39 -17.43 -19.25
CA HIS E 272 60.43 -17.78 -20.66
C HIS E 272 60.00 -16.59 -21.51
N PRO E 273 60.69 -16.33 -22.63
CA PRO E 273 60.39 -15.11 -23.41
C PRO E 273 59.00 -15.10 -24.03
N LEU E 274 58.27 -16.21 -24.01
CA LEU E 274 56.91 -16.26 -24.51
C LEU E 274 55.86 -16.16 -23.41
N SER E 275 56.29 -16.09 -22.15
CA SER E 275 55.34 -16.03 -21.04
C SER E 275 54.71 -14.65 -20.96
N ALA E 276 53.38 -14.62 -20.81
CA ALA E 276 52.63 -13.38 -20.61
C ALA E 276 52.04 -13.31 -19.20
N GLY E 277 52.62 -14.07 -18.26
CA GLY E 277 52.09 -14.07 -16.90
C GLY E 277 52.20 -12.73 -16.21
N ALA E 278 53.21 -11.93 -16.55
CA ALA E 278 53.35 -10.59 -15.99
C ALA E 278 52.46 -9.57 -16.69
N ALA E 279 51.78 -9.96 -17.76
CA ALA E 279 50.80 -9.13 -18.47
C ALA E 279 49.47 -9.86 -18.55
N ARG E 280 49.06 -10.47 -17.44
CA ARG E 280 47.93 -11.39 -17.45
C ARG E 280 46.63 -10.70 -17.84
N SER E 281 46.46 -9.42 -17.47
CA SER E 281 45.21 -8.73 -17.77
C SER E 281 45.07 -8.48 -19.26
N THR E 282 46.10 -7.91 -19.89
CA THR E 282 46.03 -7.63 -21.32
C THR E 282 45.87 -8.90 -22.12
N ALA E 283 46.59 -9.96 -21.76
CA ALA E 283 46.48 -11.23 -22.47
C ALA E 283 45.09 -11.81 -22.37
N LEU E 284 44.45 -11.67 -21.20
CA LEU E 284 43.10 -12.19 -21.03
C LEU E 284 42.04 -11.26 -21.60
N LYS E 285 42.27 -9.95 -21.54
CA LYS E 285 41.25 -9.00 -22.00
C LYS E 285 41.26 -8.85 -23.51
N ASP E 286 42.43 -8.91 -24.14
CA ASP E 286 42.58 -8.52 -25.54
C ASP E 286 42.83 -9.68 -26.49
N SER E 287 42.95 -10.91 -26.00
CA SER E 287 43.09 -12.03 -26.90
C SER E 287 41.77 -12.31 -27.60
N ASP E 288 41.84 -13.12 -28.65
CA ASP E 288 40.65 -13.52 -29.40
C ASP E 288 40.42 -15.02 -29.42
N VAL E 289 41.48 -15.82 -29.45
CA VAL E 289 41.39 -17.28 -29.36
C VAL E 289 42.26 -17.72 -28.19
N VAL E 290 41.68 -18.51 -27.29
CA VAL E 290 42.35 -18.97 -26.08
C VAL E 290 42.34 -20.49 -26.06
N LEU E 291 43.53 -21.08 -25.97
CA LEU E 291 43.69 -22.53 -25.91
C LEU E 291 43.91 -22.93 -24.46
N LEU E 292 42.89 -23.51 -23.83
CA LEU E 292 43.00 -23.99 -22.47
C LEU E 292 43.60 -25.39 -22.45
N VAL E 293 44.68 -25.57 -21.70
CA VAL E 293 45.36 -26.85 -21.58
C VAL E 293 45.30 -27.25 -20.11
N GLY E 294 44.38 -28.16 -19.79
CA GLY E 294 44.24 -28.60 -18.41
C GLY E 294 43.85 -27.49 -17.46
N ALA E 295 43.14 -26.48 -17.93
CA ALA E 295 42.68 -25.37 -17.10
C ALA E 295 41.17 -25.28 -17.17
N ARG E 296 40.55 -24.89 -16.07
CA ARG E 296 39.11 -24.79 -15.95
C ARG E 296 38.68 -23.33 -15.84
N LEU E 297 37.59 -22.99 -16.51
CA LEU E 297 37.03 -21.64 -16.46
C LEU E 297 36.17 -21.50 -15.20
N ASN E 298 36.86 -21.63 -14.07
CA ASN E 298 36.22 -21.54 -12.76
C ASN E 298 36.39 -20.13 -12.20
N TRP E 299 36.29 -19.99 -10.87
CA TRP E 299 36.50 -18.70 -10.25
C TRP E 299 37.90 -18.17 -10.50
N LEU E 300 38.89 -19.07 -10.60
CA LEU E 300 40.27 -18.66 -10.83
C LEU E 300 40.46 -18.01 -12.20
N LEU E 301 39.57 -18.29 -13.15
CA LEU E 301 39.57 -17.62 -14.44
C LEU E 301 38.31 -16.80 -14.66
N SER E 302 37.63 -16.41 -13.58
CA SER E 302 36.44 -15.55 -13.63
C SER E 302 35.32 -16.15 -14.47
N HIS E 303 35.27 -17.48 -14.56
CA HIS E 303 34.23 -18.23 -15.25
C HIS E 303 34.13 -17.87 -16.73
N GLY E 304 35.19 -17.33 -17.32
CA GLY E 304 35.13 -16.89 -18.69
C GLY E 304 34.18 -15.75 -18.95
N LYS E 305 33.82 -15.00 -17.91
CA LYS E 305 32.84 -13.92 -18.02
C LYS E 305 33.43 -12.63 -17.47
N GLY E 306 32.87 -11.52 -17.92
CA GLY E 306 33.20 -10.21 -17.38
C GLY E 306 34.25 -9.47 -18.18
N LYS E 307 34.68 -8.35 -17.61
CA LYS E 307 35.69 -7.51 -18.24
C LYS E 307 37.06 -8.17 -18.28
N THR E 308 37.28 -9.20 -17.46
CA THR E 308 38.52 -9.96 -17.51
C THR E 308 38.78 -10.50 -18.91
N TRP E 309 37.73 -10.87 -19.63
CA TRP E 309 37.85 -11.47 -20.96
C TRP E 309 37.41 -10.52 -22.07
N GLY E 310 37.27 -9.23 -21.77
CA GLY E 310 36.87 -8.27 -22.78
C GLY E 310 35.36 -8.21 -22.95
N GLU E 311 34.94 -7.64 -24.07
CA GLU E 311 33.53 -7.53 -24.37
C GLU E 311 32.98 -8.91 -24.74
N PRO E 312 31.72 -9.19 -24.36
CA PRO E 312 31.14 -10.49 -24.69
C PRO E 312 31.12 -10.74 -26.19
N GLY E 313 31.42 -11.98 -26.57
CA GLY E 313 31.54 -12.34 -27.97
C GLY E 313 32.90 -12.13 -28.59
N SER E 314 33.86 -11.56 -27.84
CA SER E 314 35.20 -11.35 -28.35
C SER E 314 36.07 -12.61 -28.26
N LYS E 315 35.64 -13.61 -27.51
CA LYS E 315 36.47 -14.78 -27.21
C LYS E 315 35.99 -16.00 -27.97
N ARG E 316 36.94 -16.82 -28.41
CA ARG E 316 36.68 -18.17 -28.89
C ARG E 316 37.64 -19.10 -28.17
N PHE E 317 37.13 -20.21 -27.65
CA PHE E 317 37.88 -21.06 -26.74
C PHE E 317 38.16 -22.42 -27.37
N ILE E 318 39.41 -22.86 -27.26
CA ILE E 318 39.81 -24.24 -27.48
C ILE E 318 40.21 -24.82 -26.13
N GLN E 319 39.67 -25.99 -25.79
CA GLN E 319 39.90 -26.57 -24.47
C GLN E 319 40.35 -28.00 -24.62
N ILE E 320 41.49 -28.32 -24.01
CA ILE E 320 42.01 -29.68 -23.93
C ILE E 320 41.74 -30.19 -22.53
N ASP E 321 40.98 -31.28 -22.43
CA ASP E 321 40.67 -31.86 -21.14
C ASP E 321 40.22 -33.30 -21.36
N ILE E 322 40.50 -34.15 -20.36
CA ILE E 322 40.08 -35.55 -20.44
C ILE E 322 38.65 -35.74 -19.95
N GLU E 323 38.09 -34.74 -19.28
CA GLU E 323 36.70 -34.81 -18.83
C GLU E 323 35.81 -34.13 -19.87
N PRO E 324 35.02 -34.88 -20.64
CA PRO E 324 34.16 -34.23 -21.65
C PRO E 324 33.06 -33.38 -21.03
N ARG E 325 32.67 -33.64 -19.78
CA ARG E 325 31.64 -32.84 -19.14
C ARG E 325 32.11 -31.44 -18.76
N GLU E 326 33.42 -31.18 -18.81
CA GLU E 326 33.93 -29.85 -18.49
C GLU E 326 33.68 -28.85 -19.62
N MET E 327 33.51 -29.33 -20.85
CA MET E 327 33.20 -28.44 -21.96
C MET E 327 31.83 -27.78 -21.75
N ASP E 328 31.75 -26.50 -22.12
CA ASP E 328 30.51 -25.72 -21.99
C ASP E 328 30.04 -25.62 -20.54
N SER E 329 30.96 -25.74 -19.59
CA SER E 329 30.56 -25.70 -18.18
C SER E 329 30.26 -24.27 -17.71
N ASN E 330 30.85 -23.27 -18.36
CA ASN E 330 30.62 -21.88 -17.99
C ASN E 330 30.24 -21.06 -19.22
N VAL E 331 31.08 -21.12 -20.25
CA VAL E 331 30.83 -20.42 -21.50
C VAL E 331 31.03 -21.41 -22.65
N GLU E 332 30.52 -21.03 -23.82
CA GLU E 332 30.53 -21.91 -24.98
C GLU E 332 31.95 -22.17 -25.47
N ILE E 333 32.28 -23.45 -25.65
CA ILE E 333 33.58 -23.86 -26.18
C ILE E 333 33.35 -24.27 -27.64
N VAL E 334 33.86 -23.46 -28.57
CA VAL E 334 33.63 -23.74 -29.99
C VAL E 334 34.48 -24.88 -30.51
N ALA E 335 35.59 -25.21 -29.84
CA ALA E 335 36.50 -26.27 -30.28
C ALA E 335 36.92 -27.10 -29.09
N PRO E 336 36.10 -28.06 -28.69
CA PRO E 336 36.49 -28.95 -27.58
C PRO E 336 37.37 -30.09 -28.08
N VAL E 337 38.39 -30.40 -27.28
CA VAL E 337 39.32 -31.51 -27.56
C VAL E 337 39.35 -32.38 -26.32
N VAL E 338 38.86 -33.62 -26.43
CA VAL E 338 38.68 -34.51 -25.30
C VAL E 338 39.73 -35.62 -25.37
N GLY E 339 40.55 -35.71 -24.35
CA GLY E 339 41.57 -36.73 -24.25
C GLY E 339 42.59 -36.35 -23.20
N ASP E 340 43.57 -37.24 -23.02
CA ASP E 340 44.68 -36.91 -22.14
C ASP E 340 45.60 -35.90 -22.80
N ILE E 341 46.18 -35.02 -21.99
CA ILE E 341 46.88 -33.85 -22.50
C ILE E 341 48.09 -34.25 -23.34
N GLY E 342 48.75 -35.35 -22.99
CA GLY E 342 49.85 -35.83 -23.81
C GLY E 342 49.43 -36.11 -25.25
N SER E 343 48.29 -36.78 -25.42
CA SER E 343 47.84 -37.14 -26.76
C SER E 343 47.39 -35.91 -27.54
N CYS E 344 46.60 -35.04 -26.91
CA CYS E 344 46.02 -33.91 -27.62
C CYS E 344 47.09 -32.89 -28.01
N VAL E 345 48.01 -32.58 -27.09
CA VAL E 345 49.07 -31.62 -27.40
C VAL E 345 49.96 -32.15 -28.52
N GLU E 346 50.29 -33.44 -28.47
CA GLU E 346 51.06 -34.04 -29.56
C GLU E 346 50.30 -33.99 -30.87
N ALA E 347 48.99 -34.27 -30.84
CA ALA E 347 48.18 -34.18 -32.04
C ALA E 347 48.15 -32.76 -32.58
N LEU E 348 47.97 -31.77 -31.69
CA LEU E 348 48.07 -30.38 -32.11
C LEU E 348 49.47 -30.07 -32.64
N LEU E 349 50.49 -30.51 -31.91
CA LEU E 349 51.87 -30.23 -32.30
C LEU E 349 52.18 -30.80 -33.68
N ASP E 350 51.69 -32.01 -33.96
CA ASP E 350 51.96 -32.64 -35.24
C ASP E 350 51.38 -31.84 -36.40
N GLY E 351 50.18 -31.30 -36.23
CA GLY E 351 49.59 -30.47 -37.26
C GLY E 351 50.29 -29.13 -37.41
N ILE E 352 50.77 -28.57 -36.30
CA ILE E 352 51.48 -27.29 -36.36
C ILE E 352 52.80 -27.44 -37.11
N ARG E 353 53.42 -28.61 -37.04
CA ARG E 353 54.66 -28.85 -37.79
C ARG E 353 54.41 -29.01 -39.28
N LYS E 354 53.21 -29.42 -39.68
CA LYS E 354 52.91 -29.58 -41.10
C LYS E 354 52.48 -28.26 -41.74
N ASP E 355 51.67 -27.47 -41.03
CA ASP E 355 51.13 -26.24 -41.60
C ASP E 355 50.86 -25.27 -40.46
N TRP E 356 51.66 -24.20 -40.38
CA TRP E 356 51.47 -23.15 -39.39
C TRP E 356 52.30 -21.92 -39.78
N LYS E 357 51.62 -20.82 -40.11
CA LYS E 357 52.29 -19.63 -40.62
C LYS E 357 53.04 -18.86 -39.54
N GLY E 358 53.00 -19.29 -38.29
CA GLY E 358 53.67 -18.57 -37.24
C GLY E 358 52.73 -17.63 -36.50
N ALA E 359 53.06 -17.36 -35.25
CA ALA E 359 52.23 -16.48 -34.44
C ALA E 359 52.36 -15.03 -34.91
N PRO E 360 51.31 -14.23 -34.75
CA PRO E 360 51.40 -12.82 -35.13
C PRO E 360 52.39 -12.08 -34.22
N SER E 361 53.27 -11.30 -34.85
CA SER E 361 54.32 -10.62 -34.10
C SER E 361 53.81 -9.42 -33.33
N ASN E 362 52.73 -8.78 -33.80
CA ASN E 362 52.17 -7.64 -33.07
C ASN E 362 51.66 -8.06 -31.70
N TRP E 363 51.08 -9.26 -31.60
CA TRP E 363 50.57 -9.74 -30.33
C TRP E 363 51.71 -9.97 -29.34
N LEU E 364 52.80 -10.61 -29.80
CA LEU E 364 53.96 -10.80 -28.94
C LEU E 364 54.50 -9.48 -28.43
N GLU E 365 54.70 -8.51 -29.33
CA GLU E 365 55.34 -7.26 -28.95
C GLU E 365 54.47 -6.43 -28.02
N THR E 366 53.14 -6.53 -28.16
CA THR E 366 52.25 -5.82 -27.24
C THR E 366 52.35 -6.40 -25.84
N LEU E 367 52.33 -7.73 -25.73
CA LEU E 367 52.43 -8.36 -24.41
C LEU E 367 53.83 -8.19 -23.81
N ARG E 368 54.87 -8.30 -24.64
CA ARG E 368 56.22 -8.11 -24.15
C ARG E 368 56.43 -6.69 -23.64
N GLY E 369 55.74 -5.71 -24.23
CA GLY E 369 55.78 -4.36 -23.68
C GLY E 369 55.06 -4.26 -22.35
N LYS E 370 53.91 -4.93 -22.23
CA LYS E 370 53.17 -4.92 -20.98
C LYS E 370 53.92 -5.68 -19.88
N ARG E 371 54.55 -6.80 -20.23
CA ARG E 371 55.31 -7.56 -19.24
C ARG E 371 56.48 -6.73 -18.70
N GLU E 372 57.16 -6.00 -19.58
CA GLU E 372 58.29 -5.20 -19.13
C GLU E 372 57.83 -4.03 -18.25
N ALA E 373 56.69 -3.42 -18.59
CA ALA E 373 56.20 -2.30 -17.81
C ALA E 373 55.68 -2.75 -16.45
N ASN E 374 54.96 -3.88 -16.41
CA ASN E 374 54.40 -4.36 -15.14
C ASN E 374 55.50 -4.73 -14.15
N ILE E 375 56.52 -5.46 -14.61
CA ILE E 375 57.59 -5.89 -13.73
C ILE E 375 58.35 -4.71 -13.15
N ALA E 376 58.33 -3.57 -13.84
CA ALA E 376 59.08 -2.40 -13.39
C ALA E 376 58.39 -1.65 -12.26
N LYS E 377 57.05 -1.73 -12.17
CA LYS E 377 56.34 -1.02 -11.12
C LYS E 377 56.54 -1.67 -9.77
N MET E 378 56.34 -2.99 -9.70
CA MET E 378 56.47 -3.77 -8.48
C MET E 378 57.93 -3.88 -8.01
N ALA E 379 58.88 -3.58 -8.88
CA ALA E 379 60.29 -3.84 -8.64
C ALA E 379 60.91 -3.00 -7.53
N PRO E 380 60.57 -1.71 -7.39
CA PRO E 380 61.05 -0.99 -6.19
C PRO E 380 60.55 -1.59 -4.89
N LYS E 381 59.33 -2.13 -4.87
CA LYS E 381 58.79 -2.72 -3.66
C LYS E 381 59.58 -3.94 -3.21
N LEU E 382 60.16 -4.68 -4.17
CA LEU E 382 60.83 -5.93 -3.84
C LEU E 382 62.05 -5.73 -2.95
N MET E 383 62.64 -4.52 -2.94
CA MET E 383 63.83 -4.28 -2.14
C MET E 383 63.75 -2.99 -1.35
N LYS E 384 62.56 -2.46 -1.11
CA LYS E 384 62.37 -1.34 -0.19
C LYS E 384 62.44 -1.89 1.23
N ASN E 385 63.66 -1.90 1.77
CA ASN E 385 63.92 -2.51 3.09
C ASN E 385 63.55 -1.50 4.17
N SER E 386 62.28 -1.52 4.57
CA SER E 386 61.77 -0.69 5.65
C SER E 386 61.40 -1.56 6.82
N SER E 387 61.84 -1.19 8.01
CA SER E 387 61.44 -1.92 9.21
C SER E 387 60.10 -1.39 9.71
N PRO E 388 59.16 -2.27 10.07
CA PRO E 388 59.26 -3.74 9.99
C PRO E 388 59.15 -4.28 8.57
N MET E 389 59.83 -5.40 8.32
CA MET E 389 59.94 -5.98 6.98
C MET E 389 58.58 -6.19 6.34
N CYS E 390 58.45 -5.76 5.10
CA CYS E 390 57.18 -5.83 4.38
C CYS E 390 57.09 -7.12 3.56
N PHE E 391 55.89 -7.38 3.03
CA PHE E 391 55.65 -8.61 2.30
C PHE E 391 56.52 -8.72 1.05
N HIS E 392 56.66 -7.63 0.30
CA HIS E 392 57.40 -7.67 -0.95
C HIS E 392 58.90 -7.91 -0.70
N SER E 393 59.47 -7.19 0.26
CA SER E 393 60.91 -7.28 0.49
C SER E 393 61.31 -8.65 1.03
N ALA E 394 60.44 -9.28 1.83
CA ALA E 394 60.75 -10.61 2.34
C ALA E 394 60.66 -11.65 1.22
N LEU E 395 59.65 -11.52 0.36
CA LEU E 395 59.50 -12.49 -0.73
C LEU E 395 60.56 -12.32 -1.81
N GLY E 396 61.10 -11.11 -1.94
CA GLY E 396 62.21 -10.93 -2.87
C GLY E 396 63.42 -11.76 -2.51
N ALA E 397 63.64 -11.99 -1.21
CA ALA E 397 64.73 -12.87 -0.79
C ALA E 397 64.44 -14.31 -1.16
N LEU E 398 63.18 -14.74 -1.02
CA LEU E 398 62.84 -16.12 -1.37
C LEU E 398 62.80 -16.33 -2.88
N ARG E 399 62.49 -15.28 -3.65
CA ARG E 399 62.59 -15.37 -5.09
C ARG E 399 64.01 -15.71 -5.52
N THR E 400 65.00 -15.14 -4.84
CA THR E 400 66.39 -15.47 -5.14
C THR E 400 66.72 -16.89 -4.72
N VAL E 401 66.12 -17.37 -3.62
CA VAL E 401 66.36 -18.73 -3.16
C VAL E 401 65.90 -19.74 -4.21
N ILE E 402 64.67 -19.57 -4.71
CA ILE E 402 64.12 -20.52 -5.66
C ILE E 402 64.88 -20.48 -6.98
N LYS E 403 65.36 -19.30 -7.38
CA LYS E 403 66.14 -19.23 -8.62
C LYS E 403 67.46 -19.98 -8.50
N GLU E 404 68.10 -19.90 -7.33
CA GLU E 404 69.35 -20.62 -7.11
C GLU E 404 69.15 -22.09 -6.86
N ARG E 405 67.92 -22.52 -6.56
CA ARG E 405 67.59 -23.92 -6.28
C ARG E 405 66.33 -24.30 -7.04
N PRO E 406 66.41 -24.39 -8.37
CA PRO E 406 65.21 -24.71 -9.16
C PRO E 406 64.70 -26.13 -8.98
N ASP E 407 65.42 -26.97 -8.24
CA ASP E 407 64.99 -28.35 -8.02
C ASP E 407 64.20 -28.54 -6.73
N ALA E 408 64.24 -27.57 -5.82
CA ALA E 408 63.53 -27.69 -4.57
C ALA E 408 62.04 -27.43 -4.75
N ILE E 409 61.25 -27.97 -3.84
CA ILE E 409 59.80 -27.84 -3.87
C ILE E 409 59.40 -26.60 -3.09
N LEU E 410 58.35 -25.93 -3.55
CA LEU E 410 57.80 -24.76 -2.86
C LEU E 410 56.37 -25.06 -2.45
N VAL E 411 56.10 -24.98 -1.14
CA VAL E 411 54.75 -25.03 -0.59
C VAL E 411 54.38 -23.62 -0.19
N ASN E 412 53.14 -23.23 -0.47
CA ASN E 412 52.74 -21.83 -0.28
C ASN E 412 51.26 -21.76 0.06
N GLU E 413 50.93 -21.07 1.15
CA GLU E 413 49.54 -20.82 1.50
C GLU E 413 49.45 -19.55 2.34
N GLY E 414 48.21 -19.08 2.52
CA GLY E 414 47.88 -17.82 3.15
C GLY E 414 47.01 -17.00 2.23
N CYS E 415 46.98 -15.69 2.46
CA CYS E 415 46.31 -14.76 1.55
C CYS E 415 47.31 -13.76 0.97
N ASN E 416 47.79 -12.81 1.77
CA ASN E 416 48.90 -11.97 1.32
C ASN E 416 50.13 -12.82 1.03
N THR E 417 50.44 -13.76 1.93
CA THR E 417 51.58 -14.65 1.73
C THR E 417 51.43 -15.49 0.47
N LEU E 418 50.19 -15.85 0.12
CA LEU E 418 49.95 -16.66 -1.07
C LEU E 418 50.01 -15.82 -2.34
N ASP E 419 49.18 -14.78 -2.41
CA ASP E 419 49.00 -14.04 -3.66
C ASP E 419 50.31 -13.41 -4.13
N LEU E 420 51.04 -12.76 -3.23
CA LEU E 420 52.26 -12.08 -3.63
C LEU E 420 53.37 -13.07 -3.99
N ALA E 421 53.50 -14.15 -3.22
CA ALA E 421 54.53 -15.14 -3.52
C ALA E 421 54.31 -15.78 -4.89
N ARG E 422 53.05 -16.02 -5.25
CA ARG E 422 52.75 -16.55 -6.58
C ARG E 422 53.23 -15.60 -7.67
N GLY E 423 53.07 -14.30 -7.47
CA GLY E 423 53.44 -13.32 -8.46
C GLY E 423 54.91 -12.99 -8.47
N ILE E 424 55.52 -12.89 -7.29
CA ILE E 424 56.91 -12.47 -7.18
C ILE E 424 57.88 -13.62 -7.39
N ILE E 425 57.59 -14.79 -6.82
CA ILE E 425 58.51 -15.92 -6.90
C ILE E 425 58.26 -16.68 -8.20
N ASP E 426 59.28 -16.74 -9.05
CA ASP E 426 59.21 -17.45 -10.32
C ASP E 426 59.68 -18.90 -10.14
N MET E 427 58.98 -19.82 -10.78
CA MET E 427 59.36 -21.23 -10.78
C MET E 427 60.06 -21.56 -12.10
N TYR E 428 60.92 -22.58 -12.05
CA TYR E 428 61.76 -22.92 -13.18
C TYR E 428 61.64 -24.37 -13.64
N GLN E 429 61.05 -25.24 -12.83
CA GLN E 429 60.85 -26.64 -13.18
C GLN E 429 59.39 -27.01 -12.93
N PRO E 430 58.89 -28.06 -13.58
CA PRO E 430 57.48 -28.42 -13.41
C PRO E 430 57.21 -29.06 -12.05
N ARG E 431 56.00 -28.79 -11.55
CA ARG E 431 55.48 -29.45 -10.35
C ARG E 431 56.39 -29.21 -9.14
N LYS E 432 56.81 -27.96 -8.97
CA LYS E 432 57.59 -27.55 -7.82
C LYS E 432 56.83 -26.60 -6.90
N ARG E 433 55.66 -26.12 -7.32
CA ARG E 433 54.84 -25.22 -6.52
C ARG E 433 53.55 -25.94 -6.12
N LEU E 434 53.27 -25.98 -4.82
CA LEU E 434 52.10 -26.66 -4.27
C LEU E 434 51.39 -25.69 -3.34
N ASP E 435 50.19 -25.25 -3.71
CA ASP E 435 49.50 -24.21 -2.97
C ASP E 435 48.07 -24.63 -2.66
N VAL E 436 47.25 -23.64 -2.26
CA VAL E 436 45.93 -23.90 -1.66
C VAL E 436 45.02 -24.66 -2.62
N GLY E 437 45.22 -24.51 -3.92
CA GLY E 437 44.43 -25.26 -4.88
C GLY E 437 43.09 -24.62 -5.19
N THR E 438 42.18 -25.45 -5.69
CA THR E 438 40.92 -24.96 -6.24
C THR E 438 39.97 -24.47 -5.15
N TRP E 439 39.98 -25.12 -3.98
CA TRP E 439 39.11 -24.73 -2.87
C TRP E 439 39.71 -23.64 -1.99
N GLY E 440 40.98 -23.28 -2.20
CA GLY E 440 41.61 -22.28 -1.35
C GLY E 440 41.75 -22.74 0.09
N VAL E 441 42.11 -24.00 0.30
CA VAL E 441 42.13 -24.60 1.63
C VAL E 441 43.36 -24.11 2.38
N MET E 442 43.17 -23.72 3.64
CA MET E 442 44.26 -23.50 4.57
C MET E 442 44.44 -24.76 5.42
N GLY E 443 45.67 -25.27 5.47
CA GLY E 443 45.95 -26.50 6.17
C GLY E 443 46.72 -27.49 5.33
N ILE E 444 46.93 -27.15 4.06
CA ILE E 444 47.66 -28.03 3.16
C ILE E 444 49.17 -28.00 3.39
N GLY E 445 49.67 -26.95 4.04
CA GLY E 445 51.10 -26.68 4.12
C GLY E 445 51.98 -27.82 4.59
N MET E 446 51.78 -28.28 5.83
CA MET E 446 52.66 -29.28 6.39
C MET E 446 52.41 -30.67 5.82
N GLY E 447 51.16 -30.99 5.49
CA GLY E 447 50.88 -32.24 4.80
C GLY E 447 51.55 -32.31 3.44
N PHE E 448 51.44 -31.24 2.66
CA PHE E 448 52.13 -31.18 1.38
C PHE E 448 53.64 -31.22 1.57
N ALA E 449 54.14 -30.57 2.63
CA ALA E 449 55.58 -30.55 2.88
C ALA E 449 56.12 -31.94 3.19
N VAL E 450 55.41 -32.69 4.04
CA VAL E 450 55.82 -34.06 4.34
C VAL E 450 55.82 -34.90 3.06
N ALA E 451 54.76 -34.78 2.26
CA ALA E 451 54.64 -35.60 1.06
C ALA E 451 55.72 -35.24 0.04
N ALA E 452 55.91 -33.95 -0.21
CA ALA E 452 56.90 -33.53 -1.20
C ALA E 452 58.30 -33.96 -0.80
N ALA E 453 58.61 -33.89 0.50
CA ALA E 453 59.93 -34.31 0.96
C ALA E 453 60.12 -35.82 0.81
N VAL E 454 59.08 -36.59 1.15
CA VAL E 454 59.21 -38.05 1.12
C VAL E 454 59.17 -38.57 -0.31
N GLU E 455 58.29 -38.02 -1.14
CA GLU E 455 58.10 -38.54 -2.50
C GLU E 455 59.25 -38.15 -3.42
N THR E 456 59.64 -36.87 -3.42
CA THR E 456 60.62 -36.38 -4.38
C THR E 456 62.05 -36.46 -3.86
N GLY E 457 62.25 -36.59 -2.55
CA GLY E 457 63.59 -36.58 -2.01
C GLY E 457 64.33 -35.27 -2.19
N LYS E 458 63.59 -34.18 -2.41
CA LYS E 458 64.15 -32.86 -2.68
C LYS E 458 63.94 -31.93 -1.50
N PRO E 459 64.79 -30.91 -1.36
CA PRO E 459 64.54 -29.88 -0.34
C PRO E 459 63.17 -29.24 -0.55
N VAL E 460 62.57 -28.81 0.55
CA VAL E 460 61.24 -28.23 0.55
C VAL E 460 61.29 -26.88 1.25
N LEU E 461 60.78 -25.84 0.57
CA LEU E 461 60.61 -24.52 1.16
C LEU E 461 59.12 -24.25 1.30
N ALA E 462 58.67 -24.04 2.53
CA ALA E 462 57.26 -23.82 2.84
C ALA E 462 57.07 -22.36 3.23
N VAL E 463 56.48 -21.57 2.33
CA VAL E 463 56.19 -20.17 2.59
C VAL E 463 54.79 -20.09 3.18
N GLU E 464 54.70 -19.85 4.47
CA GLU E 464 53.47 -19.97 5.23
C GLU E 464 53.07 -18.64 5.84
N GLY E 465 51.82 -18.25 5.65
CA GLY E 465 51.22 -17.26 6.53
C GLY E 465 50.94 -17.87 7.89
N ASP E 466 50.92 -17.02 8.92
CA ASP E 466 50.81 -17.54 10.28
C ASP E 466 49.43 -18.12 10.55
N SER E 467 48.38 -17.57 9.92
CA SER E 467 47.05 -18.14 10.10
C SER E 467 46.93 -19.50 9.42
N ALA E 468 47.42 -19.61 8.19
CA ALA E 468 47.35 -20.88 7.48
C ALA E 468 48.21 -21.95 8.17
N PHE E 469 49.29 -21.53 8.83
CA PHE E 469 50.13 -22.49 9.53
C PHE E 469 49.39 -23.13 10.70
N GLY E 470 48.52 -22.37 11.37
CA GLY E 470 47.80 -22.90 12.51
C GLY E 470 46.87 -24.05 12.21
N PHE E 471 46.52 -24.24 10.93
CA PHE E 471 45.64 -25.34 10.57
C PHE E 471 46.37 -26.68 10.57
N SER E 472 47.68 -26.66 10.36
CA SER E 472 48.47 -27.89 10.34
C SER E 472 49.79 -27.74 11.08
N GLY E 473 49.97 -26.67 11.86
CA GLY E 473 51.27 -26.41 12.47
C GLY E 473 51.75 -27.51 13.39
N MET E 474 50.82 -28.28 13.97
CA MET E 474 51.20 -29.36 14.86
C MET E 474 52.01 -30.45 14.15
N GLU E 475 52.10 -30.39 12.83
CA GLU E 475 52.80 -31.42 12.06
C GLU E 475 54.29 -31.15 11.91
N VAL E 476 54.81 -30.05 12.46
CA VAL E 476 56.26 -29.86 12.43
C VAL E 476 56.95 -30.93 13.25
N GLU E 477 56.27 -31.49 14.25
CA GLU E 477 56.81 -32.64 14.96
C GLU E 477 56.98 -33.83 14.02
N THR E 478 56.07 -33.99 13.07
CA THR E 478 56.20 -35.07 12.09
C THR E 478 57.41 -34.83 11.18
N ILE E 479 57.62 -33.59 10.75
CA ILE E 479 58.78 -33.28 9.92
C ILE E 479 60.07 -33.51 10.70
N CYS E 480 60.10 -33.13 11.97
CA CYS E 480 61.27 -33.40 12.80
C CYS E 480 61.45 -34.89 13.06
N ARG E 481 60.33 -35.60 13.27
CA ARG E 481 60.41 -37.02 13.61
C ARG E 481 60.99 -37.83 12.46
N TYR E 482 60.61 -37.51 11.22
CA TYR E 482 61.14 -38.20 10.06
C TYR E 482 62.33 -37.49 9.43
N GLU E 483 62.76 -36.37 10.02
CA GLU E 483 64.02 -35.71 9.65
C GLU E 483 64.04 -35.32 8.17
N LEU E 484 62.93 -34.74 7.72
CA LEU E 484 62.76 -34.37 6.32
C LEU E 484 63.35 -32.99 6.07
N PRO E 485 63.98 -32.78 4.91
CA PRO E 485 64.60 -31.47 4.61
C PRO E 485 63.57 -30.41 4.25
N VAL E 486 62.85 -29.93 5.26
CA VAL E 486 61.80 -28.93 5.08
C VAL E 486 62.21 -27.67 5.83
N CYS E 487 62.07 -26.52 5.16
CA CYS E 487 62.42 -25.23 5.72
C CYS E 487 61.17 -24.35 5.71
N ILE E 488 60.51 -24.27 6.86
CA ILE E 488 59.28 -23.47 6.97
C ILE E 488 59.66 -22.02 7.22
N VAL E 489 59.00 -21.11 6.50
CA VAL E 489 59.14 -19.67 6.72
C VAL E 489 57.75 -19.13 7.05
N ILE E 490 57.59 -18.64 8.27
CA ILE E 490 56.31 -18.18 8.77
C ILE E 490 56.25 -16.66 8.57
N PHE E 491 55.36 -16.21 7.69
CA PHE E 491 55.15 -14.78 7.49
C PHE E 491 54.28 -14.27 8.63
N ASN E 492 54.95 -13.91 9.73
CA ASN E 492 54.28 -13.56 10.99
C ASN E 492 53.97 -12.07 10.98
N ASN E 493 52.77 -11.74 10.50
CA ASN E 493 52.23 -10.38 10.61
C ASN E 493 51.20 -10.27 11.73
N ASN E 494 51.15 -11.28 12.62
CA ASN E 494 50.33 -11.30 13.82
C ASN E 494 48.84 -11.43 13.55
N GLY E 495 48.42 -11.96 12.40
CA GLY E 495 47.00 -12.15 12.19
C GLY E 495 46.66 -12.59 10.79
N ILE E 496 45.35 -12.59 10.53
CA ILE E 496 44.78 -12.99 9.26
C ILE E 496 44.69 -11.76 8.37
N PHE E 497 45.29 -11.84 7.17
CA PHE E 497 45.40 -10.71 6.25
C PHE E 497 46.27 -9.61 6.85
N ARG E 498 45.90 -9.11 8.03
CA ARG E 498 46.66 -8.11 8.76
C ARG E 498 46.58 -8.43 10.25
N GLY E 499 47.38 -7.71 11.02
CA GLY E 499 47.38 -7.89 12.46
C GLY E 499 46.96 -6.66 13.25
N THR E 500 46.17 -5.79 12.62
CA THR E 500 45.82 -4.50 13.20
C THR E 500 44.40 -4.43 13.74
N ASP E 501 43.56 -5.42 13.45
CA ASP E 501 42.19 -5.40 13.94
C ASP E 501 42.16 -5.45 15.46
N THR E 502 41.20 -4.74 16.05
CA THR E 502 41.04 -4.69 17.50
C THR E 502 39.57 -4.89 17.85
N ASP E 503 39.34 -5.19 19.13
CA ASP E 503 38.00 -5.36 19.67
C ASP E 503 37.43 -4.00 20.04
N PRO E 504 36.38 -3.54 19.37
CA PRO E 504 35.82 -2.20 19.70
C PRO E 504 35.30 -2.09 21.11
N THR E 505 35.05 -3.19 21.81
CA THR E 505 34.67 -3.14 23.22
C THR E 505 35.86 -3.13 24.16
N GLY E 506 37.05 -3.44 23.67
CA GLY E 506 38.27 -3.38 24.46
C GLY E 506 38.48 -4.54 25.41
N ARG E 507 37.68 -5.60 25.32
CA ARG E 507 37.77 -6.72 26.24
C ARG E 507 38.58 -7.89 25.70
N ASP E 508 38.52 -8.13 24.40
CA ASP E 508 39.19 -9.28 23.78
C ASP E 508 40.23 -8.81 22.77
N PRO E 509 41.04 -9.71 22.23
CA PRO E 509 41.80 -9.38 21.01
C PRO E 509 40.86 -9.28 19.82
N GLY E 510 41.37 -8.71 18.74
CA GLY E 510 40.61 -8.67 17.51
C GLY E 510 40.26 -10.06 17.02
N THR E 511 39.18 -10.15 16.26
CA THR E 511 38.69 -11.45 15.81
C THR E 511 39.67 -12.14 14.86
N THR E 512 40.61 -11.41 14.26
CA THR E 512 41.50 -11.97 13.26
C THR E 512 42.97 -11.85 13.63
N VAL E 513 43.29 -11.53 14.87
CA VAL E 513 44.67 -11.39 15.30
C VAL E 513 45.10 -12.63 16.08
N PHE E 514 46.41 -12.75 16.33
CA PHE E 514 46.98 -13.84 17.09
C PHE E 514 47.84 -13.26 18.21
N VAL E 515 48.48 -14.14 18.98
CA VAL E 515 49.40 -13.68 20.01
C VAL E 515 50.52 -12.90 19.34
N LYS E 516 50.69 -11.64 19.76
CA LYS E 516 51.71 -10.78 19.17
C LYS E 516 53.09 -11.40 19.33
N ASN E 517 53.84 -11.45 18.24
CA ASN E 517 55.20 -11.97 18.21
C ASN E 517 55.25 -13.42 18.68
N SER E 518 54.36 -14.25 18.12
CA SER E 518 54.41 -15.68 18.39
C SER E 518 55.73 -16.25 17.87
N ARG E 519 56.43 -16.98 18.74
CA ARG E 519 57.74 -17.52 18.40
C ARG E 519 57.59 -18.95 17.87
N TYR E 520 57.06 -19.03 16.64
CA TYR E 520 56.85 -20.33 16.01
C TYR E 520 58.17 -21.09 15.86
N ASP E 521 59.29 -20.38 15.78
CA ASP E 521 60.58 -21.06 15.75
C ASP E 521 60.86 -21.79 17.05
N LYS E 522 60.46 -21.20 18.18
CA LYS E 522 60.65 -21.88 19.46
C LYS E 522 59.74 -23.09 19.59
N MET E 523 58.61 -23.09 18.89
CA MET E 523 57.81 -24.32 18.79
C MET E 523 58.54 -25.39 18.00
N MET E 524 59.27 -24.98 16.96
CA MET E 524 60.03 -25.94 16.17
C MET E 524 61.15 -26.58 17.00
N GLU E 525 61.84 -25.77 17.82
CA GLU E 525 62.92 -26.30 18.64
C GLU E 525 62.40 -27.19 19.76
N ALA E 526 61.10 -27.13 20.07
CA ALA E 526 60.52 -28.01 21.07
C ALA E 526 60.53 -29.47 20.64
N PHE E 527 60.78 -29.76 19.37
CA PHE E 527 60.76 -31.13 18.85
C PHE E 527 62.09 -31.55 18.23
N GLY E 528 63.16 -30.80 18.46
CA GLY E 528 64.47 -31.15 17.94
C GLY E 528 64.85 -30.49 16.64
N GLY E 529 64.05 -29.56 16.13
CA GLY E 529 64.41 -28.85 14.92
C GLY E 529 65.09 -27.52 15.20
N VAL E 530 65.67 -26.96 14.14
CA VAL E 530 66.35 -25.67 14.23
C VAL E 530 65.32 -24.56 14.17
N GLY E 531 65.45 -23.59 15.06
CA GLY E 531 64.56 -22.44 15.10
C GLY E 531 65.34 -21.15 14.92
N VAL E 532 64.82 -20.26 14.06
CA VAL E 532 65.45 -18.99 13.77
C VAL E 532 64.38 -17.90 13.77
N ASN E 533 64.77 -16.70 14.18
CA ASN E 533 63.91 -15.52 14.14
C ASN E 533 64.65 -14.43 13.36
N VAL E 534 64.04 -13.96 12.27
CA VAL E 534 64.67 -12.98 11.38
C VAL E 534 63.79 -11.74 11.29
N THR E 535 64.43 -10.63 10.92
CA THR E 535 63.74 -9.35 10.81
C THR E 535 64.02 -8.58 9.52
N THR E 536 64.98 -9.00 8.71
CA THR E 536 65.32 -8.34 7.46
C THR E 536 65.36 -9.36 6.34
N PRO E 537 65.22 -8.92 5.08
CA PRO E 537 65.33 -9.87 3.97
C PRO E 537 66.68 -10.58 3.90
N ASP E 538 67.77 -9.90 4.27
CA ASP E 538 69.08 -10.56 4.26
C ASP E 538 69.18 -11.60 5.37
N GLU E 539 68.67 -11.29 6.56
CA GLU E 539 68.63 -12.28 7.64
C GLU E 539 67.83 -13.51 7.22
N LEU E 540 66.73 -13.29 6.50
CA LEU E 540 65.93 -14.41 6.00
C LEU E 540 66.70 -15.22 4.97
N LYS E 541 67.38 -14.53 4.05
CA LYS E 541 68.13 -15.23 3.00
C LYS E 541 69.22 -16.12 3.59
N ARG E 542 70.00 -15.58 4.53
CA ARG E 542 71.07 -16.37 5.13
C ARG E 542 70.51 -17.52 5.94
N ALA E 543 69.37 -17.33 6.61
CA ALA E 543 68.78 -18.40 7.39
C ALA E 543 68.20 -19.49 6.49
N VAL E 544 67.56 -19.10 5.38
CA VAL E 544 67.04 -20.08 4.44
C VAL E 544 68.17 -20.85 3.79
N ASP E 545 69.24 -20.16 3.38
CA ASP E 545 70.39 -20.82 2.77
C ASP E 545 70.96 -21.89 3.71
N GLU E 546 71.22 -21.51 4.95
CA GLU E 546 71.78 -22.45 5.92
C GLU E 546 70.86 -23.65 6.13
N ALA E 547 69.54 -23.41 6.14
CA ALA E 547 68.60 -24.50 6.34
C ALA E 547 68.60 -25.46 5.16
N MET E 548 68.39 -24.93 3.95
CA MET E 548 68.28 -25.78 2.77
C MET E 548 69.63 -26.37 2.35
N ASN E 549 70.74 -25.89 2.90
CA ASN E 549 72.03 -26.52 2.66
C ASN E 549 72.28 -27.68 3.61
N SER E 550 71.91 -27.52 4.88
CA SER E 550 72.13 -28.59 5.86
C SER E 550 71.11 -29.72 5.71
N GLY E 551 69.91 -29.42 5.22
CA GLY E 551 68.88 -30.43 5.07
C GLY E 551 68.15 -30.79 6.34
N LYS E 552 68.40 -30.07 7.45
CA LYS E 552 67.75 -30.32 8.73
C LYS E 552 66.41 -29.59 8.82
N PRO E 553 65.44 -30.18 9.53
CA PRO E 553 64.15 -29.50 9.70
C PRO E 553 64.32 -28.16 10.39
N THR E 554 63.77 -27.11 9.78
CA THR E 554 64.02 -25.74 10.21
C THR E 554 62.77 -24.91 10.02
N LEU E 555 62.47 -24.08 11.00
CA LEU E 555 61.39 -23.10 10.90
C LEU E 555 61.96 -21.71 11.18
N ILE E 556 61.64 -20.77 10.31
CA ILE E 556 62.10 -19.39 10.43
C ILE E 556 60.89 -18.51 10.68
N ASN E 557 60.88 -17.84 11.83
CA ASN E 557 59.81 -16.91 12.18
C ASN E 557 60.21 -15.53 11.67
N ALA E 558 59.65 -15.13 10.53
CA ALA E 558 59.95 -13.85 9.93
C ALA E 558 58.95 -12.80 10.39
N GLU E 559 59.46 -11.68 10.89
CA GLU E 559 58.63 -10.61 11.41
C GLU E 559 58.19 -9.71 10.26
N ILE E 560 56.88 -9.67 10.02
CA ILE E 560 56.29 -8.95 8.89
C ILE E 560 55.47 -7.78 9.44
N ASP E 561 55.53 -6.65 8.74
CA ASP E 561 54.79 -5.45 9.11
C ASP E 561 53.31 -5.78 9.29
N PRO E 562 52.75 -5.65 10.49
CA PRO E 562 51.34 -6.00 10.70
C PRO E 562 50.37 -5.14 9.91
N ALA E 563 50.81 -4.00 9.36
CA ALA E 563 49.95 -3.15 8.55
C ALA E 563 50.09 -3.40 7.06
N ALA E 564 51.16 -4.04 6.61
CA ALA E 564 51.40 -4.27 5.20
C ALA E 564 50.36 -5.23 4.62
N GLY E 565 50.31 -5.28 3.30
CA GLY E 565 49.38 -6.16 2.63
C GLY E 565 47.99 -5.56 2.50
N SER E 566 46.99 -6.45 2.42
CA SER E 566 45.61 -6.04 2.27
C SER E 566 44.76 -6.88 3.22
N GLU E 567 43.46 -6.58 3.25
CA GLU E 567 42.50 -7.32 4.06
C GLU E 567 41.43 -8.02 3.23
N GLY E 568 41.13 -7.53 2.03
CA GLY E 568 40.12 -8.15 1.19
C GLY E 568 40.47 -9.56 0.73
N PRO F 21 -52.82 71.77 7.84
CA PRO F 21 -53.03 72.02 6.42
C PRO F 21 -53.35 70.74 5.66
N GLU F 22 -53.07 70.73 4.35
CA GLU F 22 -53.28 69.54 3.54
C GLU F 22 -52.16 68.54 3.79
N LEU F 23 -52.52 67.27 3.97
CA LEU F 23 -51.57 66.21 4.25
C LEU F 23 -51.50 65.23 3.09
N THR F 24 -50.38 64.52 3.01
CA THR F 24 -50.19 63.45 2.04
C THR F 24 -49.48 62.30 2.74
N ASP F 25 -49.49 61.13 2.10
CA ASP F 25 -48.91 59.94 2.68
C ASP F 25 -47.90 59.32 1.72
N GLY F 26 -47.26 58.23 2.16
CA GLY F 26 -46.27 57.57 1.34
C GLY F 26 -46.84 56.92 0.10
N PHE F 27 -48.07 56.41 0.19
CA PHE F 27 -48.72 55.81 -0.98
C PHE F 27 -48.76 56.80 -2.14
N HIS F 28 -49.30 57.99 -1.90
CA HIS F 28 -49.42 58.98 -2.97
C HIS F 28 -48.06 59.49 -3.43
N LEU F 29 -47.10 59.63 -2.49
CA LEU F 29 -45.79 60.12 -2.85
C LEU F 29 -45.07 59.16 -3.80
N VAL F 30 -45.19 57.85 -3.56
CA VAL F 30 -44.58 56.88 -4.45
C VAL F 30 -45.21 56.95 -5.84
N ILE F 31 -46.54 57.06 -5.89
CA ILE F 31 -47.24 57.10 -7.18
C ILE F 31 -46.93 58.39 -7.92
N ASP F 32 -46.99 59.52 -7.21
CA ASP F 32 -46.75 60.81 -7.85
C ASP F 32 -45.31 60.92 -8.34
N ALA F 33 -44.36 60.30 -7.64
CA ALA F 33 -42.97 60.33 -8.10
C ALA F 33 -42.82 59.59 -9.42
N LEU F 34 -43.50 58.47 -9.58
CA LEU F 34 -43.43 57.72 -10.84
C LEU F 34 -44.14 58.49 -11.96
N LYS F 35 -45.33 59.02 -11.68
CA LYS F 35 -46.04 59.81 -12.68
C LYS F 35 -45.21 61.02 -13.12
N LEU F 36 -44.53 61.67 -12.17
CA LEU F 36 -43.76 62.86 -12.49
C LEU F 36 -42.63 62.56 -13.45
N ASN F 37 -42.06 61.35 -13.39
CA ASN F 37 -40.95 60.96 -14.24
C ASN F 37 -41.39 60.15 -15.45
N GLY F 38 -42.65 60.26 -15.85
CA GLY F 38 -43.13 59.67 -17.09
C GLY F 38 -43.55 58.22 -17.02
N ILE F 39 -43.59 57.62 -15.84
CA ILE F 39 -44.07 56.25 -15.72
C ILE F 39 -45.56 56.20 -16.02
N GLU F 40 -45.98 55.21 -16.82
CA GLU F 40 -47.38 55.05 -17.20
C GLU F 40 -47.94 53.66 -17.00
N THR F 41 -47.09 52.66 -16.73
CA THR F 41 -47.53 51.27 -16.62
C THR F 41 -46.77 50.59 -15.49
N ILE F 42 -47.49 49.81 -14.70
CA ILE F 42 -46.92 49.05 -13.60
C ILE F 42 -47.32 47.59 -13.76
N TYR F 43 -46.34 46.72 -13.92
CA TYR F 43 -46.56 45.27 -13.92
C TYR F 43 -46.36 44.76 -12.50
N ASN F 44 -47.26 43.90 -12.04
CA ASN F 44 -47.24 43.56 -10.62
C ASN F 44 -48.00 42.26 -10.37
N VAL F 45 -47.91 41.81 -9.11
CA VAL F 45 -48.78 40.79 -8.54
C VAL F 45 -49.17 41.30 -7.15
N PRO F 46 -50.45 41.55 -6.88
CA PRO F 46 -50.83 42.21 -5.63
C PRO F 46 -50.63 41.30 -4.42
N GLY F 47 -50.76 41.91 -3.25
CA GLY F 47 -50.60 41.20 -2.00
C GLY F 47 -50.12 42.16 -0.92
N ILE F 48 -49.84 41.59 0.24
CA ILE F 48 -49.33 42.36 1.38
C ILE F 48 -47.85 42.66 1.14
N PRO F 49 -47.41 43.93 1.26
CA PRO F 49 -48.19 45.10 1.68
C PRO F 49 -48.47 46.10 0.56
N ILE F 50 -48.48 45.66 -0.70
CA ILE F 50 -48.52 46.58 -1.83
C ILE F 50 -49.84 46.49 -2.59
N THR F 51 -50.87 45.90 -1.99
CA THR F 51 -52.16 45.81 -2.68
C THR F 51 -52.78 47.19 -2.88
N ASP F 52 -52.81 48.00 -1.82
CA ASP F 52 -53.43 49.33 -1.92
C ASP F 52 -52.60 50.28 -2.78
N LEU F 53 -51.29 50.05 -2.87
CA LEU F 53 -50.46 50.87 -3.75
C LEU F 53 -50.86 50.69 -5.21
N GLY F 54 -51.04 49.44 -5.63
CA GLY F 54 -51.51 49.19 -6.99
C GLY F 54 -52.89 49.74 -7.24
N ARG F 55 -53.76 49.69 -6.22
CA ARG F 55 -55.09 50.28 -6.35
C ARG F 55 -55.00 51.77 -6.60
N LEU F 56 -54.17 52.47 -5.80
CA LEU F 56 -54.01 53.91 -5.97
C LEU F 56 -53.41 54.23 -7.33
N ALA F 57 -52.45 53.41 -7.79
CA ALA F 57 -51.86 53.63 -9.10
C ALA F 57 -52.91 53.58 -10.20
N GLN F 58 -53.80 52.60 -10.15
CA GLN F 58 -54.87 52.51 -11.13
C GLN F 58 -55.84 53.69 -10.99
N ALA F 59 -56.13 54.09 -9.75
CA ALA F 59 -57.02 55.23 -9.54
C ALA F 59 -56.39 56.53 -10.00
N GLU F 60 -55.06 56.61 -10.00
CA GLU F 60 -54.34 57.83 -10.36
C GLU F 60 -54.04 57.92 -11.85
N GLY F 61 -54.55 56.99 -12.66
CA GLY F 61 -54.40 57.03 -14.10
C GLY F 61 -53.41 56.03 -14.66
N LEU F 62 -52.48 55.54 -13.85
CA LEU F 62 -51.52 54.56 -14.32
C LEU F 62 -52.21 53.25 -14.67
N ARG F 63 -51.69 52.56 -15.69
CA ARG F 63 -52.21 51.26 -16.08
C ARG F 63 -51.52 50.18 -15.28
N VAL F 64 -52.30 49.39 -14.54
CA VAL F 64 -51.79 48.34 -13.67
C VAL F 64 -52.10 46.99 -14.31
N ILE F 65 -51.07 46.19 -14.54
CA ILE F 65 -51.20 44.88 -15.15
C ILE F 65 -50.84 43.85 -14.09
N SER F 66 -51.80 42.97 -13.76
CA SER F 66 -51.63 41.96 -12.73
C SER F 66 -51.39 40.60 -13.38
N PHE F 67 -50.29 39.96 -13.00
CA PHE F 67 -49.88 38.69 -13.57
C PHE F 67 -50.22 37.54 -12.63
N ARG F 68 -49.92 36.32 -13.07
CA ARG F 68 -50.13 35.13 -12.26
C ARG F 68 -48.88 34.69 -11.51
N HIS F 69 -47.73 35.29 -11.83
CA HIS F 69 -46.45 34.95 -11.20
C HIS F 69 -45.56 36.17 -11.32
N GLU F 70 -44.86 36.51 -10.24
CA GLU F 70 -44.04 37.72 -10.23
C GLU F 70 -42.92 37.66 -11.26
N GLN F 71 -42.40 36.47 -11.54
CA GLN F 71 -41.31 36.35 -12.50
C GLN F 71 -41.75 36.76 -13.90
N ASN F 72 -43.03 36.57 -14.23
CA ASN F 72 -43.55 36.97 -15.53
C ASN F 72 -43.87 38.46 -15.57
N ALA F 73 -44.27 39.04 -14.44
CA ALA F 73 -44.42 40.49 -14.36
C ALA F 73 -43.07 41.18 -14.52
N GLY F 74 -42.02 40.60 -13.91
CA GLY F 74 -40.69 41.17 -14.07
C GLY F 74 -40.16 41.04 -15.48
N ASN F 75 -40.36 39.88 -16.11
CA ASN F 75 -40.01 39.72 -17.51
C ASN F 75 -40.74 40.72 -18.38
N ALA F 76 -41.99 41.05 -18.03
CA ALA F 76 -42.71 42.10 -18.76
C ALA F 76 -42.01 43.44 -18.59
N ALA F 77 -41.71 43.82 -17.34
CA ALA F 77 -41.04 45.10 -17.09
C ALA F 77 -39.66 45.14 -17.74
N ALA F 78 -38.98 43.99 -17.84
CA ALA F 78 -37.65 43.95 -18.40
C ALA F 78 -37.67 44.35 -19.88
N ILE F 79 -38.39 43.59 -20.70
CA ILE F 79 -38.46 43.90 -22.12
C ILE F 79 -39.18 45.22 -22.38
N ALA F 80 -39.99 45.70 -21.42
CA ALA F 80 -40.60 47.02 -21.58
C ALA F 80 -39.55 48.11 -21.55
N GLY F 81 -38.51 47.96 -20.72
CA GLY F 81 -37.44 48.93 -20.70
C GLY F 81 -36.62 48.91 -21.98
N PHE F 82 -36.40 47.72 -22.53
CA PHE F 82 -35.65 47.62 -23.79
C PHE F 82 -36.41 48.29 -24.93
N LEU F 83 -37.74 48.19 -24.92
CA LEU F 83 -38.54 48.76 -26.00
C LEU F 83 -38.70 50.27 -25.92
N THR F 84 -38.58 50.84 -24.72
CA THR F 84 -38.94 52.24 -24.51
C THR F 84 -37.79 53.12 -24.03
N LYS F 85 -36.65 52.55 -23.66
CA LYS F 85 -35.52 53.25 -23.04
C LYS F 85 -35.93 53.97 -21.75
N LYS F 86 -37.09 53.62 -21.18
CA LYS F 86 -37.58 54.02 -19.88
C LYS F 86 -37.70 52.78 -18.99
N PRO F 87 -37.35 52.88 -17.71
CA PRO F 87 -37.30 51.68 -16.86
C PRO F 87 -38.68 51.05 -16.69
N GLY F 88 -38.72 49.73 -16.81
CA GLY F 88 -39.97 49.01 -16.60
C GLY F 88 -40.16 48.70 -15.13
N ILE F 89 -41.40 48.83 -14.67
CA ILE F 89 -41.72 48.80 -13.25
C ILE F 89 -42.43 47.50 -12.94
N CYS F 90 -41.79 46.67 -12.11
CA CYS F 90 -42.43 45.53 -11.49
C CYS F 90 -42.69 45.87 -10.03
N LEU F 91 -43.94 45.76 -9.61
CA LEU F 91 -44.28 45.89 -8.19
C LEU F 91 -44.48 44.49 -7.65
N THR F 92 -43.68 44.11 -6.66
CA THR F 92 -43.90 42.83 -6.01
C THR F 92 -44.02 43.03 -4.50
N VAL F 93 -43.91 41.90 -3.81
CA VAL F 93 -44.44 41.67 -2.47
C VAL F 93 -43.23 41.25 -1.67
N SER F 94 -43.38 41.04 -0.36
CA SER F 94 -42.20 40.71 0.43
C SER F 94 -41.62 39.36 0.00
N ALA F 95 -40.52 38.96 0.69
CA ALA F 95 -39.54 37.90 0.41
C ALA F 95 -39.91 36.88 -0.69
N PRO F 96 -40.99 36.09 -0.56
CA PRO F 96 -41.26 35.10 -1.62
C PRO F 96 -41.52 35.70 -2.99
N GLY F 97 -42.26 36.82 -3.05
CA GLY F 97 -42.52 37.44 -4.33
C GLY F 97 -41.36 38.30 -4.81
N PHE F 98 -40.64 38.93 -3.87
CA PHE F 98 -39.39 39.62 -4.20
C PHE F 98 -38.43 38.69 -4.93
N LEU F 99 -38.22 37.49 -4.36
CA LEU F 99 -37.33 36.52 -4.98
C LEU F 99 -37.77 36.18 -6.39
N ASN F 100 -39.09 36.04 -6.61
CA ASN F 100 -39.59 35.76 -7.96
C ASN F 100 -39.23 36.88 -8.91
N GLY F 101 -39.52 38.13 -8.53
CA GLY F 101 -39.17 39.27 -9.37
C GLY F 101 -37.69 39.49 -9.47
N LEU F 102 -36.93 39.16 -8.41
CA LEU F 102 -35.48 39.32 -8.46
C LEU F 102 -34.85 38.43 -9.52
N THR F 103 -35.46 37.27 -9.79
CA THR F 103 -34.96 36.41 -10.85
C THR F 103 -35.09 37.07 -12.22
N ALA F 104 -36.20 37.80 -12.44
CA ALA F 104 -36.32 38.58 -13.66
C ALA F 104 -35.43 39.82 -13.61
N LEU F 105 -35.24 40.40 -12.43
CA LEU F 105 -34.37 41.57 -12.31
C LEU F 105 -32.93 41.21 -12.64
N ALA F 106 -32.47 40.05 -12.19
CA ALA F 106 -31.11 39.61 -12.52
C ALA F 106 -30.96 39.41 -14.02
N ASN F 107 -31.98 38.85 -14.68
CA ASN F 107 -31.91 38.62 -16.10
C ASN F 107 -31.90 39.93 -16.89
N ALA F 108 -32.65 40.93 -16.40
CA ALA F 108 -32.61 42.24 -17.04
C ALA F 108 -31.22 42.86 -16.95
N THR F 109 -30.55 42.69 -15.82
CA THR F 109 -29.17 43.16 -15.67
C THR F 109 -28.23 42.41 -16.62
N THR F 110 -28.50 41.13 -16.85
CA THR F 110 -27.69 40.36 -17.79
C THR F 110 -27.85 40.87 -19.22
N ASN F 111 -29.05 41.35 -19.57
CA ASN F 111 -29.35 41.80 -20.92
C ASN F 111 -29.30 43.32 -21.08
N CYS F 112 -28.89 44.04 -20.03
CA CYS F 112 -28.75 45.50 -20.08
C CYS F 112 -30.10 46.18 -20.35
N PHE F 113 -31.16 45.64 -19.76
CA PHE F 113 -32.47 46.28 -19.91
C PHE F 113 -32.77 47.16 -18.70
N PRO F 114 -33.28 48.37 -18.91
CA PRO F 114 -33.63 49.24 -17.77
C PRO F 114 -34.91 48.75 -17.10
N MET F 115 -34.82 48.49 -15.79
CA MET F 115 -35.93 47.91 -15.05
C MET F 115 -35.78 48.26 -13.57
N ILE F 116 -36.90 48.50 -12.91
CA ILE F 116 -36.93 48.77 -11.47
C ILE F 116 -37.87 47.77 -10.81
N LEU F 117 -37.37 47.05 -9.82
CA LEU F 117 -38.17 46.12 -9.03
C LEU F 117 -38.56 46.82 -7.73
N ILE F 118 -39.84 47.13 -7.58
CA ILE F 118 -40.36 47.77 -6.38
C ILE F 118 -41.06 46.70 -5.55
N SER F 119 -40.49 46.37 -4.40
CA SER F 119 -41.07 45.41 -3.49
C SER F 119 -41.34 46.05 -2.13
N GLY F 120 -42.46 45.70 -1.53
CA GLY F 120 -42.68 46.00 -0.14
C GLY F 120 -41.88 45.06 0.74
N SER F 121 -41.45 45.56 1.90
CA SER F 121 -40.69 44.76 2.83
C SER F 121 -41.31 44.84 4.22
N SER F 122 -40.85 43.96 5.10
CA SER F 122 -41.44 43.81 6.42
C SER F 122 -40.90 44.87 7.38
N GLU F 123 -41.18 44.69 8.68
CA GLU F 123 -40.73 45.64 9.69
C GLU F 123 -39.22 45.56 9.84
N ARG F 124 -38.55 46.73 9.75
CA ARG F 124 -37.09 46.75 9.69
C ARG F 124 -36.47 46.25 11.00
N GLU F 125 -37.03 46.63 12.14
CA GLU F 125 -36.43 46.23 13.41
C GLU F 125 -36.62 44.74 13.67
N ILE F 126 -37.67 44.13 13.11
CA ILE F 126 -37.88 42.70 13.30
C ILE F 126 -36.98 41.90 12.37
N VAL F 127 -36.81 42.36 11.13
CA VAL F 127 -35.96 41.67 10.18
C VAL F 127 -34.50 41.78 10.60
N ASP F 128 -34.09 42.96 11.11
CA ASP F 128 -32.69 43.16 11.48
C ASP F 128 -32.25 42.20 12.58
N LEU F 129 -33.17 41.79 13.45
CA LEU F 129 -32.86 40.80 14.48
C LEU F 129 -33.19 39.38 14.04
N GLN F 130 -33.78 39.20 12.86
CA GLN F 130 -34.12 37.87 12.33
C GLN F 130 -35.02 37.11 13.29
N GLN F 131 -36.12 37.76 13.69
CA GLN F 131 -37.04 37.21 14.67
C GLN F 131 -38.22 36.48 14.04
N GLY F 132 -38.24 36.33 12.72
CA GLY F 132 -39.30 35.60 12.05
C GLY F 132 -40.51 36.44 11.72
N ASP F 133 -40.30 37.54 11.00
CA ASP F 133 -41.39 38.41 10.60
C ASP F 133 -42.11 37.85 9.38
N TYR F 134 -43.31 38.38 9.13
CA TYR F 134 -44.05 38.03 7.92
C TYR F 134 -43.25 38.43 6.69
N GLY F 135 -42.84 37.43 5.92
CA GLY F 135 -41.99 37.69 4.75
C GLY F 135 -40.64 38.26 5.13
N GLU F 136 -40.06 37.77 6.22
CA GLU F 136 -38.80 38.31 6.71
C GLU F 136 -37.68 38.02 5.73
N MET F 137 -37.04 39.09 5.25
CA MET F 137 -35.83 39.00 4.45
C MET F 137 -35.23 40.39 4.35
N ASP F 138 -33.90 40.46 4.43
CA ASP F 138 -33.19 41.70 4.14
C ASP F 138 -33.09 41.81 2.63
N GLN F 139 -34.19 42.25 2.02
CA GLN F 139 -34.29 42.28 0.57
C GLN F 139 -33.31 43.25 -0.08
N LEU F 140 -32.87 44.28 0.65
CA LEU F 140 -31.82 45.14 0.13
C LEU F 140 -30.50 44.37 0.01
N ALA F 141 -30.15 43.62 1.05
CA ALA F 141 -28.88 42.89 1.05
C ALA F 141 -28.92 41.67 0.13
N ILE F 142 -30.11 41.12 -0.11
CA ILE F 142 -30.21 39.96 -1.00
C ILE F 142 -30.17 40.39 -2.47
N ALA F 143 -30.73 41.55 -2.80
CA ALA F 143 -30.80 41.99 -4.18
C ALA F 143 -29.46 42.50 -4.70
N LYS F 144 -28.60 43.01 -3.83
CA LYS F 144 -27.38 43.67 -4.29
C LYS F 144 -26.45 42.77 -5.11
N PRO F 145 -26.16 41.53 -4.73
CA PRO F 145 -25.25 40.71 -5.56
C PRO F 145 -25.88 40.21 -6.85
N LEU F 146 -27.14 40.54 -7.14
CA LEU F 146 -27.82 40.02 -8.32
C LEU F 146 -28.30 41.10 -9.29
N CYS F 147 -28.19 42.37 -8.94
CA CYS F 147 -28.62 43.44 -9.84
C CYS F 147 -27.59 44.56 -9.83
N LYS F 148 -27.88 45.63 -10.58
CA LYS F 148 -26.92 46.71 -10.78
C LYS F 148 -26.92 47.68 -9.59
N ALA F 149 -28.09 48.02 -9.08
CA ALA F 149 -28.19 48.93 -7.95
C ALA F 149 -29.39 48.55 -7.10
N ALA F 150 -29.35 48.96 -5.84
CA ALA F 150 -30.42 48.66 -4.89
C ALA F 150 -30.45 49.73 -3.82
N PHE F 151 -31.65 50.26 -3.56
CA PHE F 151 -31.84 51.29 -2.54
C PHE F 151 -33.05 50.94 -1.70
N ARG F 152 -33.08 51.50 -0.48
CA ARG F 152 -34.19 51.31 0.45
C ARG F 152 -34.56 52.66 1.05
N VAL F 153 -35.83 53.02 0.99
CA VAL F 153 -36.32 54.30 1.50
C VAL F 153 -36.97 54.05 2.86
N LEU F 154 -36.58 54.84 3.86
CA LEU F 154 -37.15 54.73 5.19
C LEU F 154 -38.09 55.87 5.55
N HIS F 155 -37.89 57.06 4.99
CA HIS F 155 -38.68 58.23 5.32
C HIS F 155 -39.41 58.71 4.07
N ALA F 156 -40.67 59.14 4.25
CA ALA F 156 -41.47 59.57 3.11
C ALA F 156 -40.85 60.76 2.39
N ALA F 157 -40.12 61.62 3.12
CA ALA F 157 -39.48 62.77 2.51
C ALA F 157 -38.35 62.39 1.55
N ASP F 158 -37.91 61.13 1.56
CA ASP F 158 -36.86 60.66 0.68
C ASP F 158 -37.39 59.80 -0.46
N ILE F 159 -38.72 59.70 -0.61
CA ILE F 159 -39.30 58.92 -1.70
C ILE F 159 -38.94 59.53 -3.05
N GLY F 160 -38.96 60.86 -3.14
CA GLY F 160 -38.61 61.51 -4.39
C GLY F 160 -37.17 61.24 -4.80
N ILE F 161 -36.23 61.43 -3.87
CA ILE F 161 -34.84 61.14 -4.17
C ILE F 161 -34.64 59.65 -4.40
N GLY F 162 -35.34 58.81 -3.63
CA GLY F 162 -35.20 57.37 -3.80
C GLY F 162 -35.60 56.91 -5.20
N VAL F 163 -36.73 57.42 -5.70
CA VAL F 163 -37.15 57.09 -7.06
C VAL F 163 -36.16 57.65 -8.08
N ALA F 164 -35.63 58.85 -7.81
CA ALA F 164 -34.66 59.44 -8.72
C ALA F 164 -33.36 58.64 -8.77
N ARG F 165 -32.97 58.04 -7.65
CA ARG F 165 -31.77 57.19 -7.66
C ARG F 165 -32.03 55.90 -8.43
N ALA F 166 -33.23 55.34 -8.32
CA ALA F 166 -33.54 54.10 -9.03
C ALA F 166 -33.61 54.33 -10.54
N ILE F 167 -34.13 55.48 -10.96
CA ILE F 167 -34.26 55.74 -12.39
C ILE F 167 -32.89 55.98 -13.01
N ARG F 168 -32.08 56.84 -12.38
CA ARG F 168 -30.75 57.14 -12.92
C ARG F 168 -29.90 55.88 -13.03
N ALA F 169 -29.95 55.02 -12.02
CA ALA F 169 -29.16 53.79 -12.08
C ALA F 169 -29.68 52.84 -13.15
N ALA F 170 -30.98 52.91 -13.46
CA ALA F 170 -31.58 51.93 -14.36
C ALA F 170 -31.24 52.22 -15.82
N VAL F 171 -31.24 53.49 -16.22
CA VAL F 171 -31.08 53.85 -17.63
C VAL F 171 -29.70 54.37 -17.96
N SER F 172 -28.99 55.01 -17.02
CA SER F 172 -27.70 55.59 -17.32
C SER F 172 -26.63 54.51 -17.41
N GLY F 173 -25.48 54.90 -17.93
CA GLY F 173 -24.39 53.96 -18.14
C GLY F 173 -24.84 52.78 -18.96
N ARG F 174 -24.37 51.59 -18.58
CA ARG F 174 -24.96 50.36 -19.08
C ARG F 174 -26.26 50.12 -18.32
N PRO F 175 -27.41 50.21 -18.98
CA PRO F 175 -28.69 50.05 -18.27
C PRO F 175 -28.80 48.67 -17.64
N GLY F 176 -29.66 48.58 -16.63
CA GLY F 176 -29.80 47.34 -15.90
C GLY F 176 -30.90 47.42 -14.87
N GLY F 177 -31.12 46.28 -14.21
CA GLY F 177 -32.19 46.18 -13.23
C GLY F 177 -31.80 46.79 -11.90
N VAL F 178 -32.70 47.59 -11.33
CA VAL F 178 -32.50 48.24 -10.05
C VAL F 178 -33.59 47.78 -9.09
N TYR F 179 -33.22 47.55 -7.84
CA TYR F 179 -34.17 47.18 -6.81
C TYR F 179 -34.44 48.37 -5.90
N LEU F 180 -35.72 48.64 -5.66
CA LEU F 180 -36.14 49.72 -4.78
C LEU F 180 -37.01 49.11 -3.68
N ASP F 181 -36.46 49.06 -2.46
CA ASP F 181 -37.16 48.46 -1.33
C ASP F 181 -37.98 49.51 -0.59
N LEU F 182 -39.27 49.23 -0.42
CA LEU F 182 -40.18 50.12 0.30
C LEU F 182 -40.76 49.38 1.49
N PRO F 183 -40.25 49.61 2.70
CA PRO F 183 -40.87 49.01 3.88
C PRO F 183 -42.33 49.41 4.01
N ALA F 184 -43.14 48.49 4.53
CA ALA F 184 -44.57 48.74 4.66
C ALA F 184 -44.85 49.95 5.54
N LYS F 185 -44.00 50.21 6.54
CA LYS F 185 -44.19 51.38 7.38
C LYS F 185 -44.08 52.68 6.61
N LEU F 186 -43.39 52.67 5.46
CA LEU F 186 -43.21 53.90 4.70
C LEU F 186 -44.52 54.41 4.11
N PHE F 187 -45.36 53.49 3.59
CA PHE F 187 -46.55 53.90 2.86
C PHE F 187 -47.52 54.67 3.73
N SER F 188 -47.53 54.41 5.04
CA SER F 188 -48.52 55.00 5.93
C SER F 188 -48.03 56.27 6.62
N GLN F 189 -46.77 56.66 6.42
CA GLN F 189 -46.27 57.90 6.99
C GLN F 189 -46.96 59.10 6.34
N VAL F 190 -47.33 60.07 7.17
CA VAL F 190 -48.06 61.25 6.72
C VAL F 190 -47.18 62.47 6.92
N ILE F 191 -47.03 63.27 5.86
CA ILE F 191 -46.32 64.54 5.90
C ILE F 191 -47.16 65.60 5.20
N ASP F 192 -46.71 66.85 5.32
CA ASP F 192 -47.40 67.96 4.69
C ASP F 192 -47.40 67.80 3.18
N ALA F 193 -48.53 68.12 2.55
CA ALA F 193 -48.68 67.88 1.11
C ALA F 193 -47.80 68.80 0.28
N ASP F 194 -47.62 70.06 0.72
CA ASP F 194 -46.73 70.96 0.00
C ASP F 194 -45.28 70.59 0.20
N LEU F 195 -44.91 70.17 1.42
CA LEU F 195 -43.56 69.68 1.65
C LEU F 195 -43.28 68.43 0.83
N GLY F 196 -44.28 67.55 0.71
CA GLY F 196 -44.09 66.34 -0.06
C GLY F 196 -43.89 66.60 -1.54
N ALA F 197 -44.71 67.49 -2.11
CA ALA F 197 -44.58 67.80 -3.53
C ALA F 197 -43.22 68.41 -3.84
N ARG F 198 -42.73 69.30 -2.97
CA ARG F 198 -41.41 69.90 -3.18
C ARG F 198 -40.29 68.90 -3.03
N SER F 199 -40.54 67.75 -2.40
CA SER F 199 -39.52 66.73 -2.25
C SER F 199 -39.40 65.81 -3.45
N LEU F 200 -40.32 65.91 -4.41
CA LEU F 200 -40.25 65.09 -5.61
C LEU F 200 -39.19 65.62 -6.57
N VAL F 201 -38.63 64.73 -7.37
CA VAL F 201 -37.55 65.05 -8.30
C VAL F 201 -37.92 64.54 -9.67
N LYS F 202 -38.04 65.45 -10.64
CA LYS F 202 -38.18 65.10 -12.05
C LYS F 202 -36.76 65.05 -12.65
N VAL F 203 -36.31 63.84 -12.98
CA VAL F 203 -34.91 63.62 -13.30
C VAL F 203 -34.53 64.34 -14.59
N ILE F 204 -33.45 65.11 -14.53
CA ILE F 204 -32.91 65.80 -15.70
C ILE F 204 -31.84 64.92 -16.33
N ASP F 205 -31.97 64.67 -17.63
CA ASP F 205 -31.01 63.88 -18.41
C ASP F 205 -30.70 62.55 -17.72
N ALA F 206 -31.75 61.74 -17.56
CA ALA F 206 -31.61 60.47 -16.84
C ALA F 206 -30.58 59.57 -17.51
N ALA F 207 -30.56 59.54 -18.84
CA ALA F 207 -29.59 58.78 -19.61
C ALA F 207 -28.83 59.77 -20.49
N PRO F 208 -27.84 60.44 -19.94
CA PRO F 208 -27.14 61.49 -20.71
C PRO F 208 -26.36 60.92 -21.86
N ALA F 209 -26.18 61.74 -22.89
CA ALA F 209 -25.29 61.39 -23.98
C ALA F 209 -23.84 61.39 -23.48
N GLN F 210 -23.06 60.44 -23.97
CA GLN F 210 -21.64 60.34 -23.63
C GLN F 210 -20.85 60.34 -24.94
N LEU F 211 -20.20 61.46 -25.24
CA LEU F 211 -19.52 61.60 -26.53
C LEU F 211 -18.10 61.05 -26.44
N PRO F 212 -17.65 60.37 -27.48
CA PRO F 212 -16.30 59.79 -27.47
C PRO F 212 -15.23 60.84 -27.73
N ALA F 213 -14.04 60.55 -27.24
CA ALA F 213 -12.91 61.43 -27.49
C ALA F 213 -12.58 61.43 -28.98
N PRO F 214 -12.23 62.58 -29.55
CA PRO F 214 -11.87 62.60 -30.98
C PRO F 214 -10.68 61.72 -31.31
N ALA F 215 -9.70 61.64 -30.41
CA ALA F 215 -8.54 60.77 -30.64
C ALA F 215 -8.96 59.30 -30.74
N ALA F 216 -9.96 58.91 -29.96
CA ALA F 216 -10.47 57.54 -30.06
C ALA F 216 -11.19 57.33 -31.39
N ILE F 217 -11.93 58.34 -31.85
CA ILE F 217 -12.60 58.23 -33.14
C ILE F 217 -11.58 58.18 -34.27
N ALA F 218 -10.49 58.95 -34.15
CA ALA F 218 -9.44 58.90 -35.16
C ALA F 218 -8.79 57.53 -35.23
N ARG F 219 -8.58 56.89 -34.08
CA ARG F 219 -7.94 55.57 -34.07
C ARG F 219 -8.84 54.53 -34.74
N ALA F 220 -10.15 54.58 -34.48
CA ALA F 220 -11.06 53.61 -35.06
C ALA F 220 -11.14 53.76 -36.58
N LEU F 221 -11.26 55.00 -37.05
CA LEU F 221 -11.35 55.24 -38.49
C LEU F 221 -10.11 54.75 -39.22
N ASP F 222 -8.92 55.03 -38.67
CA ASP F 222 -7.69 54.59 -39.31
C ASP F 222 -7.64 53.07 -39.40
N VAL F 223 -8.05 52.38 -38.33
CA VAL F 223 -8.13 50.92 -38.39
C VAL F 223 -9.17 50.49 -39.41
N LEU F 224 -10.26 51.24 -39.52
CA LEU F 224 -11.29 50.91 -40.50
C LEU F 224 -10.77 51.10 -41.92
N LYS F 225 -10.06 52.20 -42.18
CA LYS F 225 -9.57 52.49 -43.52
C LYS F 225 -8.52 51.50 -44.00
N SER F 226 -7.88 50.78 -43.09
CA SER F 226 -6.85 49.80 -43.46
C SER F 226 -7.41 48.41 -43.70
N ALA F 227 -8.72 48.23 -43.54
CA ALA F 227 -9.31 46.90 -43.60
C ALA F 227 -9.46 46.43 -45.05
N GLU F 228 -8.90 45.26 -45.34
CA GLU F 228 -9.17 44.62 -46.62
C GLU F 228 -10.56 44.02 -46.69
N ARG F 229 -11.05 43.50 -45.56
CA ARG F 229 -12.34 42.81 -45.49
C ARG F 229 -13.05 43.22 -44.21
N PRO F 230 -13.55 44.46 -44.15
CA PRO F 230 -14.19 44.94 -42.93
C PRO F 230 -15.55 44.29 -42.72
N LEU F 231 -15.95 44.26 -41.44
CA LEU F 231 -17.24 43.68 -41.06
C LEU F 231 -17.81 44.46 -39.88
N ILE F 232 -19.09 44.80 -39.97
CA ILE F 232 -19.80 45.46 -38.88
C ILE F 232 -20.70 44.42 -38.21
N ILE F 233 -20.69 44.40 -36.89
CA ILE F 233 -21.56 43.51 -36.12
C ILE F 233 -22.45 44.37 -35.23
N LEU F 234 -23.76 44.30 -35.47
CA LEU F 234 -24.74 45.06 -34.72
C LEU F 234 -25.33 44.17 -33.64
N GLY F 235 -25.11 44.55 -32.38
CA GLY F 235 -25.70 43.86 -31.25
C GLY F 235 -26.97 44.54 -30.79
N LYS F 236 -27.70 43.84 -29.91
CA LYS F 236 -28.96 44.39 -29.42
C LYS F 236 -28.76 45.67 -28.61
N GLY F 237 -27.52 46.04 -28.30
CA GLY F 237 -27.28 47.36 -27.76
C GLY F 237 -27.49 48.45 -28.79
N ALA F 238 -27.12 48.17 -30.05
CA ALA F 238 -27.38 49.12 -31.12
C ALA F 238 -28.88 49.25 -31.38
N ALA F 239 -29.61 48.14 -31.27
CA ALA F 239 -31.07 48.21 -31.39
C ALA F 239 -31.68 49.01 -30.25
N TYR F 240 -31.19 48.79 -29.02
CA TYR F 240 -31.74 49.49 -27.87
C TYR F 240 -31.48 51.00 -27.93
N ALA F 241 -30.34 51.40 -28.49
CA ALA F 241 -29.96 52.81 -28.47
C ALA F 241 -30.96 53.71 -29.18
N GLN F 242 -31.73 53.16 -30.12
CA GLN F 242 -32.66 53.94 -30.94
C GLN F 242 -31.94 55.07 -31.66
N ALA F 243 -30.82 54.72 -32.30
CA ALA F 243 -30.16 55.58 -33.26
C ALA F 243 -30.28 54.95 -34.63
N ASP F 244 -31.52 54.63 -35.02
CA ASP F 244 -31.75 53.83 -36.23
C ASP F 244 -31.27 54.56 -37.47
N GLU F 245 -31.51 55.87 -37.55
CA GLU F 245 -31.08 56.62 -38.73
C GLU F 245 -29.57 56.67 -38.84
N ALA F 246 -28.88 56.86 -37.71
CA ALA F 246 -27.42 56.96 -37.74
C ALA F 246 -26.79 55.60 -38.03
N VAL F 247 -27.30 54.53 -37.43
CA VAL F 247 -26.72 53.21 -37.62
C VAL F 247 -26.93 52.75 -39.06
N ARG F 248 -28.11 53.01 -39.63
CA ARG F 248 -28.35 52.63 -41.02
C ARG F 248 -27.47 53.44 -41.96
N ALA F 249 -27.24 54.71 -41.65
CA ALA F 249 -26.38 55.54 -42.50
C ALA F 249 -24.93 55.07 -42.43
N LEU F 250 -24.47 54.69 -41.24
CA LEU F 250 -23.09 54.20 -41.10
C LEU F 250 -22.85 52.99 -41.98
N VAL F 251 -23.79 52.05 -42.02
CA VAL F 251 -23.62 50.86 -42.85
C VAL F 251 -23.72 51.22 -44.33
N GLU F 252 -24.77 51.94 -44.72
CA GLU F 252 -25.03 52.17 -46.13
C GLU F 252 -24.02 53.12 -46.77
N GLU F 253 -23.50 54.08 -46.00
CA GLU F 253 -22.56 55.02 -46.58
C GLU F 253 -21.13 54.48 -46.57
N SER F 254 -20.80 53.61 -45.62
CA SER F 254 -19.49 52.97 -45.63
C SER F 254 -19.43 51.77 -46.57
N GLY F 255 -20.59 51.22 -46.92
CA GLY F 255 -20.62 50.04 -47.78
C GLY F 255 -20.08 48.79 -47.15
N ILE F 256 -19.82 48.79 -45.85
CA ILE F 256 -19.26 47.63 -45.18
C ILE F 256 -20.37 46.63 -44.90
N PRO F 257 -20.20 45.34 -45.24
CA PRO F 257 -21.21 44.35 -44.90
C PRO F 257 -21.36 44.20 -43.39
N TYR F 258 -22.59 43.91 -42.96
CA TYR F 258 -22.90 43.84 -41.54
C TYR F 258 -23.55 42.51 -41.20
N VAL F 259 -23.41 42.11 -39.95
CA VAL F 259 -24.05 40.92 -39.40
C VAL F 259 -24.88 41.36 -38.18
N PRO F 260 -26.18 41.10 -38.16
CA PRO F 260 -26.98 41.48 -36.99
C PRO F 260 -27.08 40.37 -35.95
N MET F 261 -26.87 40.70 -34.69
CA MET F 261 -27.17 39.75 -33.64
C MET F 261 -28.68 39.55 -33.54
N SER F 262 -29.10 38.59 -32.71
CA SER F 262 -30.48 38.13 -32.70
C SER F 262 -31.47 39.28 -32.62
N MET F 263 -31.41 40.07 -31.55
CA MET F 263 -32.37 41.13 -31.33
C MET F 263 -31.97 42.44 -32.01
N ALA F 264 -30.89 42.44 -32.79
CA ALA F 264 -30.59 43.55 -33.68
C ALA F 264 -31.13 43.32 -35.09
N LYS F 265 -31.70 42.14 -35.35
CA LYS F 265 -32.35 41.89 -36.63
C LYS F 265 -33.51 42.86 -36.83
N GLY F 266 -33.59 43.44 -38.02
CA GLY F 266 -34.63 44.38 -38.36
C GLY F 266 -34.23 45.84 -38.21
N LEU F 267 -33.19 46.13 -37.42
CA LEU F 267 -32.66 47.48 -37.35
C LEU F 267 -32.42 48.03 -38.74
N LEU F 268 -31.72 47.26 -39.57
CA LEU F 268 -31.79 47.26 -41.03
C LEU F 268 -32.58 46.05 -41.48
N PRO F 269 -33.37 46.13 -42.55
CA PRO F 269 -34.12 44.96 -43.01
C PRO F 269 -33.18 43.78 -43.24
N ASP F 270 -33.61 42.60 -42.78
CA ASP F 270 -32.76 41.42 -42.88
C ASP F 270 -32.46 41.02 -44.32
N THR F 271 -33.14 41.62 -45.29
CA THR F 271 -32.85 41.41 -46.71
C THR F 271 -32.03 42.55 -47.30
N HIS F 272 -31.46 43.41 -46.46
CA HIS F 272 -30.65 44.51 -46.95
C HIS F 272 -29.47 43.96 -47.75
N PRO F 273 -29.15 44.56 -48.91
CA PRO F 273 -28.09 44.00 -49.76
C PRO F 273 -26.72 43.99 -49.10
N LEU F 274 -26.50 44.80 -48.07
CA LEU F 274 -25.24 44.79 -47.35
C LEU F 274 -25.23 43.80 -46.19
N SER F 275 -26.30 43.03 -46.00
CA SER F 275 -26.36 42.06 -44.91
C SER F 275 -25.61 40.80 -45.29
N ALA F 276 -24.70 40.36 -44.41
CA ALA F 276 -24.00 39.09 -44.55
C ALA F 276 -24.47 38.07 -43.52
N GLY F 277 -25.66 38.27 -42.95
CA GLY F 277 -26.16 37.36 -41.93
C GLY F 277 -26.38 35.95 -42.44
N ALA F 278 -26.66 35.81 -43.74
CA ALA F 278 -26.79 34.48 -44.35
C ALA F 278 -25.44 33.89 -44.72
N ALA F 279 -24.35 34.65 -44.59
CA ALA F 279 -22.99 34.18 -44.80
C ALA F 279 -22.16 34.41 -43.54
N ARG F 280 -22.77 34.15 -42.38
CA ARG F 280 -22.19 34.55 -41.10
C ARG F 280 -20.83 33.90 -40.86
N SER F 281 -20.70 32.61 -41.23
CA SER F 281 -19.45 31.90 -40.97
C SER F 281 -18.29 32.53 -41.74
N THR F 282 -18.43 32.69 -43.06
CA THR F 282 -17.36 33.28 -43.85
C THR F 282 -17.05 34.70 -43.40
N ALA F 283 -18.09 35.47 -43.05
CA ALA F 283 -17.86 36.84 -42.59
C ALA F 283 -17.04 36.86 -41.30
N LEU F 284 -17.42 36.03 -40.33
CA LEU F 284 -16.69 36.01 -39.06
C LEU F 284 -15.33 35.35 -39.19
N LYS F 285 -15.20 34.37 -40.09
CA LYS F 285 -13.96 33.62 -40.18
C LYS F 285 -12.90 34.37 -40.99
N ASP F 286 -13.30 35.04 -42.07
CA ASP F 286 -12.35 35.55 -43.04
C ASP F 286 -12.15 37.07 -42.97
N SER F 287 -12.98 37.79 -42.23
CA SER F 287 -12.79 39.23 -42.12
C SER F 287 -11.47 39.53 -41.41
N ASP F 288 -11.06 40.80 -41.48
CA ASP F 288 -9.83 41.24 -40.83
C ASP F 288 -10.05 42.34 -39.80
N VAL F 289 -11.05 43.19 -39.99
CA VAL F 289 -11.38 44.25 -39.04
C VAL F 289 -12.87 44.18 -38.76
N VAL F 290 -13.23 44.05 -37.49
CA VAL F 290 -14.62 43.86 -37.07
C VAL F 290 -15.00 45.03 -36.17
N LEU F 291 -16.02 45.79 -36.59
CA LEU F 291 -16.54 46.91 -35.81
C LEU F 291 -17.76 46.41 -35.03
N LEU F 292 -17.60 46.24 -33.73
CA LEU F 292 -18.70 45.85 -32.87
C LEU F 292 -19.47 47.08 -32.43
N VAL F 293 -20.78 47.09 -32.67
CA VAL F 293 -21.65 48.20 -32.32
C VAL F 293 -22.65 47.68 -31.29
N GLY F 294 -22.35 47.89 -30.02
CA GLY F 294 -23.23 47.40 -28.98
C GLY F 294 -23.36 45.90 -28.93
N ALA F 295 -22.28 45.18 -29.27
CA ALA F 295 -22.26 43.73 -29.24
C ALA F 295 -21.11 43.25 -28.38
N ARG F 296 -21.36 42.23 -27.57
CA ARG F 296 -20.37 41.69 -26.65
C ARG F 296 -19.74 40.43 -27.24
N LEU F 297 -18.43 40.30 -27.05
CA LEU F 297 -17.68 39.13 -27.51
C LEU F 297 -17.80 38.00 -26.49
N ASN F 298 -19.02 37.50 -26.32
CA ASN F 298 -19.28 36.47 -25.33
C ASN F 298 -19.57 35.13 -26.02
N TRP F 299 -20.29 34.25 -25.33
CA TRP F 299 -20.59 32.93 -25.88
C TRP F 299 -21.34 33.01 -27.20
N LEU F 300 -22.18 34.04 -27.37
CA LEU F 300 -22.90 34.21 -28.63
C LEU F 300 -21.99 34.66 -29.77
N LEU F 301 -20.76 35.07 -29.47
CA LEU F 301 -19.77 35.38 -30.49
C LEU F 301 -18.49 34.57 -30.29
N SER F 302 -18.60 33.42 -29.61
CA SER F 302 -17.49 32.50 -29.37
C SER F 302 -16.31 33.18 -28.67
N HIS F 303 -16.61 34.22 -27.90
CA HIS F 303 -15.61 34.92 -27.08
C HIS F 303 -14.47 35.49 -27.92
N GLY F 304 -14.72 35.73 -29.22
CA GLY F 304 -13.65 36.16 -30.10
C GLY F 304 -12.50 35.19 -30.22
N LYS F 305 -12.75 33.91 -29.95
CA LYS F 305 -11.71 32.89 -29.94
C LYS F 305 -12.14 31.70 -30.79
N GLY F 306 -11.15 30.97 -31.28
CA GLY F 306 -11.42 29.73 -31.99
C GLY F 306 -11.52 29.90 -33.49
N LYS F 307 -11.77 28.76 -34.16
CA LYS F 307 -11.84 28.73 -35.61
C LYS F 307 -12.97 29.60 -36.15
N THR F 308 -13.97 29.91 -35.32
CA THR F 308 -15.05 30.81 -35.74
C THR F 308 -14.49 32.14 -36.24
N TRP F 309 -13.44 32.64 -35.59
CA TRP F 309 -12.81 33.90 -35.97
C TRP F 309 -11.55 33.71 -36.79
N GLY F 310 -11.39 32.56 -37.42
CA GLY F 310 -10.25 32.30 -38.26
C GLY F 310 -9.00 31.96 -37.48
N GLU F 311 -7.86 32.42 -37.97
CA GLU F 311 -6.57 32.09 -37.36
C GLU F 311 -6.22 33.13 -36.29
N PRO F 312 -5.62 32.68 -35.19
CA PRO F 312 -5.24 33.62 -34.12
C PRO F 312 -4.36 34.73 -34.64
N GLY F 313 -4.74 35.97 -34.32
CA GLY F 313 -4.02 37.14 -34.77
C GLY F 313 -4.48 37.71 -36.10
N SER F 314 -5.50 37.13 -36.72
CA SER F 314 -6.03 37.63 -37.97
C SER F 314 -7.12 38.67 -37.77
N LYS F 315 -7.51 38.96 -36.54
CA LYS F 315 -8.61 39.86 -36.24
C LYS F 315 -8.12 41.11 -35.55
N ARG F 316 -8.77 42.24 -35.86
CA ARG F 316 -8.56 43.50 -35.16
C ARG F 316 -9.94 44.10 -34.91
N PHE F 317 -10.25 44.37 -33.64
CA PHE F 317 -11.60 44.73 -33.23
C PHE F 317 -11.70 46.22 -32.91
N ILE F 318 -12.71 46.86 -33.47
CA ILE F 318 -13.20 48.15 -33.00
C ILE F 318 -14.50 47.89 -32.27
N GLN F 319 -14.65 48.48 -31.08
CA GLN F 319 -15.81 48.23 -30.24
C GLN F 319 -16.41 49.55 -29.77
N ILE F 320 -17.69 49.73 -30.04
CA ILE F 320 -18.46 50.86 -29.54
C ILE F 320 -19.31 50.37 -28.38
N ASP F 321 -19.11 50.95 -27.20
CA ASP F 321 -19.86 50.51 -26.04
C ASP F 321 -19.87 51.62 -24.99
N ILE F 322 -20.96 51.69 -24.23
CA ILE F 322 -21.08 52.68 -23.17
C ILE F 322 -20.35 52.24 -21.91
N GLU F 323 -20.09 50.94 -21.75
CA GLU F 323 -19.39 50.43 -20.59
C GLU F 323 -17.91 50.33 -20.91
N PRO F 324 -17.05 51.19 -20.34
CA PRO F 324 -15.61 51.08 -20.63
C PRO F 324 -15.00 49.79 -20.14
N ARG F 325 -15.57 49.17 -19.10
CA ARG F 325 -15.03 47.92 -18.58
C ARG F 325 -15.29 46.74 -19.50
N GLU F 326 -16.12 46.90 -20.52
CA GLU F 326 -16.38 45.80 -21.46
C GLU F 326 -15.22 45.58 -22.42
N MET F 327 -14.39 46.60 -22.65
CA MET F 327 -13.22 46.45 -23.50
C MET F 327 -12.24 45.45 -22.90
N ASP F 328 -11.56 44.70 -23.78
CA ASP F 328 -10.56 43.71 -23.38
C ASP F 328 -11.14 42.66 -22.42
N SER F 329 -12.42 42.37 -22.56
CA SER F 329 -13.05 41.38 -21.67
C SER F 329 -12.75 39.95 -22.10
N ASN F 330 -12.51 39.72 -23.39
CA ASN F 330 -12.20 38.38 -23.88
C ASN F 330 -10.92 38.39 -24.71
N VAL F 331 -10.86 39.28 -25.70
CA VAL F 331 -9.69 39.45 -26.53
C VAL F 331 -9.35 40.93 -26.60
N GLU F 332 -8.13 41.23 -27.08
CA GLU F 332 -7.64 42.60 -27.12
C GLU F 332 -8.42 43.41 -28.15
N ILE F 333 -8.83 44.61 -27.76
CA ILE F 333 -9.52 45.55 -28.63
C ILE F 333 -8.52 46.65 -28.97
N VAL F 334 -8.07 46.69 -30.23
CA VAL F 334 -7.05 47.66 -30.61
C VAL F 334 -7.60 49.07 -30.68
N ALA F 335 -8.90 49.24 -30.89
CA ALA F 335 -9.53 50.56 -31.02
C ALA F 335 -10.81 50.59 -30.22
N PRO F 336 -10.73 50.90 -28.92
CA PRO F 336 -11.94 51.04 -28.11
C PRO F 336 -12.57 52.41 -28.29
N VAL F 337 -13.89 52.44 -28.47
CA VAL F 337 -14.67 53.66 -28.55
C VAL F 337 -15.72 53.61 -27.45
N VAL F 338 -15.64 54.52 -26.49
CA VAL F 338 -16.46 54.48 -25.28
C VAL F 338 -17.46 55.64 -25.35
N GLY F 339 -18.74 55.30 -25.34
CA GLY F 339 -19.78 56.31 -25.35
C GLY F 339 -21.10 55.68 -25.75
N ASP F 340 -22.14 56.50 -25.73
CA ASP F 340 -23.43 56.04 -26.21
C ASP F 340 -23.39 55.87 -27.72
N ILE F 341 -24.12 54.86 -28.21
CA ILE F 341 -24.02 54.46 -29.61
C ILE F 341 -24.44 55.59 -30.54
N GLY F 342 -25.41 56.40 -30.12
CA GLY F 342 -25.83 57.52 -30.96
C GLY F 342 -24.70 58.49 -31.24
N SER F 343 -23.91 58.81 -30.21
CA SER F 343 -22.83 59.77 -30.41
C SER F 343 -21.66 59.15 -31.17
N CYS F 344 -21.33 57.89 -30.89
CA CYS F 344 -20.18 57.27 -31.52
C CYS F 344 -20.43 56.98 -32.99
N VAL F 345 -21.62 56.46 -33.32
CA VAL F 345 -21.93 56.16 -34.71
C VAL F 345 -21.94 57.45 -35.54
N GLU F 346 -22.52 58.51 -34.98
CA GLU F 346 -22.49 59.80 -35.68
C GLU F 346 -21.07 60.32 -35.81
N ALA F 347 -20.24 60.10 -34.78
CA ALA F 347 -18.85 60.53 -34.85
C ALA F 347 -18.09 59.76 -35.92
N LEU F 348 -18.30 58.44 -35.99
CA LEU F 348 -17.73 57.66 -37.09
C LEU F 348 -18.29 58.13 -38.43
N LEU F 349 -19.60 58.31 -38.51
CA LEU F 349 -20.23 58.69 -39.77
C LEU F 349 -19.76 60.05 -40.25
N ASP F 350 -19.46 60.96 -39.33
CA ASP F 350 -19.00 62.29 -39.72
C ASP F 350 -17.64 62.21 -40.42
N GLY F 351 -16.73 61.40 -39.89
CA GLY F 351 -15.43 61.25 -40.52
C GLY F 351 -15.50 60.52 -41.84
N ILE F 352 -16.37 59.50 -41.93
CA ILE F 352 -16.54 58.76 -43.17
C ILE F 352 -17.02 59.68 -44.28
N ARG F 353 -17.88 60.65 -43.95
CA ARG F 353 -18.35 61.61 -44.94
C ARG F 353 -17.28 62.62 -45.35
N LYS F 354 -16.25 62.80 -44.52
CA LYS F 354 -15.15 63.69 -44.91
C LYS F 354 -14.15 62.98 -45.79
N ASP F 355 -13.75 61.76 -45.43
CA ASP F 355 -12.77 61.01 -46.21
C ASP F 355 -13.01 59.52 -46.01
N TRP F 356 -13.32 58.82 -47.09
CA TRP F 356 -13.53 57.37 -47.09
C TRP F 356 -13.54 56.85 -48.52
N LYS F 357 -12.58 56.00 -48.86
CA LYS F 357 -12.40 55.53 -50.23
C LYS F 357 -13.41 54.47 -50.65
N GLY F 358 -14.31 54.07 -49.77
CA GLY F 358 -15.30 53.07 -50.13
C GLY F 358 -14.88 51.68 -49.70
N ALA F 359 -15.88 50.82 -49.51
CA ALA F 359 -15.60 49.46 -49.05
C ALA F 359 -15.01 48.63 -50.18
N PRO F 360 -14.12 47.69 -49.86
CA PRO F 360 -13.56 46.81 -50.90
C PRO F 360 -14.65 45.95 -51.53
N SER F 361 -14.70 45.97 -52.87
CA SER F 361 -15.78 45.30 -53.58
C SER F 361 -15.61 43.79 -53.61
N ASN F 362 -14.37 43.29 -53.58
CA ASN F 362 -14.15 41.85 -53.58
C ASN F 362 -14.72 41.20 -52.32
N TRP F 363 -14.68 41.92 -51.19
CA TRP F 363 -15.26 41.39 -49.96
C TRP F 363 -16.77 41.29 -50.07
N LEU F 364 -17.43 42.29 -50.67
CA LEU F 364 -18.87 42.24 -50.86
C LEU F 364 -19.27 41.07 -51.76
N GLU F 365 -18.61 40.94 -52.91
CA GLU F 365 -18.99 39.90 -53.86
C GLU F 365 -18.72 38.50 -53.33
N THR F 366 -17.66 38.35 -52.52
CA THR F 366 -17.42 37.05 -51.89
C THR F 366 -18.56 36.68 -50.95
N LEU F 367 -18.95 37.62 -50.07
CA LEU F 367 -20.02 37.34 -49.13
C LEU F 367 -21.36 37.19 -49.84
N ARG F 368 -21.62 38.03 -50.85
CA ARG F 368 -22.89 37.94 -51.57
C ARG F 368 -23.05 36.60 -52.26
N GLY F 369 -21.96 36.00 -52.72
CA GLY F 369 -22.05 34.65 -53.26
C GLY F 369 -22.38 33.63 -52.19
N LYS F 370 -21.74 33.74 -51.02
CA LYS F 370 -22.02 32.82 -49.93
C LYS F 370 -23.46 32.97 -49.43
N ARG F 371 -23.94 34.21 -49.33
CA ARG F 371 -25.32 34.43 -48.91
C ARG F 371 -26.30 33.79 -49.89
N GLU F 372 -26.01 33.89 -51.20
CA GLU F 372 -26.89 33.29 -52.19
C GLU F 372 -26.82 31.76 -52.14
N ALA F 373 -25.62 31.21 -51.95
CA ALA F 373 -25.49 29.76 -51.87
C ALA F 373 -26.15 29.20 -50.61
N ASN F 374 -25.96 29.87 -49.48
CA ASN F 374 -26.51 29.38 -48.22
C ASN F 374 -28.04 29.36 -48.25
N ILE F 375 -28.65 30.45 -48.72
CA ILE F 375 -30.11 30.52 -48.78
C ILE F 375 -30.66 29.43 -49.71
N ALA F 376 -29.87 29.01 -50.70
CA ALA F 376 -30.32 27.97 -51.63
C ALA F 376 -30.51 26.63 -50.93
N LYS F 377 -29.63 26.31 -49.97
CA LYS F 377 -29.76 25.04 -49.26
C LYS F 377 -30.89 25.07 -48.24
N MET F 378 -31.10 26.22 -47.59
CA MET F 378 -32.24 26.40 -46.70
C MET F 378 -33.56 26.36 -47.46
N ALA F 379 -33.53 26.60 -48.77
CA ALA F 379 -34.77 26.83 -49.51
C ALA F 379 -35.67 25.60 -49.61
N PRO F 380 -35.19 24.40 -49.99
CA PRO F 380 -36.12 23.27 -50.15
C PRO F 380 -36.86 22.92 -48.87
N LYS F 381 -36.16 22.90 -47.73
CA LYS F 381 -36.80 22.50 -46.48
C LYS F 381 -37.92 23.44 -46.08
N LEU F 382 -37.82 24.73 -46.44
CA LEU F 382 -38.85 25.70 -46.08
C LEU F 382 -40.20 25.38 -46.68
N MET F 383 -40.24 24.64 -47.79
CA MET F 383 -41.49 24.32 -48.46
C MET F 383 -41.68 22.83 -48.66
N LYS F 384 -40.87 22.00 -48.00
CA LYS F 384 -41.08 20.55 -47.98
C LYS F 384 -42.20 20.26 -47.00
N ASN F 385 -43.38 19.94 -47.52
CA ASN F 385 -44.58 19.73 -46.70
C ASN F 385 -44.77 18.23 -46.49
N SER F 386 -44.21 17.72 -45.40
CA SER F 386 -44.40 16.34 -44.99
C SER F 386 -45.46 16.27 -43.89
N SER F 387 -45.85 15.05 -43.56
CA SER F 387 -46.84 14.80 -42.51
C SER F 387 -46.23 13.81 -41.52
N PRO F 388 -46.03 14.18 -40.25
CA PRO F 388 -46.37 15.49 -39.67
C PRO F 388 -45.47 16.64 -40.14
N MET F 389 -46.00 17.86 -40.01
CA MET F 389 -45.29 19.07 -40.39
C MET F 389 -44.00 19.22 -39.58
N CYS F 390 -42.95 19.68 -40.24
CA CYS F 390 -41.64 19.82 -39.62
C CYS F 390 -41.36 21.27 -39.29
N PHE F 391 -40.20 21.51 -38.64
CA PHE F 391 -39.85 22.83 -38.15
C PHE F 391 -39.73 23.84 -39.29
N HIS F 392 -39.00 23.47 -40.35
CA HIS F 392 -38.69 24.42 -41.42
C HIS F 392 -39.95 24.86 -42.15
N SER F 393 -40.82 23.92 -42.50
CA SER F 393 -41.99 24.26 -43.30
C SER F 393 -42.97 25.14 -42.52
N ALA F 394 -43.15 24.86 -41.22
CA ALA F 394 -44.05 25.68 -40.42
C ALA F 394 -43.52 27.10 -40.26
N LEU F 395 -42.22 27.23 -39.96
CA LEU F 395 -41.63 28.56 -39.82
C LEU F 395 -41.63 29.31 -41.14
N GLY F 396 -41.58 28.58 -42.26
CA GLY F 396 -41.70 29.25 -43.55
C GLY F 396 -43.01 29.99 -43.71
N ALA F 397 -44.09 29.47 -43.11
CA ALA F 397 -45.36 30.19 -43.12
C ALA F 397 -45.30 31.43 -42.24
N LEU F 398 -44.68 31.31 -41.06
CA LEU F 398 -44.57 32.47 -40.17
C LEU F 398 -43.58 33.49 -40.70
N ARG F 399 -42.60 33.06 -41.50
CA ARG F 399 -41.71 34.00 -42.17
C ARG F 399 -42.49 34.88 -43.12
N THR F 400 -43.48 34.32 -43.81
CA THR F 400 -44.34 35.11 -44.68
C THR F 400 -45.18 36.09 -43.88
N VAL F 401 -45.66 35.68 -42.69
CA VAL F 401 -46.51 36.53 -41.87
C VAL F 401 -45.77 37.81 -41.48
N ILE F 402 -44.53 37.66 -41.01
CA ILE F 402 -43.77 38.83 -40.54
C ILE F 402 -43.45 39.76 -41.70
N LYS F 403 -43.18 39.21 -42.88
CA LYS F 403 -42.95 40.06 -44.05
C LYS F 403 -44.18 40.89 -44.37
N GLU F 404 -45.36 40.31 -44.21
CA GLU F 404 -46.60 41.03 -44.48
C GLU F 404 -47.04 41.91 -43.31
N ARG F 405 -46.43 41.76 -42.14
CA ARG F 405 -46.73 42.58 -40.96
C ARG F 405 -45.42 43.03 -40.32
N PRO F 406 -44.69 43.93 -40.99
CA PRO F 406 -43.38 44.36 -40.46
C PRO F 406 -43.47 45.19 -39.20
N ASP F 407 -44.66 45.68 -38.83
CA ASP F 407 -44.83 46.45 -37.61
C ASP F 407 -45.20 45.60 -36.40
N ALA F 408 -45.47 44.32 -36.60
CA ALA F 408 -45.86 43.45 -35.50
C ALA F 408 -44.62 43.00 -34.71
N ILE F 409 -44.83 42.69 -33.44
CA ILE F 409 -43.78 42.24 -32.55
C ILE F 409 -43.66 40.72 -32.65
N LEU F 410 -42.43 40.21 -32.67
CA LEU F 410 -42.17 38.79 -32.65
C LEU F 410 -41.52 38.42 -31.33
N VAL F 411 -42.14 37.48 -30.61
CA VAL F 411 -41.55 36.88 -29.41
C VAL F 411 -41.20 35.44 -29.75
N ASN F 412 -40.02 35.00 -29.32
CA ASN F 412 -39.50 33.73 -29.77
C ASN F 412 -38.67 33.10 -28.66
N GLU F 413 -38.99 31.85 -28.30
CA GLU F 413 -38.20 31.12 -27.32
C GLU F 413 -38.35 29.62 -27.56
N GLY F 414 -37.39 28.87 -27.03
CA GLY F 414 -37.24 27.44 -27.22
C GLY F 414 -35.81 27.11 -27.59
N CYS F 415 -35.63 25.94 -28.19
CA CYS F 415 -34.33 25.54 -28.73
C CYS F 415 -34.41 25.39 -30.24
N ASN F 416 -35.01 24.32 -30.76
CA ASN F 416 -35.25 24.23 -32.20
C ASN F 416 -36.18 25.34 -32.67
N THR F 417 -37.24 25.60 -31.91
CA THR F 417 -38.16 26.68 -32.24
C THR F 417 -37.45 28.04 -32.23
N LEU F 418 -36.39 28.17 -31.43
CA LEU F 418 -35.66 29.44 -31.37
C LEU F 418 -34.64 29.56 -32.48
N ASP F 419 -33.74 28.57 -32.62
CA ASP F 419 -32.65 28.67 -33.58
C ASP F 419 -33.16 28.80 -35.00
N LEU F 420 -34.08 27.92 -35.41
CA LEU F 420 -34.53 27.90 -36.80
C LEU F 420 -35.37 29.13 -37.12
N ALA F 421 -36.19 29.60 -36.17
CA ALA F 421 -36.97 30.81 -36.41
C ALA F 421 -36.07 32.02 -36.57
N ARG F 422 -34.99 32.08 -35.78
CA ARG F 422 -34.06 33.19 -35.87
C ARG F 422 -33.46 33.30 -37.26
N GLY F 423 -33.11 32.17 -37.87
CA GLY F 423 -32.48 32.20 -39.17
C GLY F 423 -33.47 32.28 -40.33
N ILE F 424 -34.64 31.67 -40.17
CA ILE F 424 -35.61 31.62 -41.26
C ILE F 424 -36.40 32.91 -41.36
N ILE F 425 -36.90 33.40 -40.22
CA ILE F 425 -37.79 34.56 -40.21
C ILE F 425 -36.96 35.83 -40.26
N ASP F 426 -37.16 36.62 -41.33
CA ASP F 426 -36.47 37.89 -41.49
C ASP F 426 -37.28 39.01 -40.86
N MET F 427 -36.60 39.88 -40.12
CA MET F 427 -37.23 41.05 -39.53
C MET F 427 -36.98 42.28 -40.40
N TYR F 428 -37.92 43.21 -40.37
CA TYR F 428 -37.89 44.35 -41.26
C TYR F 428 -37.90 45.70 -40.55
N GLN F 429 -38.24 45.75 -39.28
CA GLN F 429 -38.22 46.99 -38.50
C GLN F 429 -37.48 46.77 -37.20
N PRO F 430 -36.89 47.81 -36.63
CA PRO F 430 -36.09 47.64 -35.41
C PRO F 430 -36.94 47.29 -34.20
N ARG F 431 -36.34 46.50 -33.30
CA ARG F 431 -36.93 46.19 -32.00
C ARG F 431 -38.28 45.50 -32.15
N LYS F 432 -38.34 44.50 -33.03
CA LYS F 432 -39.53 43.69 -33.22
C LYS F 432 -39.33 42.24 -32.82
N ARG F 433 -38.09 41.80 -32.61
CA ARG F 433 -37.79 40.44 -32.20
C ARG F 433 -37.31 40.44 -30.75
N LEU F 434 -38.01 39.70 -29.89
CA LEU F 434 -37.70 39.61 -28.46
C LEU F 434 -37.57 38.13 -28.10
N ASP F 435 -36.36 37.70 -27.78
CA ASP F 435 -36.11 36.28 -27.56
C ASP F 435 -35.41 36.06 -26.22
N VAL F 436 -34.87 34.84 -26.04
CA VAL F 436 -34.40 34.38 -24.74
C VAL F 436 -33.30 35.28 -24.18
N GLY F 437 -32.52 35.90 -25.04
CA GLY F 437 -31.53 36.87 -24.59
C GLY F 437 -30.21 36.24 -24.19
N THR F 438 -29.45 37.02 -23.39
CA THR F 438 -28.07 36.67 -23.09
C THR F 438 -27.98 35.39 -22.26
N TRP F 439 -28.89 35.21 -21.30
CA TRP F 439 -28.87 34.01 -20.47
C TRP F 439 -29.61 32.84 -21.10
N GLY F 440 -30.29 33.04 -22.22
CA GLY F 440 -31.07 31.97 -22.81
C GLY F 440 -32.22 31.51 -21.94
N VAL F 441 -32.91 32.44 -21.30
CA VAL F 441 -33.94 32.10 -20.31
C VAL F 441 -35.18 31.58 -21.03
N MET F 442 -35.68 30.43 -20.57
CA MET F 442 -37.00 29.97 -20.94
C MET F 442 -38.01 30.53 -19.95
N GLY F 443 -39.11 31.07 -20.45
CA GLY F 443 -40.10 31.72 -19.62
C GLY F 443 -40.30 33.20 -19.90
N ILE F 444 -39.50 33.80 -20.79
CA ILE F 444 -39.70 35.19 -21.14
C ILE F 444 -40.90 35.41 -22.05
N GLY F 445 -41.38 34.34 -22.70
CA GLY F 445 -42.39 34.43 -23.74
C GLY F 445 -43.67 35.19 -23.37
N MET F 446 -44.41 34.69 -22.38
CA MET F 446 -45.69 35.30 -22.05
C MET F 446 -45.52 36.66 -21.37
N GLY F 447 -44.47 36.82 -20.57
CA GLY F 447 -44.22 38.12 -19.98
C GLY F 447 -43.84 39.17 -21.01
N PHE F 448 -42.97 38.80 -21.95
CA PHE F 448 -42.61 39.72 -23.03
C PHE F 448 -43.82 40.06 -23.88
N ALA F 449 -44.66 39.07 -24.19
CA ALA F 449 -45.80 39.30 -25.07
C ALA F 449 -46.78 40.29 -24.44
N VAL F 450 -46.97 40.22 -23.13
CA VAL F 450 -47.87 41.15 -22.45
C VAL F 450 -47.30 42.56 -22.52
N ALA F 451 -46.01 42.71 -22.23
CA ALA F 451 -45.39 44.03 -22.27
C ALA F 451 -45.36 44.59 -23.69
N ALA F 452 -45.04 43.76 -24.68
CA ALA F 452 -44.97 44.22 -26.06
C ALA F 452 -46.33 44.76 -26.52
N ALA F 453 -47.41 44.07 -26.18
CA ALA F 453 -48.73 44.53 -26.58
C ALA F 453 -49.11 45.82 -25.86
N VAL F 454 -48.79 45.92 -24.56
CA VAL F 454 -49.20 47.08 -23.78
C VAL F 454 -48.34 48.29 -24.13
N GLU F 455 -47.05 48.09 -24.35
CA GLU F 455 -46.15 49.21 -24.57
C GLU F 455 -46.23 49.74 -26.00
N THR F 456 -46.34 48.85 -26.99
CA THR F 456 -46.30 49.26 -28.38
C THR F 456 -47.68 49.41 -29.02
N GLY F 457 -48.70 48.73 -28.49
CA GLY F 457 -49.99 48.74 -29.13
C GLY F 457 -50.06 48.00 -30.45
N LYS F 458 -49.01 47.26 -30.80
CA LYS F 458 -48.88 46.53 -32.04
C LYS F 458 -49.29 45.07 -31.86
N PRO F 459 -49.70 44.40 -32.94
CA PRO F 459 -49.93 42.95 -32.85
C PRO F 459 -48.67 42.22 -32.42
N VAL F 460 -48.86 41.16 -31.64
CA VAL F 460 -47.76 40.36 -31.11
C VAL F 460 -47.93 38.93 -31.58
N LEU F 461 -46.87 38.37 -32.19
CA LEU F 461 -46.84 36.98 -32.60
C LEU F 461 -45.75 36.28 -31.79
N ALA F 462 -46.17 35.34 -30.95
CA ALA F 462 -45.26 34.63 -30.04
C ALA F 462 -45.07 33.21 -30.55
N VAL F 463 -43.87 32.92 -31.06
CA VAL F 463 -43.52 31.60 -31.56
C VAL F 463 -42.82 30.87 -30.43
N GLU F 464 -43.49 29.85 -29.88
CA GLU F 464 -43.06 29.21 -28.64
C GLU F 464 -42.87 27.72 -28.84
N GLY F 465 -41.79 27.20 -28.25
CA GLY F 465 -41.71 25.78 -28.01
C GLY F 465 -42.58 25.38 -26.83
N ASP F 466 -43.07 24.15 -26.86
CA ASP F 466 -43.99 23.71 -25.81
C ASP F 466 -43.29 23.63 -24.46
N SER F 467 -42.00 23.27 -24.43
CA SER F 467 -41.27 23.28 -23.16
C SER F 467 -41.06 24.70 -22.66
N ALA F 468 -40.69 25.62 -23.55
CA ALA F 468 -40.52 27.01 -23.15
C ALA F 468 -41.83 27.63 -22.70
N PHE F 469 -42.95 27.24 -23.34
CA PHE F 469 -44.25 27.78 -22.95
C PHE F 469 -44.64 27.37 -21.54
N GLY F 470 -44.20 26.18 -21.10
CA GLY F 470 -44.53 25.72 -19.75
C GLY F 470 -43.96 26.57 -18.64
N PHE F 471 -42.88 27.32 -18.92
CA PHE F 471 -42.30 28.19 -17.91
C PHE F 471 -43.13 29.44 -17.65
N SER F 472 -44.11 29.73 -18.51
CA SER F 472 -44.93 30.93 -18.31
C SER F 472 -46.34 30.77 -18.87
N GLY F 473 -46.76 29.56 -19.24
CA GLY F 473 -48.03 29.35 -19.90
C GLY F 473 -49.24 29.82 -19.13
N MET F 474 -49.16 29.85 -17.80
CA MET F 474 -50.30 30.28 -16.99
C MET F 474 -50.66 31.74 -17.22
N GLU F 475 -49.79 32.51 -17.87
CA GLU F 475 -50.06 33.92 -18.13
C GLU F 475 -50.96 34.15 -19.34
N VAL F 476 -51.41 33.09 -20.02
CA VAL F 476 -52.36 33.29 -21.11
C VAL F 476 -53.67 33.84 -20.56
N GLU F 477 -54.01 33.51 -19.32
CA GLU F 477 -55.15 34.14 -18.67
C GLU F 477 -54.94 35.65 -18.54
N THR F 478 -53.69 36.07 -18.28
CA THR F 478 -53.39 37.49 -18.23
C THR F 478 -53.58 38.13 -19.60
N ILE F 479 -53.18 37.43 -20.66
CA ILE F 479 -53.37 37.94 -22.01
C ILE F 479 -54.86 38.08 -22.31
N CYS F 480 -55.66 37.09 -21.93
CA CYS F 480 -57.09 37.14 -22.19
C CYS F 480 -57.79 38.19 -21.33
N ARG F 481 -57.38 38.31 -20.07
CA ARG F 481 -58.04 39.21 -19.14
C ARG F 481 -57.92 40.66 -19.61
N TYR F 482 -56.78 41.03 -20.18
CA TYR F 482 -56.54 42.39 -20.64
C TYR F 482 -56.82 42.57 -22.13
N GLU F 483 -57.32 41.53 -22.80
CA GLU F 483 -57.78 41.62 -24.20
C GLU F 483 -56.66 42.14 -25.10
N LEU F 484 -55.48 41.54 -24.96
CA LEU F 484 -54.30 41.98 -25.71
C LEU F 484 -54.21 41.25 -27.05
N PRO F 485 -53.80 41.94 -28.10
CA PRO F 485 -53.70 41.32 -29.44
C PRO F 485 -52.44 40.46 -29.59
N VAL F 486 -52.45 39.31 -28.92
CA VAL F 486 -51.31 38.39 -28.93
C VAL F 486 -51.74 37.10 -29.61
N CYS F 487 -50.95 36.65 -30.58
CA CYS F 487 -51.17 35.39 -31.28
C CYS F 487 -50.05 34.44 -30.87
N ILE F 488 -50.40 33.40 -30.12
CA ILE F 488 -49.43 32.43 -29.62
C ILE F 488 -49.45 31.21 -30.53
N VAL F 489 -48.28 30.79 -30.98
CA VAL F 489 -48.12 29.60 -31.81
C VAL F 489 -47.19 28.65 -31.07
N ILE F 490 -47.74 27.52 -30.62
CA ILE F 490 -46.97 26.54 -29.87
C ILE F 490 -46.46 25.47 -30.83
N PHE F 491 -45.14 25.32 -30.91
CA PHE F 491 -44.52 24.27 -31.71
C PHE F 491 -44.52 22.99 -30.89
N ASN F 492 -45.61 22.24 -31.00
CA ASN F 492 -45.87 21.08 -30.14
C ASN F 492 -45.24 19.84 -30.77
N ASN F 493 -43.95 19.63 -30.47
CA ASN F 493 -43.27 18.39 -30.83
C ASN F 493 -43.24 17.40 -29.67
N ASN F 494 -44.05 17.64 -28.64
CA ASN F 494 -44.26 16.75 -27.51
C ASN F 494 -43.06 16.61 -26.58
N GLY F 495 -42.15 17.58 -26.54
CA GLY F 495 -41.05 17.47 -25.59
C GLY F 495 -39.97 18.51 -25.81
N ILE F 496 -38.93 18.36 -24.99
CA ILE F 496 -37.77 19.25 -25.01
C ILE F 496 -36.83 18.80 -26.12
N PHE F 497 -36.51 19.72 -27.04
CA PHE F 497 -35.70 19.43 -28.23
C PHE F 497 -36.45 18.46 -29.16
N ARG F 498 -36.77 17.27 -28.66
CA ARG F 498 -37.53 16.28 -29.39
C ARG F 498 -38.49 15.58 -28.44
N GLY F 499 -39.43 14.84 -29.02
CA GLY F 499 -40.41 14.12 -28.23
C GLY F 499 -40.34 12.61 -28.35
N THR F 500 -39.14 12.10 -28.64
CA THR F 500 -38.96 10.68 -28.92
C THR F 500 -38.26 9.90 -27.81
N ASP F 501 -37.75 10.58 -26.78
CA ASP F 501 -37.04 9.88 -25.71
C ASP F 501 -38.01 9.08 -24.85
N THR F 502 -37.52 7.95 -24.34
CA THR F 502 -38.34 7.05 -23.55
C THR F 502 -37.56 6.60 -22.31
N ASP F 503 -38.31 6.05 -21.36
CA ASP F 503 -37.73 5.48 -20.16
C ASP F 503 -37.20 4.08 -20.47
N PRO F 504 -35.90 3.82 -20.34
CA PRO F 504 -35.38 2.47 -20.60
C PRO F 504 -35.90 1.42 -19.64
N THR F 505 -36.53 1.80 -18.53
CA THR F 505 -37.14 0.85 -17.61
C THR F 505 -38.62 0.66 -17.86
N GLY F 506 -39.23 1.46 -18.74
CA GLY F 506 -40.62 1.26 -19.12
C GLY F 506 -41.63 1.59 -18.05
N ARG F 507 -41.27 2.38 -17.05
CA ARG F 507 -42.17 2.73 -15.96
C ARG F 507 -42.73 4.15 -16.07
N ASP F 508 -41.90 5.11 -16.48
CA ASP F 508 -42.30 6.50 -16.57
C ASP F 508 -42.26 6.97 -18.02
N PRO F 509 -42.78 8.15 -18.33
CA PRO F 509 -42.43 8.78 -19.61
C PRO F 509 -40.97 9.21 -19.61
N GLY F 510 -40.47 9.50 -20.81
CA GLY F 510 -39.11 9.98 -20.91
C GLY F 510 -38.90 11.25 -20.11
N THR F 511 -37.65 11.49 -19.71
CA THR F 511 -37.35 12.65 -18.89
C THR F 511 -37.57 13.97 -19.62
N THR F 512 -37.63 13.94 -20.94
CA THR F 512 -37.71 15.16 -21.74
C THR F 512 -39.02 15.30 -22.51
N VAL F 513 -39.97 14.39 -22.35
CA VAL F 513 -41.20 14.43 -23.12
C VAL F 513 -42.32 14.99 -22.26
N PHE F 514 -43.45 15.29 -22.91
CA PHE F 514 -44.65 15.79 -22.25
C PHE F 514 -45.82 14.88 -22.61
N VAL F 515 -47.02 15.26 -22.17
CA VAL F 515 -48.22 14.54 -22.58
C VAL F 515 -48.37 14.67 -24.09
N LYS F 516 -48.52 13.54 -24.77
CA LYS F 516 -48.59 13.54 -26.23
C LYS F 516 -49.86 14.24 -26.70
N ASN F 517 -49.69 15.14 -27.67
CA ASN F 517 -50.81 15.91 -28.24
C ASN F 517 -51.51 16.75 -27.17
N SER F 518 -50.72 17.42 -26.33
CA SER F 518 -51.30 18.37 -25.38
C SER F 518 -52.00 19.48 -26.14
N ARG F 519 -53.24 19.76 -25.75
CA ARG F 519 -54.11 20.69 -26.47
C ARG F 519 -54.03 22.06 -25.81
N TYR F 520 -52.91 22.76 -26.06
CA TYR F 520 -52.73 24.10 -25.52
C TYR F 520 -53.78 25.07 -26.06
N ASP F 521 -54.39 24.76 -27.20
CA ASP F 521 -55.48 25.59 -27.70
C ASP F 521 -56.70 25.50 -26.80
N LYS F 522 -57.07 24.28 -26.39
CA LYS F 522 -58.20 24.12 -25.48
C LYS F 522 -57.90 24.68 -24.10
N MET F 523 -56.63 24.83 -23.75
CA MET F 523 -56.29 25.56 -22.52
C MET F 523 -56.54 27.05 -22.68
N MET F 524 -56.21 27.60 -23.85
CA MET F 524 -56.46 29.01 -24.11
C MET F 524 -57.95 29.33 -24.05
N GLU F 525 -58.79 28.46 -24.62
CA GLU F 525 -60.22 28.69 -24.63
C GLU F 525 -60.84 28.60 -23.24
N ALA F 526 -60.12 28.05 -22.26
CA ALA F 526 -60.63 28.01 -20.89
C ALA F 526 -60.74 29.38 -20.27
N PHE F 527 -60.09 30.40 -20.85
CA PHE F 527 -60.09 31.74 -20.31
C PHE F 527 -60.76 32.74 -21.24
N GLY F 528 -61.50 32.28 -22.25
CA GLY F 528 -62.19 33.15 -23.15
C GLY F 528 -61.47 33.47 -24.45
N GLY F 529 -60.23 32.99 -24.62
CA GLY F 529 -59.50 33.22 -25.84
C GLY F 529 -59.84 32.20 -26.92
N VAL F 530 -59.33 32.47 -28.12
CA VAL F 530 -59.56 31.61 -29.28
C VAL F 530 -58.48 30.55 -29.32
N GLY F 531 -58.90 29.31 -29.57
CA GLY F 531 -57.97 28.20 -29.68
C GLY F 531 -58.09 27.45 -31.00
N VAL F 532 -56.97 27.22 -31.67
CA VAL F 532 -56.94 26.53 -32.96
C VAL F 532 -55.90 25.42 -32.90
N ASN F 533 -56.15 24.34 -33.64
CA ASN F 533 -55.20 23.24 -33.78
C ASN F 533 -54.95 23.02 -35.27
N VAL F 534 -53.70 23.21 -35.69
CA VAL F 534 -53.32 23.13 -37.10
C VAL F 534 -52.31 22.00 -37.27
N THR F 535 -52.25 21.47 -38.50
CA THR F 535 -51.33 20.38 -38.83
C THR F 535 -50.53 20.60 -40.11
N THR F 536 -50.82 21.63 -40.89
CA THR F 536 -50.10 21.92 -42.12
C THR F 536 -49.69 23.39 -42.13
N PRO F 537 -48.66 23.75 -42.91
CA PRO F 537 -48.24 25.15 -42.95
C PRO F 537 -49.34 26.10 -43.41
N ASP F 538 -50.16 25.71 -44.39
CA ASP F 538 -51.25 26.58 -44.84
C ASP F 538 -52.30 26.74 -43.74
N GLU F 539 -52.60 25.66 -43.02
CA GLU F 539 -53.51 25.77 -41.88
C GLU F 539 -52.94 26.74 -40.83
N LEU F 540 -51.63 26.67 -40.58
CA LEU F 540 -51.01 27.62 -39.67
C LEU F 540 -51.10 29.04 -40.20
N LYS F 541 -50.89 29.21 -41.50
CA LYS F 541 -50.97 30.54 -42.11
C LYS F 541 -52.37 31.12 -41.96
N ARG F 542 -53.39 30.39 -42.39
CA ARG F 542 -54.76 30.92 -42.36
C ARG F 542 -55.18 31.22 -40.92
N ALA F 543 -54.74 30.42 -39.97
CA ALA F 543 -55.10 30.67 -38.57
C ALA F 543 -54.39 31.91 -38.03
N VAL F 544 -53.11 32.08 -38.37
CA VAL F 544 -52.36 33.23 -37.87
C VAL F 544 -52.87 34.53 -38.47
N ASP F 545 -53.20 34.53 -39.76
CA ASP F 545 -53.79 35.72 -40.37
C ASP F 545 -55.10 36.09 -39.69
N GLU F 546 -55.97 35.09 -39.49
CA GLU F 546 -57.26 35.34 -38.85
C GLU F 546 -57.08 35.89 -37.44
N ALA F 547 -56.10 35.37 -36.69
CA ALA F 547 -55.89 35.83 -35.33
C ALA F 547 -55.36 37.26 -35.30
N MET F 548 -54.37 37.56 -36.13
CA MET F 548 -53.76 38.88 -36.11
C MET F 548 -54.59 39.94 -36.82
N ASN F 549 -55.51 39.54 -37.71
CA ASN F 549 -56.43 40.51 -38.29
C ASN F 549 -57.50 40.94 -37.31
N SER F 550 -57.95 40.02 -36.44
CA SER F 550 -58.99 40.34 -35.47
C SER F 550 -58.46 40.98 -34.19
N GLY F 551 -57.20 40.71 -33.85
CA GLY F 551 -56.64 41.25 -32.62
C GLY F 551 -57.11 40.59 -31.35
N LYS F 552 -57.84 39.48 -31.44
CA LYS F 552 -58.30 38.78 -30.26
C LYS F 552 -57.23 37.82 -29.74
N PRO F 553 -57.15 37.65 -28.42
CA PRO F 553 -56.19 36.69 -27.86
C PRO F 553 -56.42 35.29 -28.42
N THR F 554 -55.36 34.74 -29.01
CA THR F 554 -55.47 33.48 -29.74
C THR F 554 -54.24 32.63 -29.50
N LEU F 555 -54.43 31.32 -29.43
CA LEU F 555 -53.33 30.37 -29.30
C LEU F 555 -53.55 29.26 -30.33
N ILE F 556 -52.57 29.07 -31.21
CA ILE F 556 -52.60 28.01 -32.21
C ILE F 556 -51.67 26.91 -31.76
N ASN F 557 -52.21 25.71 -31.60
CA ASN F 557 -51.40 24.53 -31.28
C ASN F 557 -51.00 23.87 -32.58
N ALA F 558 -49.72 23.98 -32.94
CA ALA F 558 -49.19 23.43 -34.18
C ALA F 558 -48.52 22.10 -33.90
N GLU F 559 -48.98 21.05 -34.56
CA GLU F 559 -48.45 19.71 -34.34
C GLU F 559 -47.18 19.54 -35.17
N ILE F 560 -46.05 19.44 -34.48
CA ILE F 560 -44.73 19.37 -35.11
C ILE F 560 -44.20 17.95 -35.01
N ASP F 561 -43.51 17.51 -36.06
CA ASP F 561 -42.90 16.19 -36.11
C ASP F 561 -42.03 15.96 -34.87
N PRO F 562 -42.37 15.00 -34.02
CA PRO F 562 -41.58 14.77 -32.79
C PRO F 562 -40.16 14.32 -33.05
N ALA F 563 -39.81 13.97 -34.29
CA ALA F 563 -38.47 13.54 -34.64
C ALA F 563 -37.64 14.62 -35.32
N ALA F 564 -38.25 15.74 -35.68
CA ALA F 564 -37.54 16.80 -36.38
C ALA F 564 -36.66 17.60 -35.41
N GLY F 565 -35.63 18.22 -35.96
CA GLY F 565 -34.74 19.04 -35.17
C GLY F 565 -33.54 18.29 -34.64
N SER F 566 -32.88 18.91 -33.68
CA SER F 566 -31.69 18.38 -33.04
C SER F 566 -31.93 18.26 -31.53
N GLU F 567 -30.84 18.06 -30.78
CA GLU F 567 -30.92 17.98 -29.33
C GLU F 567 -29.59 18.42 -28.74
N GLY F 568 -29.62 18.75 -27.45
CA GLY F 568 -28.42 19.18 -26.75
C GLY F 568 -28.34 20.68 -26.56
N PRO G 21 -7.71 -0.57 -16.77
CA PRO G 21 -8.84 -1.28 -16.15
C PRO G 21 -10.18 -0.70 -16.58
N GLU G 22 -11.22 -0.87 -15.75
CA GLU G 22 -12.51 -0.30 -16.04
C GLU G 22 -12.54 1.18 -15.63
N LEU G 23 -13.20 1.99 -16.44
CA LEU G 23 -13.25 3.43 -16.24
C LEU G 23 -14.68 3.86 -15.95
N THR G 24 -14.82 4.81 -15.01
CA THR G 24 -16.09 5.45 -14.74
C THR G 24 -15.91 6.96 -14.86
N ASP G 25 -17.01 7.67 -15.04
CA ASP G 25 -16.97 9.11 -15.23
C ASP G 25 -17.74 9.81 -14.12
N GLY G 26 -17.68 11.15 -14.14
CA GLY G 26 -18.40 11.93 -13.14
C GLY G 26 -19.89 11.73 -13.19
N PHE G 27 -20.44 11.46 -14.38
CA PHE G 27 -21.86 11.15 -14.51
C PHE G 27 -22.26 10.01 -13.59
N HIS G 28 -21.58 8.86 -13.72
CA HIS G 28 -21.95 7.69 -12.95
C HIS G 28 -21.61 7.86 -11.47
N LEU G 29 -20.60 8.67 -11.15
CA LEU G 29 -20.23 8.84 -9.75
C LEU G 29 -21.29 9.62 -8.98
N VAL G 30 -21.87 10.65 -9.60
CA VAL G 30 -22.93 11.41 -8.93
C VAL G 30 -24.12 10.50 -8.65
N ILE G 31 -24.55 9.74 -9.66
CA ILE G 31 -25.69 8.85 -9.49
C ILE G 31 -25.37 7.76 -8.47
N ASP G 32 -24.15 7.22 -8.52
CA ASP G 32 -23.78 6.17 -7.58
C ASP G 32 -23.76 6.68 -6.14
N ALA G 33 -23.23 7.90 -5.93
CA ALA G 33 -23.21 8.46 -4.59
C ALA G 33 -24.62 8.69 -4.05
N LEU G 34 -25.54 9.10 -4.93
CA LEU G 34 -26.93 9.30 -4.52
C LEU G 34 -27.60 7.97 -4.20
N LYS G 35 -27.44 6.98 -5.07
CA LYS G 35 -28.01 5.66 -4.82
C LYS G 35 -27.46 5.06 -3.53
N LEU G 36 -26.15 5.18 -3.31
CA LEU G 36 -25.54 4.62 -2.12
C LEU G 36 -26.15 5.18 -0.84
N ASN G 37 -26.56 6.45 -0.87
CA ASN G 37 -27.12 7.11 0.30
C ASN G 37 -28.65 7.07 0.32
N GLY G 38 -29.25 6.15 -0.42
CA GLY G 38 -30.69 5.92 -0.32
C GLY G 38 -31.56 6.88 -1.11
N ILE G 39 -31.00 7.66 -2.03
CA ILE G 39 -31.83 8.51 -2.87
C ILE G 39 -32.53 7.64 -3.91
N GLU G 40 -33.85 7.84 -4.02
CA GLU G 40 -34.66 7.09 -4.98
C GLU G 40 -35.41 7.96 -5.97
N THR G 41 -35.40 9.28 -5.80
CA THR G 41 -36.22 10.17 -6.61
C THR G 41 -35.44 11.45 -6.89
N ILE G 42 -35.61 11.99 -8.10
CA ILE G 42 -34.97 13.23 -8.51
C ILE G 42 -36.01 14.07 -9.24
N TYR G 43 -36.37 15.22 -8.66
CA TYR G 43 -37.24 16.18 -9.31
C TYR G 43 -36.38 17.20 -10.06
N ASN G 44 -36.63 17.36 -11.36
CA ASN G 44 -35.72 18.13 -12.19
C ASN G 44 -36.46 18.81 -13.32
N VAL G 45 -35.71 19.63 -14.06
CA VAL G 45 -36.10 20.15 -15.37
C VAL G 45 -34.88 19.99 -16.28
N PRO G 46 -34.98 19.21 -17.35
CA PRO G 46 -33.79 18.91 -18.16
C PRO G 46 -33.24 20.14 -18.87
N GLY G 47 -32.03 19.98 -19.39
CA GLY G 47 -31.36 21.03 -20.11
C GLY G 47 -29.86 20.91 -19.97
N ILE G 48 -29.16 21.80 -20.67
CA ILE G 48 -27.70 21.85 -20.60
C ILE G 48 -27.28 22.33 -19.21
N PRO G 49 -26.32 21.67 -18.54
CA PRO G 49 -25.57 20.49 -18.99
C PRO G 49 -25.99 19.20 -18.31
N ILE G 50 -27.18 19.17 -17.71
CA ILE G 50 -27.59 18.09 -16.82
C ILE G 50 -28.59 17.15 -17.46
N THR G 51 -28.82 17.25 -18.77
CA THR G 51 -29.82 16.40 -19.42
C THR G 51 -29.42 14.93 -19.38
N ASP G 52 -28.18 14.62 -19.76
CA ASP G 52 -27.72 13.23 -19.73
C ASP G 52 -27.61 12.70 -18.30
N LEU G 53 -27.42 13.58 -17.32
CA LEU G 53 -27.44 13.14 -15.92
C LEU G 53 -28.81 12.62 -15.53
N GLY G 54 -29.87 13.26 -16.02
CA GLY G 54 -31.21 12.79 -15.72
C GLY G 54 -31.53 11.47 -16.38
N ARG G 55 -31.13 11.30 -17.64
CA ARG G 55 -31.34 10.04 -18.34
C ARG G 55 -30.61 8.89 -17.66
N LEU G 56 -29.37 9.14 -17.22
CA LEU G 56 -28.63 8.10 -16.50
C LEU G 56 -29.31 7.73 -15.20
N ALA G 57 -29.80 8.73 -14.46
CA ALA G 57 -30.52 8.45 -13.22
C ALA G 57 -31.74 7.59 -13.49
N GLN G 58 -32.49 7.90 -14.55
CA GLN G 58 -33.66 7.09 -14.90
C GLN G 58 -33.24 5.70 -15.33
N ALA G 59 -32.16 5.60 -16.12
CA ALA G 59 -31.66 4.29 -16.54
C ALA G 59 -31.10 3.48 -15.37
N GLU G 60 -30.69 4.13 -14.30
CA GLU G 60 -30.13 3.46 -13.13
C GLU G 60 -31.19 3.06 -12.11
N GLY G 61 -32.47 3.29 -12.39
CA GLY G 61 -33.54 2.89 -11.51
C GLY G 61 -34.13 4.00 -10.66
N LEU G 62 -33.55 5.19 -10.70
CA LEU G 62 -34.11 6.33 -9.97
C LEU G 62 -35.31 6.88 -10.71
N ARG G 63 -36.34 7.27 -9.96
CA ARG G 63 -37.51 7.89 -10.56
C ARG G 63 -37.23 9.37 -10.78
N VAL G 64 -37.27 9.79 -12.04
CA VAL G 64 -37.04 11.18 -12.42
C VAL G 64 -38.37 11.81 -12.77
N ILE G 65 -38.67 12.93 -12.12
CA ILE G 65 -39.90 13.68 -12.37
C ILE G 65 -39.51 15.02 -12.99
N SER G 66 -39.91 15.24 -14.23
CA SER G 66 -39.59 16.46 -14.97
C SER G 66 -40.76 17.43 -14.89
N PHE G 67 -40.48 18.65 -14.46
CA PHE G 67 -41.48 19.68 -14.29
C PHE G 67 -41.43 20.68 -15.45
N ARG G 68 -42.40 21.59 -15.46
CA ARG G 68 -42.45 22.67 -16.43
C ARG G 68 -41.73 23.93 -15.96
N HIS G 69 -41.25 23.92 -14.71
CA HIS G 69 -40.60 25.09 -14.13
C HIS G 69 -39.78 24.60 -12.94
N GLU G 70 -38.53 25.08 -12.83
CA GLU G 70 -37.65 24.57 -11.79
C GLU G 70 -38.14 24.90 -10.39
N GLN G 71 -38.83 26.02 -10.23
CA GLN G 71 -39.31 26.40 -8.90
C GLN G 71 -40.29 25.37 -8.35
N ASN G 72 -41.07 24.74 -9.24
CA ASN G 72 -42.00 23.71 -8.80
C ASN G 72 -41.30 22.39 -8.51
N ALA G 73 -40.21 22.09 -9.23
CA ALA G 73 -39.40 20.92 -8.88
C ALA G 73 -38.67 21.13 -7.56
N GLY G 74 -38.30 22.36 -7.26
CA GLY G 74 -37.68 22.65 -5.97
C GLY G 74 -38.65 22.52 -4.82
N ASN G 75 -39.87 23.03 -4.99
CA ASN G 75 -40.90 22.86 -3.97
C ASN G 75 -41.17 21.37 -3.71
N ALA G 76 -41.21 20.57 -4.78
CA ALA G 76 -41.41 19.14 -4.61
C ALA G 76 -40.30 18.52 -3.77
N ALA G 77 -39.04 18.86 -4.08
CA ALA G 77 -37.93 18.35 -3.29
C ALA G 77 -37.98 18.84 -1.85
N ALA G 78 -38.46 20.08 -1.65
CA ALA G 78 -38.49 20.64 -0.30
C ALA G 78 -39.45 19.88 0.60
N ILE G 79 -40.69 19.68 0.14
CA ILE G 79 -41.67 18.98 0.97
C ILE G 79 -41.40 17.49 1.02
N ALA G 80 -40.68 16.94 0.03
CA ALA G 80 -40.28 15.54 0.12
C ALA G 80 -39.34 15.33 1.29
N GLY G 81 -38.47 16.30 1.57
CA GLY G 81 -37.65 16.23 2.76
C GLY G 81 -38.47 16.29 4.04
N PHE G 82 -39.50 17.13 4.05
CA PHE G 82 -40.38 17.20 5.21
C PHE G 82 -41.11 15.88 5.44
N LEU G 83 -41.58 15.25 4.36
CA LEU G 83 -42.36 14.03 4.48
C LEU G 83 -41.52 12.84 4.93
N THR G 84 -40.22 12.85 4.63
CA THR G 84 -39.41 11.65 4.76
C THR G 84 -38.17 11.80 5.62
N LYS G 85 -37.84 13.00 6.10
CA LYS G 85 -36.61 13.29 6.82
C LYS G 85 -35.35 12.97 6.02
N LYS G 86 -35.49 12.67 4.72
CA LYS G 86 -34.40 12.51 3.77
C LYS G 86 -34.41 13.67 2.78
N PRO G 87 -33.25 14.21 2.43
CA PRO G 87 -33.22 15.43 1.61
C PRO G 87 -33.78 15.19 0.21
N GLY G 88 -34.71 16.05 -0.19
CA GLY G 88 -35.23 15.98 -1.56
C GLY G 88 -34.23 16.54 -2.55
N ILE G 89 -34.13 15.88 -3.70
CA ILE G 89 -33.11 16.19 -4.70
C ILE G 89 -33.78 16.96 -5.84
N CYS G 90 -33.38 18.20 -6.03
CA CYS G 90 -33.80 19.02 -7.16
C CYS G 90 -32.61 19.21 -8.08
N LEU G 91 -32.77 18.82 -9.34
CA LEU G 91 -31.70 18.95 -10.32
C LEU G 91 -32.04 20.07 -11.28
N THR G 92 -31.17 21.07 -11.36
CA THR G 92 -31.40 22.15 -12.29
C THR G 92 -30.17 22.40 -13.15
N VAL G 93 -30.27 23.54 -13.82
CA VAL G 93 -29.55 23.89 -15.04
C VAL G 93 -28.86 25.18 -14.66
N SER G 94 -27.94 25.68 -15.47
CA SER G 94 -27.17 26.84 -15.03
C SER G 94 -28.08 28.06 -14.84
N ALA G 95 -27.46 29.20 -14.48
CA ALA G 95 -28.02 30.44 -13.92
C ALA G 95 -29.54 30.61 -14.07
N PRO G 96 -30.10 30.77 -15.30
CA PRO G 96 -31.55 31.03 -15.38
C PRO G 96 -32.42 30.03 -14.62
N GLY G 97 -32.09 28.74 -14.71
CA GLY G 97 -32.82 27.73 -13.99
C GLY G 97 -32.37 27.56 -12.55
N PHE G 98 -31.06 27.68 -12.33
CA PHE G 98 -30.52 27.68 -10.97
C PHE G 98 -31.24 28.70 -10.09
N LEU G 99 -31.52 29.89 -10.64
CA LEU G 99 -32.22 30.92 -9.89
C LEU G 99 -33.64 30.49 -9.56
N ASN G 100 -34.29 29.74 -10.46
CA ASN G 100 -35.64 29.26 -10.17
C ASN G 100 -35.64 28.28 -9.01
N GLY G 101 -34.68 27.35 -9.01
CA GLY G 101 -34.59 26.40 -7.90
C GLY G 101 -34.11 27.04 -6.62
N LEU G 102 -33.25 28.05 -6.71
CA LEU G 102 -32.74 28.70 -5.50
C LEU G 102 -33.87 29.35 -4.70
N THR G 103 -34.85 29.92 -5.40
CA THR G 103 -36.00 30.49 -4.70
C THR G 103 -36.73 29.42 -3.89
N ALA G 104 -36.86 28.21 -4.45
CA ALA G 104 -37.44 27.11 -3.69
C ALA G 104 -36.51 26.65 -2.59
N LEU G 105 -35.19 26.68 -2.84
CA LEU G 105 -34.24 26.26 -1.82
C LEU G 105 -34.21 27.24 -0.65
N ALA G 106 -34.40 28.53 -0.92
CA ALA G 106 -34.52 29.50 0.17
C ALA G 106 -35.77 29.24 0.99
N ASN G 107 -36.86 28.86 0.34
CA ASN G 107 -38.09 28.53 1.05
C ASN G 107 -37.90 27.29 1.92
N ALA G 108 -37.16 26.30 1.41
CA ALA G 108 -36.92 25.09 2.18
C ALA G 108 -36.13 25.38 3.45
N THR G 109 -35.16 26.29 3.37
CA THR G 109 -34.41 26.68 4.56
C THR G 109 -35.29 27.46 5.53
N THR G 110 -36.20 28.29 5.02
CA THR G 110 -37.10 29.05 5.87
C THR G 110 -38.04 28.13 6.64
N ASN G 111 -38.43 26.99 6.06
CA ASN G 111 -39.33 26.06 6.70
C ASN G 111 -38.60 24.85 7.29
N CYS G 112 -37.27 24.88 7.33
CA CYS G 112 -36.46 23.83 7.97
C CYS G 112 -36.61 22.48 7.26
N PHE G 113 -36.93 22.49 5.97
CA PHE G 113 -37.09 21.23 5.24
C PHE G 113 -35.76 20.81 4.64
N PRO G 114 -35.34 19.55 4.81
CA PRO G 114 -34.08 19.11 4.21
C PRO G 114 -34.22 18.98 2.70
N MET G 115 -33.22 19.50 1.98
CA MET G 115 -33.30 19.57 0.53
C MET G 115 -31.92 19.87 -0.04
N ILE G 116 -31.59 19.22 -1.15
CA ILE G 116 -30.34 19.46 -1.87
C ILE G 116 -30.68 19.89 -3.29
N LEU G 117 -30.22 21.08 -3.66
CA LEU G 117 -30.39 21.61 -5.01
C LEU G 117 -29.12 21.31 -5.79
N ILE G 118 -29.17 20.31 -6.66
CA ILE G 118 -28.05 19.95 -7.52
C ILE G 118 -28.19 20.71 -8.82
N SER G 119 -27.20 21.53 -9.15
CA SER G 119 -27.24 22.34 -10.36
C SER G 119 -25.92 22.24 -11.10
N GLY G 120 -26.00 22.18 -12.43
CA GLY G 120 -24.81 22.29 -13.24
C GLY G 120 -24.43 23.74 -13.44
N SER G 121 -23.13 23.96 -13.68
CA SER G 121 -22.62 25.29 -13.95
C SER G 121 -21.64 25.23 -15.10
N SER G 122 -21.33 26.40 -15.66
CA SER G 122 -20.52 26.49 -16.85
C SER G 122 -19.04 26.52 -16.49
N GLU G 123 -18.20 26.92 -17.44
CA GLU G 123 -16.75 26.88 -17.28
C GLU G 123 -16.29 27.83 -16.19
N ARG G 124 -15.52 27.30 -15.23
CA ARG G 124 -15.11 28.11 -14.08
C ARG G 124 -14.17 29.25 -14.48
N GLU G 125 -13.29 29.01 -15.46
CA GLU G 125 -12.30 30.03 -15.80
C GLU G 125 -12.94 31.20 -16.54
N ILE G 126 -14.05 30.97 -17.24
CA ILE G 126 -14.73 32.07 -17.91
C ILE G 126 -15.58 32.86 -16.93
N VAL G 127 -16.25 32.17 -16.01
CA VAL G 127 -17.09 32.85 -15.03
C VAL G 127 -16.24 33.68 -14.08
N ASP G 128 -15.08 33.15 -13.67
CA ASP G 128 -14.23 33.86 -12.71
C ASP G 128 -13.69 35.16 -13.29
N LEU G 129 -13.57 35.24 -14.60
CA LEU G 129 -13.21 36.49 -15.27
C LEU G 129 -14.43 37.25 -15.78
N GLN G 130 -15.63 36.69 -15.63
CA GLN G 130 -16.88 37.35 -16.01
C GLN G 130 -16.86 37.78 -17.47
N GLN G 131 -16.56 36.81 -18.35
CA GLN G 131 -16.40 37.07 -19.77
C GLN G 131 -17.66 36.78 -20.57
N GLY G 132 -18.74 36.36 -19.94
CA GLY G 132 -20.01 36.16 -20.62
C GLY G 132 -20.23 34.74 -21.12
N ASP G 133 -20.02 33.75 -20.26
CA ASP G 133 -20.26 32.37 -20.63
C ASP G 133 -21.76 32.07 -20.66
N TYR G 134 -22.10 30.92 -21.23
CA TYR G 134 -23.47 30.43 -21.20
C TYR G 134 -23.86 30.10 -19.77
N GLY G 135 -24.95 30.71 -19.29
CA GLY G 135 -25.38 30.53 -17.92
C GLY G 135 -24.33 30.97 -16.92
N GLU G 136 -23.82 32.20 -17.07
CA GLU G 136 -22.71 32.67 -16.25
C GLU G 136 -23.23 33.19 -14.91
N MET G 137 -22.67 32.65 -13.84
CA MET G 137 -22.99 33.01 -12.47
C MET G 137 -22.06 32.20 -11.58
N ASP G 138 -21.49 32.84 -10.57
CA ASP G 138 -20.85 32.07 -9.50
C ASP G 138 -21.99 31.57 -8.62
N GLN G 139 -22.59 30.47 -9.06
CA GLN G 139 -23.75 29.91 -8.37
C GLN G 139 -23.40 29.50 -6.96
N LEU G 140 -22.15 29.14 -6.70
CA LEU G 140 -21.71 28.92 -5.32
C LEU G 140 -21.78 30.22 -4.52
N ALA G 141 -21.22 31.30 -5.05
CA ALA G 141 -21.21 32.57 -4.34
C ALA G 141 -22.61 33.17 -4.23
N ILE G 142 -23.47 32.93 -5.22
CA ILE G 142 -24.80 33.52 -5.21
C ILE G 142 -25.73 32.78 -4.26
N ALA G 143 -25.57 31.46 -4.13
CA ALA G 143 -26.49 30.67 -3.31
C ALA G 143 -26.20 30.79 -1.81
N LYS G 144 -24.98 31.16 -1.43
CA LYS G 144 -24.61 31.13 -0.01
C LYS G 144 -25.47 32.01 0.89
N PRO G 145 -25.87 33.23 0.51
CA PRO G 145 -26.70 34.05 1.42
C PRO G 145 -28.16 33.64 1.47
N LEU G 146 -28.58 32.64 0.69
CA LEU G 146 -29.99 32.29 0.59
C LEU G 146 -30.31 30.87 1.04
N CYS G 147 -29.34 30.12 1.54
CA CYS G 147 -29.58 28.76 1.99
C CYS G 147 -28.62 28.43 3.14
N LYS G 148 -28.73 27.19 3.63
CA LYS G 148 -28.00 26.80 4.83
C LYS G 148 -26.52 26.52 4.54
N ALA G 149 -26.23 25.88 3.41
CA ALA G 149 -24.86 25.53 3.07
C ALA G 149 -24.75 25.32 1.57
N ALA G 150 -23.57 25.62 1.03
CA ALA G 150 -23.32 25.50 -0.40
C ALA G 150 -21.92 24.94 -0.63
N PHE G 151 -21.80 24.03 -1.58
CA PHE G 151 -20.52 23.43 -1.94
C PHE G 151 -20.42 23.32 -3.45
N ARG G 152 -19.19 23.22 -3.94
CA ARG G 152 -18.92 23.00 -5.35
C ARG G 152 -17.82 21.96 -5.48
N VAL G 153 -18.02 21.02 -6.41
CA VAL G 153 -17.09 19.92 -6.63
C VAL G 153 -16.40 20.13 -7.97
N LEU G 154 -15.06 20.15 -7.95
CA LEU G 154 -14.28 20.36 -9.16
C LEU G 154 -13.66 19.09 -9.70
N HIS G 155 -13.29 18.14 -8.83
CA HIS G 155 -12.66 16.90 -9.24
C HIS G 155 -13.60 15.73 -9.01
N ALA G 156 -13.53 14.73 -9.89
CA ALA G 156 -14.46 13.60 -9.81
C ALA G 156 -14.21 12.75 -8.58
N ALA G 157 -12.97 12.71 -8.09
CA ALA G 157 -12.67 11.91 -6.89
C ALA G 157 -13.29 12.48 -5.63
N ASP G 158 -13.73 13.74 -5.67
CA ASP G 158 -14.35 14.37 -4.52
C ASP G 158 -15.88 14.36 -4.60
N ILE G 159 -16.44 13.69 -5.60
CA ILE G 159 -17.91 13.63 -5.73
C ILE G 159 -18.51 12.92 -4.52
N GLY G 160 -17.89 11.84 -4.07
CA GLY G 160 -18.42 11.12 -2.93
C GLY G 160 -18.46 11.95 -1.67
N ILE G 161 -17.39 12.70 -1.39
CA ILE G 161 -17.36 13.57 -0.22
C ILE G 161 -18.35 14.72 -0.39
N GLY G 162 -18.42 15.28 -1.60
CA GLY G 162 -19.32 16.41 -1.84
C GLY G 162 -20.77 16.06 -1.59
N VAL G 163 -21.21 14.91 -2.10
CA VAL G 163 -22.57 14.45 -1.82
C VAL G 163 -22.74 14.15 -0.34
N ALA G 164 -21.68 13.71 0.33
CA ALA G 164 -21.77 13.44 1.76
C ALA G 164 -21.90 14.73 2.56
N ARG G 165 -21.18 15.79 2.15
CA ARG G 165 -21.26 17.06 2.87
C ARG G 165 -22.64 17.69 2.71
N ALA G 166 -23.24 17.56 1.52
CA ALA G 166 -24.56 18.14 1.29
C ALA G 166 -25.63 17.42 2.11
N ILE G 167 -25.60 16.08 2.10
CA ILE G 167 -26.61 15.31 2.84
C ILE G 167 -26.52 15.62 4.32
N ARG G 168 -25.30 15.67 4.88
CA ARG G 168 -25.14 15.95 6.30
C ARG G 168 -25.61 17.35 6.65
N ALA G 169 -25.22 18.34 5.84
CA ALA G 169 -25.65 19.71 6.11
C ALA G 169 -27.16 19.87 5.98
N ALA G 170 -27.79 19.01 5.18
CA ALA G 170 -29.22 19.17 4.91
C ALA G 170 -30.08 18.61 6.03
N VAL G 171 -29.65 17.54 6.69
CA VAL G 171 -30.50 16.85 7.65
C VAL G 171 -30.02 16.98 9.09
N SER G 172 -28.73 17.23 9.33
CA SER G 172 -28.26 17.42 10.69
C SER G 172 -28.61 18.82 11.19
N GLY G 173 -28.49 19.02 12.50
CA GLY G 173 -28.84 20.29 13.11
C GLY G 173 -30.27 20.66 12.79
N ARG G 174 -30.50 21.96 12.56
CA ARG G 174 -31.75 22.41 11.99
C ARG G 174 -31.71 22.14 10.48
N PRO G 175 -32.55 21.25 9.97
CA PRO G 175 -32.48 20.91 8.55
C PRO G 175 -32.74 22.12 7.66
N GLY G 176 -32.13 22.10 6.47
CA GLY G 176 -32.29 23.19 5.54
C GLY G 176 -31.97 22.78 4.13
N GLY G 177 -32.01 23.76 3.23
CA GLY G 177 -31.69 23.52 1.83
C GLY G 177 -30.20 23.72 1.57
N VAL G 178 -29.61 22.76 0.87
CA VAL G 178 -28.19 22.79 0.53
C VAL G 178 -28.03 22.85 -0.98
N TYR G 179 -27.13 23.71 -1.43
CA TYR G 179 -26.80 23.81 -2.85
C TYR G 179 -25.53 23.03 -3.15
N LEU G 180 -25.59 22.19 -4.18
CA LEU G 180 -24.45 21.39 -4.61
C LEU G 180 -24.15 21.74 -6.07
N ASP G 181 -23.01 22.40 -6.29
CA ASP G 181 -22.64 22.90 -7.61
C ASP G 181 -21.76 21.88 -8.31
N LEU G 182 -22.17 21.46 -9.51
CA LEU G 182 -21.42 20.50 -10.31
C LEU G 182 -21.15 21.10 -11.68
N PRO G 183 -19.98 21.71 -11.90
CA PRO G 183 -19.67 22.29 -13.20
C PRO G 183 -19.68 21.24 -14.31
N ALA G 184 -19.94 21.72 -15.53
CA ALA G 184 -20.12 20.80 -16.66
C ALA G 184 -18.91 19.92 -16.89
N LYS G 185 -17.71 20.49 -16.73
CA LYS G 185 -16.49 19.73 -16.98
C LYS G 185 -16.31 18.57 -16.02
N LEU G 186 -17.00 18.60 -14.87
CA LEU G 186 -16.89 17.52 -13.90
C LEU G 186 -17.51 16.24 -14.44
N PHE G 187 -18.63 16.34 -15.15
CA PHE G 187 -19.38 15.17 -15.56
C PHE G 187 -18.57 14.26 -16.48
N SER G 188 -17.76 14.84 -17.36
CA SER G 188 -17.03 14.08 -18.36
C SER G 188 -15.63 13.67 -17.91
N GLN G 189 -15.22 14.03 -16.69
CA GLN G 189 -13.96 13.54 -16.17
C GLN G 189 -14.01 12.03 -15.98
N VAL G 190 -12.92 11.36 -16.29
CA VAL G 190 -12.84 9.89 -16.25
C VAL G 190 -11.72 9.49 -15.30
N ILE G 191 -12.04 8.58 -14.37
CA ILE G 191 -11.06 8.01 -13.45
C ILE G 191 -11.30 6.51 -13.36
N ASP G 192 -10.41 5.84 -12.63
CA ASP G 192 -10.52 4.39 -12.45
C ASP G 192 -11.80 4.05 -11.70
N ALA G 193 -12.45 2.97 -12.13
CA ALA G 193 -13.75 2.60 -11.56
C ALA G 193 -13.60 2.08 -10.13
N ASP G 194 -12.52 1.34 -9.86
CA ASP G 194 -12.27 0.90 -8.48
C ASP G 194 -11.91 2.07 -7.58
N LEU G 195 -11.16 3.03 -8.11
CA LEU G 195 -10.84 4.23 -7.35
C LEU G 195 -12.10 5.04 -7.05
N GLY G 196 -12.97 5.19 -8.04
CA GLY G 196 -14.19 5.96 -7.84
C GLY G 196 -15.15 5.30 -6.87
N ALA G 197 -15.21 3.96 -6.89
CA ALA G 197 -16.10 3.25 -5.97
C ALA G 197 -15.65 3.41 -4.53
N ARG G 198 -14.34 3.34 -4.28
CA ARG G 198 -13.84 3.51 -2.92
C ARG G 198 -13.90 4.96 -2.46
N SER G 199 -14.07 5.91 -3.38
CA SER G 199 -14.18 7.31 -3.01
C SER G 199 -15.58 7.70 -2.57
N LEU G 200 -16.58 6.87 -2.83
CA LEU G 200 -17.94 7.17 -2.39
C LEU G 200 -18.05 7.01 -0.88
N VAL G 201 -19.01 7.73 -0.30
CA VAL G 201 -19.21 7.75 1.14
C VAL G 201 -20.69 7.50 1.42
N LYS G 202 -20.96 6.46 2.21
CA LYS G 202 -22.30 6.21 2.74
C LYS G 202 -22.37 6.86 4.12
N VAL G 203 -23.18 7.91 4.24
CA VAL G 203 -23.18 8.73 5.44
C VAL G 203 -23.63 7.90 6.65
N ILE G 204 -22.80 7.87 7.68
CA ILE G 204 -23.12 7.18 8.92
C ILE G 204 -23.75 8.18 9.89
N ASP G 205 -25.00 7.92 10.28
N ASP G 205 -24.98 7.90 10.30
CA ASP G 205 -25.72 8.77 11.23
CA ASP G 205 -25.74 8.76 11.21
C ASP G 205 -25.81 10.22 10.71
C ASP G 205 -25.79 10.20 10.69
N ALA G 206 -26.54 10.36 9.60
CA ALA G 206 -26.64 11.66 8.94
C ALA G 206 -27.34 12.68 9.82
N ALA G 207 -28.43 12.29 10.49
CA ALA G 207 -29.14 13.14 11.43
C ALA G 207 -28.99 12.54 12.82
N PRO G 208 -27.91 12.85 13.54
CA PRO G 208 -27.65 12.17 14.80
C PRO G 208 -28.58 12.64 15.90
N ALA G 209 -28.92 11.73 16.80
CA ALA G 209 -29.70 12.08 17.97
C ALA G 209 -28.88 12.99 18.88
N GLN G 210 -29.52 14.04 19.40
CA GLN G 210 -28.90 14.99 20.30
C GLN G 210 -29.72 15.03 21.58
N LEU G 211 -29.13 14.53 22.68
CA LEU G 211 -29.84 14.38 23.93
C LEU G 211 -29.57 15.56 24.84
N PRO G 212 -30.58 16.03 25.57
CA PRO G 212 -30.38 17.18 26.46
C PRO G 212 -29.74 16.76 27.77
N ALA G 213 -29.18 17.76 28.45
CA ALA G 213 -28.64 17.50 29.78
C ALA G 213 -29.77 17.39 30.80
N PRO G 214 -29.68 16.44 31.73
CA PRO G 214 -30.77 16.29 32.71
C PRO G 214 -31.06 17.55 33.51
N ALA G 215 -30.07 18.43 33.69
CA ALA G 215 -30.33 19.69 34.38
C ALA G 215 -31.30 20.56 33.59
N ALA G 216 -31.29 20.47 32.26
CA ALA G 216 -32.24 21.24 31.46
C ALA G 216 -33.64 20.66 31.60
N ILE G 217 -33.76 19.33 31.62
CA ILE G 217 -35.06 18.69 31.73
C ILE G 217 -35.70 18.99 33.09
N ALA G 218 -34.89 18.96 34.15
CA ALA G 218 -35.41 19.21 35.49
C ALA G 218 -35.94 20.64 35.62
N ARG G 219 -35.21 21.62 35.06
CA ARG G 219 -35.70 22.99 35.06
C ARG G 219 -37.01 23.09 34.29
N ALA G 220 -37.10 22.40 33.14
CA ALA G 220 -38.35 22.38 32.39
C ALA G 220 -39.48 21.79 33.21
N LEU G 221 -39.21 20.67 33.89
CA LEU G 221 -40.26 20.02 34.69
C LEU G 221 -40.68 20.89 35.87
N ASP G 222 -39.73 21.62 36.47
CA ASP G 222 -40.08 22.46 37.61
CA ASP G 222 -40.08 22.46 37.61
C ASP G 222 -40.95 23.65 37.21
N VAL G 223 -40.75 24.17 35.99
CA VAL G 223 -41.62 25.24 35.52
C VAL G 223 -42.98 24.70 35.14
N LEU G 224 -43.02 23.46 34.62
CA LEU G 224 -44.29 22.87 34.21
C LEU G 224 -45.17 22.52 35.41
N LYS G 225 -44.56 21.96 36.47
CA LYS G 225 -45.33 21.63 37.67
C LYS G 225 -45.86 22.86 38.38
N SER G 226 -45.27 24.03 38.13
CA SER G 226 -45.70 25.27 38.78
C SER G 226 -46.84 25.96 38.06
N ALA G 227 -47.31 25.42 36.94
CA ALA G 227 -48.29 26.10 36.11
C ALA G 227 -49.70 25.91 36.68
N GLU G 228 -50.45 27.01 36.75
CA GLU G 228 -51.88 26.91 37.02
C GLU G 228 -52.66 26.63 35.75
N ARG G 229 -52.18 27.13 34.61
CA ARG G 229 -52.84 26.97 33.32
C ARG G 229 -51.79 26.67 32.25
N PRO G 230 -51.25 25.45 32.26
CA PRO G 230 -50.21 25.10 31.30
C PRO G 230 -50.76 24.86 29.91
N LEU G 231 -49.93 25.12 28.91
CA LEU G 231 -50.32 24.95 27.52
C LEU G 231 -49.15 24.36 26.73
N ILE G 232 -49.47 23.47 25.81
CA ILE G 232 -48.50 22.90 24.88
C ILE G 232 -48.82 23.40 23.49
N ILE G 233 -47.80 23.83 22.75
CA ILE G 233 -47.93 24.24 21.36
C ILE G 233 -47.04 23.32 20.54
N LEU G 234 -47.65 22.50 19.69
CA LEU G 234 -46.93 21.58 18.81
C LEU G 234 -46.75 22.24 17.46
N GLY G 235 -45.48 22.42 17.05
CA GLY G 235 -45.18 22.98 15.76
C GLY G 235 -44.86 21.89 14.74
N LYS G 236 -44.66 22.34 13.49
CA LYS G 236 -44.39 21.38 12.43
C LYS G 236 -43.01 20.74 12.57
N GLY G 237 -42.13 21.34 13.38
CA GLY G 237 -40.90 20.65 13.73
C GLY G 237 -41.15 19.40 14.53
N ALA G 238 -42.20 19.40 15.36
CA ALA G 238 -42.56 18.20 16.10
C ALA G 238 -43.06 17.11 15.15
N ALA G 239 -43.84 17.49 14.13
CA ALA G 239 -44.30 16.52 13.15
C ALA G 239 -43.15 15.96 12.33
N TYR G 240 -42.17 16.82 12.00
CA TYR G 240 -41.05 16.39 11.17
C TYR G 240 -40.21 15.34 11.88
N ALA G 241 -40.04 15.47 13.21
CA ALA G 241 -39.14 14.60 13.94
C ALA G 241 -39.56 13.13 13.89
N GLN G 242 -40.83 12.86 13.60
CA GLN G 242 -41.39 11.50 13.58
C GLN G 242 -41.19 10.79 14.92
N ALA G 243 -41.57 11.49 15.99
CA ALA G 243 -41.66 10.89 17.31
C ALA G 243 -43.12 10.95 17.78
N ASP G 244 -44.02 10.47 16.90
CA ASP G 244 -45.46 10.65 17.14
C ASP G 244 -45.90 9.99 18.44
N GLU G 245 -45.47 8.75 18.66
CA GLU G 245 -45.87 8.03 19.88
C GLU G 245 -45.40 8.78 21.12
N ALA G 246 -44.17 9.30 21.10
CA ALA G 246 -43.64 10.00 22.26
C ALA G 246 -44.35 11.33 22.47
N VAL G 247 -44.56 12.10 21.40
CA VAL G 247 -45.26 13.38 21.50
C VAL G 247 -46.69 13.17 21.97
N ARG G 248 -47.35 12.13 21.45
CA ARG G 248 -48.71 11.84 21.86
C ARG G 248 -48.78 11.43 23.33
N ALA G 249 -47.83 10.61 23.77
CA ALA G 249 -47.79 10.18 25.17
C ALA G 249 -47.52 11.35 26.11
N LEU G 250 -46.72 12.33 25.66
CA LEU G 250 -46.46 13.50 26.49
C LEU G 250 -47.75 14.26 26.79
N VAL G 251 -48.54 14.56 25.76
CA VAL G 251 -49.78 15.31 25.96
C VAL G 251 -50.78 14.49 26.77
N GLU G 252 -50.92 13.19 26.45
CA GLU G 252 -51.98 12.39 27.06
C GLU G 252 -51.66 12.01 28.48
N GLU G 253 -50.41 11.62 28.76
CA GLU G 253 -50.06 11.24 30.13
C GLU G 253 -49.86 12.44 31.05
N SER G 254 -49.74 13.64 30.49
CA SER G 254 -49.71 14.85 31.31
C SER G 254 -51.06 15.54 31.41
N GLY G 255 -51.95 15.32 30.45
CA GLY G 255 -53.24 15.97 30.46
C GLY G 255 -53.22 17.44 30.14
N ILE G 256 -52.08 17.98 29.71
CA ILE G 256 -52.00 19.40 29.35
C ILE G 256 -52.72 19.61 28.02
N PRO G 257 -53.57 20.63 27.90
CA PRO G 257 -54.17 20.93 26.59
C PRO G 257 -53.11 21.41 25.61
N TYR G 258 -53.32 21.08 24.34
CA TYR G 258 -52.36 21.43 23.30
C TYR G 258 -53.04 22.24 22.21
N VAL G 259 -52.24 23.09 21.56
CA VAL G 259 -52.64 23.82 20.37
C VAL G 259 -51.70 23.41 19.24
N PRO G 260 -52.20 22.87 18.13
CA PRO G 260 -51.32 22.53 17.01
C PRO G 260 -51.15 23.69 16.04
N MET G 261 -49.92 23.88 15.58
CA MET G 261 -49.69 24.77 14.46
C MET G 261 -50.25 24.14 13.18
N SER G 262 -50.14 24.87 12.07
CA SER G 262 -50.83 24.47 10.84
C SER G 262 -50.41 23.07 10.40
N MET G 263 -49.11 22.88 10.13
CA MET G 263 -48.65 21.59 9.62
C MET G 263 -48.41 20.57 10.73
N ALA G 264 -48.59 20.93 11.99
CA ALA G 264 -48.60 19.96 13.07
C ALA G 264 -49.99 19.38 13.33
N LYS G 265 -51.00 19.85 12.60
CA LYS G 265 -52.34 19.27 12.71
C LYS G 265 -52.31 17.81 12.30
N GLY G 266 -53.13 16.99 12.98
CA GLY G 266 -53.20 15.58 12.70
C GLY G 266 -52.18 14.73 13.42
N LEU G 267 -51.04 15.31 13.82
CA LEU G 267 -50.07 14.57 14.63
C LEU G 267 -50.76 13.94 15.83
N LEU G 268 -51.60 14.70 16.51
CA LEU G 268 -52.71 14.20 17.27
C LEU G 268 -53.99 14.58 16.55
N PRO G 269 -55.00 13.73 16.53
CA PRO G 269 -56.24 14.06 15.81
C PRO G 269 -56.82 15.37 16.30
N ASP G 270 -57.18 16.25 15.36
CA ASP G 270 -57.68 17.57 15.73
C ASP G 270 -58.94 17.50 16.58
N THR G 271 -59.61 16.36 16.61
CA THR G 271 -60.77 16.13 17.47
C THR G 271 -60.38 15.59 18.84
N HIS G 272 -59.09 15.52 19.15
CA HIS G 272 -58.65 14.97 20.43
C HIS G 272 -59.27 15.76 21.58
N PRO G 273 -59.66 15.09 22.67
CA PRO G 273 -60.32 15.82 23.77
C PRO G 273 -59.48 16.93 24.36
N LEU G 274 -58.16 16.77 24.37
CA LEU G 274 -57.27 17.76 24.97
C LEU G 274 -56.90 18.89 24.01
N SER G 275 -57.27 18.80 22.74
CA SER G 275 -56.94 19.86 21.80
C SER G 275 -57.70 21.13 22.14
N ALA G 276 -57.00 22.27 22.05
CA ALA G 276 -57.59 23.58 22.27
C ALA G 276 -57.54 24.43 21.00
N GLY G 277 -57.49 23.78 19.84
CA GLY G 277 -57.45 24.51 18.59
C GLY G 277 -58.65 25.40 18.39
N ALA G 278 -59.84 24.91 18.73
CA ALA G 278 -61.05 25.71 18.64
C ALA G 278 -61.12 26.79 19.71
N ALA G 279 -60.22 26.75 20.71
CA ALA G 279 -60.15 27.78 21.74
C ALA G 279 -58.73 28.35 21.79
N ARG G 280 -58.18 28.66 20.62
CA ARG G 280 -56.77 29.07 20.55
C ARG G 280 -56.55 30.42 21.23
N SER G 281 -57.51 31.34 21.12
CA SER G 281 -57.33 32.67 21.70
C SER G 281 -57.26 32.60 23.22
N THR G 282 -58.20 31.89 23.84
CA THR G 282 -58.20 31.79 25.30
C THR G 282 -57.00 31.00 25.80
N ALA G 283 -56.62 29.93 25.07
CA ALA G 283 -55.47 29.14 25.47
C ALA G 283 -54.19 29.96 25.44
N LEU G 284 -54.03 30.80 24.40
CA LEU G 284 -52.84 31.62 24.30
C LEU G 284 -52.88 32.83 25.24
N LYS G 285 -54.08 33.36 25.50
CA LYS G 285 -54.18 34.58 26.30
C LYS G 285 -54.08 34.29 27.80
N ASP G 286 -54.78 33.26 28.27
CA ASP G 286 -54.95 33.04 29.70
C ASP G 286 -53.98 32.05 30.30
N SER G 287 -53.15 31.39 29.49
CA SER G 287 -52.18 30.47 30.05
C SER G 287 -51.06 31.23 30.77
N ASP G 288 -50.29 30.52 31.57
CA ASP G 288 -49.15 31.11 32.26
C ASP G 288 -47.83 30.41 31.98
N VAL G 289 -47.85 29.13 31.61
CA VAL G 289 -46.66 28.40 31.21
C VAL G 289 -46.96 27.71 29.89
N VAL G 290 -46.10 27.93 28.89
CA VAL G 290 -46.30 27.44 27.54
C VAL G 290 -45.09 26.60 27.14
N LEU G 291 -45.36 25.38 26.66
CA LEU G 291 -44.32 24.46 26.23
C LEU G 291 -44.32 24.41 24.70
N LEU G 292 -43.34 25.08 24.10
CA LEU G 292 -43.18 25.05 22.64
C LEU G 292 -42.42 23.78 22.26
N VAL G 293 -43.02 22.96 21.40
CA VAL G 293 -42.38 21.75 20.89
C VAL G 293 -42.23 21.92 19.39
N GLY G 294 -41.04 22.31 18.95
CA GLY G 294 -40.80 22.51 17.53
C GLY G 294 -41.58 23.65 16.92
N ALA G 295 -41.75 24.74 17.66
CA ALA G 295 -42.54 25.87 17.20
C ALA G 295 -41.78 27.16 17.48
N ARG G 296 -41.48 27.92 16.44
CA ARG G 296 -40.82 29.21 16.60
C ARG G 296 -41.86 30.27 16.95
N LEU G 297 -41.49 31.16 17.88
CA LEU G 297 -42.34 32.30 18.23
C LEU G 297 -42.17 33.38 17.17
N ASN G 298 -42.58 33.03 15.95
CA ASN G 298 -42.43 33.92 14.80
C ASN G 298 -43.71 34.72 14.60
N TRP G 299 -43.93 35.23 13.39
CA TRP G 299 -45.12 36.04 13.11
C TRP G 299 -46.39 35.23 13.32
N LEU G 300 -46.31 33.90 13.17
CA LEU G 300 -47.48 33.05 13.35
C LEU G 300 -47.90 32.94 14.80
N LEU G 301 -47.03 33.28 15.75
CA LEU G 301 -47.38 33.30 17.16
C LEU G 301 -47.22 34.70 17.76
N SER G 302 -47.21 35.73 16.91
CA SER G 302 -47.13 37.13 17.35
C SER G 302 -45.86 37.42 18.13
N HIS G 303 -44.81 36.65 17.87
CA HIS G 303 -43.50 36.85 18.48
C HIS G 303 -43.56 36.81 20.00
N GLY G 304 -44.55 36.10 20.55
CA GLY G 304 -44.73 36.06 21.99
C GLY G 304 -45.04 37.38 22.64
N LYS G 305 -45.46 38.38 21.86
CA LYS G 305 -45.75 39.71 22.38
C LYS G 305 -47.22 40.06 22.13
N GLY G 306 -47.66 41.12 22.80
CA GLY G 306 -48.97 41.68 22.55
C GLY G 306 -50.07 41.05 23.37
N LYS G 307 -51.30 41.33 22.93
CA LYS G 307 -52.50 40.87 23.61
C LYS G 307 -52.80 39.41 23.36
N THR G 308 -52.29 38.85 22.24
CA THR G 308 -52.45 37.43 21.96
C THR G 308 -51.99 36.58 23.14
N TRP G 309 -50.99 37.04 23.88
CA TRP G 309 -50.45 36.34 25.03
C TRP G 309 -50.86 37.00 26.35
N GLY G 310 -51.88 37.86 26.32
CA GLY G 310 -52.36 38.49 27.53
C GLY G 310 -51.48 39.64 27.99
N GLU G 311 -51.30 39.76 29.30
CA GLU G 311 -50.52 40.88 29.82
C GLU G 311 -49.03 40.52 29.84
N PRO G 312 -48.16 41.49 29.60
CA PRO G 312 -46.71 41.23 29.70
C PRO G 312 -46.35 40.83 31.12
N GLY G 313 -45.61 39.72 31.23
CA GLY G 313 -45.23 39.16 32.51
C GLY G 313 -46.10 38.00 32.96
N SER G 314 -47.09 37.62 32.16
CA SER G 314 -47.96 36.50 32.49
C SER G 314 -47.46 35.17 31.94
N LYS G 315 -46.39 35.18 31.14
CA LYS G 315 -45.97 34.00 30.40
C LYS G 315 -44.57 33.56 30.80
N ARG G 316 -44.40 32.25 30.97
CA ARG G 316 -43.11 31.59 31.06
C ARG G 316 -43.05 30.51 30.01
N PHE G 317 -41.92 30.40 29.31
CA PHE G 317 -41.82 29.55 28.13
C PHE G 317 -40.79 28.46 28.33
N ILE G 318 -41.23 27.21 28.17
CA ILE G 318 -40.35 26.07 27.96
C ILE G 318 -40.34 25.78 26.47
N GLN G 319 -39.15 25.60 25.90
CA GLN G 319 -39.03 25.42 24.45
C GLN G 319 -38.12 24.25 24.14
N ILE G 320 -38.57 23.41 23.20
CA ILE G 320 -37.82 22.25 22.73
C ILE G 320 -37.48 22.47 21.26
N ASP G 321 -36.18 22.49 20.95
CA ASP G 321 -35.75 22.76 19.58
C ASP G 321 -34.32 22.28 19.40
N ILE G 322 -34.03 21.80 18.20
CA ILE G 322 -32.69 21.32 17.88
C ILE G 322 -31.69 22.46 17.75
N GLU G 323 -32.16 23.67 17.46
CA GLU G 323 -31.29 24.80 17.22
C GLU G 323 -31.18 25.64 18.48
N PRO G 324 -30.02 25.69 19.13
CA PRO G 324 -29.90 26.50 20.36
C PRO G 324 -30.11 27.98 20.14
N ARG G 325 -29.74 28.51 18.96
CA ARG G 325 -29.86 29.94 18.72
C ARG G 325 -31.30 30.42 18.60
N GLU G 326 -32.27 29.50 18.49
CA GLU G 326 -33.66 29.89 18.47
C GLU G 326 -34.15 30.36 19.85
N MET G 327 -33.49 29.92 20.92
CA MET G 327 -33.85 30.35 22.25
C MET G 327 -33.58 31.84 22.42
N ASP G 328 -34.49 32.53 23.11
CA ASP G 328 -34.40 33.97 23.32
C ASP G 328 -34.35 34.75 22.00
N SER G 329 -34.99 34.22 20.97
CA SER G 329 -34.99 34.90 19.67
C SER G 329 -35.98 36.06 19.62
N ASN G 330 -37.08 35.96 20.37
CA ASN G 330 -38.10 37.00 20.38
C ASN G 330 -38.38 37.48 21.80
N VAL G 331 -38.67 36.54 22.69
CA VAL G 331 -38.90 36.84 24.11
C VAL G 331 -38.08 35.87 24.95
N GLU G 332 -38.04 36.16 26.25
CA GLU G 332 -37.21 35.39 27.18
C GLU G 332 -37.75 33.97 27.32
N ILE G 333 -36.90 32.98 27.06
CA ILE G 333 -37.21 31.58 27.28
C ILE G 333 -36.59 31.18 28.61
N VAL G 334 -37.43 30.95 29.62
CA VAL G 334 -36.92 30.70 30.97
C VAL G 334 -36.42 29.27 31.14
N ALA G 335 -36.83 28.34 30.28
CA ALA G 335 -36.41 26.94 30.38
C ALA G 335 -36.13 26.39 29.00
N PRO G 336 -34.95 26.66 28.45
CA PRO G 336 -34.61 26.12 27.13
C PRO G 336 -34.16 24.67 27.20
N VAL G 337 -34.63 23.88 26.24
CA VAL G 337 -34.27 22.47 26.11
C VAL G 337 -33.81 22.25 24.68
N VAL G 338 -32.53 21.94 24.50
CA VAL G 338 -31.91 21.84 23.18
C VAL G 338 -31.66 20.37 22.87
N GLY G 339 -32.02 19.95 21.67
CA GLY G 339 -31.84 18.59 21.23
C GLY G 339 -32.93 18.22 20.23
N ASP G 340 -32.82 17.01 19.70
CA ASP G 340 -33.86 16.53 18.80
C ASP G 340 -35.12 16.22 19.59
N ILE G 341 -36.28 16.47 18.96
CA ILE G 341 -37.55 16.45 19.66
C ILE G 341 -37.82 15.06 20.25
N GLY G 342 -37.40 14.00 19.56
CA GLY G 342 -37.58 12.66 20.09
C GLY G 342 -36.90 12.47 21.43
N SER G 343 -35.63 12.88 21.53
CA SER G 343 -34.90 12.73 22.78
C SER G 343 -35.47 13.64 23.87
N CYS G 344 -35.86 14.86 23.51
CA CYS G 344 -36.32 15.81 24.51
C CYS G 344 -37.72 15.48 25.02
N VAL G 345 -38.61 15.00 24.14
CA VAL G 345 -39.94 14.63 24.58
C VAL G 345 -39.91 13.36 25.41
N GLU G 346 -39.04 12.41 25.05
CA GLU G 346 -38.94 11.17 25.81
C GLU G 346 -38.38 11.42 27.20
N ALA G 347 -37.31 12.20 27.30
CA ALA G 347 -36.77 12.55 28.61
C ALA G 347 -37.78 13.37 29.42
N LEU G 348 -38.49 14.28 28.77
CA LEU G 348 -39.50 15.07 29.46
C LEU G 348 -40.69 14.19 29.88
N LEU G 349 -41.13 13.29 29.00
CA LEU G 349 -42.20 12.37 29.34
C LEU G 349 -41.78 11.43 30.46
N ASP G 350 -40.52 11.00 30.46
CA ASP G 350 -40.04 10.11 31.51
C ASP G 350 -40.10 10.78 32.87
N GLY G 351 -39.77 12.08 32.93
CA GLY G 351 -39.90 12.81 34.18
C GLY G 351 -41.33 12.98 34.63
N ILE G 352 -42.27 12.99 33.68
CA ILE G 352 -43.68 13.12 34.03
C ILE G 352 -44.23 11.80 34.58
N ARG G 353 -43.79 10.67 34.02
CA ARG G 353 -44.21 9.38 34.54
C ARG G 353 -43.72 9.13 35.96
N LYS G 354 -42.68 9.86 36.40
CA LYS G 354 -42.13 9.69 37.74
C LYS G 354 -42.67 10.70 38.74
N ASP G 355 -43.05 11.90 38.30
CA ASP G 355 -43.50 12.94 39.22
C ASP G 355 -44.31 13.97 38.44
N TRP G 356 -45.62 13.99 38.67
CA TRP G 356 -46.53 14.93 38.01
C TRP G 356 -47.92 14.84 38.62
N LYS G 357 -48.40 15.93 39.22
CA LYS G 357 -49.69 15.92 39.89
C LYS G 357 -50.86 15.75 38.93
N GLY G 358 -50.67 16.03 37.66
CA GLY G 358 -51.79 16.08 36.74
C GLY G 358 -52.21 17.51 36.46
N ALA G 359 -52.70 17.75 35.25
CA ALA G 359 -53.08 19.09 34.85
C ALA G 359 -54.27 19.58 35.67
N PRO G 360 -54.32 20.86 36.02
CA PRO G 360 -55.44 21.36 36.81
C PRO G 360 -56.76 21.25 36.05
N SER G 361 -57.81 20.85 36.78
CA SER G 361 -59.09 20.55 36.13
C SER G 361 -59.79 21.81 35.67
N ASN G 362 -59.73 22.90 36.46
CA ASN G 362 -60.45 24.12 36.10
C ASN G 362 -59.95 24.68 34.78
N TRP G 363 -58.65 24.58 34.52
CA TRP G 363 -58.10 25.05 33.26
C TRP G 363 -58.66 24.26 32.08
N LEU G 364 -58.74 22.94 32.22
CA LEU G 364 -59.23 22.10 31.13
C LEU G 364 -60.71 22.38 30.85
N GLU G 365 -61.51 22.57 31.89
CA GLU G 365 -62.95 22.78 31.68
C GLU G 365 -63.22 24.15 31.07
N THR G 366 -62.42 25.15 31.40
CA THR G 366 -62.55 26.45 30.75
C THR G 366 -62.32 26.34 29.25
N LEU G 367 -61.27 25.61 28.86
CA LEU G 367 -60.95 25.47 27.44
C LEU G 367 -61.95 24.54 26.75
N ARG G 368 -62.41 23.51 27.45
CA ARG G 368 -63.42 22.63 26.87
C ARG G 368 -64.72 23.40 26.60
N GLY G 369 -65.08 24.33 27.49
CA GLY G 369 -66.28 25.11 27.28
C GLY G 369 -66.15 26.09 26.12
N LYS G 370 -65.00 26.79 26.06
CA LYS G 370 -64.76 27.70 24.95
C LYS G 370 -64.71 26.95 23.62
N ARG G 371 -64.13 25.75 23.62
CA ARG G 371 -64.06 24.94 22.42
C ARG G 371 -65.46 24.55 21.94
N GLU G 372 -66.31 24.08 22.86
CA GLU G 372 -67.67 23.74 22.48
C GLU G 372 -68.44 24.96 21.98
N ALA G 373 -68.13 26.15 22.53
CA ALA G 373 -68.82 27.35 22.10
C ALA G 373 -68.42 27.74 20.68
N ASN G 374 -67.12 27.70 20.38
CA ASN G 374 -66.65 28.07 19.05
C ASN G 374 -67.15 27.10 17.99
N ILE G 375 -67.07 25.80 18.26
CA ILE G 375 -67.50 24.80 17.28
C ILE G 375 -68.98 24.94 16.99
N ALA G 376 -69.78 25.21 18.01
CA ALA G 376 -71.24 25.21 17.84
C ALA G 376 -71.71 26.40 17.00
N LYS G 377 -71.04 27.54 17.08
CA LYS G 377 -71.53 28.77 16.48
C LYS G 377 -70.97 29.04 15.09
N MET G 378 -70.11 28.16 14.57
CA MET G 378 -69.81 28.14 13.14
C MET G 378 -70.40 26.92 12.45
N ALA G 379 -71.03 26.03 13.22
CA ALA G 379 -71.71 24.88 12.62
C ALA G 379 -72.84 25.26 11.67
N PRO G 380 -73.65 26.30 11.92
CA PRO G 380 -74.60 26.72 10.88
C PRO G 380 -73.93 27.16 9.59
N LYS G 381 -72.73 27.73 9.67
CA LYS G 381 -72.03 28.16 8.47
C LYS G 381 -71.63 26.99 7.59
N LEU G 382 -71.45 25.81 8.18
CA LEU G 382 -71.02 24.65 7.41
C LEU G 382 -72.17 23.93 6.71
N MET G 383 -73.40 24.11 7.19
CA MET G 383 -74.56 23.38 6.68
C MET G 383 -75.41 24.22 5.73
N LYS G 384 -75.03 25.45 5.45
CA LYS G 384 -75.82 26.35 4.61
C LYS G 384 -75.70 25.93 3.15
N ASN G 385 -76.84 25.84 2.46
CA ASN G 385 -76.89 25.36 1.09
C ASN G 385 -77.35 26.46 0.14
N SER G 386 -76.86 27.68 0.33
CA SER G 386 -77.23 28.80 -0.50
C SER G 386 -76.31 28.92 -1.70
N SER G 387 -76.85 29.46 -2.79
CA SER G 387 -76.07 29.80 -3.97
C SER G 387 -75.97 31.31 -4.10
N PRO G 388 -74.78 31.87 -4.39
CA PRO G 388 -73.51 31.18 -4.67
C PRO G 388 -72.88 30.48 -3.45
N MET G 389 -72.20 29.37 -3.72
CA MET G 389 -71.58 28.58 -2.67
C MET G 389 -70.51 29.40 -1.94
N CYS G 390 -70.61 29.46 -0.62
CA CYS G 390 -69.66 30.22 0.18
C CYS G 390 -68.50 29.35 0.62
N PHE G 391 -67.50 29.99 1.24
CA PHE G 391 -66.31 29.27 1.67
C PHE G 391 -66.65 28.21 2.71
N HIS G 392 -67.47 28.57 3.71
CA HIS G 392 -67.75 27.65 4.80
C HIS G 392 -68.50 26.42 4.33
N SER G 393 -69.46 26.59 3.43
CA SER G 393 -70.25 25.45 2.95
C SER G 393 -69.44 24.57 2.01
N ALA G 394 -68.51 25.16 1.26
CA ALA G 394 -67.65 24.36 0.40
C ALA G 394 -66.66 23.53 1.23
N LEU G 395 -66.05 24.16 2.23
CA LEU G 395 -65.05 23.46 3.03
C LEU G 395 -65.68 22.41 3.93
N GLY G 396 -66.94 22.61 4.33
CA GLY G 396 -67.62 21.59 5.13
C GLY G 396 -67.71 20.26 4.41
N ALA G 397 -67.91 20.30 3.09
CA ALA G 397 -67.93 19.06 2.32
C ALA G 397 -66.55 18.42 2.27
N LEU G 398 -65.49 19.23 2.22
CA LEU G 398 -64.13 18.70 2.22
C LEU G 398 -63.68 18.25 3.60
N ARG G 399 -64.26 18.83 4.65
CA ARG G 399 -64.02 18.32 6.00
C ARG G 399 -64.44 16.86 6.12
N THR G 400 -65.55 16.50 5.48
CA THR G 400 -66.02 15.12 5.53
C THR G 400 -65.13 14.19 4.72
N VAL G 401 -64.56 14.68 3.62
CA VAL G 401 -63.67 13.84 2.81
C VAL G 401 -62.46 13.40 3.63
N ILE G 402 -61.88 14.32 4.40
CA ILE G 402 -60.70 13.99 5.19
C ILE G 402 -61.06 13.06 6.35
N LYS G 403 -62.24 13.26 6.96
CA LYS G 403 -62.70 12.35 8.00
C LYS G 403 -62.84 10.93 7.45
N GLU G 404 -63.33 10.79 6.23
CA GLU G 404 -63.52 9.47 5.63
C GLU G 404 -62.23 8.92 5.01
N ARG G 405 -61.25 9.78 4.76
CA ARG G 405 -59.97 9.37 4.18
C ARG G 405 -58.83 9.96 5.02
N PRO G 406 -58.66 9.47 6.24
CA PRO G 406 -57.68 10.10 7.15
C PRO G 406 -56.23 9.88 6.77
N ASP G 407 -55.95 9.03 5.77
CA ASP G 407 -54.59 8.82 5.30
C ASP G 407 -54.26 9.59 4.03
N ALA G 408 -55.26 10.22 3.40
CA ALA G 408 -54.99 11.07 2.25
C ALA G 408 -54.25 12.33 2.68
N ILE G 409 -53.49 12.89 1.73
CA ILE G 409 -52.66 14.06 1.99
C ILE G 409 -53.41 15.31 1.53
N LEU G 410 -53.43 16.33 2.36
CA LEU G 410 -54.06 17.61 2.02
C LEU G 410 -52.98 18.63 1.68
N VAL G 411 -53.06 19.21 0.49
CA VAL G 411 -52.26 20.36 0.10
C VAL G 411 -53.20 21.56 0.06
N ASN G 412 -52.76 22.67 0.64
CA ASN G 412 -53.64 23.81 0.84
C ASN G 412 -52.88 25.11 0.69
N GLU G 413 -53.44 26.06 -0.05
CA GLU G 413 -52.84 27.38 -0.18
C GLU G 413 -53.87 28.36 -0.70
N GLY G 414 -53.63 29.64 -0.44
CA GLY G 414 -54.53 30.72 -0.75
C GLY G 414 -54.54 31.70 0.41
N CYS G 415 -55.63 32.48 0.50
CA CYS G 415 -55.82 33.35 1.66
C CYS G 415 -57.05 32.92 2.43
N ASN G 416 -58.24 33.33 1.95
CA ASN G 416 -59.48 32.79 2.51
C ASN G 416 -59.53 31.27 2.37
N THR G 417 -59.06 30.75 1.23
CA THR G 417 -59.03 29.32 1.02
C THR G 417 -58.10 28.63 2.00
N LEU G 418 -57.04 29.32 2.43
CA LEU G 418 -56.07 28.72 3.35
C LEU G 418 -56.55 28.79 4.79
N ASP G 419 -56.94 29.98 5.25
CA ASP G 419 -57.26 30.17 6.67
C ASP G 419 -58.49 29.37 7.06
N LEU G 420 -59.55 29.43 6.25
CA LEU G 420 -60.79 28.76 6.62
C LEU G 420 -60.67 27.25 6.51
N ALA G 421 -59.90 26.75 5.54
CA ALA G 421 -59.68 25.31 5.44
C ALA G 421 -58.87 24.79 6.62
N ARG G 422 -57.93 25.60 7.11
CA ARG G 422 -57.13 25.19 8.27
C ARG G 422 -58.00 24.98 9.49
N GLY G 423 -58.95 25.88 9.73
CA GLY G 423 -59.81 25.79 10.89
C GLY G 423 -60.90 24.76 10.75
N ILE G 424 -61.46 24.62 9.54
CA ILE G 424 -62.63 23.77 9.33
C ILE G 424 -62.24 22.32 9.10
N ILE G 425 -61.18 22.06 8.34
CA ILE G 425 -60.81 20.69 7.97
C ILE G 425 -59.94 20.12 9.07
N ASP G 426 -60.49 19.18 9.84
CA ASP G 426 -59.74 18.49 10.87
C ASP G 426 -58.87 17.41 10.26
N MET G 427 -57.62 17.34 10.70
CA MET G 427 -56.70 16.29 10.27
C MET G 427 -56.63 15.21 11.34
N TYR G 428 -56.39 13.97 10.90
CA TYR G 428 -56.45 12.81 11.77
C TYR G 428 -55.16 11.99 11.80
N GLN G 429 -54.17 12.32 10.98
CA GLN G 429 -52.91 11.59 10.94
C GLN G 429 -51.77 12.55 10.76
N PRO G 430 -50.55 12.20 11.20
CA PRO G 430 -49.44 13.13 11.15
C PRO G 430 -48.92 13.34 9.73
N ARG G 431 -48.45 14.56 9.48
CA ARG G 431 -47.77 14.92 8.22
C ARG G 431 -48.67 14.66 7.01
N LYS G 432 -49.92 15.11 7.12
CA LYS G 432 -50.87 15.01 6.02
C LYS G 432 -51.32 16.37 5.50
N ARG G 433 -50.91 17.46 6.14
CA ARG G 433 -51.26 18.80 5.72
C ARG G 433 -50.00 19.54 5.30
N LEU G 434 -49.96 19.96 4.04
CA LEU G 434 -48.82 20.68 3.47
C LEU G 434 -49.33 22.00 2.92
N ASP G 435 -48.93 23.11 3.51
CA ASP G 435 -49.45 24.42 3.11
C ASP G 435 -48.30 25.41 2.94
N VAL G 436 -48.66 26.70 2.91
CA VAL G 436 -47.73 27.75 2.47
C VAL G 436 -46.49 27.82 3.34
N GLY G 437 -46.62 27.51 4.63
CA GLY G 437 -45.47 27.52 5.51
C GLY G 437 -45.10 28.89 6.05
N THR G 438 -43.83 29.09 6.38
CA THR G 438 -43.39 30.26 7.14
C THR G 438 -43.40 31.53 6.30
N TRP G 439 -43.01 31.43 5.03
CA TRP G 439 -43.02 32.60 4.15
C TRP G 439 -44.38 32.88 3.54
N GLY G 440 -45.37 32.02 3.76
CA GLY G 440 -46.67 32.21 3.13
C GLY G 440 -46.59 32.21 1.62
N VAL G 441 -45.81 31.29 1.06
CA VAL G 441 -45.53 31.28 -0.38
C VAL G 441 -46.74 30.77 -1.13
N MET G 442 -47.24 31.56 -2.08
CA MET G 442 -48.18 31.06 -3.07
C MET G 442 -47.39 30.42 -4.21
N GLY G 443 -47.77 29.20 -4.57
CA GLY G 443 -47.09 28.50 -5.64
C GLY G 443 -46.48 27.18 -5.22
N ILE G 444 -46.80 26.74 -4.01
CA ILE G 444 -46.27 25.48 -3.51
C ILE G 444 -47.15 24.30 -3.88
N GLY G 445 -48.43 24.55 -4.14
CA GLY G 445 -49.43 23.50 -4.29
C GLY G 445 -49.10 22.37 -5.23
N MET G 446 -48.90 22.68 -6.52
CA MET G 446 -48.71 21.63 -7.50
C MET G 446 -47.38 20.92 -7.31
N GLY G 447 -46.33 21.66 -6.95
CA GLY G 447 -45.07 21.01 -6.61
C GLY G 447 -45.20 20.11 -5.41
N PHE G 448 -45.88 20.57 -4.36
CA PHE G 448 -46.13 19.72 -3.21
C PHE G 448 -47.01 18.54 -3.57
N ALA G 449 -48.01 18.76 -4.44
CA ALA G 449 -48.91 17.70 -4.84
C ALA G 449 -48.18 16.58 -5.57
N VAL G 450 -47.23 16.94 -6.44
CA VAL G 450 -46.47 15.93 -7.15
C VAL G 450 -45.63 15.11 -6.19
N ALA G 451 -44.93 15.79 -5.27
CA ALA G 451 -44.03 15.09 -4.36
C ALA G 451 -44.80 14.19 -3.40
N ALA G 452 -45.88 14.70 -2.81
CA ALA G 452 -46.66 13.91 -1.87
C ALA G 452 -47.19 12.64 -2.52
N ALA G 453 -47.64 12.74 -3.78
CA ALA G 453 -48.12 11.56 -4.48
C ALA G 453 -46.99 10.58 -4.76
N VAL G 454 -45.81 11.10 -5.12
CA VAL G 454 -44.68 10.22 -5.43
C VAL G 454 -44.10 9.61 -4.16
N GLU G 455 -43.97 10.42 -3.10
CA GLU G 455 -43.29 9.95 -1.88
C GLU G 455 -44.16 8.96 -1.11
N THR G 456 -45.43 9.31 -0.88
CA THR G 456 -46.28 8.52 0.00
C THR G 456 -47.20 7.54 -0.72
N GLY G 457 -47.38 7.70 -2.02
CA GLY G 457 -48.24 6.80 -2.78
C GLY G 457 -49.71 6.91 -2.43
N LYS G 458 -50.05 7.87 -1.53
CA LYS G 458 -51.38 8.12 -1.01
C LYS G 458 -52.13 9.09 -1.92
N PRO G 459 -53.47 9.03 -1.93
CA PRO G 459 -54.24 10.03 -2.68
C PRO G 459 -54.01 11.43 -2.11
N VAL G 460 -53.93 12.40 -3.01
CA VAL G 460 -53.62 13.78 -2.65
C VAL G 460 -54.81 14.66 -2.99
N LEU G 461 -55.28 15.42 -2.01
CA LEU G 461 -56.31 16.43 -2.21
C LEU G 461 -55.67 17.82 -2.10
N ALA G 462 -55.85 18.63 -3.12
CA ALA G 462 -55.22 19.95 -3.20
C ALA G 462 -56.32 21.01 -3.18
N VAL G 463 -56.49 21.66 -2.03
CA VAL G 463 -57.43 22.77 -1.90
C VAL G 463 -56.68 24.05 -2.26
N GLU G 464 -57.13 24.72 -3.32
CA GLU G 464 -56.38 25.81 -3.94
C GLU G 464 -57.26 27.03 -4.13
N GLY G 465 -56.75 28.19 -3.74
CA GLY G 465 -57.29 29.43 -4.25
C GLY G 465 -56.88 29.65 -5.69
N ASP G 466 -57.71 30.37 -6.44
CA ASP G 466 -57.46 30.52 -7.87
C ASP G 466 -56.23 31.40 -8.15
N SER G 467 -55.91 32.32 -7.23
CA SER G 467 -54.68 33.10 -7.39
C SER G 467 -53.46 32.24 -7.05
N ALA G 468 -53.51 31.52 -5.93
CA ALA G 468 -52.39 30.67 -5.54
C ALA G 468 -52.15 29.57 -6.56
N PHE G 469 -53.21 29.05 -7.18
CA PHE G 469 -53.04 28.04 -8.21
C PHE G 469 -52.29 28.59 -9.42
N GLY G 470 -52.47 29.88 -9.72
CA GLY G 470 -51.82 30.47 -10.88
C GLY G 470 -50.30 30.50 -10.79
N PHE G 471 -49.75 30.47 -9.58
CA PHE G 471 -48.29 30.50 -9.42
C PHE G 471 -47.65 29.19 -9.82
N SER G 472 -48.43 28.10 -9.97
CA SER G 472 -47.86 26.81 -10.37
C SER G 472 -48.85 26.00 -11.19
N GLY G 473 -49.79 26.66 -11.88
CA GLY G 473 -50.85 25.95 -12.55
C GLY G 473 -50.39 25.04 -13.69
N MET G 474 -49.35 25.45 -14.41
CA MET G 474 -48.90 24.66 -15.55
C MET G 474 -48.44 23.26 -15.17
N GLU G 475 -48.23 22.99 -13.89
CA GLU G 475 -47.79 21.67 -13.46
C GLU G 475 -48.90 20.64 -13.41
N VAL G 476 -50.12 20.99 -13.83
CA VAL G 476 -51.16 19.98 -13.97
C VAL G 476 -50.87 19.05 -15.14
N GLU G 477 -50.08 19.51 -16.12
CA GLU G 477 -49.59 18.60 -17.15
C GLU G 477 -48.60 17.60 -16.58
N THR G 478 -47.83 18.00 -15.56
CA THR G 478 -46.92 17.07 -14.91
C THR G 478 -47.67 15.99 -14.15
N ILE G 479 -48.71 16.39 -13.40
CA ILE G 479 -49.51 15.42 -12.67
C ILE G 479 -50.18 14.44 -13.63
N CYS G 480 -50.67 14.95 -14.76
CA CYS G 480 -51.28 14.08 -15.76
C CYS G 480 -50.24 13.18 -16.42
N ARG G 481 -49.03 13.69 -16.63
CA ARG G 481 -48.01 12.92 -17.34
C ARG G 481 -47.63 11.66 -16.57
N TYR G 482 -47.32 11.81 -15.28
CA TYR G 482 -47.03 10.67 -14.44
C TYR G 482 -48.29 10.05 -13.85
N GLU G 483 -49.47 10.60 -14.17
CA GLU G 483 -50.75 9.99 -13.84
C GLU G 483 -50.89 9.77 -12.34
N LEU G 484 -50.44 10.75 -11.57
CA LEU G 484 -50.46 10.68 -10.12
C LEU G 484 -51.87 10.94 -9.59
N PRO G 485 -52.24 10.31 -8.47
CA PRO G 485 -53.58 10.50 -7.89
C PRO G 485 -53.71 11.81 -7.11
N VAL G 486 -53.92 12.90 -7.86
CA VAL G 486 -54.05 14.24 -7.27
C VAL G 486 -55.40 14.81 -7.66
N CYS G 487 -56.22 15.10 -6.66
CA CYS G 487 -57.50 15.76 -6.86
C CYS G 487 -57.35 17.23 -6.50
N ILE G 488 -57.47 18.10 -7.48
CA ILE G 488 -57.28 19.53 -7.30
C ILE G 488 -58.64 20.21 -7.24
N VAL G 489 -58.85 21.02 -6.20
CA VAL G 489 -60.09 21.78 -6.03
C VAL G 489 -59.72 23.26 -6.03
N ILE G 490 -60.17 23.98 -7.06
CA ILE G 490 -59.90 25.41 -7.18
C ILE G 490 -61.07 26.16 -6.56
N PHE G 491 -60.78 26.97 -5.53
CA PHE G 491 -61.78 27.84 -4.94
C PHE G 491 -61.90 29.09 -5.81
N ASN G 492 -62.70 28.98 -6.86
CA ASN G 492 -62.80 30.01 -7.89
C ASN G 492 -63.77 31.08 -7.41
N ASN G 493 -63.24 32.17 -6.86
CA ASN G 493 -64.02 33.34 -6.52
C ASN G 493 -63.64 34.54 -7.39
N ASN G 494 -62.98 34.30 -8.51
CA ASN G 494 -62.65 35.31 -9.52
C ASN G 494 -61.63 36.33 -9.02
N GLY G 495 -60.69 35.95 -8.17
CA GLY G 495 -59.62 36.88 -7.85
C GLY G 495 -58.94 36.57 -6.54
N ILE G 496 -58.24 37.59 -6.04
CA ILE G 496 -57.38 37.51 -4.87
C ILE G 496 -58.17 38.01 -3.67
N PHE G 497 -58.30 37.17 -2.64
CA PHE G 497 -59.15 37.42 -1.47
C PHE G 497 -60.61 37.45 -1.87
N ARG G 498 -60.96 38.32 -2.83
CA ARG G 498 -62.31 38.43 -3.37
C ARG G 498 -62.23 38.62 -4.87
N GLY G 499 -63.39 38.68 -5.50
CA GLY G 499 -63.47 38.92 -6.93
C GLY G 499 -64.37 40.07 -7.31
N THR G 500 -64.42 41.11 -6.47
CA THR G 500 -65.36 42.20 -6.66
C THR G 500 -64.70 43.56 -6.90
N ASP G 501 -63.37 43.63 -6.91
CA ASP G 501 -62.71 44.90 -7.18
C ASP G 501 -62.90 45.31 -8.64
N THR G 502 -62.91 46.62 -8.87
CA THR G 502 -63.09 47.18 -10.20
C THR G 502 -62.06 48.27 -10.44
N ASP G 503 -61.92 48.66 -11.70
CA ASP G 503 -61.09 49.81 -12.06
C ASP G 503 -61.90 51.08 -11.88
N PRO G 504 -61.49 51.99 -11.00
CA PRO G 504 -62.24 53.26 -10.86
C PRO G 504 -62.25 54.10 -12.13
N THR G 505 -61.27 53.93 -13.02
CA THR G 505 -61.29 54.60 -14.31
C THR G 505 -62.09 53.85 -15.36
N GLY G 506 -62.51 52.62 -15.06
CA GLY G 506 -63.37 51.87 -15.95
C GLY G 506 -62.75 51.46 -17.26
N ARG G 507 -61.43 51.27 -17.30
CA ARG G 507 -60.75 50.89 -18.53
C ARG G 507 -60.20 49.47 -18.51
N ASP G 508 -59.78 48.97 -17.35
CA ASP G 508 -59.16 47.65 -17.23
C ASP G 508 -59.92 46.82 -16.21
N PRO G 509 -59.61 45.54 -16.05
CA PRO G 509 -60.11 44.80 -14.89
C PRO G 509 -59.46 45.30 -13.62
N GLY G 510 -60.11 45.00 -12.49
CA GLY G 510 -59.54 45.36 -11.21
C GLY G 510 -58.19 44.69 -10.99
N THR G 511 -57.37 45.34 -10.17
CA THR G 511 -56.00 44.86 -9.99
C THR G 511 -55.92 43.49 -9.35
N THR G 512 -57.02 42.96 -8.82
CA THR G 512 -56.98 41.70 -8.08
C THR G 512 -57.93 40.64 -8.61
N VAL G 513 -58.64 40.89 -9.71
CA VAL G 513 -59.59 39.94 -10.25
C VAL G 513 -58.96 39.19 -11.41
N PHE G 514 -59.56 38.07 -11.77
CA PHE G 514 -59.18 37.29 -12.95
C PHE G 514 -60.35 37.24 -13.92
N VAL G 515 -60.15 36.53 -15.04
CA VAL G 515 -61.24 36.31 -15.98
C VAL G 515 -62.39 35.64 -15.24
N LYS G 516 -63.55 36.29 -15.26
CA LYS G 516 -64.70 35.77 -14.52
C LYS G 516 -65.06 34.39 -15.03
N ASN G 517 -65.19 33.45 -14.08
CA ASN G 517 -65.51 32.06 -14.38
C ASN G 517 -64.48 31.45 -15.34
N SER G 518 -63.21 31.59 -14.98
CA SER G 518 -62.16 30.87 -15.69
C SER G 518 -62.37 29.38 -15.47
N ARG G 519 -62.43 28.63 -16.58
CA ARG G 519 -62.72 27.20 -16.53
C ARG G 519 -61.42 26.42 -16.37
N TYR G 520 -60.87 26.47 -15.15
CA TYR G 520 -59.64 25.75 -14.86
C TYR G 520 -59.80 24.25 -15.07
N ASP G 521 -61.03 23.72 -14.98
CA ASP G 521 -61.24 22.31 -15.26
C ASP G 521 -60.99 22.00 -16.74
N LYS G 522 -61.42 22.89 -17.64
CA LYS G 522 -61.14 22.70 -19.06
C LYS G 522 -59.65 22.70 -19.33
N MET G 523 -58.89 23.50 -18.57
CA MET G 523 -57.44 23.46 -18.69
C MET G 523 -56.90 22.08 -18.32
N MET G 524 -57.49 21.44 -17.31
CA MET G 524 -57.05 20.10 -16.93
C MET G 524 -57.40 19.06 -17.99
N GLU G 525 -58.53 19.24 -18.67
CA GLU G 525 -58.88 18.33 -19.77
C GLU G 525 -57.97 18.50 -20.97
N ALA G 526 -57.35 19.66 -21.12
CA ALA G 526 -56.44 19.91 -22.24
C ALA G 526 -55.18 19.04 -22.18
N PHE G 527 -54.95 18.33 -21.08
CA PHE G 527 -53.77 17.48 -20.94
C PHE G 527 -54.12 16.03 -20.68
N GLY G 528 -55.40 15.66 -20.77
CA GLY G 528 -55.82 14.29 -20.55
C GLY G 528 -56.42 14.00 -19.20
N GLY G 529 -56.48 14.99 -18.30
CA GLY G 529 -57.07 14.78 -17.00
C GLY G 529 -58.56 15.05 -16.96
N VAL G 530 -59.19 14.57 -15.89
CA VAL G 530 -60.63 14.75 -15.72
C VAL G 530 -60.90 16.15 -15.18
N GLY G 531 -61.85 16.84 -15.81
CA GLY G 531 -62.23 18.18 -15.36
C GLY G 531 -63.71 18.25 -15.01
N VAL G 532 -64.01 18.87 -13.86
CA VAL G 532 -65.39 19.00 -13.37
C VAL G 532 -65.62 20.44 -12.94
N ASN G 533 -66.84 20.93 -13.16
CA ASN G 533 -67.26 22.24 -12.68
C ASN G 533 -68.44 22.04 -11.75
N VAL G 534 -68.31 22.53 -10.51
CA VAL G 534 -69.32 22.32 -9.48
C VAL G 534 -69.77 23.66 -8.93
N THR G 535 -70.99 23.67 -8.38
CA THR G 535 -71.57 24.88 -7.80
C THR G 535 -72.19 24.69 -6.41
N THR G 536 -72.34 23.46 -5.94
CA THR G 536 -72.97 23.17 -4.66
C THR G 536 -72.06 22.26 -3.83
N PRO G 537 -72.20 22.30 -2.50
CA PRO G 537 -71.35 21.42 -1.67
C PRO G 537 -71.56 19.94 -1.95
N ASP G 538 -72.80 19.51 -2.14
CA ASP G 538 -73.05 18.10 -2.45
C ASP G 538 -72.44 17.70 -3.79
N GLU G 539 -72.45 18.60 -4.76
CA GLU G 539 -71.81 18.31 -6.03
C GLU G 539 -70.29 18.27 -5.91
N LEU G 540 -69.73 19.08 -5.00
CA LEU G 540 -68.29 19.05 -4.79
C LEU G 540 -67.85 17.79 -4.07
N LYS G 541 -68.63 17.34 -3.08
CA LYS G 541 -68.29 16.12 -2.36
C LYS G 541 -68.31 14.91 -3.28
N ARG G 542 -69.28 14.85 -4.20
CA ARG G 542 -69.37 13.72 -5.12
C ARG G 542 -68.26 13.75 -6.16
N ALA G 543 -67.85 14.94 -6.59
CA ALA G 543 -66.75 15.03 -7.54
C ALA G 543 -65.43 14.62 -6.91
N VAL G 544 -65.16 15.08 -5.68
CA VAL G 544 -63.94 14.67 -4.98
C VAL G 544 -63.94 13.17 -4.73
N ASP G 545 -65.09 12.61 -4.34
CA ASP G 545 -65.17 11.19 -4.06
C ASP G 545 -64.83 10.36 -5.28
N GLU G 546 -65.44 10.68 -6.42
CA GLU G 546 -65.15 9.95 -7.66
CA GLU G 546 -65.15 9.94 -7.66
C GLU G 546 -63.69 10.11 -8.05
N ALA G 547 -63.14 11.31 -7.88
CA ALA G 547 -61.74 11.55 -8.23
C ALA G 547 -60.81 10.77 -7.32
N MET G 548 -61.06 10.78 -6.01
CA MET G 548 -60.16 10.12 -5.07
C MET G 548 -60.37 8.62 -5.02
N ASN G 549 -61.56 8.12 -5.38
CA ASN G 549 -61.73 6.67 -5.50
C ASN G 549 -61.03 6.14 -6.75
N SER G 550 -61.15 6.85 -7.87
CA SER G 550 -60.61 6.36 -9.14
C SER G 550 -59.10 6.51 -9.22
N GLY G 551 -58.52 7.49 -8.53
CA GLY G 551 -57.10 7.72 -8.62
C GLY G 551 -56.64 8.45 -9.86
N LYS G 552 -57.56 9.01 -10.62
CA LYS G 552 -57.23 9.71 -11.86
C LYS G 552 -56.98 11.20 -11.57
N PRO G 553 -56.01 11.80 -12.26
CA PRO G 553 -55.77 13.25 -12.10
C PRO G 553 -57.04 14.03 -12.41
N THR G 554 -57.45 14.86 -11.45
CA THR G 554 -58.71 15.56 -11.53
C THR G 554 -58.57 16.98 -11.01
N LEU G 555 -59.13 17.93 -11.75
CA LEU G 555 -59.29 19.30 -11.28
C LEU G 555 -60.77 19.60 -11.20
N ILE G 556 -61.20 20.11 -10.05
CA ILE G 556 -62.60 20.46 -9.80
C ILE G 556 -62.66 21.96 -9.60
N ASN G 557 -63.24 22.66 -10.56
CA ASN G 557 -63.37 24.12 -10.51
C ASN G 557 -64.65 24.46 -9.76
N ALA G 558 -64.51 24.88 -8.52
CA ALA G 558 -65.65 25.16 -7.65
C ALA G 558 -65.96 26.66 -7.67
N GLU G 559 -67.19 26.99 -8.09
CA GLU G 559 -67.63 28.38 -8.05
C GLU G 559 -67.86 28.81 -6.60
N ILE G 560 -67.14 29.85 -6.19
CA ILE G 560 -67.28 30.42 -4.85
C ILE G 560 -67.82 31.84 -5.00
N ASP G 561 -68.73 32.22 -4.11
CA ASP G 561 -69.30 33.56 -4.10
C ASP G 561 -68.18 34.61 -4.14
N PRO G 562 -68.11 35.43 -5.19
CA PRO G 562 -67.04 36.44 -5.26
C PRO G 562 -67.10 37.48 -4.14
N ALA G 563 -68.18 37.52 -3.36
CA ALA G 563 -68.30 38.46 -2.25
C ALA G 563 -67.97 37.84 -0.90
N ALA G 564 -67.83 36.52 -0.83
CA ALA G 564 -67.59 35.85 0.44
C ALA G 564 -66.16 36.08 0.92
N GLY G 565 -65.89 35.63 2.15
CA GLY G 565 -64.57 35.72 2.73
C GLY G 565 -64.23 37.11 3.24
N SER G 566 -62.97 37.26 3.63
CA SER G 566 -62.43 38.52 4.07
C SER G 566 -61.42 39.05 3.05
N GLU G 567 -60.96 40.27 3.27
CA GLU G 567 -60.02 40.94 2.38
C GLU G 567 -58.68 41.12 3.08
N GLY G 568 -57.60 40.83 2.37
CA GLY G 568 -56.25 41.03 2.87
C GLY G 568 -55.93 40.29 4.15
N PRO H 21 13.06 5.22 5.02
CA PRO H 21 13.30 5.29 6.46
C PRO H 21 14.61 4.62 6.86
N GLU H 22 14.66 4.08 8.07
CA GLU H 22 15.86 3.40 8.55
C GLU H 22 15.90 1.98 8.01
N LEU H 23 17.11 1.54 7.62
CA LEU H 23 17.31 0.26 6.98
C LEU H 23 18.24 -0.62 7.81
N THR H 24 18.13 -1.92 7.60
CA THR H 24 19.02 -2.90 8.20
C THR H 24 19.38 -3.94 7.14
N ASP H 25 20.48 -4.66 7.39
CA ASP H 25 20.94 -5.67 6.46
C ASP H 25 20.93 -7.04 7.11
N GLY H 26 21.18 -8.07 6.29
CA GLY H 26 21.23 -9.42 6.80
C GLY H 26 22.33 -9.64 7.82
N PHE H 27 23.40 -8.85 7.74
CA PHE H 27 24.44 -8.89 8.77
C PHE H 27 23.85 -8.64 10.14
N HIS H 28 23.09 -7.55 10.29
CA HIS H 28 22.56 -7.19 11.60
C HIS H 28 21.41 -8.10 12.01
N LEU H 29 20.63 -8.60 11.04
CA LEU H 29 19.51 -9.48 11.39
C LEU H 29 20.00 -10.78 12.00
N VAL H 30 21.05 -11.37 11.43
CA VAL H 30 21.60 -12.61 11.98
C VAL H 30 22.07 -12.39 13.42
N ILE H 31 22.84 -11.31 13.64
CA ILE H 31 23.34 -11.02 14.98
C ILE H 31 22.19 -10.71 15.92
N ASP H 32 21.18 -9.98 15.44
CA ASP H 32 20.05 -9.63 16.30
C ASP H 32 19.25 -10.86 16.70
N ALA H 33 18.99 -11.76 15.74
CA ALA H 33 18.23 -12.97 16.05
C ALA H 33 18.97 -13.84 17.06
N LEU H 34 20.29 -13.85 17.02
CA LEU H 34 21.05 -14.61 18.01
C LEU H 34 20.97 -13.96 19.38
N LYS H 35 21.18 -12.63 19.44
CA LYS H 35 21.05 -11.92 20.71
C LYS H 35 19.68 -12.13 21.32
N LEU H 36 18.63 -12.07 20.50
CA LEU H 36 17.27 -12.17 21.01
C LEU H 36 17.03 -13.50 21.72
N ASN H 37 17.72 -14.56 21.30
CA ASN H 37 17.52 -15.89 21.86
C ASN H 37 18.62 -16.28 22.83
N GLY H 38 19.27 -15.30 23.46
CA GLY H 38 20.20 -15.57 24.53
C GLY H 38 21.60 -15.98 24.13
N ILE H 39 21.95 -15.90 22.85
CA ILE H 39 23.30 -16.21 22.43
C ILE H 39 24.24 -15.13 22.93
N GLU H 40 25.32 -15.55 23.60
CA GLU H 40 26.32 -14.62 24.11
C GLU H 40 27.73 -14.90 23.60
N THR H 41 27.96 -16.06 22.97
CA THR H 41 29.29 -16.45 22.54
C THR H 41 29.22 -17.08 21.16
N ILE H 42 30.23 -16.80 20.34
CA ILE H 42 30.34 -17.39 19.01
C ILE H 42 31.77 -17.87 18.83
N TYR H 43 31.94 -19.18 18.64
CA TYR H 43 33.24 -19.76 18.32
C TYR H 43 33.37 -19.85 16.81
N ASN H 44 34.50 -19.38 16.27
CA ASN H 44 34.58 -19.23 14.82
C ASN H 44 36.03 -19.28 14.36
N VAL H 45 36.18 -19.29 13.04
CA VAL H 45 37.45 -19.03 12.35
C VAL H 45 37.13 -18.09 11.20
N PRO H 46 37.61 -16.85 11.22
CA PRO H 46 37.17 -15.85 10.23
C PRO H 46 37.60 -16.21 8.81
N GLY H 47 37.07 -15.44 7.86
CA GLY H 47 37.38 -15.64 6.47
C GLY H 47 36.21 -15.22 5.60
N ILE H 48 36.35 -15.48 4.31
CA ILE H 48 35.30 -15.16 3.34
C ILE H 48 34.20 -16.21 3.44
N PRO H 49 32.92 -15.82 3.51
CA PRO H 49 32.41 -14.44 3.51
C PRO H 49 31.91 -13.96 4.87
N ILE H 50 32.40 -14.56 5.95
CA ILE H 50 31.84 -14.35 7.29
C ILE H 50 32.75 -13.54 8.18
N THR H 51 33.77 -12.88 7.62
CA THR H 51 34.70 -12.11 8.45
C THR H 51 33.99 -10.94 9.14
N ASP H 52 33.25 -10.14 8.37
CA ASP H 52 32.58 -8.98 8.94
C ASP H 52 31.40 -9.36 9.83
N LEU H 53 30.83 -10.56 9.64
CA LEU H 53 29.81 -11.04 10.57
C LEU H 53 30.40 -11.24 11.96
N GLY H 54 31.62 -11.77 12.03
CA GLY H 54 32.27 -11.93 13.32
C GLY H 54 32.62 -10.61 13.97
N ARG H 55 33.07 -9.64 13.18
CA ARG H 55 33.37 -8.32 13.72
C ARG H 55 32.11 -7.63 14.23
N LEU H 56 31.01 -7.74 13.47
CA LEU H 56 29.75 -7.13 13.90
C LEU H 56 29.26 -7.76 15.20
N ALA H 57 29.36 -9.08 15.32
CA ALA H 57 28.97 -9.75 16.56
C ALA H 57 29.82 -9.27 17.73
N GLN H 58 31.12 -9.11 17.52
CA GLN H 58 32.00 -8.62 18.59
C GLN H 58 31.65 -7.17 18.95
N ALA H 59 31.33 -6.35 17.96
CA ALA H 59 30.95 -4.97 18.23
C ALA H 59 29.61 -4.89 18.95
N GLU H 60 28.70 -5.81 18.65
CA GLU H 60 27.37 -5.83 19.27
C GLU H 60 27.38 -6.43 20.67
N GLY H 61 28.54 -6.76 21.22
CA GLY H 61 28.65 -7.21 22.60
C GLY H 61 28.85 -8.70 22.79
N LEU H 62 28.68 -9.50 21.75
CA LEU H 62 28.93 -10.93 21.90
C LEU H 62 30.43 -11.20 21.98
N ARG H 63 30.77 -12.32 22.61
CA ARG H 63 32.16 -12.75 22.69
C ARG H 63 32.48 -13.67 21.53
N VAL H 64 33.52 -13.34 20.78
CA VAL H 64 33.96 -14.09 19.62
C VAL H 64 35.30 -14.74 19.96
N ILE H 65 35.35 -16.07 19.89
CA ILE H 65 36.56 -16.83 20.12
C ILE H 65 37.02 -17.36 18.77
N SER H 66 38.17 -16.88 18.30
CA SER H 66 38.72 -17.27 17.01
C SER H 66 39.77 -18.35 17.19
N PHE H 67 39.56 -19.49 16.55
CA PHE H 67 40.44 -20.64 16.68
C PHE H 67 41.43 -20.68 15.52
N ARG H 68 42.35 -21.66 15.57
CA ARG H 68 43.28 -21.91 14.49
C ARG H 68 42.78 -22.99 13.53
N HIS H 69 41.60 -23.54 13.78
CA HIS H 69 41.07 -24.66 13.00
C HIS H 69 39.58 -24.79 13.30
N GLU H 70 38.75 -24.88 12.26
CA GLU H 70 37.30 -24.88 12.47
C GLU H 70 36.83 -26.09 13.26
N GLN H 71 37.54 -27.21 13.17
CA GLN H 71 37.13 -28.41 13.91
C GLN H 71 37.22 -28.19 15.42
N ASN H 72 38.13 -27.32 15.86
CA ASN H 72 38.25 -27.04 17.29
C ASN H 72 37.24 -26.01 17.76
N ALA H 73 36.86 -25.07 16.90
CA ALA H 73 35.74 -24.18 17.22
C ALA H 73 34.42 -24.93 17.23
N GLY H 74 34.31 -25.98 16.42
CA GLY H 74 33.10 -26.79 16.44
C GLY H 74 33.01 -27.65 17.69
N ASN H 75 34.13 -28.26 18.10
CA ASN H 75 34.15 -28.99 19.36
C ASN H 75 33.81 -28.07 20.53
N ALA H 76 34.36 -26.85 20.52
CA ALA H 76 34.05 -25.89 21.57
C ALA H 76 32.56 -25.59 21.61
N ALA H 77 31.96 -25.35 20.44
CA ALA H 77 30.52 -25.10 20.39
C ALA H 77 29.72 -26.32 20.83
N ALA H 78 30.23 -27.52 20.54
CA ALA H 78 29.50 -28.73 20.89
C ALA H 78 29.42 -28.92 22.40
N ILE H 79 30.57 -28.85 23.08
CA ILE H 79 30.56 -29.03 24.53
C ILE H 79 29.97 -27.82 25.23
N ALA H 80 29.94 -26.65 24.58
CA ALA H 80 29.21 -25.51 25.13
C ALA H 80 27.72 -25.82 25.22
N GLY H 81 27.18 -26.55 24.23
CA GLY H 81 25.79 -26.95 24.31
C GLY H 81 25.54 -27.92 25.45
N PHE H 82 26.48 -28.85 25.68
CA PHE H 82 26.30 -29.80 26.76
C PHE H 82 26.33 -29.12 28.13
N LEU H 83 27.21 -28.14 28.30
CA LEU H 83 27.36 -27.49 29.60
C LEU H 83 26.18 -26.58 29.91
N THR H 84 25.50 -26.04 28.90
CA THR H 84 24.57 -24.94 29.09
C THR H 84 23.14 -25.23 28.65
N LYS H 85 22.87 -26.38 28.03
CA LYS H 85 21.55 -26.70 27.46
C LYS H 85 21.07 -25.65 26.46
N LYS H 86 21.99 -24.83 25.93
CA LYS H 86 21.75 -23.88 24.88
C LYS H 86 22.66 -24.18 23.69
N PRO H 87 22.21 -23.94 22.46
CA PRO H 87 23.00 -24.36 21.29
C PRO H 87 24.30 -23.59 21.20
N GLY H 88 25.40 -24.34 21.05
CA GLY H 88 26.70 -23.72 20.82
C GLY H 88 26.83 -23.28 19.37
N ILE H 89 27.33 -22.07 19.18
CA ILE H 89 27.36 -21.42 17.87
C ILE H 89 28.77 -21.50 17.32
N CYS H 90 28.93 -22.24 16.22
CA CYS H 90 30.17 -22.30 15.47
C CYS H 90 29.97 -21.62 14.12
N LEU H 91 30.80 -20.63 13.82
CA LEU H 91 30.68 -19.83 12.59
C LEU H 91 31.88 -20.14 11.70
N THR H 92 31.64 -20.68 10.51
CA THR H 92 32.75 -21.07 9.65
C THR H 92 32.61 -20.46 8.24
N VAL H 93 33.46 -20.98 7.37
CA VAL H 93 33.65 -20.46 6.03
C VAL H 93 33.04 -21.48 5.06
N SER H 94 32.95 -21.11 3.78
CA SER H 94 32.48 -22.05 2.76
C SER H 94 33.39 -23.29 2.72
N ALA H 95 33.00 -24.23 1.84
CA ALA H 95 33.36 -25.65 1.75
C ALA H 95 34.58 -26.09 2.58
N PRO H 96 35.80 -25.57 2.36
CA PRO H 96 36.93 -26.04 3.19
C PRO H 96 36.71 -25.87 4.69
N GLY H 97 36.21 -24.71 5.11
CA GLY H 97 35.92 -24.52 6.53
C GLY H 97 34.67 -25.26 6.96
N PHE H 98 33.63 -25.27 6.11
CA PHE H 98 32.40 -25.97 6.43
C PHE H 98 32.66 -27.45 6.72
N LEU H 99 33.49 -28.09 5.90
CA LEU H 99 33.80 -29.50 6.13
C LEU H 99 34.50 -29.70 7.47
N ASN H 100 35.38 -28.78 7.86
CA ASN H 100 36.04 -28.90 9.15
C ASN H 100 35.06 -28.78 10.30
N GLY H 101 34.11 -27.84 10.20
CA GLY H 101 33.10 -27.71 11.24
C GLY H 101 32.08 -28.83 11.21
N LEU H 102 31.78 -29.36 10.02
CA LEU H 102 30.80 -30.44 9.92
C LEU H 102 31.26 -31.68 10.67
N THR H 103 32.56 -31.98 10.62
CA THR H 103 33.09 -33.13 11.35
C THR H 103 32.80 -33.00 12.84
N ALA H 104 32.98 -31.80 13.39
CA ALA H 104 32.60 -31.56 14.77
C ALA H 104 31.09 -31.62 14.96
N LEU H 105 30.34 -31.09 13.99
CA LEU H 105 28.88 -31.08 14.10
C LEU H 105 28.31 -32.50 14.11
N ALA H 106 28.90 -33.39 13.31
CA ALA H 106 28.48 -34.79 13.36
C ALA H 106 28.75 -35.40 14.72
N ASN H 107 29.93 -35.11 15.29
CA ASN H 107 30.26 -35.60 16.62
C ASN H 107 29.33 -35.03 17.68
N ALA H 108 28.80 -33.83 17.45
CA ALA H 108 27.81 -33.27 18.36
C ALA H 108 26.50 -34.05 18.30
N THR H 109 26.11 -34.48 17.10
CA THR H 109 24.90 -35.30 16.98
C THR H 109 25.10 -36.66 17.62
N THR H 110 26.29 -37.25 17.45
CA THR H 110 26.58 -38.55 18.05
C THR H 110 26.48 -38.50 19.58
N ASN H 111 26.83 -37.37 20.19
CA ASN H 111 26.84 -37.22 21.63
C ASN H 111 25.60 -36.51 22.17
N CYS H 112 24.64 -36.19 21.31
CA CYS H 112 23.39 -35.54 21.71
C CYS H 112 23.64 -34.14 22.28
N PHE H 113 24.66 -33.44 21.77
CA PHE H 113 24.94 -32.09 22.27
C PHE H 113 24.27 -31.06 21.38
N PRO H 114 23.59 -30.06 21.95
CA PRO H 114 22.94 -29.03 21.12
C PRO H 114 23.98 -28.07 20.55
N MET H 115 23.91 -27.85 19.24
CA MET H 115 24.93 -27.09 18.55
C MET H 115 24.39 -26.62 17.21
N ILE H 116 24.77 -25.41 16.79
CA ILE H 116 24.40 -24.86 15.50
C ILE H 116 25.68 -24.45 14.79
N LEU H 117 25.90 -25.02 13.60
CA LEU H 117 27.02 -24.66 12.75
C LEU H 117 26.53 -23.66 11.71
N ILE H 118 26.89 -22.40 11.88
CA ILE H 118 26.57 -21.34 10.93
C ILE H 118 27.75 -21.20 9.99
N SER H 119 27.54 -21.50 8.71
CA SER H 119 28.58 -21.42 7.69
C SER H 119 28.09 -20.59 6.52
N GLY H 120 28.95 -19.70 6.03
CA GLY H 120 28.64 -18.98 4.82
C GLY H 120 28.79 -19.85 3.59
N SER H 121 28.07 -19.48 2.53
CA SER H 121 28.04 -20.27 1.31
C SER H 121 28.28 -19.37 0.10
N SER H 122 28.53 -20.02 -1.03
CA SER H 122 28.89 -19.32 -2.26
C SER H 122 27.63 -18.93 -3.02
N GLU H 123 27.78 -18.65 -4.30
CA GLU H 123 26.66 -18.17 -5.11
C GLU H 123 25.80 -19.33 -5.58
N ARG H 124 24.51 -19.28 -5.26
CA ARG H 124 23.63 -20.44 -5.45
C ARG H 124 23.50 -20.81 -6.92
N GLU H 125 23.41 -19.82 -7.81
CA GLU H 125 23.26 -20.14 -9.22
C GLU H 125 24.50 -20.83 -9.77
N ILE H 126 25.67 -20.51 -9.23
CA ILE H 126 26.91 -21.11 -9.71
C ILE H 126 27.10 -22.50 -9.12
N VAL H 127 26.74 -22.68 -7.85
CA VAL H 127 26.86 -23.99 -7.22
C VAL H 127 25.85 -24.97 -7.82
N ASP H 128 24.63 -24.50 -8.11
CA ASP H 128 23.60 -25.38 -8.65
C ASP H 128 23.97 -25.91 -10.02
N LEU H 129 24.79 -25.19 -10.78
CA LEU H 129 25.28 -25.65 -12.07
C LEU H 129 26.68 -26.27 -12.00
N GLN H 130 27.29 -26.28 -10.81
CA GLN H 130 28.62 -26.87 -10.61
C GLN H 130 29.64 -26.28 -11.56
N GLN H 131 29.70 -24.95 -11.59
CA GLN H 131 30.55 -24.22 -12.52
C GLN H 131 31.92 -23.87 -11.93
N GLY H 132 32.19 -24.25 -10.70
CA GLY H 132 33.49 -24.01 -10.10
C GLY H 132 33.60 -22.70 -9.34
N ASP H 133 32.62 -22.43 -8.48
CA ASP H 133 32.64 -21.21 -7.69
C ASP H 133 33.69 -21.29 -6.58
N TYR H 134 34.04 -20.12 -6.04
CA TYR H 134 34.95 -20.07 -4.92
C TYR H 134 34.32 -20.74 -3.70
N GLY H 135 34.94 -21.83 -3.23
CA GLY H 135 34.37 -22.60 -2.16
C GLY H 135 33.07 -23.27 -2.54
N GLU H 136 32.98 -23.77 -3.77
CA GLU H 136 31.73 -24.32 -4.27
C GLU H 136 31.39 -25.63 -3.57
N MET H 137 30.18 -25.69 -3.02
CA MET H 137 29.63 -26.91 -2.44
C MET H 137 28.17 -26.64 -2.07
N ASP H 138 27.30 -27.62 -2.32
CA ASP H 138 25.94 -27.59 -1.80
C ASP H 138 26.01 -28.05 -0.35
N GLN H 139 26.40 -27.10 0.52
CA GLN H 139 26.61 -27.44 1.92
C GLN H 139 25.32 -27.82 2.63
N LEU H 140 24.17 -27.39 2.13
CA LEU H 140 22.90 -27.88 2.66
C LEU H 140 22.74 -29.37 2.38
N ALA H 141 23.03 -29.78 1.14
CA ALA H 141 22.87 -31.18 0.78
C ALA H 141 23.96 -32.06 1.40
N ILE H 142 25.15 -31.50 1.62
CA ILE H 142 26.25 -32.29 2.15
C ILE H 142 26.09 -32.53 3.64
N ALA H 143 25.56 -31.54 4.37
CA ALA H 143 25.46 -31.65 5.83
C ALA H 143 24.34 -32.58 6.27
N LYS H 144 23.26 -32.69 5.49
CA LYS H 144 22.09 -33.42 5.95
C LYS H 144 22.35 -34.88 6.32
N PRO H 145 23.16 -35.65 5.60
CA PRO H 145 23.43 -37.04 6.03
C PRO H 145 24.23 -37.14 7.31
N LEU H 146 24.75 -36.04 7.85
CA LEU H 146 25.69 -36.11 8.97
C LEU H 146 25.23 -35.36 10.21
N CYS H 147 24.03 -34.78 10.21
CA CYS H 147 23.57 -34.06 11.40
C CYS H 147 22.06 -34.22 11.52
N LYS H 148 21.51 -33.66 12.60
CA LYS H 148 20.10 -33.88 12.92
C LYS H 148 19.18 -33.07 12.01
N ALA H 149 19.57 -31.84 11.67
CA ALA H 149 18.76 -30.99 10.81
C ALA H 149 19.66 -29.99 10.12
N ALA H 150 19.19 -29.51 8.96
CA ALA H 150 19.95 -28.54 8.18
C ALA H 150 18.97 -27.63 7.44
N PHE H 151 19.21 -26.32 7.53
CA PHE H 151 18.38 -25.33 6.86
C PHE H 151 19.28 -24.35 6.12
N ARG H 152 18.70 -23.68 5.13
CA ARG H 152 19.39 -22.62 4.40
C ARG H 152 18.42 -21.47 4.20
N VAL H 153 18.89 -20.24 4.44
CA VAL H 153 18.08 -19.05 4.36
C VAL H 153 18.51 -18.25 3.13
N LEU H 154 17.54 -17.91 2.28
CA LEU H 154 17.82 -17.15 1.06
C LEU H 154 17.41 -15.68 1.14
N HIS H 155 16.37 -15.36 1.90
CA HIS H 155 15.86 -14.00 2.01
C HIS H 155 16.05 -13.49 3.43
N ALA H 156 16.39 -12.20 3.55
CA ALA H 156 16.71 -11.64 4.86
C ALA H 156 15.51 -11.63 5.79
N ALA H 157 14.29 -11.55 5.24
CA ALA H 157 13.09 -11.55 6.06
C ALA H 157 12.81 -12.92 6.71
N ASP H 158 13.54 -13.96 6.31
CA ASP H 158 13.39 -15.29 6.89
C ASP H 158 14.57 -15.66 7.79
N ILE H 159 15.46 -14.71 8.07
CA ILE H 159 16.56 -14.98 8.99
C ILE H 159 16.02 -15.29 10.38
N GLY H 160 14.98 -14.57 10.80
CA GLY H 160 14.42 -14.81 12.12
C GLY H 160 13.85 -16.22 12.27
N ILE H 161 13.05 -16.64 11.29
CA ILE H 161 12.50 -18.00 11.32
C ILE H 161 13.62 -19.02 11.21
N GLY H 162 14.61 -18.76 10.36
CA GLY H 162 15.70 -19.70 10.19
C GLY H 162 16.48 -19.93 11.46
N VAL H 163 16.77 -18.87 12.20
CA VAL H 163 17.43 -19.03 13.50
C VAL H 163 16.52 -19.77 14.47
N ALA H 164 15.21 -19.52 14.37
CA ALA H 164 14.27 -20.21 15.25
C ALA H 164 14.20 -21.71 14.94
N ARG H 165 14.25 -22.07 13.65
CA ARG H 165 14.21 -23.47 13.28
C ARG H 165 15.47 -24.19 13.74
N ALA H 166 16.63 -23.54 13.63
CA ALA H 166 17.88 -24.18 14.05
C ALA H 166 17.92 -24.36 15.56
N ILE H 167 17.46 -23.37 16.31
CA ILE H 167 17.49 -23.46 17.77
C ILE H 167 16.57 -24.58 18.26
N ARG H 168 15.33 -24.59 17.77
CA ARG H 168 14.40 -25.63 18.20
C ARG H 168 14.90 -27.02 17.83
N ALA H 169 15.44 -27.18 16.62
CA ALA H 169 15.94 -28.48 16.20
C ALA H 169 17.13 -28.91 17.04
N ALA H 170 17.94 -27.96 17.51
CA ALA H 170 19.16 -28.30 18.22
C ALA H 170 18.91 -28.78 19.65
N VAL H 171 17.88 -28.24 20.31
CA VAL H 171 17.70 -28.51 21.73
C VAL H 171 16.47 -29.37 22.03
N SER H 172 15.45 -29.36 21.17
CA SER H 172 14.24 -30.13 21.45
C SER H 172 14.45 -31.60 21.10
N GLY H 173 13.62 -32.45 21.72
CA GLY H 173 13.78 -33.88 21.54
C GLY H 173 15.12 -34.35 22.04
N ARG H 174 15.76 -35.22 21.28
CA ARG H 174 17.16 -35.55 21.52
C ARG H 174 18.01 -34.47 20.87
N PRO H 175 18.76 -33.69 21.66
CA PRO H 175 19.56 -32.60 21.08
C PRO H 175 20.60 -33.11 20.09
N GLY H 176 21.04 -32.21 19.23
CA GLY H 176 22.03 -32.58 18.24
C GLY H 176 22.52 -31.37 17.47
N GLY H 177 23.38 -31.65 16.49
CA GLY H 177 23.95 -30.58 15.69
C GLY H 177 23.04 -30.19 14.53
N VAL H 178 22.91 -28.89 14.32
CA VAL H 178 22.09 -28.33 13.27
C VAL H 178 22.95 -27.44 12.39
N TYR H 179 22.78 -27.57 11.07
CA TYR H 179 23.50 -26.74 10.11
C TYR H 179 22.60 -25.61 9.63
N LEU H 180 23.09 -24.38 9.74
CA LEU H 180 22.38 -23.20 9.24
C LEU H 180 23.23 -22.57 8.16
N ASP H 181 22.79 -22.70 6.91
CA ASP H 181 23.54 -22.21 5.76
C ASP H 181 23.07 -20.80 5.41
N LEU H 182 24.01 -19.86 5.34
CA LEU H 182 23.72 -18.47 4.99
C LEU H 182 24.56 -18.05 3.80
N PRO H 183 24.00 -18.10 2.58
CA PRO H 183 24.77 -17.68 1.40
C PRO H 183 25.26 -16.25 1.52
N ALA H 184 26.36 -15.97 0.83
CA ALA H 184 27.01 -14.66 0.94
C ALA H 184 26.08 -13.53 0.53
N LYS H 185 25.24 -13.75 -0.48
CA LYS H 185 24.33 -12.72 -0.95
C LYS H 185 23.30 -12.31 0.09
N LEU H 186 23.10 -13.14 1.11
CA LEU H 186 22.11 -12.83 2.14
C LEU H 186 22.57 -11.68 3.03
N PHE H 187 23.85 -11.67 3.41
CA PHE H 187 24.32 -10.71 4.42
C PHE H 187 24.16 -9.27 3.96
N SER H 188 24.28 -9.01 2.66
CA SER H 188 24.24 -7.65 2.14
C SER H 188 22.86 -7.27 1.61
N GLN H 189 21.85 -8.10 1.81
CA GLN H 189 20.48 -7.71 1.48
C GLN H 189 20.02 -6.63 2.44
N VAL H 190 19.24 -5.68 1.94
CA VAL H 190 18.77 -4.54 2.72
C VAL H 190 17.24 -4.56 2.71
N ILE H 191 16.64 -4.51 3.89
CA ILE H 191 15.20 -4.37 4.04
C ILE H 191 14.93 -3.32 5.12
N ASP H 192 13.64 -3.00 5.28
CA ASP H 192 13.23 -2.02 6.29
C ASP H 192 13.61 -2.52 7.69
N ALA H 193 14.07 -1.60 8.52
CA ALA H 193 14.51 -1.96 9.86
C ALA H 193 13.34 -2.33 10.77
N ASP H 194 12.25 -1.57 10.70
CA ASP H 194 11.06 -1.93 11.47
C ASP H 194 10.49 -3.25 10.99
N LEU H 195 10.51 -3.48 9.67
CA LEU H 195 10.09 -4.77 9.14
C LEU H 195 11.03 -5.88 9.59
N GLY H 196 12.33 -5.62 9.57
CA GLY H 196 13.29 -6.63 9.97
C GLY H 196 13.20 -6.98 11.45
N ALA H 197 12.94 -5.98 12.30
CA ALA H 197 12.81 -6.24 13.73
C ALA H 197 11.57 -7.09 14.01
N ARG H 198 10.47 -6.84 13.30
CA ARG H 198 9.26 -7.61 13.51
C ARG H 198 9.36 -9.01 12.92
N SER H 199 10.35 -9.27 12.06
CA SER H 199 10.52 -10.61 11.50
C SER H 199 11.30 -11.54 12.41
N LEU H 200 11.92 -11.02 13.47
CA LEU H 200 12.67 -11.86 14.39
C LEU H 200 11.73 -12.62 15.31
N VAL H 201 12.19 -13.78 15.78
CA VAL H 201 11.40 -14.69 16.59
C VAL H 201 12.19 -15.04 17.85
N LYS H 202 11.61 -14.77 19.01
CA LYS H 202 12.16 -15.22 20.28
C LYS H 202 11.49 -16.54 20.62
N VAL H 203 12.23 -17.64 20.48
CA VAL H 203 11.64 -18.97 20.61
C VAL H 203 11.06 -19.17 21.99
N ILE H 204 9.81 -19.63 22.04
CA ILE H 204 9.09 -19.90 23.28
C ILE H 204 9.18 -21.39 23.55
N ASP H 205 9.76 -21.75 24.70
N ASP H 205 9.74 -21.75 24.70
CA ASP H 205 9.88 -23.14 25.14
CA ASP H 205 9.88 -23.14 25.14
C ASP H 205 10.58 -23.99 24.08
C ASP H 205 10.58 -23.98 24.06
N ALA H 206 11.87 -23.68 23.89
CA ALA H 206 12.65 -24.36 22.85
C ALA H 206 12.82 -25.84 23.16
N ALA H 207 13.10 -26.17 24.42
CA ALA H 207 13.19 -27.56 24.85
C ALA H 207 12.05 -27.84 25.82
N PRO H 208 10.85 -28.10 25.32
CA PRO H 208 9.70 -28.29 26.21
C PRO H 208 9.82 -29.57 27.01
N ALA H 209 9.23 -29.55 28.20
CA ALA H 209 9.13 -30.76 28.99
C ALA H 209 8.17 -31.72 28.33
N GLN H 210 8.52 -33.00 28.35
CA GLN H 210 7.67 -34.08 27.83
C GLN H 210 7.45 -35.07 28.96
N LEU H 211 6.21 -35.18 29.41
CA LEU H 211 5.88 -35.97 30.60
C LEU H 211 5.42 -37.37 30.21
N PRO H 212 5.89 -38.39 30.92
CA PRO H 212 5.49 -39.76 30.60
C PRO H 212 4.08 -40.07 31.07
N ALA H 213 3.48 -41.07 30.42
CA ALA H 213 2.15 -41.50 30.82
C ALA H 213 2.22 -42.25 32.14
N PRO H 214 1.27 -42.03 33.05
CA PRO H 214 1.29 -42.73 34.34
C PRO H 214 1.36 -44.24 34.23
N ALA H 215 0.83 -44.82 33.15
CA ALA H 215 0.87 -46.28 32.99
C ALA H 215 2.28 -46.76 32.73
N ALA H 216 3.07 -46.01 31.97
CA ALA H 216 4.46 -46.38 31.75
C ALA H 216 5.27 -46.28 33.04
N ILE H 217 4.98 -45.27 33.86
CA ILE H 217 5.63 -45.15 35.16
C ILE H 217 5.20 -46.29 36.07
N ALA H 218 3.92 -46.66 36.02
CA ALA H 218 3.43 -47.77 36.84
C ALA H 218 4.12 -49.07 36.46
N ARG H 219 4.27 -49.32 35.15
CA ARG H 219 4.97 -50.53 34.71
C ARG H 219 6.41 -50.54 35.16
N ALA H 220 7.08 -49.38 35.06
CA ALA H 220 8.48 -49.30 35.47
C ALA H 220 8.65 -49.58 36.96
N LEU H 221 7.75 -49.03 37.79
CA LEU H 221 7.82 -49.29 39.22
C LEU H 221 7.54 -50.74 39.54
N ASP H 222 6.63 -51.39 38.81
CA ASP H 222 6.33 -52.79 39.06
CA ASP H 222 6.33 -52.79 39.06
C ASP H 222 7.54 -53.66 38.78
N VAL H 223 8.27 -53.38 37.70
CA VAL H 223 9.49 -54.12 37.41
C VAL H 223 10.54 -53.86 38.47
N LEU H 224 10.62 -52.61 38.94
CA LEU H 224 11.64 -52.25 39.92
C LEU H 224 11.35 -52.86 41.28
N LYS H 225 10.07 -53.04 41.63
CA LYS H 225 9.73 -53.61 42.93
C LYS H 225 10.02 -55.11 42.97
N SER H 226 9.95 -55.79 41.83
CA SER H 226 10.22 -57.22 41.77
C SER H 226 11.72 -57.53 41.71
N ALA H 227 12.56 -56.52 41.64
CA ALA H 227 14.00 -56.75 41.54
C ALA H 227 14.57 -57.23 42.86
N GLU H 228 15.43 -58.24 42.79
CA GLU H 228 16.19 -58.66 43.95
C GLU H 228 17.60 -58.10 43.97
N ARG H 229 18.13 -57.71 42.81
CA ARG H 229 19.44 -57.06 42.71
C ARG H 229 19.35 -55.92 41.70
N PRO H 230 18.65 -54.85 42.06
CA PRO H 230 18.45 -53.74 41.11
C PRO H 230 19.68 -52.87 40.99
N LEU H 231 19.76 -52.19 39.85
CA LEU H 231 20.91 -51.34 39.55
C LEU H 231 20.47 -50.16 38.70
N ILE H 232 21.00 -48.98 39.01
CA ILE H 232 20.78 -47.78 38.23
C ILE H 232 22.06 -47.46 37.47
N ILE H 233 21.91 -47.10 36.19
CA ILE H 233 23.02 -46.65 35.36
C ILE H 233 22.70 -45.23 34.91
N LEU H 234 23.48 -44.26 35.38
CA LEU H 234 23.31 -42.87 35.00
C LEU H 234 24.22 -42.57 33.82
N GLY H 235 23.62 -42.16 32.69
CA GLY H 235 24.37 -41.76 31.53
C GLY H 235 24.54 -40.24 31.47
N LYS H 236 25.37 -39.81 30.54
CA LYS H 236 25.60 -38.37 30.41
C LYS H 236 24.36 -37.62 29.93
N GLY H 237 23.36 -38.33 29.42
CA GLY H 237 22.08 -37.69 29.19
C GLY H 237 21.43 -37.26 30.49
N ALA H 238 21.57 -38.07 31.54
CA ALA H 238 21.08 -37.69 32.86
C ALA H 238 21.83 -36.47 33.39
N ALA H 239 23.13 -36.41 33.11
CA ALA H 239 23.90 -35.23 33.51
C ALA H 239 23.48 -34.01 32.72
N TYR H 240 23.26 -34.17 31.41
CA TYR H 240 22.87 -33.04 30.58
C TYR H 240 21.54 -32.43 31.00
N ALA H 241 20.62 -33.26 31.50
CA ALA H 241 19.27 -32.81 31.77
C ALA H 241 19.20 -31.68 32.79
N GLN H 242 20.23 -31.53 33.62
CA GLN H 242 20.24 -30.56 34.72
C GLN H 242 19.02 -30.75 35.62
N ALA H 243 18.89 -31.97 36.13
CA ALA H 243 17.90 -32.34 37.14
C ALA H 243 18.60 -33.02 38.30
N ASP H 244 19.68 -32.39 38.78
CA ASP H 244 20.56 -33.03 39.76
C ASP H 244 19.79 -33.38 41.04
N GLU H 245 19.02 -32.43 41.58
CA GLU H 245 18.31 -32.67 42.82
C GLU H 245 17.39 -33.88 42.70
N ALA H 246 16.65 -33.98 41.60
CA ALA H 246 15.72 -35.09 41.42
C ALA H 246 16.45 -36.41 41.21
N VAL H 247 17.54 -36.39 40.44
CA VAL H 247 18.29 -37.62 40.18
C VAL H 247 18.94 -38.13 41.46
N ARG H 248 19.51 -37.24 42.27
CA ARG H 248 20.11 -37.67 43.53
C ARG H 248 19.06 -38.23 44.48
N ALA H 249 17.87 -37.63 44.50
CA ALA H 249 16.82 -38.10 45.38
C ALA H 249 16.27 -39.46 44.95
N LEU H 250 16.19 -39.69 43.63
CA LEU H 250 15.80 -41.01 43.15
C LEU H 250 16.77 -42.08 43.63
N VAL H 251 18.07 -41.80 43.54
CA VAL H 251 19.07 -42.78 43.97
C VAL H 251 19.03 -42.99 45.47
N GLU H 252 19.07 -41.89 46.24
CA GLU H 252 19.25 -41.99 47.68
C GLU H 252 17.99 -42.50 48.38
N GLU H 253 16.81 -42.01 47.96
CA GLU H 253 15.59 -42.46 48.62
C GLU H 253 15.17 -43.86 48.20
N SER H 254 15.65 -44.34 47.05
CA SER H 254 15.42 -45.73 46.68
C SER H 254 16.44 -46.67 47.29
N GLY H 255 17.64 -46.18 47.63
CA GLY H 255 18.68 -47.03 48.14
C GLY H 255 19.28 -47.96 47.12
N ILE H 256 18.88 -47.87 45.86
CA ILE H 256 19.42 -48.74 44.81
C ILE H 256 20.84 -48.29 44.48
N PRO H 257 21.82 -49.19 44.41
CA PRO H 257 23.15 -48.80 43.96
C PRO H 257 23.13 -48.33 42.52
N TYR H 258 24.09 -47.46 42.18
CA TYR H 258 24.16 -46.89 40.84
C TYR H 258 25.57 -47.02 40.28
N VAL H 259 25.65 -47.00 38.97
CA VAL H 259 26.91 -46.98 38.23
C VAL H 259 26.88 -45.76 37.32
N PRO H 260 27.83 -44.83 37.44
CA PRO H 260 27.85 -43.66 36.55
C PRO H 260 28.66 -43.90 35.29
N MET H 261 28.12 -43.45 34.16
CA MET H 261 28.92 -43.41 32.94
C MET H 261 30.00 -42.34 33.06
N SER H 262 30.84 -42.24 32.03
CA SER H 262 32.01 -41.38 32.09
C SER H 262 31.63 -39.93 32.41
N MET H 263 30.80 -39.32 31.57
CA MET H 263 30.43 -37.92 31.77
C MET H 263 29.24 -37.76 32.71
N ALA H 264 28.74 -38.85 33.28
CA ALA H 264 27.78 -38.77 34.37
C ALA H 264 28.45 -38.78 35.73
N LYS H 265 29.78 -38.99 35.78
CA LYS H 265 30.51 -38.91 37.04
C LYS H 265 30.38 -37.50 37.62
N GLY H 266 30.23 -37.44 38.94
CA GLY H 266 30.07 -36.18 39.63
C GLY H 266 28.65 -35.72 39.81
N LEU H 267 27.71 -36.20 38.99
CA LEU H 267 26.30 -35.91 39.21
C LEU H 267 25.91 -36.25 40.64
N LEU H 268 26.28 -37.44 41.09
CA LEU H 268 26.49 -37.75 42.48
C LEU H 268 27.99 -37.89 42.71
N PRO H 269 28.51 -37.46 43.85
CA PRO H 269 29.95 -37.62 44.12
C PRO H 269 30.36 -39.07 43.98
N ASP H 270 31.46 -39.30 43.26
CA ASP H 270 31.91 -40.66 42.98
C ASP H 270 32.25 -41.44 44.24
N THR H 271 32.35 -40.79 45.39
CA THR H 271 32.56 -41.45 46.67
C THR H 271 31.25 -41.79 47.37
N HIS H 272 30.12 -41.57 46.71
CA HIS H 272 28.82 -41.80 47.34
C HIS H 272 28.72 -43.24 47.83
N PRO H 273 28.13 -43.47 49.01
CA PRO H 273 28.07 -44.85 49.53
C PRO H 273 27.36 -45.83 48.60
N LEU H 274 26.38 -45.36 47.84
CA LEU H 274 25.60 -46.22 46.96
C LEU H 274 26.25 -46.44 45.59
N SER H 275 27.37 -45.77 45.31
CA SER H 275 28.01 -45.93 44.01
C SER H 275 28.66 -47.29 43.89
N ALA H 276 28.40 -47.99 42.79
CA ALA H 276 29.03 -49.26 42.48
C ALA H 276 30.06 -49.11 41.36
N GLY H 277 30.62 -47.92 41.20
CA GLY H 277 31.59 -47.69 40.13
C GLY H 277 32.82 -48.56 40.27
N ALA H 278 33.36 -48.66 41.48
CA ALA H 278 34.52 -49.51 41.73
C ALA H 278 34.18 -50.99 41.70
N ALA H 279 32.89 -51.34 41.62
CA ALA H 279 32.43 -52.71 41.49
C ALA H 279 31.55 -52.86 40.26
N ARG H 280 31.99 -52.26 39.16
CA ARG H 280 31.15 -52.19 37.96
C ARG H 280 30.91 -53.58 37.37
N SER H 281 31.93 -54.43 37.35
CA SER H 281 31.78 -55.75 36.73
C SER H 281 30.74 -56.59 37.45
N THR H 282 30.81 -56.65 38.78
CA THR H 282 29.85 -57.44 39.53
C THR H 282 28.44 -56.86 39.42
N ALA H 283 28.32 -55.53 39.47
CA ALA H 283 27.01 -54.90 39.36
C ALA H 283 26.35 -55.20 38.02
N LEU H 284 27.12 -55.08 36.93
CA LEU H 284 26.57 -55.35 35.61
C LEU H 284 26.34 -56.85 35.40
N LYS H 285 27.20 -57.69 35.96
CA LYS H 285 27.09 -59.12 35.71
C LYS H 285 25.93 -59.74 36.48
N ASP H 286 25.74 -59.35 37.74
CA ASP H 286 24.84 -60.07 38.64
C ASP H 286 23.54 -59.33 38.95
N SER H 287 23.32 -58.15 38.39
CA SER H 287 22.03 -57.50 38.56
C SER H 287 20.95 -58.28 37.81
N ASP H 288 19.69 -58.00 38.15
CA ASP H 288 18.56 -58.59 37.44
C ASP H 288 17.58 -57.56 36.88
N VAL H 289 17.57 -56.33 37.41
CA VAL H 289 16.77 -55.24 36.87
C VAL H 289 17.64 -54.00 36.83
N VAL H 290 17.81 -53.42 35.65
CA VAL H 290 18.70 -52.27 35.44
C VAL H 290 17.86 -51.09 34.98
N LEU H 291 18.02 -49.95 35.65
CA LEU H 291 17.31 -48.72 35.29
C LEU H 291 18.29 -47.80 34.57
N LEU H 292 18.19 -47.74 33.25
CA LEU H 292 18.98 -46.82 32.45
C LEU H 292 18.35 -45.43 32.51
N VAL H 293 19.12 -44.44 32.94
CA VAL H 293 18.66 -43.06 33.02
C VAL H 293 19.54 -42.25 32.07
N GLY H 294 19.04 -41.97 30.88
CA GLY H 294 19.81 -41.22 29.90
C GLY H 294 21.09 -41.92 29.49
N ALA H 295 21.05 -43.24 29.36
CA ALA H 295 22.20 -44.03 28.96
C ALA H 295 21.80 -45.00 27.87
N ARG H 296 22.57 -45.03 26.79
CA ARG H 296 22.31 -45.92 25.67
C ARG H 296 23.06 -47.23 25.82
N LEU H 297 22.41 -48.32 25.44
CA LEU H 297 23.02 -49.65 25.45
C LEU H 297 23.88 -49.86 24.21
N ASN H 298 24.83 -48.95 24.02
CA ASN H 298 25.72 -48.99 22.87
C ASN H 298 27.00 -49.76 23.23
N TRP H 299 28.08 -49.54 22.47
CA TRP H 299 29.31 -50.28 22.70
C TRP H 299 29.91 -50.02 24.07
N LEU H 300 29.62 -48.87 24.68
CA LEU H 300 30.10 -48.59 26.02
C LEU H 300 29.45 -49.46 27.09
N LEU H 301 28.30 -50.07 26.77
CA LEU H 301 27.64 -51.01 27.68
C LEU H 301 27.52 -52.40 27.08
N SER H 302 28.38 -52.73 26.11
CA SER H 302 28.43 -54.04 25.47
C SER H 302 27.11 -54.42 24.80
N HIS H 303 26.29 -53.42 24.44
CA HIS H 303 25.03 -53.60 23.74
C HIS H 303 24.06 -54.51 24.49
N GLY H 304 24.21 -54.60 25.81
CA GLY H 304 23.36 -55.45 26.61
C GLY H 304 23.50 -56.93 26.36
N LYS H 305 24.60 -57.34 25.73
CA LYS H 305 24.82 -58.74 25.37
C LYS H 305 26.13 -59.24 25.96
N GLY H 306 26.21 -60.56 26.11
CA GLY H 306 27.46 -61.21 26.46
C GLY H 306 27.67 -61.39 27.95
N LYS H 307 28.94 -61.65 28.29
CA LYS H 307 29.31 -61.94 29.67
C LYS H 307 29.13 -60.74 30.58
N THR H 308 29.31 -59.53 30.04
CA THR H 308 29.17 -58.31 30.83
C THR H 308 27.85 -58.28 31.59
N TRP H 309 26.79 -58.85 31.02
CA TRP H 309 25.47 -58.86 31.64
C TRP H 309 25.06 -60.25 32.12
N GLY H 310 26.03 -61.15 32.31
CA GLY H 310 25.71 -62.47 32.82
C GLY H 310 25.06 -63.35 31.77
N GLU H 311 24.24 -64.29 32.23
CA GLU H 311 23.61 -65.22 31.32
C GLU H 311 22.40 -64.58 30.64
N PRO H 312 22.13 -64.94 29.39
CA PRO H 312 20.96 -64.40 28.70
C PRO H 312 19.68 -64.80 29.42
N GLY H 313 18.77 -63.83 29.54
CA GLY H 313 17.55 -64.01 30.29
C GLY H 313 17.62 -63.59 31.74
N SER H 314 18.75 -63.02 32.16
CA SER H 314 18.93 -62.59 33.54
C SER H 314 18.65 -61.11 33.74
N LYS H 315 18.32 -60.37 32.69
CA LYS H 315 18.21 -58.93 32.74
C LYS H 315 16.83 -58.46 32.27
N ARG H 316 16.26 -57.52 33.02
CA ARG H 316 15.11 -56.74 32.59
C ARG H 316 15.49 -55.27 32.68
N PHE H 317 15.18 -54.51 31.63
CA PHE H 317 15.67 -53.14 31.50
C PHE H 317 14.52 -52.14 31.58
N ILE H 318 14.66 -51.19 32.49
CA ILE H 318 13.87 -49.97 32.49
C ILE H 318 14.75 -48.86 31.94
N GLN H 319 14.22 -48.08 31.00
CA GLN H 319 15.01 -47.07 30.32
C GLN H 319 14.26 -45.75 30.25
N ILE H 320 14.92 -44.68 30.70
CA ILE H 320 14.40 -43.31 30.63
C ILE H 320 15.17 -42.58 29.53
N ASP H 321 14.44 -42.07 28.55
CA ASP H 321 15.09 -41.37 27.44
C ASP H 321 14.05 -40.53 26.71
N ILE H 322 14.51 -39.41 26.15
CA ILE H 322 13.62 -38.50 25.44
C ILE H 322 13.29 -39.00 24.04
N GLU H 323 14.14 -39.85 23.46
CA GLU H 323 13.93 -40.37 22.12
C GLU H 323 13.25 -41.72 22.20
N PRO H 324 12.00 -41.85 21.75
CA PRO H 324 11.34 -43.16 21.82
C PRO H 324 12.02 -44.22 20.96
N ARG H 325 12.64 -43.83 19.86
CA ARG H 325 13.28 -44.79 18.97
C ARG H 325 14.50 -45.47 19.59
N GLU H 326 15.02 -44.95 20.70
CA GLU H 326 16.15 -45.59 21.37
C GLU H 326 15.74 -46.90 22.03
N MET H 327 14.47 -47.03 22.41
CA MET H 327 14.00 -48.27 23.02
C MET H 327 14.08 -49.41 22.03
N ASP H 328 14.43 -50.60 22.53
CA ASP H 328 14.58 -51.80 21.71
C ASP H 328 15.59 -51.61 20.58
N SER H 329 16.64 -50.82 20.84
CA SER H 329 17.66 -50.61 19.82
C SER H 329 18.68 -51.73 19.79
N ASN H 330 18.92 -52.38 20.92
CA ASN H 330 19.90 -53.46 20.99
C ASN H 330 19.29 -54.71 21.61
N VAL H 331 18.63 -54.56 22.75
CA VAL H 331 17.96 -55.66 23.43
C VAL H 331 16.55 -55.22 23.81
N GLU H 332 15.76 -56.19 24.27
CA GLU H 332 14.39 -55.92 24.67
C GLU H 332 14.35 -55.00 25.88
N ILE H 333 13.43 -54.05 25.86
CA ILE H 333 13.21 -53.12 26.96
C ILE H 333 11.78 -53.36 27.46
N VAL H 334 11.66 -54.05 28.60
CA VAL H 334 10.34 -54.44 29.09
C VAL H 334 9.57 -53.26 29.66
N ALA H 335 10.25 -52.18 30.04
CA ALA H 335 9.61 -51.03 30.69
C ALA H 335 10.20 -49.73 30.16
N PRO H 336 9.79 -49.31 28.97
CA PRO H 336 10.28 -48.03 28.44
C PRO H 336 9.54 -46.84 29.07
N VAL H 337 10.29 -45.77 29.30
CA VAL H 337 9.75 -44.53 29.86
C VAL H 337 10.29 -43.40 29.00
N VAL H 338 9.41 -42.76 28.22
CA VAL H 338 9.80 -41.76 27.23
C VAL H 338 9.42 -40.37 27.75
N GLY H 339 10.36 -39.44 27.67
CA GLY H 339 10.16 -38.10 28.17
C GLY H 339 11.48 -37.52 28.61
N ASP H 340 11.43 -36.25 29.02
CA ASP H 340 12.64 -35.62 29.55
C ASP H 340 12.95 -36.17 30.92
N ILE H 341 14.25 -36.33 31.19
CA ILE H 341 14.70 -36.99 32.42
C ILE H 341 14.15 -36.31 33.66
N GLY H 342 14.01 -34.98 33.61
CA GLY H 342 13.44 -34.27 34.75
C GLY H 342 12.05 -34.75 35.10
N SER H 343 11.15 -34.76 34.11
CA SER H 343 9.78 -35.20 34.37
C SER H 343 9.71 -36.69 34.68
N CYS H 344 10.61 -37.49 34.10
CA CYS H 344 10.56 -38.93 34.30
C CYS H 344 11.11 -39.33 35.67
N VAL H 345 12.25 -38.76 36.06
CA VAL H 345 12.83 -39.08 37.36
C VAL H 345 11.92 -38.60 38.48
N GLU H 346 11.29 -37.43 38.30
CA GLU H 346 10.37 -36.93 39.31
C GLU H 346 9.13 -37.80 39.41
N ALA H 347 8.62 -38.28 38.27
CA ALA H 347 7.47 -39.18 38.30
C ALA H 347 7.82 -40.49 38.97
N LEU H 348 9.04 -41.01 38.73
CA LEU H 348 9.50 -42.21 39.42
C LEU H 348 9.70 -41.94 40.90
N LEU H 349 10.33 -40.81 41.22
CA LEU H 349 10.63 -40.48 42.62
C LEU H 349 9.34 -40.36 43.44
N ASP H 350 8.30 -39.79 42.85
CA ASP H 350 7.03 -39.63 43.56
C ASP H 350 6.40 -40.99 43.85
N GLY H 351 6.52 -41.94 42.92
CA GLY H 351 5.97 -43.26 43.16
C GLY H 351 6.76 -44.03 44.20
N ILE H 352 8.10 -43.85 44.21
CA ILE H 352 8.92 -44.48 45.23
C ILE H 352 8.61 -43.92 46.61
N ARG H 353 8.26 -42.64 46.70
CA ARG H 353 7.91 -42.05 47.98
C ARG H 353 6.59 -42.60 48.51
N LYS H 354 5.70 -43.05 47.63
CA LYS H 354 4.42 -43.61 48.06
C LYS H 354 4.48 -45.09 48.33
N ASP H 355 5.38 -45.81 47.65
CA ASP H 355 5.30 -47.28 47.63
C ASP H 355 6.67 -47.82 47.22
N TRP H 356 7.45 -48.27 48.20
CA TRP H 356 8.76 -48.88 47.95
C TRP H 356 9.28 -49.53 49.22
N LYS H 357 9.60 -50.81 49.17
CA LYS H 357 10.07 -51.54 50.35
C LYS H 357 11.48 -51.15 50.77
N GLY H 358 12.27 -50.58 49.88
CA GLY H 358 13.68 -50.37 50.11
C GLY H 358 14.52 -51.41 49.39
N ALA H 359 15.78 -51.05 49.14
CA ALA H 359 16.64 -51.92 48.37
C ALA H 359 17.03 -53.15 49.18
N PRO H 360 17.11 -54.32 48.55
CA PRO H 360 17.50 -55.53 49.28
C PRO H 360 18.90 -55.40 49.87
N SER H 361 19.03 -55.79 51.14
CA SER H 361 20.25 -55.51 51.89
C SER H 361 21.43 -56.33 51.40
N ASN H 362 21.20 -57.61 51.07
CA ASN H 362 22.31 -58.47 50.65
C ASN H 362 22.98 -57.95 49.38
N TRP H 363 22.18 -57.36 48.49
CA TRP H 363 22.73 -56.83 47.24
C TRP H 363 23.72 -55.71 47.52
N LEU H 364 23.37 -54.79 48.42
CA LEU H 364 24.26 -53.68 48.73
C LEU H 364 25.55 -54.17 49.38
N GLU H 365 25.45 -55.11 50.31
CA GLU H 365 26.64 -55.59 51.02
C GLU H 365 27.58 -56.33 50.07
N THR H 366 27.02 -57.07 49.10
CA THR H 366 27.86 -57.71 48.10
C THR H 366 28.65 -56.68 47.30
N LEU H 367 27.97 -55.62 46.85
CA LEU H 367 28.65 -54.61 46.05
C LEU H 367 29.66 -53.82 46.89
N ARG H 368 29.34 -53.58 48.16
CA ARG H 368 30.29 -52.91 49.04
C ARG H 368 31.57 -53.73 49.18
N GLY H 369 31.42 -55.04 49.42
CA GLY H 369 32.60 -55.89 49.55
C GLY H 369 33.48 -55.88 48.31
N LYS H 370 32.87 -55.96 47.13
CA LYS H 370 33.64 -55.85 45.89
C LYS H 370 34.24 -54.47 45.74
N ARG H 371 33.49 -53.43 46.11
CA ARG H 371 34.00 -52.06 45.99
C ARG H 371 35.22 -51.85 46.89
N GLU H 372 35.14 -52.28 48.15
CA GLU H 372 36.27 -52.13 49.04
C GLU H 372 37.46 -52.96 48.56
N ALA H 373 37.19 -54.14 48.00
CA ALA H 373 38.28 -55.00 47.55
C ALA H 373 39.00 -54.39 46.34
N ASN H 374 38.25 -53.74 45.45
CA ASN H 374 38.88 -53.13 44.28
C ASN H 374 39.64 -51.87 44.64
N ILE H 375 39.03 -51.02 45.48
CA ILE H 375 39.69 -49.77 45.88
C ILE H 375 40.98 -50.06 46.63
N ALA H 376 40.95 -51.04 47.55
CA ALA H 376 42.16 -51.42 48.28
C ALA H 376 43.22 -51.95 47.33
N LYS H 377 42.80 -52.60 46.24
CA LYS H 377 43.78 -53.12 45.27
C LYS H 377 44.40 -51.99 44.46
N MET H 378 43.62 -50.97 44.12
CA MET H 378 44.14 -49.81 43.40
C MET H 378 45.06 -48.95 44.26
N ALA H 379 44.90 -49.00 45.59
CA ALA H 379 45.58 -48.06 46.47
C ALA H 379 47.11 -48.12 46.37
N PRO H 380 47.77 -49.29 46.40
CA PRO H 380 49.24 -49.27 46.33
C PRO H 380 49.78 -48.74 45.02
N LYS H 381 49.08 -48.97 43.91
CA LYS H 381 49.54 -48.47 42.62
C LYS H 381 49.56 -46.95 42.58
N LEU H 382 48.71 -46.30 43.39
CA LEU H 382 48.66 -44.84 43.43
C LEU H 382 49.74 -44.25 44.32
N MET H 383 50.36 -45.06 45.18
CA MET H 383 51.36 -44.54 46.12
C MET H 383 52.79 -44.62 45.56
N LYS H 384 53.05 -45.57 44.66
CA LYS H 384 54.41 -45.79 44.16
C LYS H 384 55.00 -44.50 43.61
N ASN H 385 56.25 -44.22 43.97
CA ASN H 385 56.96 -43.02 43.58
C ASN H 385 58.29 -43.37 42.96
N SER H 386 58.26 -44.23 41.94
CA SER H 386 59.46 -44.64 41.23
C SER H 386 59.70 -43.70 40.04
N SER H 387 60.83 -43.91 39.37
CA SER H 387 61.12 -43.27 38.11
C SER H 387 61.50 -44.35 37.10
N PRO H 388 60.93 -44.33 35.89
CA PRO H 388 59.99 -43.34 35.36
C PRO H 388 58.59 -43.38 35.99
N MET H 389 57.95 -42.22 36.03
CA MET H 389 56.62 -42.10 36.62
C MET H 389 55.60 -42.87 35.79
N CYS H 390 54.82 -43.73 36.44
CA CYS H 390 53.82 -44.53 35.77
C CYS H 390 52.48 -43.78 35.72
N PHE H 391 51.50 -44.38 35.05
CA PHE H 391 50.20 -43.73 34.89
C PHE H 391 49.51 -43.57 36.24
N HIS H 392 49.48 -44.64 37.05
CA HIS H 392 48.70 -44.62 38.28
C HIS H 392 49.22 -43.57 39.26
N SER H 393 50.55 -43.43 39.37
CA SER H 393 51.11 -42.48 40.32
C SER H 393 50.89 -41.04 39.87
N ALA H 394 50.96 -40.79 38.56
CA ALA H 394 50.70 -39.46 38.05
C ALA H 394 49.25 -39.06 38.27
N LEU H 395 48.33 -39.99 38.03
CA LEU H 395 46.90 -39.72 38.22
C LEU H 395 46.51 -39.66 39.68
N GLY H 396 47.25 -40.33 40.57
CA GLY H 396 46.97 -40.22 41.99
C GLY H 396 47.09 -38.79 42.49
N ALA H 397 48.13 -38.08 42.02
CA ALA H 397 48.27 -36.67 42.38
C ALA H 397 47.16 -35.82 41.79
N LEU H 398 46.72 -36.16 40.57
CA LEU H 398 45.68 -35.37 39.92
C LEU H 398 44.32 -35.61 40.56
N ARG H 399 44.08 -36.79 41.14
CA ARG H 399 42.84 -37.02 41.85
C ARG H 399 42.72 -36.09 43.05
N THR H 400 43.84 -35.86 43.75
CA THR H 400 43.82 -34.94 44.89
C THR H 400 43.51 -33.52 44.43
N VAL H 401 44.00 -33.14 43.25
CA VAL H 401 43.69 -31.81 42.71
C VAL H 401 42.18 -31.64 42.54
N ILE H 402 41.52 -32.65 41.97
CA ILE H 402 40.09 -32.56 41.74
C ILE H 402 39.32 -32.57 43.05
N LYS H 403 39.79 -33.35 44.03
CA LYS H 403 39.10 -33.38 45.32
C LYS H 403 39.28 -32.07 46.08
N GLU H 404 40.44 -31.43 45.94
CA GLU H 404 40.64 -30.12 46.55
C GLU H 404 39.93 -29.01 45.77
N ARG H 405 39.61 -29.23 44.50
CA ARG H 405 38.94 -28.25 43.65
C ARG H 405 37.75 -28.93 42.99
N PRO H 406 36.69 -29.21 43.75
CA PRO H 406 35.56 -29.99 43.19
C PRO H 406 34.73 -29.24 42.17
N ASP H 407 34.91 -27.92 42.03
CA ASP H 407 34.19 -27.14 41.04
C ASP H 407 35.00 -26.91 39.77
N ALA H 408 36.20 -27.48 39.67
CA ALA H 408 37.01 -27.32 38.48
C ALA H 408 36.53 -28.25 37.37
N ILE H 409 36.80 -27.86 36.13
CA ILE H 409 36.42 -28.63 34.96
C ILE H 409 37.56 -29.55 34.59
N LEU H 410 37.26 -30.83 34.39
CA LEU H 410 38.24 -31.81 33.94
C LEU H 410 37.96 -32.14 32.48
N VAL H 411 38.95 -31.92 31.62
CA VAL H 411 38.93 -32.39 30.24
C VAL H 411 39.92 -33.54 30.14
N ASN H 412 39.52 -34.62 29.47
CA ASN H 412 40.31 -35.83 29.47
C ASN H 412 40.20 -36.52 28.12
N GLU H 413 41.34 -36.94 27.57
CA GLU H 413 41.34 -37.70 26.33
C GLU H 413 42.67 -38.41 26.17
N GLY H 414 42.63 -39.52 25.43
CA GLY H 414 43.76 -40.40 25.21
C GLY H 414 43.30 -41.83 25.22
N CYS H 415 44.21 -42.75 25.52
CA CYS H 415 43.84 -44.14 25.70
C CYS H 415 44.09 -44.57 27.14
N ASN H 416 45.35 -44.87 27.47
CA ASN H 416 45.71 -45.10 28.87
C ASN H 416 45.45 -43.86 29.71
N THR H 417 45.77 -42.69 29.17
CA THR H 417 45.50 -41.44 29.87
C THR H 417 44.01 -41.25 30.13
N LEU H 418 43.16 -41.82 29.27
CA LEU H 418 41.71 -41.70 29.42
C LEU H 418 41.12 -42.73 30.38
N ASP H 419 41.41 -44.01 30.15
CA ASP H 419 40.78 -45.07 30.93
C ASP H 419 41.18 -44.98 32.40
N LEU H 420 42.48 -44.86 32.66
CA LEU H 420 42.96 -44.87 34.04
C LEU H 420 42.57 -43.60 34.78
N ALA H 421 42.47 -42.46 34.08
CA ALA H 421 41.99 -41.25 34.73
C ALA H 421 40.50 -41.34 35.06
N ARG H 422 39.72 -41.96 34.17
CA ARG H 422 38.29 -42.11 34.41
C ARG H 422 38.03 -42.92 35.68
N GLY H 423 38.87 -43.91 35.95
CA GLY H 423 38.68 -44.76 37.11
C GLY H 423 39.31 -44.22 38.38
N ILE H 424 40.42 -43.50 38.26
CA ILE H 424 41.14 -43.01 39.42
C ILE H 424 40.61 -41.67 39.90
N ILE H 425 40.36 -40.72 38.99
CA ILE H 425 39.94 -39.38 39.37
C ILE H 425 38.45 -39.40 39.70
N ASP H 426 38.12 -39.25 40.97
CA ASP H 426 36.73 -39.14 41.39
C ASP H 426 36.23 -37.72 41.16
N MET H 427 35.04 -37.59 40.58
CA MET H 427 34.40 -36.30 40.39
C MET H 427 33.39 -36.07 41.52
N TYR H 428 33.18 -34.80 41.86
CA TYR H 428 32.34 -34.44 42.99
C TYR H 428 31.21 -33.50 42.64
N GLN H 429 31.14 -32.99 41.41
CA GLN H 429 30.07 -32.09 41.00
C GLN H 429 29.65 -32.42 39.57
N PRO H 430 28.40 -32.14 39.22
CA PRO H 430 27.90 -32.56 37.90
C PRO H 430 28.49 -31.72 36.77
N ARG H 431 28.59 -32.36 35.60
CA ARG H 431 29.03 -31.71 34.37
C ARG H 431 30.39 -31.04 34.54
N LYS H 432 31.34 -31.80 35.10
CA LYS H 432 32.70 -31.34 35.27
C LYS H 432 33.73 -32.19 34.53
N ARG H 433 33.34 -33.36 34.03
CA ARG H 433 34.22 -34.22 33.26
C ARG H 433 33.77 -34.23 31.81
N LEU H 434 34.65 -33.79 30.92
CA LEU H 434 34.39 -33.69 29.48
C LEU H 434 35.44 -34.52 28.74
N ASP H 435 35.02 -35.59 28.10
CA ASP H 435 35.97 -36.51 27.48
C ASP H 435 35.52 -36.86 26.07
N VAL H 436 36.12 -37.92 25.51
CA VAL H 436 36.03 -38.23 24.09
C VAL H 436 34.62 -38.57 23.64
N GLY H 437 33.74 -38.94 24.56
CA GLY H 437 32.35 -39.17 24.21
C GLY H 437 32.13 -40.47 23.46
N THR H 438 31.00 -40.50 22.74
CA THR H 438 30.50 -41.73 22.14
C THR H 438 31.41 -42.23 21.02
N TRP H 439 31.88 -41.33 20.16
CA TRP H 439 32.75 -41.72 19.05
C TRP H 439 34.20 -41.92 19.47
N GLY H 440 34.54 -41.63 20.72
CA GLY H 440 35.93 -41.77 21.16
C GLY H 440 36.89 -40.88 20.40
N VAL H 441 36.49 -39.64 20.12
CA VAL H 441 37.25 -38.75 19.25
C VAL H 441 38.49 -38.24 19.99
N MET H 442 39.66 -38.49 19.42
CA MET H 442 40.86 -37.77 19.83
C MET H 442 40.86 -36.41 19.15
N GLY H 443 41.09 -35.35 19.92
CA GLY H 443 41.10 -33.99 19.39
C GLY H 443 40.04 -33.09 19.96
N ILE H 444 39.25 -33.54 20.95
CA ILE H 444 38.26 -32.67 21.57
C ILE H 444 38.86 -31.81 22.66
N GLY H 445 40.05 -32.14 23.15
CA GLY H 445 40.64 -31.52 24.32
C GLY H 445 40.73 -30.01 24.32
N MET H 446 41.44 -29.44 23.35
CA MET H 446 41.70 -28.00 23.37
C MET H 446 40.42 -27.21 23.11
N GLY H 447 39.57 -27.69 22.20
CA GLY H 447 38.30 -27.02 21.98
C GLY H 447 37.37 -27.09 23.17
N PHE H 448 37.27 -28.27 23.79
CA PHE H 448 36.47 -28.40 25.00
C PHE H 448 37.01 -27.51 26.12
N ALA H 449 38.34 -27.44 26.25
CA ALA H 449 38.92 -26.65 27.33
C ALA H 449 38.66 -25.16 27.14
N VAL H 450 38.67 -24.69 25.89
CA VAL H 450 38.41 -23.28 25.64
C VAL H 450 36.97 -22.93 26.02
N ALA H 451 36.01 -23.72 25.54
CA ALA H 451 34.61 -23.43 25.82
C ALA H 451 34.30 -23.59 27.30
N ALA H 452 34.89 -24.60 27.95
CA ALA H 452 34.65 -24.80 29.38
C ALA H 452 35.09 -23.58 30.18
N ALA H 453 36.25 -23.02 29.84
CA ALA H 453 36.70 -21.80 30.51
C ALA H 453 35.83 -20.61 30.18
N VAL H 454 35.30 -20.55 28.95
CA VAL H 454 34.48 -19.43 28.54
C VAL H 454 33.08 -19.52 29.14
N GLU H 455 32.48 -20.71 29.10
CA GLU H 455 31.09 -20.85 29.52
C GLU H 455 30.94 -20.85 31.04
N THR H 456 31.87 -21.49 31.75
CA THR H 456 31.73 -21.66 33.19
C THR H 456 32.57 -20.69 34.01
N GLY H 457 33.60 -20.10 33.43
CA GLY H 457 34.51 -19.25 34.18
C GLY H 457 35.34 -19.94 35.22
N LYS H 458 35.24 -21.27 35.33
CA LYS H 458 35.95 -22.10 36.29
C LYS H 458 37.32 -22.48 35.75
N PRO H 459 38.26 -22.82 36.65
CA PRO H 459 39.55 -23.33 36.18
C PRO H 459 39.38 -24.66 35.45
N VAL H 460 40.22 -24.87 34.45
CA VAL H 460 40.14 -26.04 33.57
C VAL H 460 41.43 -26.83 33.70
N LEU H 461 41.30 -28.10 34.06
CA LEU H 461 42.41 -29.05 34.05
C LEU H 461 42.19 -30.00 32.88
N ALA H 462 43.10 -29.99 31.91
CA ALA H 462 42.99 -30.81 30.71
C ALA H 462 44.06 -31.89 30.78
N VAL H 463 43.64 -33.11 31.12
CA VAL H 463 44.54 -34.27 31.16
C VAL H 463 44.56 -34.89 29.76
N GLU H 464 45.73 -34.84 29.12
CA GLU H 464 45.84 -35.17 27.71
C GLU H 464 46.91 -36.22 27.47
N GLY H 465 46.60 -37.20 26.62
CA GLY H 465 47.64 -38.02 26.05
C GLY H 465 48.38 -37.27 24.96
N ASP H 466 49.66 -37.61 24.78
CA ASP H 466 50.47 -36.86 23.83
C ASP H 466 50.00 -37.07 22.40
N SER H 467 49.48 -38.26 22.07
CA SER H 467 48.90 -38.45 20.75
C SER H 467 47.57 -37.73 20.62
N ALA H 468 46.72 -37.84 21.66
CA ALA H 468 45.43 -37.15 21.63
C ALA H 468 45.62 -35.64 21.55
N PHE H 469 46.63 -35.11 22.25
CA PHE H 469 46.90 -33.68 22.18
C PHE H 469 47.29 -33.25 20.78
N GLY H 470 47.86 -34.16 19.98
CA GLY H 470 48.33 -33.79 18.67
C GLY H 470 47.22 -33.42 17.70
N PHE H 471 46.01 -33.92 17.95
CA PHE H 471 44.88 -33.63 17.06
C PHE H 471 44.33 -32.22 17.23
N SER H 472 44.71 -31.51 18.29
CA SER H 472 44.20 -30.15 18.49
C SER H 472 45.22 -29.24 19.16
N GLY H 473 46.50 -29.61 19.16
CA GLY H 473 47.48 -28.93 19.99
C GLY H 473 47.70 -27.48 19.63
N MET H 474 47.49 -27.12 18.36
CA MET H 474 47.80 -25.76 17.92
C MET H 474 46.92 -24.71 18.61
N GLU H 475 45.81 -25.14 19.24
CA GLU H 475 44.90 -24.21 19.89
C GLU H 475 45.39 -23.76 21.27
N VAL H 476 46.60 -24.15 21.69
CA VAL H 476 47.13 -23.60 22.92
C VAL H 476 47.45 -22.13 22.74
N GLU H 477 47.75 -21.71 21.50
CA GLU H 477 47.85 -20.28 21.21
C GLU H 477 46.51 -19.59 21.42
N THR H 478 45.42 -20.29 21.11
CA THR H 478 44.09 -19.72 21.35
C THR H 478 43.84 -19.56 22.84
N ILE H 479 44.26 -20.54 23.64
CA ILE H 479 44.11 -20.42 25.10
C ILE H 479 44.91 -19.24 25.62
N CYS H 480 46.13 -19.06 25.13
CA CYS H 480 46.95 -17.94 25.57
C CYS H 480 46.38 -16.61 25.10
N ARG H 481 45.83 -16.58 23.88
CA ARG H 481 45.35 -15.32 23.31
C ARG H 481 44.25 -14.71 24.17
N TYR H 482 43.32 -15.54 24.65
CA TYR H 482 42.22 -15.07 25.48
C TYR H 482 42.51 -15.21 26.97
N GLU H 483 43.73 -15.63 27.33
CA GLU H 483 44.18 -15.68 28.72
C GLU H 483 43.26 -16.55 29.58
N LEU H 484 42.82 -17.67 29.02
CA LEU H 484 41.86 -18.52 29.72
C LEU H 484 42.58 -19.37 30.77
N PRO H 485 41.96 -19.60 31.93
CA PRO H 485 42.61 -20.38 33.00
C PRO H 485 42.57 -21.88 32.72
N VAL H 486 43.41 -22.32 31.79
CA VAL H 486 43.48 -23.72 31.38
C VAL H 486 44.83 -24.28 31.81
N CYS H 487 44.80 -25.36 32.58
CA CYS H 487 46.00 -26.08 32.98
C CYS H 487 46.04 -27.39 32.22
N ILE H 488 46.94 -27.49 31.24
CA ILE H 488 47.05 -28.66 30.38
C ILE H 488 48.18 -29.53 30.90
N VAL H 489 47.90 -30.83 31.06
CA VAL H 489 48.89 -31.81 31.50
C VAL H 489 49.00 -32.86 30.41
N ILE H 490 50.16 -32.95 29.78
CA ILE H 490 50.40 -33.94 28.74
C ILE H 490 51.04 -35.16 29.38
N PHE H 491 50.43 -36.34 29.16
CA PHE H 491 51.01 -37.60 29.61
C PHE H 491 51.96 -38.09 28.51
N ASN H 492 53.17 -37.55 28.53
CA ASN H 492 54.16 -37.78 27.48
C ASN H 492 54.85 -39.12 27.73
N ASN H 493 54.32 -40.16 27.08
CA ASN H 493 54.95 -41.47 27.07
C ASN H 493 55.55 -41.80 25.71
N ASN H 494 55.75 -40.78 24.87
CA ASN H 494 56.45 -40.88 23.58
C ASN H 494 55.67 -41.68 22.53
N GLY H 495 54.34 -41.71 22.59
CA GLY H 495 53.60 -42.28 21.49
C GLY H 495 52.18 -42.70 21.86
N ILE H 496 51.61 -43.50 20.97
CA ILE H 496 50.22 -43.92 21.05
C ILE H 496 50.18 -45.23 21.84
N PHE H 497 49.39 -45.24 22.93
CA PHE H 497 49.32 -46.35 23.86
C PHE H 497 50.64 -46.50 24.62
N ARG H 498 51.73 -46.67 23.88
CA ARG H 498 53.08 -46.80 24.46
C ARG H 498 54.04 -46.00 23.59
N GLY H 499 55.33 -46.08 23.96
CA GLY H 499 56.38 -45.44 23.19
C GLY H 499 57.52 -46.38 22.88
N THR H 500 57.23 -47.68 22.83
CA THR H 500 58.25 -48.71 22.71
C THR H 500 58.36 -49.33 21.32
N ASP H 501 57.38 -49.10 20.44
CA ASP H 501 57.40 -49.71 19.12
C ASP H 501 58.57 -49.19 18.30
N THR H 502 59.09 -50.05 17.42
CA THR H 502 60.22 -49.71 16.57
C THR H 502 59.97 -50.19 15.16
N ASP H 503 60.73 -49.64 14.22
CA ASP H 503 60.72 -50.11 12.85
C ASP H 503 61.49 -51.42 12.74
N PRO H 504 60.86 -52.51 12.31
CA PRO H 504 61.61 -53.76 12.15
C PRO H 504 62.69 -53.68 11.07
N THR H 505 62.54 -52.79 10.09
CA THR H 505 63.59 -52.58 9.10
C THR H 505 64.67 -51.62 9.57
N GLY H 506 64.45 -50.93 10.69
CA GLY H 506 65.47 -50.05 11.25
C GLY H 506 65.79 -48.84 10.42
N ARG H 507 64.79 -48.26 9.77
CA ARG H 507 64.99 -47.08 8.92
C ARG H 507 64.23 -45.86 9.40
N ASP H 508 63.00 -46.02 9.87
CA ASP H 508 62.17 -44.91 10.34
C ASP H 508 61.87 -45.09 11.82
N PRO H 509 61.24 -44.12 12.47
CA PRO H 509 60.66 -44.39 13.79
C PRO H 509 59.46 -45.31 13.68
N GLY H 510 59.12 -45.94 14.80
CA GLY H 510 57.95 -46.79 14.85
C GLY H 510 56.70 -46.05 14.45
N THR H 511 55.71 -46.81 13.95
CA THR H 511 54.49 -46.21 13.43
C THR H 511 53.68 -45.50 14.50
N THR H 512 53.96 -45.75 15.78
CA THR H 512 53.14 -45.22 16.86
C THR H 512 53.92 -44.34 17.84
N VAL H 513 55.17 -44.01 17.53
CA VAL H 513 56.00 -43.21 18.43
C VAL H 513 56.11 -41.79 17.89
N PHE H 514 56.44 -40.87 18.78
CA PHE H 514 56.75 -39.48 18.42
C PHE H 514 58.20 -39.19 18.75
N VAL H 515 58.61 -37.94 18.53
CA VAL H 515 59.94 -37.51 18.92
C VAL H 515 60.12 -37.76 20.41
N LYS H 516 61.18 -38.48 20.77
CA LYS H 516 61.40 -38.83 22.17
C LYS H 516 61.58 -37.58 23.01
N ASN H 517 60.81 -37.49 24.09
CA ASN H 517 60.83 -36.35 25.01
C ASN H 517 60.53 -35.05 24.28
N SER H 518 59.45 -35.05 23.51
CA SER H 518 58.97 -33.81 22.90
C SER H 518 58.62 -32.82 24.00
N ARG H 519 59.22 -31.63 23.93
CA ARG H 519 59.05 -30.63 24.98
C ARG H 519 57.82 -29.78 24.68
N TYR H 520 56.65 -30.36 24.97
CA TYR H 520 55.39 -29.64 24.77
C TYR H 520 55.30 -28.41 25.67
N ASP H 521 56.08 -28.35 26.74
CA ASP H 521 56.08 -27.16 27.58
C ASP H 521 56.75 -25.98 26.88
N LYS H 522 57.85 -26.25 26.15
CA LYS H 522 58.49 -25.18 25.38
C LYS H 522 57.58 -24.67 24.29
N MET H 523 56.70 -25.53 23.75
CA MET H 523 55.73 -25.09 22.75
C MET H 523 54.76 -24.07 23.34
N MET H 524 54.25 -24.34 24.55
CA MET H 524 53.33 -23.41 25.20
C MET H 524 54.00 -22.09 25.53
N GLU H 525 55.30 -22.11 25.83
CA GLU H 525 56.01 -20.87 26.12
C GLU H 525 56.13 -19.99 24.88
N ALA H 526 56.11 -20.60 23.69
CA ALA H 526 56.28 -19.84 22.46
C ALA H 526 55.16 -18.86 22.20
N PHE H 527 54.03 -18.98 22.91
CA PHE H 527 52.90 -18.08 22.75
C PHE H 527 52.63 -17.24 23.98
N GLY H 528 53.55 -17.26 24.96
CA GLY H 528 53.40 -16.46 26.16
C GLY H 528 52.87 -17.20 27.36
N GLY H 529 52.59 -18.50 27.25
CA GLY H 529 52.09 -19.27 28.37
C GLY H 529 53.20 -19.89 29.20
N VAL H 530 52.82 -20.40 30.37
CA VAL H 530 53.78 -21.02 31.29
C VAL H 530 53.97 -22.48 30.90
N GLY H 531 55.22 -22.90 30.79
CA GLY H 531 55.54 -24.29 30.50
C GLY H 531 56.39 -24.94 31.57
N VAL H 532 56.00 -26.14 32.01
CA VAL H 532 56.70 -26.86 33.06
C VAL H 532 56.98 -28.27 32.58
N ASN H 533 58.13 -28.81 33.00
CA ASN H 533 58.49 -30.20 32.73
C ASN H 533 58.67 -30.90 34.06
N VAL H 534 57.87 -31.95 34.30
CA VAL H 534 57.85 -32.63 35.58
C VAL H 534 58.13 -34.12 35.36
N THR H 535 58.63 -34.77 36.42
CA THR H 535 58.97 -36.19 36.36
C THR H 535 58.44 -37.01 37.53
N THR H 536 58.01 -36.39 38.62
CA THR H 536 57.52 -37.10 39.80
C THR H 536 56.10 -36.67 40.14
N PRO H 537 55.34 -37.53 40.83
CA PRO H 537 53.96 -37.14 41.20
C PRO H 537 53.89 -35.88 42.04
N ASP H 538 54.81 -35.72 43.01
CA ASP H 538 54.77 -34.52 43.84
C ASP H 538 55.10 -33.27 43.05
N GLU H 539 56.07 -33.37 42.13
CA GLU H 539 56.39 -32.23 41.27
C GLU H 539 55.22 -31.89 40.37
N LEU H 540 54.47 -32.90 39.91
CA LEU H 540 53.28 -32.66 39.10
C LEU H 540 52.19 -31.98 39.92
N LYS H 541 52.04 -32.37 41.18
CA LYS H 541 51.01 -31.77 42.02
C LYS H 541 51.28 -30.29 42.25
N ARG H 542 52.54 -29.93 42.49
CA ARG H 542 52.87 -28.52 42.76
C ARG H 542 52.76 -27.67 41.51
N ALA H 543 53.03 -28.25 40.33
CA ALA H 543 52.90 -27.48 39.09
C ALA H 543 51.43 -27.21 38.76
N VAL H 544 50.56 -28.21 38.97
CA VAL H 544 49.14 -28.01 38.72
C VAL H 544 48.55 -27.00 39.71
N ASP H 545 48.96 -27.09 40.98
CA ASP H 545 48.45 -26.17 41.99
C ASP H 545 48.79 -24.72 41.64
N GLU H 546 50.05 -24.45 41.30
CA GLU H 546 50.44 -23.09 40.94
CA GLU H 546 50.44 -23.09 40.94
C GLU H 546 49.71 -22.61 39.70
N ALA H 547 49.52 -23.49 38.72
CA ALA H 547 48.80 -23.12 37.50
C ALA H 547 47.34 -22.82 37.79
N MET H 548 46.69 -23.68 38.58
CA MET H 548 45.26 -23.51 38.86
C MET H 548 45.00 -22.43 39.90
N ASN H 549 45.98 -22.09 40.73
CA ASN H 549 45.82 -20.95 41.62
C ASN H 549 45.97 -19.64 40.87
N SER H 550 46.93 -19.56 39.94
CA SER H 550 47.22 -18.31 39.27
C SER H 550 46.26 -18.03 38.12
N GLY H 551 45.66 -19.08 37.53
CA GLY H 551 44.82 -18.90 36.37
C GLY H 551 45.57 -18.59 35.09
N LYS H 552 46.90 -18.65 35.11
CA LYS H 552 47.67 -18.38 33.92
C LYS H 552 47.63 -19.60 32.99
N PRO H 553 47.53 -19.38 31.67
CA PRO H 553 47.60 -20.50 30.72
C PRO H 553 48.89 -21.29 30.91
N THR H 554 48.75 -22.58 31.20
CA THR H 554 49.87 -23.42 31.56
C THR H 554 49.78 -24.76 30.85
N LEU H 555 50.92 -25.26 30.39
CA LEU H 555 51.04 -26.62 29.90
C LEU H 555 52.15 -27.31 30.70
N ILE H 556 51.83 -28.48 31.23
CA ILE H 556 52.74 -29.24 32.08
C ILE H 556 53.07 -30.53 31.34
N ASN H 557 54.32 -30.69 30.92
CA ASN H 557 54.78 -31.87 30.21
C ASN H 557 55.27 -32.89 31.21
N ALA H 558 54.49 -33.94 31.43
CA ALA H 558 54.79 -34.96 32.42
C ALA H 558 55.39 -36.17 31.72
N GLU H 559 56.60 -36.55 32.12
CA GLU H 559 57.24 -37.74 31.56
C GLU H 559 56.60 -38.99 32.14
N ILE H 560 56.01 -39.81 31.28
CA ILE H 560 55.40 -41.07 31.67
C ILE H 560 56.24 -42.20 31.10
N ASP H 561 56.43 -43.25 31.90
CA ASP H 561 57.17 -44.44 31.50
C ASP H 561 56.68 -44.94 30.15
N PRO H 562 57.53 -44.99 29.12
CA PRO H 562 57.08 -45.48 27.80
C PRO H 562 56.66 -46.95 27.80
N ALA H 563 56.92 -47.69 28.87
CA ALA H 563 56.51 -49.09 28.96
C ALA H 563 55.24 -49.26 29.79
N ALA H 564 54.71 -48.18 30.37
CA ALA H 564 53.55 -48.27 31.24
C ALA H 564 52.27 -48.38 30.42
N GLY H 565 51.19 -48.73 31.11
CA GLY H 565 49.89 -48.88 30.48
C GLY H 565 49.79 -50.15 29.65
N SER H 566 48.67 -50.26 28.96
CA SER H 566 48.41 -51.34 28.02
C SER H 566 48.46 -50.80 26.59
N GLU H 567 48.11 -51.65 25.63
CA GLU H 567 48.00 -51.25 24.24
C GLU H 567 46.53 -51.24 23.83
N GLY H 568 46.26 -50.63 22.69
CA GLY H 568 44.91 -50.50 22.18
C GLY H 568 44.23 -51.83 21.88
N1' TPP I . -10.81 54.12 14.06
C2' TPP I . -10.67 54.41 12.77
CM2 TPP I . -10.07 53.37 11.85
N3' TPP I . -11.05 55.58 12.29
C4' TPP I . -11.57 56.50 13.08
N4' TPP I . -11.96 57.77 12.51
C5' TPP I . -11.74 56.24 14.44
C6' TPP I . -11.34 55.00 14.89
C7' TPP I . -12.34 57.26 15.42
N3 TPP I . -11.49 58.44 15.50
C2 TPP I . -11.83 59.56 14.89
S1 TPP I . -10.60 60.72 15.21
C5 TPP I . -9.66 59.66 16.18
C4 TPP I . -10.36 58.46 16.19
CM4 TPP I . -9.82 57.26 16.97
C6 TPP I . -8.34 59.98 16.87
C7 TPP I . -8.22 61.46 17.18
O7 TPP I . -7.25 61.64 18.15
PA TPP I . -5.75 62.11 17.67
O1A TPP I . -4.80 61.95 18.83
O2A TPP I . -5.29 61.26 16.51
O3A TPP I . -5.80 63.69 17.22
PB TPP I . -6.13 64.91 18.26
O1B TPP I . -5.24 66.09 17.95
O2B TPP I . -7.58 65.32 18.15
O3B TPP I . -5.87 64.45 19.67
PB ADP J . -14.21 65.48 -1.82
O1B ADP J . -12.93 66.23 -1.97
O2B ADP J . -14.42 64.29 -0.91
O3B ADP J . -15.47 66.34 -1.93
PA ADP J . -15.30 63.35 -3.13
O1A ADP J . -14.45 62.13 -3.40
O2A ADP J . -16.45 63.30 -2.17
O3A ADP J . -14.48 64.63 -3.43
O5' ADP J . -16.19 63.05 -4.72
C5' ADP J . -15.22 62.92 -5.67
C4' ADP J . -15.96 62.80 -7.00
O4' ADP J . -15.03 62.97 -8.08
C3' ADP J . -16.57 61.38 -7.16
O3' ADP J . -17.95 61.50 -7.27
C2' ADP J . -15.96 60.86 -8.48
O2' ADP J . -16.89 60.24 -9.31
C1' ADP J . -15.53 62.20 -9.13
N9 ADP J . -14.41 61.97 -10.03
C8 ADP J . -13.20 61.29 -9.76
N7 ADP J . -12.37 61.26 -10.82
C5 ADP J . -13.06 61.95 -11.81
C6 ADP J . -12.72 62.26 -13.15
N6 ADP J . -11.52 61.87 -13.68
N1 ADP J . -13.58 62.96 -13.94
C2 ADP J . -14.77 63.32 -13.35
N3 ADP J . -15.24 63.10 -12.11
C4 ADP J . -14.33 62.40 -11.35
MG MG K . -4.10 63.32 20.37
N1' TPP L . 0.51 38.01 6.50
C2' TPP L . -0.31 37.45 7.39
CM2 TPP L . -1.45 38.28 7.96
N3' TPP L . -0.14 36.20 7.78
C4' TPP L . 0.85 35.47 7.30
N4' TPP L . 1.00 34.10 7.76
C5' TPP L . 1.73 36.01 6.36
C6' TPP L . 1.51 37.32 5.99
C7' TPP L . 2.90 35.22 5.77
N3 TPP L . 3.79 34.77 6.82
C2 TPP L . 3.83 33.50 7.17
S1 TPP L . 5.00 33.36 8.44
C5 TPP L . 5.42 35.03 8.44
C4 TPP L . 4.61 35.60 7.46
CM4 TPP L . 4.71 37.10 7.16
C6 TPP L . 6.42 35.76 9.32
C7 TPP L . 7.65 34.89 9.60
O7 TPP L . 8.72 35.73 9.92
PA TPP L . 9.04 35.96 11.51
O1A TPP L . 10.09 37.03 11.66
O2A TPP L . 7.77 36.39 12.21
O3A TPP L . 9.57 34.55 12.14
PB TPP L . 11.03 33.89 11.75
O1B TPP L . 11.69 33.38 13.02
O2B TPP L . 10.83 32.74 10.80
O3B TPP L . 11.91 34.93 11.11
PB ADP M . -6.88 22.19 16.11
O1B ADP M . -6.21 22.23 17.44
O2B ADP M . -6.81 23.30 15.06
O3B ADP M . -6.96 20.82 15.47
PA ADP M . -9.35 22.83 15.17
O1A ADP M . -9.91 24.20 15.44
O2A ADP M . -8.97 22.39 13.78
O3A ADP M . -8.67 22.28 16.46
O5' ADP M . -11.05 22.14 15.27
C5' ADP M . -11.49 22.39 16.52
C4' ADP M . -12.81 21.66 16.65
O4' ADP M . -13.30 21.73 17.99
C3' ADP M . -13.89 22.35 15.75
O3' ADP M . -14.33 21.44 14.80
C2' ADP M . -15.02 22.69 16.73
O2' ADP M . -16.28 22.38 16.22
C1' ADP M . -14.69 21.71 17.88
N9 ADP M . -15.21 22.23 19.15
C8 ADP M . -15.05 23.52 19.69
N7 ADP M . -15.65 23.66 20.89
C5 ADP M . -16.22 22.40 21.13
C6 ADP M . -16.98 21.92 22.21
N6 ADP M . -17.29 22.70 23.28
N1 ADP M . -17.43 20.62 22.22
C2 ADP M . -17.10 19.88 21.11
N3 ADP M . -16.39 20.20 20.01
C4 ADP M . -15.96 21.50 20.06
MG MG N . 12.16 36.86 11.69
N1' TPP O . 9.04 -55.90 -9.72
C2' TPP O . 9.81 -55.33 -10.63
CM2 TPP O . 9.73 -53.82 -10.82
N3' TPP O . 10.65 -56.04 -11.36
C4' TPP O . 10.73 -57.35 -11.20
N4' TPP O . 11.66 -58.11 -12.03
C5' TPP O . 9.93 -58.00 -10.26
C6' TPP O . 9.07 -57.21 -9.52
C7' TPP O . 9.96 -59.51 -10.03
N3 TPP O . 9.58 -60.23 -11.24
C2 TPP O . 10.49 -60.84 -11.98
S1 TPP O . 9.67 -61.56 -13.32
C5 TPP O . 8.11 -61.03 -12.82
C4 TPP O . 8.32 -60.32 -11.65
CM4 TPP O . 7.15 -59.69 -10.90
C6 TPP O . 6.78 -61.30 -13.52
C7 TPP O . 6.82 -62.62 -14.27
O7 TPP O . 5.51 -62.97 -14.62
PA TPP O . 5.01 -62.59 -16.13
O1A TPP O . 5.35 -61.15 -16.43
O2A TPP O . 3.52 -62.79 -16.21
O3A TPP O . 5.76 -63.58 -17.21
PB TPP O . 5.48 -65.19 -17.27
O1B TPP O . 6.70 -65.94 -16.79
O2B TPP O . 5.17 -65.59 -18.69
O3B TPP O . 4.31 -65.52 -16.38
PB ADP P . 24.72 -56.04 -21.89
O1B ADP P . 25.84 -57.03 -21.62
O2B ADP P . 24.14 -56.09 -23.28
O3B ADP P . 23.93 -55.73 -20.64
PA ADP P . 25.74 -53.97 -20.46
O1A ADP P . 26.02 -54.75 -19.20
O2A ADP P . 24.79 -52.81 -20.46
O3A ADP P . 25.83 -54.58 -21.88
O5' ADP P . 27.14 -52.77 -20.42
C5' ADP P . 27.12 -52.14 -21.62
C4' ADP P . 28.46 -51.45 -21.74
O4' ADP P . 28.48 -50.66 -22.93
C3' ADP P . 28.66 -50.46 -20.56
O3' ADP P . 29.74 -50.89 -19.80
C2' ADP P . 28.99 -49.12 -21.26
O2' ADP P . 30.09 -48.48 -20.69
C1' ADP P . 29.39 -49.62 -22.67
N9 ADP P . 29.14 -48.59 -23.67
C8 ADP P . 27.95 -47.86 -23.88
N7 ADP P . 28.06 -46.98 -24.89
C5 ADP P . 29.38 -47.16 -25.35
C6 ADP P . 30.09 -46.53 -26.40
N6 ADP P . 29.51 -45.56 -27.17
N1 ADP P . 31.39 -46.88 -26.65
C2 ADP P . 31.90 -47.86 -25.83
N3 ADP P . 31.36 -48.54 -24.81
C4 ADP P . 30.05 -48.15 -24.60
MG MG Q . 2.45 -64.62 -16.52
N1' TPP R . 1.54 -36.16 -11.32
C2' TPP R . 1.45 -36.43 -10.04
CM2 TPP R . 2.09 -37.71 -9.50
N3' TPP R . 0.82 -35.63 -9.20
C4' TPP R . 0.26 -34.51 -9.64
N4' TPP R . -0.44 -33.66 -8.69
C5' TPP R . 0.33 -34.18 -10.99
C6' TPP R . 1.01 -35.07 -11.82
C7' TPP R . -0.30 -32.92 -11.58
N3 TPP R . -1.74 -32.96 -11.43
C2 TPP R . -2.35 -32.25 -10.49
S1 TPP R . -4.05 -32.56 -10.62
C5 TPP R . -3.88 -33.65 -11.95
C4 TPP R . -2.53 -33.70 -12.21
CM4 TPP R . -2.00 -34.56 -13.36
C6 TPP R . -4.99 -34.38 -12.71
C7 TPP R . -6.26 -33.55 -12.82
O7 TPP R . -7.05 -34.10 -13.83
PA TPP R . -8.25 -35.12 -13.37
O1A TPP R . -7.68 -36.21 -12.49
O2A TPP R . -8.86 -35.74 -14.60
O3A TPP R . -9.38 -34.26 -12.56
PB TPP R . -10.33 -33.12 -13.27
O1B TPP R . -9.88 -31.74 -12.85
O2B TPP R . -11.76 -33.33 -12.84
O3B TPP R . -10.22 -33.24 -14.76
PB ADP S . -3.40 -31.50 7.22
O1B ADP S . -3.35 -30.10 7.80
O2B ADP S . -4.73 -32.18 7.28
O3B ADP S . -2.40 -31.67 6.09
PA ADP S . -0.91 -32.08 8.17
O1A ADP S . -0.37 -30.88 7.46
O2A ADP S . -0.28 -33.43 8.03
O3A ADP S . -2.41 -32.25 8.56
O5' ADP S . -0.11 -31.87 9.80
C5' ADP S . -0.36 -33.02 10.49
C4' ADP S . 0.34 -32.85 11.83
O4' ADP S . -0.18 -33.78 12.78
C3' ADP S . 1.86 -33.17 11.70
O3' ADP S . 2.58 -32.06 12.12
C2' ADP S . 2.07 -34.35 12.65
O2' ADP S . 3.26 -34.23 13.37
C1' ADP S . 0.88 -34.13 13.61
N9 ADP S . 0.52 -35.38 14.27
C8 ADP S . 0.32 -36.65 13.67
N7 ADP S . -0.02 -37.60 14.57
C5 ADP S . -0.04 -36.92 15.78
C6 ADP S . -0.32 -37.35 17.09
N6 ADP S . -0.65 -38.65 17.36
N1 ADP S . -0.28 -36.47 18.14
C2 ADP S . 0.06 -35.18 17.82
N3 ADP S . 0.35 -34.62 16.63
C4 ADP S . 0.29 -35.54 15.61
MG MG T . -10.62 -35.14 -15.66
N1' TPP U . 39.46 -21.92 6.74
C2' TPP U . 39.90 -22.71 5.79
CM2 TPP U . 39.97 -24.21 6.05
N3' TPP U . 40.27 -22.24 4.61
C4' TPP U . 40.22 -20.93 4.37
N4' TPP U . 40.63 -20.44 3.06
C5' TPP U . 39.77 -20.06 5.34
C6' TPP U . 39.38 -20.61 6.56
C7' TPP U . 39.67 -18.54 5.13
N3 TPP U . 40.98 -17.97 4.89
C2 TPP U . 41.34 -17.60 3.66
S1 TPP U . 42.94 -16.96 3.77
C5 TPP U . 43.08 -17.20 5.47
C4 TPP U . 41.87 -17.76 5.85
CM4 TPP U . 41.62 -18.11 7.31
C6 TPP U . 44.27 -16.86 6.34
C7 TPP U . 45.03 -15.65 5.82
O7 TPP U . 45.87 -15.20 6.84
PA TPP U . 47.43 -15.69 6.81
O1A TPP U . 48.12 -15.24 8.07
O2A TPP U . 47.50 -17.20 6.71
O3A TPP U . 48.18 -15.03 5.50
PB TPP U . 48.50 -13.42 5.36
O1B TPP U . 49.87 -13.25 4.74
O2B TPP U . 47.45 -12.78 4.49
O3B TPP U . 48.48 -12.77 6.72
PB ADP V . 44.11 -24.84 -12.49
O1B ADP V . 45.59 -24.73 -12.68
O2B ADP V . 43.42 -25.04 -11.15
O3B ADP V . 43.27 -24.01 -13.43
PA ADP V . 42.21 -26.76 -12.74
O1A ADP V . 42.26 -27.99 -11.87
O2A ADP V . 41.13 -25.73 -12.59
O3A ADP V . 43.64 -26.43 -13.25
O5' ADP V . 41.53 -27.77 -14.12
C5' ADP V . 42.28 -28.91 -14.14
C4' ADP V . 41.79 -29.71 -15.34
O4' ADP V . 42.81 -30.62 -15.75
C3' ADP V . 40.57 -30.59 -14.92
O3' ADP V . 39.46 -30.18 -15.65
C2' ADP V . 40.99 -32.02 -15.32
O2' ADP V . 39.99 -32.70 -16.01
C1' ADP V . 42.14 -31.71 -16.31
N9 ADP V . 43.10 -32.81 -16.34
C8 ADP V . 43.83 -33.34 -15.25
N7 ADP V . 44.63 -34.37 -15.63
C5 ADP V . 44.41 -34.49 -17.00
C6 ADP V . 44.94 -35.36 -17.96
N6 ADP V . 45.86 -36.32 -17.62
N1 ADP V . 44.55 -35.28 -19.27
C2 ADP V . 43.63 -34.29 -19.54
N3 ADP V . 43.02 -33.39 -18.75
C4 ADP V . 43.45 -33.53 -17.45
MG MG W . 49.24 -13.50 8.46
N1' TPP X . -34.65 26.19 -17.71
C2' TPP X . -34.51 27.47 -18.01
CM2 TPP X . -35.11 28.52 -17.08
N3' TPP X . -33.88 27.86 -19.10
C4' TPP X . -33.34 26.97 -19.92
N4' TPP X . -32.65 27.44 -21.10
C5' TPP X . -33.46 25.61 -19.65
C6' TPP X . -34.14 25.26 -18.49
C7' TPP X . -32.88 24.52 -20.55
N3 TPP X . -33.48 24.56 -21.88
C2 TPP X . -32.82 25.07 -22.91
S1 TPP X . -33.84 24.94 -24.30
C5 TPP X . -35.13 24.18 -23.44
C4 TPP X . -34.68 24.08 -22.13
CM4 TPP X . -35.58 23.45 -21.06
C6 TPP X . -36.46 23.72 -24.01
C7 TPP X . -36.35 23.37 -25.50
O7 TPP X . -37.49 22.65 -25.85
PA TPP X . -38.75 23.48 -26.51
O1A TPP X . -39.03 24.71 -25.69
O2A TPP X . -39.96 22.57 -26.52
O3A TPP X . -38.39 23.90 -28.05
PB TPP X . -38.04 22.80 -29.21
O1B TPP X . -36.54 22.62 -29.30
O2B TPP X . -38.57 23.30 -30.54
O3B TPP X . -38.69 21.48 -28.87
PB ADP Y . -26.19 40.95 -28.32
O1B ADP Y . -24.72 40.66 -28.55
O2B ADP Y . -26.96 41.37 -29.54
O3B ADP Y . -26.75 40.13 -27.18
PA ADP Y . -25.27 42.06 -26.02
O1A ADP Y . -24.36 40.88 -25.87
O2A ADP Y . -26.16 42.51 -24.90
O3A ADP Y . -25.87 42.49 -27.38
O5' ADP Y . -24.13 43.45 -25.64
C5' ADP Y . -24.90 44.55 -25.52
C4' ADP Y . -23.96 45.73 -25.33
O4' ADP Y . -24.64 46.95 -25.64
C3' ADP Y . -23.51 45.85 -23.85
O3' ADP Y . -22.14 45.69 -23.77
C2' ADP Y . -23.93 47.28 -23.45
O2' ADP Y . -22.94 47.93 -22.73
C1' ADP Y . -24.05 47.93 -24.85
N9 ADP Y . -24.99 49.05 -24.80
C8 ADP Y . -26.32 49.04 -24.34
N7 ADP Y . -26.91 50.25 -24.43
C5 ADP Y . -25.92 51.07 -24.97
C6 ADP Y . -25.90 52.45 -25.30
N6 ADP Y . -27.01 53.22 -25.11
N1 ADP Y . -24.78 53.03 -25.82
C2 ADP Y . -23.71 52.19 -25.98
N3 ADP Y . -23.55 50.87 -25.73
C4 ADP Y . -24.71 50.34 -25.20
MG MG Z . -40.64 21.21 -27.90
N1' TPP AA . -46.82 36.18 -4.25
C2' TPP AA . -46.33 35.13 -3.62
CM2 TPP AA . -45.24 34.32 -4.30
N3' TPP AA . -46.77 34.78 -2.43
C4' TPP AA . -47.72 35.48 -1.83
N4' TPP AA . -48.18 35.06 -0.51
C5' TPP AA . -48.26 36.60 -2.45
C6' TPP AA . -47.78 36.92 -3.70
C7' TPP AA . -49.37 37.46 -1.82
N3 TPP AA . -50.57 36.68 -1.59
C2 TPP AA . -50.90 36.29 -0.36
S1 TPP AA . -52.38 35.42 -0.48
C5 TPP AA . -52.53 35.60 -2.18
C4 TPP AA . -51.42 36.34 -2.56
CM4 TPP AA . -51.21 36.71 -4.03
C6 TPP AA . -53.64 35.08 -3.07
C7 TPP AA . -54.97 34.97 -2.33
O7 TPP AA . -55.99 34.77 -3.26
PA TPP AA . -56.44 33.21 -3.57
O1A TPP AA . -55.23 32.36 -3.83
O2A TPP AA . -57.34 33.20 -4.78
O3A TPP AA . -57.25 32.63 -2.28
PB TPP AA . -58.68 33.25 -1.76
O1B TPP AA . -58.45 34.17 -0.59
O2B TPP AA . -59.59 32.12 -1.37
O3B TPP AA . -59.31 34.04 -2.89
PB ADP BA . -44.46 26.07 12.88
O1B ADP BA . -44.25 27.06 14.01
O2B ADP BA . -45.44 24.97 13.15
O3B ADP BA . -44.27 26.73 11.51
PA ADP BA . -41.77 26.44 12.73
O1A ADP BA . -41.98 27.88 13.08
O2A ADP BA . -40.94 26.03 11.54
O3A ADP BA . -42.80 25.32 13.03
O5' ADP BA . -40.37 26.03 13.83
C5' ADP BA . -39.97 24.78 13.48
C4' ADP BA . -38.86 24.41 14.46
O4' ADP BA . -38.67 22.99 14.49
C3' ADP BA . -37.52 25.02 13.99
O3' ADP BA . -37.11 25.94 14.94
C2' ADP BA . -36.56 23.81 13.95
O2' ADP BA . -35.32 24.07 14.54
C1' ADP BA . -37.33 22.80 14.84
N9 ADP BA . -36.99 21.44 14.47
C8 ADP BA . -37.03 20.85 13.19
N7 ADP BA . -36.64 19.54 13.21
C5 ADP BA . -36.34 19.30 14.56
C6 ADP BA . -35.89 18.14 15.23
N6 ADP BA . -35.66 16.97 14.55
N1 ADP BA . -35.67 18.16 16.58
C2 ADP BA . -35.92 19.35 17.20
N3 ADP BA . -36.35 20.54 16.71
C4 ADP BA . -36.56 20.46 15.35
MG MG CA . -59.34 33.63 -5.05
N1' TPP DA . 41.93 -40.70 15.29
C2' TPP DA . 40.91 -40.15 15.93
CM2 TPP DA . 40.32 -38.86 15.39
N3' TPP DA . 40.41 -40.70 17.01
C4' TPP DA . 40.91 -41.83 17.49
N4' TPP DA . 40.31 -42.41 18.69
C5' TPP DA . 41.97 -42.45 16.86
C6' TPP DA . 42.47 -41.83 15.72
C7' TPP DA . 42.61 -43.75 17.35
N3 TPP DA . 43.09 -43.61 18.71
C2 TPP DA . 42.45 -44.19 19.71
S1 TPP DA . 43.29 -43.81 21.17
C5 TPP DA . 44.51 -42.89 20.38
C4 TPP DA . 44.19 -42.94 19.04
CM4 TPP DA . 45.07 -42.22 18.02
C6 TPP DA . 45.70 -42.19 21.03
C7 TPP DA . 46.16 -42.92 22.29
O7 TPP DA . 47.45 -42.47 22.61
PA TPP DA . 47.59 -41.23 23.67
O1A TPP DA . 49.00 -40.73 23.67
O2A TPP DA . 46.65 -40.11 23.30
O3A TPP DA . 47.20 -41.77 25.18
PB TPP DA . 48.12 -42.88 25.98
O1B TPP DA . 49.52 -42.88 25.45
O2B TPP DA . 47.52 -44.25 25.79
O3B TPP DA . 48.12 -42.52 27.45
PB ADP EA . 26.52 -42.24 28.05
O1B ADP EA . 26.74 -41.78 29.46
O2B ADP EA . 27.46 -41.96 26.89
O3B ADP EA . 25.83 -43.58 27.90
PA ADP EA . 24.83 -41.73 25.99
O1A ADP EA . 24.86 -40.52 25.08
O2A ADP EA . 25.15 -43.10 25.47
O3A ADP EA . 25.09 -41.29 27.46
O5' ADP EA . 23.01 -41.75 25.87
C5' ADP EA . 22.60 -40.51 26.24
C4' ADP EA . 21.08 -40.53 26.16
O4' ADP EA . 20.51 -39.44 26.88
C3' ADP EA . 20.64 -40.34 24.67
O3' ADP EA . 19.95 -41.46 24.28
C2' ADP EA . 19.72 -39.10 24.73
O2' ADP EA . 18.56 -39.26 23.96
C1' ADP EA . 19.33 -39.12 26.23
N9 ADP EA . 18.95 -37.78 26.65
C8 ADP EA . 19.66 -36.57 26.44
N7 ADP EA . 19.02 -35.50 26.95
C5 ADP EA . 17.86 -36.03 27.52
C6 ADP EA . 16.80 -35.43 28.21
N6 ADP EA . 16.77 -34.08 28.43
N1 ADP EA . 15.74 -36.18 28.67
C2 ADP EA . 15.84 -37.53 28.41
N3 ADP EA . 16.77 -38.26 27.78
C4 ADP EA . 17.81 -37.45 27.33
MG MG FA . 50.82 -41.45 24.48
#